data_5D2L
#
_entry.id   5D2L
#
_cell.length_a   151.760
_cell.length_b   366.643
_cell.length_c   151.948
_cell.angle_alpha   90.000
_cell.angle_beta   90.000
_cell.angle_gamma   90.000
#
_symmetry.space_group_name_H-M   'C 2 2 21'
#
loop_
_entity.id
_entity.type
_entity.pdbx_description
1 polymer 'HLA class I histocompatibility antigen, A-2 alpha chain'
2 polymer Beta-2-microglobulin
3 polymer 'C7 TCR alpha chain'
4 polymer 'C7 TCR beta chain'
5 polymer ASN-LEU-VAL-PRO-MET-VAL-ALA-THR-VAL
6 water water
#
loop_
_entity_poly.entity_id
_entity_poly.type
_entity_poly.pdbx_seq_one_letter_code
_entity_poly.pdbx_strand_id
1 'polypeptide(L)'
;MGSHSMRYFFTSVSRPGRGEPRFIAVGYVDDTQFVRFDSDAASQRMEPRAPWIEQEGPEYWDGETRKVKAHSQTHRVDLG
TLRGYYNQSEAGSHTVQRMYGCDVGSDWRFLRGYHQYAYDGKDYIALKEDLRSWTAADMAAQTTKHKWEAAHVAEQLRAY
LEGTCVEWLRRYLENGKETLQRTDAPKTHMTHHAVSDHEATLRCWALSFYPAEITLTWQRDGEDQTQDTELVETRPAGDG
TFQKWAAVVVPSGQEQRYTCHVQHEGLPKPLTLRWE
;
A,G,M,C
2 'polypeptide(L)'
;MIQRTPKIQVYSRHPAENGKSNFLNCYVSGFHPSDIEVDLLKNGERIEKVEHSDLSFSKDWSFYLLYYTEFTPTEKDEYA
CRVNHVTLSQPKIVKWDRDM
;
B,H,N,D
3 'polypeptide(L)'
;MILNVEQSPQSLHVQEGDSTNFTCSFPSSNFYALHWYRWETAKSPEALFVMTLNGDEKKKGRISATLNTKEGYSYLYIKG
SQPEDSATYLCAFITGNQFYFGTGTSLTVIPNIQNPDPAVYQLRDSKSSDKSVCLFTDFDSQTNVSQSKDSDVYITDKCV
LDMRSMDFKSNSAVAWSNKSDFACANAFNNSIIPEDTFFPSPESS
;
I,K,O,E
4 'polypeptide(L)'
;MGAGVSQSPSNKVTEKGKDVELRCDPISGHTALYWYRQRLGQGLEFLIYFQGNSAPDKSGLPSDRFSAERTGESVSTLTI
QRTQQEDSAVYLCASSQTQLWETQYFGPGTRLLVLEDLKNVFPPEVAVFEPSEAEISHTQKATLVCLATGFYPDHVELSW
WVNGKEVHSGVCTDPQPLKEQPALNDSRYALSSRLRVSATFWQNPRNHFRCQVQFYGLSENDEWTQDRAKPVTQIVSAEA
WGRAD
;
J,L,P,F
5 'polypeptide(L)' NLVPMVATV Q,U,T,R
#
# COMPACT_ATOMS: atom_id res chain seq x y z
N SER A 3 -46.79 -15.50 -4.88
CA SER A 3 -47.87 -14.56 -5.15
C SER A 3 -47.41 -13.12 -4.92
N HIS A 4 -47.97 -12.46 -3.90
CA HIS A 4 -47.50 -11.13 -3.50
C HIS A 4 -46.13 -11.20 -2.81
N SER A 5 -45.40 -10.09 -2.83
CA SER A 5 -44.11 -10.04 -2.16
C SER A 5 -43.68 -8.60 -1.84
N MET A 6 -42.85 -8.44 -0.80
CA MET A 6 -42.24 -7.15 -0.52
C MET A 6 -40.74 -7.26 -0.52
N ARG A 7 -40.08 -6.43 -1.36
CA ARG A 7 -38.63 -6.56 -1.68
C ARG A 7 -37.75 -5.28 -1.75
N TYR A 8 -36.52 -5.34 -1.21
CA TYR A 8 -35.58 -4.26 -1.23
C TYR A 8 -34.38 -4.58 -2.09
N PHE A 9 -34.10 -3.68 -3.03
CA PHE A 9 -32.91 -3.71 -3.87
C PHE A 9 -31.89 -2.72 -3.35
N PHE A 10 -30.63 -3.10 -3.31
CA PHE A 10 -29.57 -2.18 -2.86
C PHE A 10 -28.42 -2.08 -3.86
N THR A 11 -27.93 -0.87 -4.04
CA THR A 11 -26.81 -0.63 -4.93
C THR A 11 -25.96 0.51 -4.41
N SER A 12 -24.65 0.28 -4.29
CA SER A 12 -23.73 1.35 -3.95
C SER A 12 -22.59 1.40 -4.95
N VAL A 13 -22.46 2.54 -5.61
CA VAL A 13 -21.42 2.74 -6.62
C VAL A 13 -20.24 3.52 -6.06
N SER A 14 -19.05 2.94 -6.16
CA SER A 14 -17.84 3.59 -5.70
C SER A 14 -17.57 4.84 -6.53
N ARG A 15 -17.12 5.89 -5.87
CA ARG A 15 -16.78 7.15 -6.53
C ARG A 15 -15.40 7.61 -6.08
N PRO A 16 -14.37 7.33 -6.89
CA PRO A 16 -12.98 7.58 -6.50
C PRO A 16 -12.55 9.02 -6.69
N GLY A 17 -11.75 9.53 -5.76
CA GLY A 17 -11.22 10.88 -5.87
C GLY A 17 -12.26 11.98 -5.86
N ARG A 18 -13.53 11.60 -5.71
CA ARG A 18 -14.59 12.58 -5.60
C ARG A 18 -15.56 12.21 -4.48
N GLY A 19 -15.14 11.30 -3.61
CA GLY A 19 -15.90 11.11 -2.41
C GLY A 19 -16.92 9.99 -2.34
N GLU A 20 -17.82 10.12 -1.37
CA GLU A 20 -18.43 8.97 -0.77
C GLU A 20 -19.15 8.21 -1.83
N PRO A 21 -19.07 6.89 -1.78
CA PRO A 21 -19.69 6.13 -2.85
C PRO A 21 -21.15 6.40 -2.88
N ARG A 22 -21.72 6.65 -4.05
CA ARG A 22 -23.17 6.81 -4.12
C ARG A 22 -23.83 5.49 -3.84
N PHE A 23 -24.92 5.57 -3.08
CA PHE A 23 -25.65 4.39 -2.64
C PHE A 23 -27.12 4.64 -2.87
N ILE A 24 -27.75 3.78 -3.67
CA ILE A 24 -29.17 3.92 -3.87
C ILE A 24 -29.91 2.71 -3.35
N ALA A 25 -30.84 3.00 -2.44
CA ALA A 25 -31.71 1.98 -1.90
C ALA A 25 -33.11 2.29 -2.35
N VAL A 26 -33.80 1.27 -2.84
CA VAL A 26 -35.16 1.45 -3.28
C VAL A 26 -35.93 0.22 -2.85
N GLY A 27 -37.17 0.43 -2.44
CA GLY A 27 -37.98 -0.66 -1.94
C GLY A 27 -39.25 -0.86 -2.73
N TYR A 28 -39.51 -2.11 -3.07
CA TYR A 28 -40.69 -2.48 -3.85
C TYR A 28 -41.59 -3.43 -3.07
N VAL A 29 -42.89 -3.23 -3.17
CA VAL A 29 -43.84 -4.25 -2.78
C VAL A 29 -44.63 -4.59 -4.04
N ASP A 30 -44.77 -5.89 -4.30
CA ASP A 30 -45.25 -6.39 -5.60
C ASP A 30 -44.49 -5.74 -6.75
N ASP A 31 -45.22 -5.11 -7.67
CA ASP A 31 -44.61 -4.50 -8.84
C ASP A 31 -44.51 -2.97 -8.72
N THR A 32 -44.83 -2.43 -7.56
CA THR A 32 -44.77 -0.99 -7.39
C THR A 32 -43.70 -0.56 -6.40
N GLN A 33 -43.39 0.73 -6.44
CA GLN A 33 -42.31 1.33 -5.68
C GLN A 33 -42.86 2.22 -4.58
N PHE A 34 -42.54 1.89 -3.32
CA PHE A 34 -43.16 2.61 -2.21
C PHE A 34 -42.20 3.46 -1.40
N VAL A 35 -40.91 3.15 -1.47
CA VAL A 35 -39.91 3.96 -0.78
C VAL A 35 -38.69 4.22 -1.63
N ARG A 36 -37.79 5.06 -1.11
CA ARG A 36 -36.52 5.33 -1.75
C ARG A 36 -35.55 5.97 -0.77
N PHE A 37 -34.27 5.66 -0.93
CA PHE A 37 -33.21 6.37 -0.26
C PHE A 37 -32.08 6.56 -1.24
N ASP A 38 -31.38 7.68 -1.12
CA ASP A 38 -30.33 7.99 -2.08
C ASP A 38 -29.16 8.68 -1.37
N SER A 39 -27.94 8.22 -1.62
CA SER A 39 -26.77 8.84 -1.01
C SER A 39 -26.63 10.30 -1.43
N ASP A 40 -27.24 10.64 -2.55
CA ASP A 40 -27.20 12.00 -3.06
C ASP A 40 -28.57 12.67 -2.95
N ALA A 41 -29.42 12.14 -2.07
CA ALA A 41 -30.74 12.71 -1.85
C ALA A 41 -30.64 14.02 -1.06
N ALA A 42 -31.53 14.95 -1.39
CA ALA A 42 -31.65 16.19 -0.63
C ALA A 42 -31.98 15.87 0.82
N SER A 43 -32.92 14.96 0.98
CA SER A 43 -33.49 14.59 2.28
C SER A 43 -32.50 13.98 3.26
N GLN A 44 -31.52 13.25 2.73
CA GLN A 44 -30.72 12.35 3.56
C GLN A 44 -31.60 11.46 4.45
N ARG A 45 -32.75 11.07 3.94
CA ARG A 45 -33.62 10.17 4.66
C ARG A 45 -34.59 9.51 3.71
N MET A 46 -35.38 8.59 4.25
CA MET A 46 -36.20 7.68 3.48
C MET A 46 -37.49 8.29 3.09
N GLU A 47 -37.58 8.67 1.85
CA GLU A 47 -38.80 9.31 1.38
C GLU A 47 -39.77 8.30 0.80
N PRO A 48 -41.07 8.44 1.15
CA PRO A 48 -42.12 7.60 0.59
C PRO A 48 -42.30 7.81 -0.91
N ARG A 49 -42.53 6.74 -1.66
CA ARG A 49 -42.72 6.84 -3.09
C ARG A 49 -44.14 6.45 -3.50
N ALA A 50 -44.85 5.75 -2.62
CA ALA A 50 -46.23 5.35 -2.90
C ALA A 50 -47.19 5.94 -1.87
N PRO A 51 -48.26 6.59 -2.35
CA PRO A 51 -49.30 7.31 -1.61
C PRO A 51 -49.78 6.65 -0.32
N TRP A 52 -49.95 5.35 -0.33
CA TRP A 52 -50.57 4.66 0.80
C TRP A 52 -49.66 4.52 2.01
N ILE A 53 -48.35 4.68 1.81
CA ILE A 53 -47.42 4.44 2.89
C ILE A 53 -47.10 5.72 3.64
N GLU A 54 -47.51 6.85 3.08
CA GLU A 54 -47.18 8.15 3.68
C GLU A 54 -47.89 8.36 5.01
N GLN A 55 -49.01 7.66 5.19
CA GLN A 55 -49.78 7.77 6.43
C GLN A 55 -49.11 7.02 7.58
N GLU A 56 -48.02 6.33 7.29
CA GLU A 56 -47.27 5.61 8.32
C GLU A 56 -46.68 6.60 9.32
N GLY A 57 -46.44 6.10 10.53
CA GLY A 57 -46.03 6.94 11.65
C GLY A 57 -44.75 7.74 11.47
N PRO A 58 -44.59 8.78 12.30
CA PRO A 58 -43.38 9.60 12.30
C PRO A 58 -42.23 8.79 12.87
N GLU A 59 -42.57 7.81 13.70
CA GLU A 59 -41.61 6.88 14.23
C GLU A 59 -41.14 5.94 13.13
N TYR A 60 -42.03 5.63 12.19
CA TYR A 60 -41.71 4.73 11.10
C TYR A 60 -40.56 5.26 10.27
N TRP A 61 -40.76 6.42 9.67
CA TRP A 61 -39.77 6.99 8.77
C TRP A 61 -38.45 7.23 9.48
N ASP A 62 -38.51 7.56 10.76
CA ASP A 62 -37.28 7.68 11.53
C ASP A 62 -36.67 6.29 11.67
N GLY A 63 -37.51 5.31 11.96
CA GLY A 63 -37.04 3.95 12.12
C GLY A 63 -36.35 3.46 10.86
N GLU A 64 -37.08 3.52 9.75
CA GLU A 64 -36.56 3.03 8.47
C GLU A 64 -35.28 3.74 8.07
N THR A 65 -35.31 5.06 8.09
CA THR A 65 -34.14 5.86 7.78
C THR A 65 -32.92 5.37 8.53
N ARG A 66 -33.11 5.10 9.81
CA ARG A 66 -31.98 4.70 10.65
C ARG A 66 -31.31 3.46 10.07
N LYS A 67 -32.10 2.51 9.60
CA LYS A 67 -31.50 1.28 9.13
C LYS A 67 -30.89 1.40 7.75
N VAL A 68 -31.56 2.13 6.85
CA VAL A 68 -31.05 2.25 5.49
C VAL A 68 -29.69 2.95 5.52
N LYS A 69 -29.49 3.81 6.52
CA LYS A 69 -28.17 4.40 6.74
C LYS A 69 -27.18 3.32 7.10
N ALA A 70 -27.56 2.49 8.07
CA ALA A 70 -26.72 1.37 8.49
C ALA A 70 -26.28 0.55 7.29
N HIS A 71 -27.18 0.38 6.33
CA HIS A 71 -26.86 -0.34 5.11
C HIS A 71 -25.74 0.34 4.36
N SER A 72 -25.95 1.60 3.99
CA SER A 72 -24.96 2.31 3.17
C SER A 72 -23.63 2.45 3.90
N GLN A 73 -23.68 2.40 5.23
CA GLN A 73 -22.46 2.29 6.01
C GLN A 73 -21.78 0.99 5.63
N THR A 74 -22.51 -0.10 5.80
CA THR A 74 -21.99 -1.43 5.57
C THR A 74 -21.57 -1.63 4.12
N HIS A 75 -22.23 -0.95 3.19
CA HIS A 75 -21.83 -1.04 1.79
C HIS A 75 -20.53 -0.29 1.58
N ARG A 76 -20.45 0.89 2.16
CA ARG A 76 -19.23 1.68 2.15
C ARG A 76 -18.09 0.82 2.74
N VAL A 77 -18.47 -0.12 3.60
CA VAL A 77 -17.54 -1.10 4.15
C VAL A 77 -17.23 -2.20 3.13
N ASP A 78 -18.29 -2.77 2.57
CA ASP A 78 -18.18 -3.92 1.66
C ASP A 78 -17.24 -3.67 0.48
N LEU A 79 -17.50 -2.59 -0.26
CA LEU A 79 -16.65 -2.18 -1.38
C LEU A 79 -15.18 -2.26 -0.98
N GLY A 80 -14.84 -1.53 0.07
CA GLY A 80 -13.48 -1.54 0.60
C GLY A 80 -13.01 -2.95 0.89
N THR A 81 -13.75 -3.66 1.74
CA THR A 81 -13.29 -4.98 2.15
C THR A 81 -13.56 -6.03 1.09
N LEU A 82 -13.71 -5.60 -0.16
CA LEU A 82 -13.77 -6.49 -1.32
C LEU A 82 -12.61 -6.15 -2.24
N ARG A 83 -12.32 -4.85 -2.32
CA ARG A 83 -11.29 -4.29 -3.16
C ARG A 83 -9.88 -4.75 -2.72
N GLY A 84 -9.81 -5.35 -1.53
CA GLY A 84 -8.57 -5.88 -1.01
C GLY A 84 -8.51 -7.40 -1.05
N TYR A 85 -9.68 -8.01 -1.21
CA TYR A 85 -9.77 -9.46 -1.45
C TYR A 85 -9.33 -9.76 -2.87
N TYR A 86 -9.71 -8.87 -3.77
CA TYR A 86 -9.54 -9.07 -5.20
C TYR A 86 -8.27 -8.44 -5.72
N ASN A 87 -7.46 -7.90 -4.80
CA ASN A 87 -6.22 -7.21 -5.15
C ASN A 87 -6.44 -6.18 -6.26
N GLN A 88 -7.24 -5.16 -5.97
CA GLN A 88 -7.58 -4.15 -6.97
C GLN A 88 -7.29 -2.73 -6.50
N SER A 89 -7.16 -1.80 -7.46
CA SER A 89 -6.79 -0.41 -7.16
C SER A 89 -7.78 0.35 -6.28
N GLU A 90 -7.49 1.61 -6.00
CA GLU A 90 -8.40 2.51 -5.27
C GLU A 90 -9.32 3.33 -6.13
N ALA A 91 -8.93 3.52 -7.39
CA ALA A 91 -9.72 4.31 -8.30
C ALA A 91 -10.32 3.42 -9.37
N GLY A 92 -11.19 2.49 -8.95
CA GLY A 92 -11.79 1.54 -9.85
C GLY A 92 -13.28 1.75 -10.01
N SER A 93 -13.91 2.40 -9.02
CA SER A 93 -15.34 2.68 -9.03
C SER A 93 -16.18 1.43 -9.31
N HIS A 94 -16.29 0.56 -8.31
CA HIS A 94 -16.99 -0.70 -8.48
C HIS A 94 -18.42 -0.63 -7.93
N THR A 95 -19.20 -1.67 -8.17
CA THR A 95 -20.57 -1.69 -7.68
C THR A 95 -20.78 -2.87 -6.75
N VAL A 96 -21.69 -2.70 -5.79
CA VAL A 96 -22.12 -3.83 -5.02
C VAL A 96 -23.63 -3.85 -5.02
N GLN A 97 -24.18 -5.03 -5.12
CA GLN A 97 -25.60 -5.14 -5.25
C GLN A 97 -26.11 -6.06 -4.17
N ARG A 98 -27.16 -5.68 -3.44
CA ARG A 98 -27.84 -6.57 -2.47
C ARG A 98 -29.31 -6.47 -2.76
N MET A 99 -30.03 -7.60 -2.74
CA MET A 99 -31.48 -7.68 -2.99
C MET A 99 -31.93 -8.59 -1.86
N TYR A 100 -33.01 -8.33 -1.13
CA TYR A 100 -33.51 -9.26 -0.09
C TYR A 100 -35.03 -9.10 0.08
N GLY A 101 -35.74 -10.00 0.74
CA GLY A 101 -37.19 -9.85 0.77
C GLY A 101 -37.94 -11.17 0.86
N CYS A 102 -39.25 -11.08 1.11
CA CYS A 102 -40.06 -12.27 1.34
C CYS A 102 -41.37 -12.24 0.54
N ASP A 103 -41.88 -13.41 0.18
CA ASP A 103 -43.09 -13.50 -0.60
C ASP A 103 -44.11 -14.43 0.02
N VAL A 104 -45.37 -14.30 -0.34
CA VAL A 104 -46.41 -15.05 0.33
C VAL A 104 -47.47 -15.66 -0.53
N GLY A 105 -48.13 -16.69 -0.04
CA GLY A 105 -49.08 -17.39 -0.89
C GLY A 105 -50.42 -16.69 -0.90
N SER A 106 -51.44 -17.34 -1.45
CA SER A 106 -52.78 -16.80 -1.49
C SER A 106 -53.43 -16.93 -0.13
N ASP A 107 -52.93 -17.89 0.64
CA ASP A 107 -53.28 -18.04 2.05
C ASP A 107 -52.76 -16.85 2.82
N TRP A 108 -51.79 -16.17 2.21
CA TRP A 108 -51.07 -15.03 2.76
C TRP A 108 -50.21 -15.39 3.95
N ARG A 109 -49.20 -16.23 3.71
CA ARG A 109 -48.18 -16.52 4.71
C ARG A 109 -46.90 -16.95 4.01
N PHE A 110 -45.83 -17.11 4.79
CA PHE A 110 -44.50 -17.32 4.25
C PHE A 110 -44.40 -18.45 3.23
N LEU A 111 -43.84 -18.13 2.06
CA LEU A 111 -43.65 -19.11 1.01
C LEU A 111 -42.21 -19.12 0.54
N ARG A 112 -41.64 -17.94 0.35
CA ARG A 112 -40.27 -17.83 -0.15
C ARG A 112 -39.47 -16.78 0.62
N GLY A 113 -38.19 -17.03 0.83
CA GLY A 113 -37.29 -15.99 1.28
C GLY A 113 -36.07 -15.83 0.40
N TYR A 114 -35.78 -14.62 -0.03
CA TYR A 114 -34.61 -14.36 -0.85
C TYR A 114 -33.64 -13.39 -0.20
N HIS A 115 -32.35 -13.70 -0.20
CA HIS A 115 -31.36 -12.69 0.06
C HIS A 115 -30.17 -12.91 -0.84
N GLN A 116 -29.85 -11.99 -1.74
CA GLN A 116 -28.80 -12.26 -2.72
C GLN A 116 -27.85 -11.07 -2.90
N TYR A 117 -26.62 -11.37 -3.30
CA TYR A 117 -25.55 -10.38 -3.23
C TYR A 117 -24.49 -10.60 -4.32
N ALA A 118 -24.28 -9.58 -5.14
CA ALA A 118 -23.31 -9.68 -6.23
C ALA A 118 -22.41 -8.46 -6.27
N TYR A 119 -21.16 -8.69 -6.65
CA TYR A 119 -20.17 -7.60 -6.71
C TYR A 119 -19.71 -7.27 -8.12
N ASP A 120 -19.77 -6.00 -8.47
CA ASP A 120 -19.23 -5.56 -9.73
C ASP A 120 -19.85 -6.36 -10.83
N GLY A 121 -21.17 -6.58 -10.75
CA GLY A 121 -21.86 -7.27 -11.81
C GLY A 121 -22.23 -8.69 -11.42
N LYS A 122 -21.50 -9.66 -11.96
CA LYS A 122 -21.88 -11.06 -11.80
C LYS A 122 -21.94 -11.49 -10.34
N ASP A 123 -22.58 -12.64 -10.12
CA ASP A 123 -22.90 -13.16 -8.80
C ASP A 123 -21.72 -13.17 -7.83
N TYR A 124 -22.03 -13.06 -6.55
CA TYR A 124 -21.02 -13.22 -5.51
C TYR A 124 -21.48 -14.28 -4.50
N ILE A 125 -22.51 -13.96 -3.72
CA ILE A 125 -23.06 -14.92 -2.77
C ILE A 125 -24.57 -14.78 -2.67
N ALA A 126 -25.25 -15.91 -2.56
CA ALA A 126 -26.69 -15.89 -2.42
C ALA A 126 -27.14 -16.85 -1.34
N LEU A 127 -28.19 -16.45 -0.63
CA LEU A 127 -28.76 -17.27 0.43
C LEU A 127 -29.57 -18.37 -0.20
N LYS A 128 -29.17 -19.60 0.06
CA LYS A 128 -29.99 -20.73 -0.37
C LYS A 128 -31.37 -20.56 0.23
N GLU A 129 -32.36 -21.15 -0.43
CA GLU A 129 -33.75 -21.08 -0.02
C GLU A 129 -34.00 -21.98 1.17
N ASP A 130 -32.97 -22.74 1.50
CA ASP A 130 -32.92 -23.48 2.75
C ASP A 130 -33.12 -22.52 3.93
N LEU A 131 -32.67 -21.28 3.73
CA LEU A 131 -32.58 -20.26 4.77
C LEU A 131 -31.64 -20.70 5.89
N ARG A 132 -30.86 -21.73 5.60
CA ARG A 132 -29.82 -22.22 6.51
C ARG A 132 -28.44 -22.39 5.89
N SER A 133 -28.32 -22.22 4.60
CA SER A 133 -27.04 -22.38 3.94
C SER A 133 -26.78 -21.32 2.89
N TRP A 134 -25.60 -21.35 2.28
CA TRP A 134 -25.21 -20.31 1.33
C TRP A 134 -24.63 -20.89 0.04
N THR A 135 -24.55 -20.05 -0.99
CA THR A 135 -23.86 -20.43 -2.22
C THR A 135 -22.75 -19.43 -2.50
N ALA A 136 -21.56 -19.93 -2.78
CA ALA A 136 -20.41 -19.08 -3.04
C ALA A 136 -19.98 -19.16 -4.49
N ALA A 137 -20.14 -18.05 -5.21
CA ALA A 137 -19.76 -18.01 -6.61
C ALA A 137 -18.24 -18.07 -6.76
N ASP A 138 -17.54 -17.39 -5.85
CA ASP A 138 -16.08 -17.32 -5.87
C ASP A 138 -15.49 -18.00 -4.65
N MET A 139 -14.16 -18.04 -4.59
CA MET A 139 -13.49 -18.48 -3.38
C MET A 139 -13.59 -17.37 -2.36
N ALA A 140 -13.39 -16.13 -2.84
CA ALA A 140 -13.58 -14.95 -2.01
C ALA A 140 -14.93 -15.00 -1.30
N ALA A 141 -15.95 -15.44 -2.03
CA ALA A 141 -17.26 -15.60 -1.44
C ALA A 141 -17.25 -16.72 -0.40
N GLN A 142 -16.64 -17.86 -0.75
CA GLN A 142 -16.68 -19.05 0.09
C GLN A 142 -16.22 -18.78 1.52
N THR A 143 -15.38 -17.77 1.69
CA THR A 143 -14.97 -17.37 3.03
C THR A 143 -16.03 -16.45 3.63
N THR A 144 -16.55 -15.51 2.84
CA THR A 144 -17.66 -14.67 3.28
C THR A 144 -18.79 -15.58 3.74
N LYS A 145 -18.92 -16.70 3.04
CA LYS A 145 -19.82 -17.76 3.47
C LYS A 145 -19.40 -18.22 4.85
N HIS A 146 -18.13 -18.54 5.00
CA HIS A 146 -17.59 -19.09 6.24
C HIS A 146 -17.61 -18.05 7.36
N LYS A 147 -17.59 -16.78 6.97
CA LYS A 147 -17.80 -15.71 7.94
C LYS A 147 -19.22 -15.80 8.48
N TRP A 148 -20.17 -15.72 7.57
CA TRP A 148 -21.58 -15.76 7.93
C TRP A 148 -21.96 -17.11 8.52
N GLU A 149 -21.35 -18.17 8.00
CA GLU A 149 -21.59 -19.53 8.49
C GLU A 149 -21.30 -19.64 9.98
N ALA A 150 -20.49 -18.72 10.50
CA ALA A 150 -20.10 -18.74 11.90
C ALA A 150 -20.74 -17.60 12.67
N ALA A 151 -20.97 -16.48 11.98
CA ALA A 151 -21.68 -15.36 12.60
C ALA A 151 -23.15 -15.69 12.72
N HIS A 152 -23.48 -16.92 12.33
CA HIS A 152 -24.83 -17.46 12.39
C HIS A 152 -25.80 -16.54 11.63
N VAL A 153 -25.34 -16.02 10.49
CA VAL A 153 -26.05 -14.98 9.76
C VAL A 153 -27.35 -15.50 9.14
N ALA A 154 -27.33 -16.73 8.66
CA ALA A 154 -28.53 -17.37 8.13
C ALA A 154 -29.74 -17.15 9.05
N GLU A 155 -29.52 -17.35 10.35
CA GLU A 155 -30.56 -17.26 11.36
C GLU A 155 -31.31 -15.93 11.42
N GLN A 156 -30.59 -14.84 11.66
CA GLN A 156 -31.21 -13.53 11.86
C GLN A 156 -32.10 -13.15 10.69
N LEU A 157 -31.55 -13.28 9.49
CA LEU A 157 -32.31 -13.05 8.26
C LEU A 157 -33.54 -13.94 8.16
N ARG A 158 -33.36 -15.23 8.39
CA ARG A 158 -34.48 -16.15 8.39
C ARG A 158 -35.61 -15.67 9.30
N ALA A 159 -35.28 -15.41 10.56
CA ALA A 159 -36.27 -14.95 11.52
C ALA A 159 -36.88 -13.62 11.12
N TYR A 160 -36.18 -12.86 10.29
CA TYR A 160 -36.69 -11.61 9.78
C TYR A 160 -37.71 -11.87 8.70
N LEU A 161 -37.31 -12.72 7.75
CA LEU A 161 -38.13 -13.02 6.60
C LEU A 161 -39.38 -13.79 6.99
N GLU A 162 -39.21 -14.91 7.69
CA GLU A 162 -40.35 -15.64 8.22
C GLU A 162 -41.13 -14.78 9.21
N GLY A 163 -40.44 -13.82 9.83
CA GLY A 163 -41.02 -13.01 10.89
C GLY A 163 -41.57 -11.66 10.50
N THR A 164 -40.74 -10.63 10.59
CA THR A 164 -41.25 -9.26 10.48
C THR A 164 -41.35 -8.77 9.04
N CYS A 165 -40.68 -9.46 8.12
CA CYS A 165 -40.81 -9.10 6.71
C CYS A 165 -42.25 -9.31 6.28
N VAL A 166 -42.74 -10.52 6.53
CA VAL A 166 -44.12 -10.89 6.28
C VAL A 166 -45.08 -10.09 7.13
N GLU A 167 -44.80 -10.04 8.44
CA GLU A 167 -45.64 -9.33 9.39
C GLU A 167 -45.93 -7.92 8.91
N TRP A 168 -44.96 -7.32 8.22
CA TRP A 168 -45.12 -5.97 7.72
C TRP A 168 -45.69 -5.94 6.31
N LEU A 169 -45.44 -7.01 5.56
CA LEU A 169 -45.93 -7.09 4.19
C LEU A 169 -47.45 -7.01 4.16
N ARG A 170 -48.09 -7.72 5.07
CA ARG A 170 -49.54 -7.67 5.19
C ARG A 170 -49.95 -6.25 5.62
N ARG A 171 -49.18 -5.67 6.53
CA ARG A 171 -49.45 -4.35 7.05
C ARG A 171 -49.50 -3.36 5.89
N TYR A 172 -48.61 -3.57 4.95
CA TYR A 172 -48.53 -2.72 3.76
C TYR A 172 -49.73 -2.93 2.87
N LEU A 173 -50.01 -4.19 2.56
CA LEU A 173 -51.07 -4.57 1.63
C LEU A 173 -52.44 -4.10 2.11
N GLU A 174 -52.78 -4.45 3.35
CA GLU A 174 -54.04 -4.01 3.95
C GLU A 174 -54.18 -2.49 3.92
N ASN A 175 -53.08 -1.77 4.11
CA ASN A 175 -53.11 -0.31 4.05
C ASN A 175 -53.14 0.20 2.62
N GLY A 176 -52.29 -0.35 1.77
CA GLY A 176 -52.33 -0.04 0.35
C GLY A 176 -53.21 -1.02 -0.40
N LYS A 177 -54.43 -1.21 0.12
CA LYS A 177 -55.40 -2.10 -0.52
C LYS A 177 -55.69 -1.58 -1.91
N GLU A 178 -55.92 -0.27 -1.98
CA GLU A 178 -56.16 0.44 -3.23
C GLU A 178 -55.22 0.12 -4.44
N THR A 179 -53.91 0.23 -4.27
CA THR A 179 -52.95 0.30 -5.36
C THR A 179 -52.30 -1.00 -5.65
N LEU A 180 -52.13 -1.74 -4.57
CA LEU A 180 -51.42 -3.00 -4.56
C LEU A 180 -52.35 -4.14 -4.97
N GLN A 181 -53.46 -4.27 -4.25
CA GLN A 181 -54.32 -5.40 -4.45
C GLN A 181 -55.18 -5.34 -5.70
N ARG A 182 -55.04 -4.28 -6.50
CA ARG A 182 -55.89 -4.15 -7.68
C ARG A 182 -55.40 -5.02 -8.82
N THR A 183 -56.21 -5.09 -9.86
CA THR A 183 -55.82 -5.70 -11.10
C THR A 183 -56.45 -4.87 -12.20
N ASP A 184 -55.62 -4.09 -12.89
CA ASP A 184 -56.15 -3.25 -13.94
C ASP A 184 -55.82 -3.81 -15.30
N ALA A 185 -56.76 -4.59 -15.83
CA ALA A 185 -56.66 -5.25 -17.12
C ALA A 185 -56.15 -4.32 -18.22
N PRO A 186 -55.15 -4.78 -18.99
CA PRO A 186 -54.47 -3.99 -20.02
C PRO A 186 -55.39 -3.35 -21.06
N LYS A 187 -54.98 -2.19 -21.56
CA LYS A 187 -55.68 -1.54 -22.66
C LYS A 187 -55.11 -2.00 -24.00
N THR A 188 -55.96 -2.63 -24.79
CA THR A 188 -55.53 -3.33 -25.99
C THR A 188 -55.72 -2.49 -27.25
N HIS A 189 -54.66 -2.41 -28.05
CA HIS A 189 -54.71 -1.63 -29.28
C HIS A 189 -53.85 -2.27 -30.36
N MET A 190 -54.14 -1.90 -31.60
CA MET A 190 -53.48 -2.51 -32.74
C MET A 190 -53.35 -1.48 -33.85
N THR A 191 -52.17 -1.40 -34.45
CA THR A 191 -51.95 -0.48 -35.56
C THR A 191 -51.24 -1.15 -36.73
N HIS A 192 -51.53 -0.64 -37.92
CA HIS A 192 -50.96 -1.14 -39.16
C HIS A 192 -50.01 -0.08 -39.68
N HIS A 193 -48.76 -0.45 -39.91
CA HIS A 193 -47.87 0.50 -40.57
C HIS A 193 -47.06 -0.16 -41.67
N ALA A 194 -47.26 0.33 -42.88
CA ALA A 194 -46.69 -0.26 -44.08
C ALA A 194 -45.20 0.05 -44.23
N VAL A 195 -44.49 -0.90 -44.83
CA VAL A 195 -43.08 -0.72 -45.19
C VAL A 195 -42.97 -0.67 -46.72
N SER A 196 -43.95 -1.27 -47.39
CA SER A 196 -44.04 -1.26 -48.84
C SER A 196 -45.45 -1.66 -49.27
N ASP A 197 -45.61 -1.98 -50.55
CA ASP A 197 -46.84 -2.63 -51.01
C ASP A 197 -46.59 -4.13 -50.98
N HIS A 198 -45.32 -4.49 -51.12
CA HIS A 198 -44.84 -5.86 -51.01
C HIS A 198 -45.11 -6.43 -49.61
N GLU A 199 -44.76 -5.66 -48.58
CA GLU A 199 -44.93 -6.09 -47.20
C GLU A 199 -45.68 -5.07 -46.34
N ALA A 200 -45.94 -5.43 -45.09
CA ALA A 200 -46.57 -4.53 -44.12
C ALA A 200 -46.24 -4.97 -42.70
N THR A 201 -46.42 -4.07 -41.73
CA THR A 201 -46.09 -4.36 -40.34
C THR A 201 -47.29 -4.18 -39.42
N LEU A 202 -47.85 -5.30 -38.97
CA LEU A 202 -48.90 -5.25 -37.97
C LEU A 202 -48.28 -5.07 -36.59
N ARG A 203 -48.98 -4.36 -35.71
CA ARG A 203 -48.42 -3.91 -34.44
C ARG A 203 -49.39 -4.11 -33.29
N CYS A 204 -48.98 -4.85 -32.26
CA CYS A 204 -49.90 -5.17 -31.16
C CYS A 204 -49.59 -4.40 -29.88
N TRP A 205 -50.53 -3.58 -29.44
CA TRP A 205 -50.32 -2.71 -28.28
C TRP A 205 -51.12 -3.10 -27.06
N ALA A 206 -50.43 -3.18 -25.93
CA ALA A 206 -51.10 -3.39 -24.65
C ALA A 206 -50.60 -2.34 -23.64
N LEU A 207 -51.51 -1.45 -23.26
CA LEU A 207 -51.12 -0.29 -22.47
C LEU A 207 -51.81 -0.31 -21.11
N SER A 208 -51.21 0.42 -20.17
CA SER A 208 -51.86 0.76 -18.91
C SER A 208 -52.27 -0.46 -18.09
N PHE A 209 -51.36 -1.41 -17.91
CA PHE A 209 -51.69 -2.59 -17.13
C PHE A 209 -50.86 -2.79 -15.87
N TYR A 210 -51.49 -3.36 -14.85
CA TYR A 210 -50.82 -3.71 -13.61
C TYR A 210 -51.38 -5.01 -13.07
N PRO A 211 -50.51 -5.96 -12.70
CA PRO A 211 -49.04 -5.84 -12.70
C PRO A 211 -48.39 -5.96 -14.07
N ALA A 212 -47.07 -6.06 -14.10
CA ALA A 212 -46.31 -5.93 -15.32
C ALA A 212 -46.14 -7.26 -16.05
N GLU A 213 -46.18 -8.34 -15.28
CA GLU A 213 -46.06 -9.67 -15.84
C GLU A 213 -47.24 -9.91 -16.78
N ILE A 214 -46.97 -9.80 -18.07
CA ILE A 214 -47.99 -10.03 -19.10
C ILE A 214 -47.41 -10.91 -20.18
N THR A 215 -48.26 -11.77 -20.75
CA THR A 215 -47.87 -12.58 -21.90
C THR A 215 -48.77 -12.22 -23.07
N LEU A 216 -48.22 -11.57 -24.09
CA LEU A 216 -49.03 -11.31 -25.27
C LEU A 216 -48.39 -11.93 -26.51
N THR A 217 -49.15 -12.81 -27.16
CA THR A 217 -48.64 -13.59 -28.27
C THR A 217 -49.37 -13.26 -29.57
N TRP A 218 -48.92 -13.88 -30.66
CA TRP A 218 -49.26 -13.39 -31.98
C TRP A 218 -49.35 -14.52 -33.02
N GLN A 219 -50.56 -14.81 -33.49
CA GLN A 219 -50.79 -16.00 -34.33
C GLN A 219 -51.10 -15.74 -35.80
N ARG A 220 -50.50 -16.56 -36.66
CA ARG A 220 -50.85 -16.64 -38.08
C ARG A 220 -51.69 -17.87 -38.35
N ASP A 221 -52.99 -17.67 -38.60
CA ASP A 221 -53.92 -18.77 -38.87
C ASP A 221 -54.08 -19.74 -37.70
N GLY A 222 -53.46 -19.44 -36.56
CA GLY A 222 -53.47 -20.35 -35.44
C GLY A 222 -52.06 -20.74 -35.00
N GLU A 223 -51.11 -20.55 -35.92
CA GLU A 223 -49.70 -20.84 -35.64
C GLU A 223 -49.03 -19.68 -34.93
N ASP A 224 -48.20 -19.96 -33.94
CA ASP A 224 -47.48 -18.90 -33.25
C ASP A 224 -46.25 -18.47 -34.04
N GLN A 225 -46.41 -17.41 -34.82
CA GLN A 225 -45.28 -16.82 -35.53
C GLN A 225 -44.36 -16.13 -34.53
N THR A 226 -43.58 -17.08 -34.05
CA THR A 226 -42.66 -17.06 -32.94
C THR A 226 -41.59 -16.11 -33.25
N GLN A 227 -41.22 -16.13 -34.50
CA GLN A 227 -39.93 -15.75 -34.85
C GLN A 227 -39.73 -14.59 -35.73
N ASP A 228 -40.74 -14.25 -36.50
CA ASP A 228 -40.63 -13.08 -37.31
C ASP A 228 -41.23 -12.01 -36.43
N THR A 229 -41.61 -12.38 -35.20
CA THR A 229 -42.27 -11.38 -34.39
C THR A 229 -41.22 -10.70 -33.54
N GLU A 230 -41.41 -9.42 -33.18
CA GLU A 230 -40.51 -8.78 -32.16
C GLU A 230 -41.22 -8.34 -30.85
N LEU A 231 -40.65 -8.76 -29.71
CA LEU A 231 -41.19 -8.61 -28.35
C LEU A 231 -40.19 -7.70 -27.57
N VAL A 232 -40.67 -6.69 -26.86
CA VAL A 232 -39.81 -5.72 -26.17
C VAL A 232 -40.06 -5.66 -24.64
N GLU A 233 -39.02 -5.59 -23.80
CA GLU A 233 -39.12 -5.66 -22.36
C GLU A 233 -40.33 -4.86 -21.96
N THR A 234 -41.20 -5.50 -21.20
CA THR A 234 -42.34 -4.84 -20.60
C THR A 234 -41.82 -3.62 -19.86
N ARG A 235 -42.35 -2.46 -20.20
CA ARG A 235 -41.78 -1.18 -19.77
C ARG A 235 -42.80 -0.40 -18.93
N PRO A 236 -42.32 0.56 -18.12
CA PRO A 236 -43.19 1.28 -17.19
C PRO A 236 -43.80 2.56 -17.75
N ALA A 237 -44.68 3.16 -16.95
CA ALA A 237 -45.27 4.44 -17.28
C ALA A 237 -45.68 5.20 -16.01
N GLY A 238 -46.48 6.25 -16.18
CA GLY A 238 -47.05 6.98 -15.07
C GLY A 238 -48.19 6.20 -14.46
N ASP A 239 -48.60 6.61 -13.25
CA ASP A 239 -49.50 5.84 -12.39
C ASP A 239 -48.78 4.60 -11.88
N GLY A 240 -47.60 4.33 -12.43
CA GLY A 240 -46.88 3.11 -12.15
C GLY A 240 -47.57 1.97 -12.85
N THR A 241 -47.90 2.19 -14.12
CA THR A 241 -48.55 1.17 -14.93
C THR A 241 -47.64 0.79 -16.08
N PHE A 242 -47.92 -0.33 -16.73
CA PHE A 242 -46.99 -0.88 -17.69
C PHE A 242 -47.51 -1.03 -19.12
N GLN A 243 -46.56 -1.30 -20.02
CA GLN A 243 -46.82 -1.41 -21.44
C GLN A 243 -45.99 -2.52 -22.05
N LYS A 244 -46.44 -3.05 -23.17
CA LYS A 244 -45.62 -3.95 -23.96
C LYS A 244 -46.08 -3.88 -25.40
N TRP A 245 -45.19 -4.21 -26.32
CA TRP A 245 -45.44 -3.98 -27.73
C TRP A 245 -44.87 -5.11 -28.60
N ALA A 246 -45.71 -5.70 -29.45
CA ALA A 246 -45.24 -6.76 -30.34
C ALA A 246 -45.76 -6.60 -31.77
N ALA A 247 -44.89 -6.88 -32.74
CA ALA A 247 -45.17 -6.60 -34.13
C ALA A 247 -44.47 -7.57 -35.07
N VAL A 248 -45.00 -7.71 -36.30
CA VAL A 248 -44.54 -8.68 -37.29
C VAL A 248 -44.54 -8.13 -38.72
N VAL A 249 -43.96 -8.88 -39.67
CA VAL A 249 -44.13 -8.51 -41.06
C VAL A 249 -45.29 -9.30 -41.62
N VAL A 250 -46.12 -8.61 -42.40
CA VAL A 250 -47.31 -9.18 -42.95
C VAL A 250 -47.42 -8.79 -44.42
N PRO A 251 -47.30 -9.78 -45.32
CA PRO A 251 -47.51 -9.51 -46.75
C PRO A 251 -48.87 -8.85 -46.97
N SER A 252 -48.89 -7.78 -47.75
CA SER A 252 -50.09 -6.95 -47.89
C SER A 252 -51.33 -7.74 -48.33
N GLY A 253 -52.44 -7.49 -47.65
CA GLY A 253 -53.69 -8.17 -47.97
C GLY A 253 -53.92 -9.38 -47.11
N GLN A 254 -52.85 -10.03 -46.69
CA GLN A 254 -52.94 -11.22 -45.86
C GLN A 254 -53.03 -10.84 -44.39
N GLU A 255 -53.41 -9.59 -44.15
CA GLU A 255 -53.45 -9.06 -42.79
C GLU A 255 -54.47 -9.82 -41.92
N GLN A 256 -55.72 -9.85 -42.35
CA GLN A 256 -56.80 -10.37 -41.52
C GLN A 256 -56.57 -11.82 -41.11
N ARG A 257 -55.57 -12.46 -41.71
CA ARG A 257 -55.11 -13.77 -41.31
C ARG A 257 -54.47 -13.73 -39.93
N TYR A 258 -53.84 -12.60 -39.61
CA TYR A 258 -53.04 -12.50 -38.40
C TYR A 258 -53.88 -12.06 -37.21
N THR A 259 -53.56 -12.61 -36.05
CA THR A 259 -54.29 -12.32 -34.83
C THR A 259 -53.36 -11.80 -33.75
N CYS A 260 -53.90 -11.63 -32.54
CA CYS A 260 -53.10 -11.24 -31.39
C CYS A 260 -53.79 -11.59 -30.10
N HIS A 261 -53.09 -12.35 -29.25
CA HIS A 261 -53.68 -12.83 -28.01
C HIS A 261 -53.01 -12.23 -26.78
N VAL A 262 -53.79 -11.49 -26.01
CA VAL A 262 -53.30 -10.76 -24.86
C VAL A 262 -53.83 -11.36 -23.56
N GLN A 263 -53.07 -12.26 -22.94
CA GLN A 263 -53.53 -12.89 -21.71
C GLN A 263 -52.84 -12.33 -20.46
N HIS A 264 -53.64 -12.14 -19.42
CA HIS A 264 -53.23 -11.38 -18.24
C HIS A 264 -54.14 -11.65 -17.05
N GLU A 265 -53.63 -11.44 -15.84
CA GLU A 265 -54.37 -11.74 -14.62
C GLU A 265 -55.68 -10.96 -14.52
N GLY A 266 -55.74 -9.84 -15.22
CA GLY A 266 -56.90 -8.97 -15.17
C GLY A 266 -57.99 -9.40 -16.12
N LEU A 267 -57.66 -10.32 -17.01
CA LEU A 267 -58.61 -10.83 -17.98
C LEU A 267 -58.91 -12.28 -17.67
N PRO A 268 -60.21 -12.63 -17.58
CA PRO A 268 -60.63 -14.01 -17.34
C PRO A 268 -60.03 -15.00 -18.34
N LYS A 269 -60.17 -14.68 -19.62
CA LYS A 269 -59.61 -15.48 -20.72
C LYS A 269 -58.92 -14.55 -21.72
N PRO A 270 -57.96 -15.09 -22.47
CA PRO A 270 -57.15 -14.24 -23.37
C PRO A 270 -57.97 -13.34 -24.28
N LEU A 271 -57.44 -12.17 -24.59
CA LEU A 271 -58.16 -11.27 -25.48
C LEU A 271 -57.60 -11.42 -26.88
N THR A 272 -58.48 -11.68 -27.84
CA THR A 272 -58.06 -11.84 -29.22
C THR A 272 -58.18 -10.50 -29.93
N LEU A 273 -57.03 -9.96 -30.33
CA LEU A 273 -57.01 -8.68 -31.03
C LEU A 273 -56.86 -8.85 -32.52
N ARG A 274 -57.75 -8.24 -33.28
CA ARG A 274 -57.70 -8.35 -34.73
C ARG A 274 -57.66 -7.00 -35.43
N TRP A 275 -57.71 -7.06 -36.76
CA TRP A 275 -57.54 -5.88 -37.59
C TRP A 275 -58.28 -6.01 -38.91
N GLU A 276 -59.54 -5.59 -38.96
CA GLU A 276 -60.31 -5.19 -37.79
C GLU A 276 -61.73 -5.71 -37.92
N ILE B 2 -16.95 -6.53 -15.57
CA ILE B 2 -17.90 -7.00 -16.58
C ILE B 2 -18.51 -5.81 -17.31
N GLN B 3 -19.00 -6.06 -18.52
CA GLN B 3 -19.52 -5.04 -19.43
C GLN B 3 -20.80 -5.54 -20.10
N ARG B 4 -21.87 -4.75 -20.03
CA ARG B 4 -23.12 -5.09 -20.71
C ARG B 4 -23.72 -3.88 -21.42
N THR B 5 -23.95 -4.02 -22.73
CA THR B 5 -24.54 -2.99 -23.56
C THR B 5 -25.86 -2.50 -22.98
N PRO B 6 -26.13 -1.19 -23.09
CA PRO B 6 -27.43 -0.65 -22.67
C PRO B 6 -28.52 -0.88 -23.70
N LYS B 7 -29.73 -1.20 -23.26
CA LYS B 7 -30.82 -1.31 -24.22
C LYS B 7 -31.71 -0.09 -24.06
N ILE B 8 -31.59 0.80 -25.03
CA ILE B 8 -32.33 2.05 -25.03
C ILE B 8 -33.74 1.79 -25.55
N GLN B 9 -34.71 2.58 -25.08
CA GLN B 9 -36.08 2.43 -25.53
C GLN B 9 -36.91 3.68 -25.27
N VAL B 10 -37.06 4.50 -26.30
CA VAL B 10 -37.80 5.77 -26.21
C VAL B 10 -39.28 5.59 -26.54
N TYR B 11 -40.15 6.27 -25.81
CA TYR B 11 -41.60 6.13 -26.02
C TYR B 11 -42.42 7.12 -25.21
N SER B 12 -43.62 7.41 -25.69
CA SER B 12 -44.52 8.34 -25.01
C SER B 12 -45.35 7.62 -23.96
N ARG B 13 -45.64 8.30 -22.84
CA ARG B 13 -46.32 7.67 -21.70
C ARG B 13 -47.66 7.05 -22.10
N HIS B 14 -48.53 7.86 -22.71
CA HIS B 14 -49.70 7.39 -23.43
C HIS B 14 -49.58 7.83 -24.89
N PRO B 15 -50.30 7.16 -25.82
CA PRO B 15 -50.25 7.54 -27.24
C PRO B 15 -50.58 9.01 -27.48
N ALA B 16 -50.18 9.52 -28.65
CA ALA B 16 -50.14 10.96 -28.87
C ALA B 16 -51.29 11.53 -29.67
N GLU B 17 -52.12 12.30 -28.98
CA GLU B 17 -53.11 13.20 -29.57
C GLU B 17 -52.46 14.55 -29.50
N ASN B 18 -52.24 15.18 -30.65
CA ASN B 18 -51.33 16.31 -30.69
C ASN B 18 -51.80 17.41 -29.80
N GLY B 19 -50.86 18.11 -29.18
CA GLY B 19 -51.21 19.24 -28.34
C GLY B 19 -52.18 18.95 -27.20
N LYS B 20 -51.96 17.85 -26.51
CA LYS B 20 -52.68 17.52 -25.29
C LYS B 20 -51.72 17.03 -24.21
N SER B 21 -52.17 17.09 -22.96
CA SER B 21 -51.31 16.83 -21.80
C SER B 21 -50.74 15.42 -21.71
N ASN B 22 -49.47 15.27 -22.05
CA ASN B 22 -48.82 13.95 -22.01
C ASN B 22 -47.37 14.01 -21.53
N PHE B 23 -46.76 12.84 -21.35
CA PHE B 23 -45.38 12.73 -20.86
C PHE B 23 -44.53 11.88 -21.80
N LEU B 24 -43.22 12.08 -21.77
CA LEU B 24 -42.31 11.28 -22.58
C LEU B 24 -41.31 10.52 -21.72
N ASN B 25 -41.20 9.22 -21.96
CA ASN B 25 -40.28 8.37 -21.21
C ASN B 25 -39.07 7.97 -22.06
N CYS B 26 -37.94 7.75 -21.42
CA CYS B 26 -36.77 7.17 -22.08
C CYS B 26 -36.21 6.05 -21.22
N TYR B 27 -36.80 4.87 -21.34
CA TYR B 27 -36.46 3.72 -20.51
C TYR B 27 -35.21 3.01 -21.02
N VAL B 28 -34.14 3.14 -20.28
CA VAL B 28 -32.93 2.36 -20.53
C VAL B 28 -33.04 1.03 -19.79
N SER B 29 -32.18 0.07 -20.11
CA SER B 29 -32.34 -1.25 -19.52
C SER B 29 -31.11 -2.13 -19.60
N GLY B 30 -31.05 -3.12 -18.71
CA GLY B 30 -30.05 -4.17 -18.73
C GLY B 30 -28.63 -3.77 -19.10
N PHE B 31 -28.05 -2.87 -18.33
CA PHE B 31 -26.68 -2.41 -18.58
C PHE B 31 -25.82 -2.49 -17.35
N HIS B 32 -24.50 -2.35 -17.55
CA HIS B 32 -23.53 -2.50 -16.49
C HIS B 32 -22.14 -2.14 -17.01
N PRO B 33 -21.35 -1.41 -16.21
CA PRO B 33 -21.74 -0.85 -14.91
C PRO B 33 -22.59 0.41 -15.06
N SER B 34 -23.25 0.82 -13.98
CA SER B 34 -24.06 2.04 -13.98
C SER B 34 -23.17 3.27 -14.00
N ASP B 35 -22.85 3.74 -15.19
CA ASP B 35 -22.11 4.98 -15.35
C ASP B 35 -22.72 5.73 -16.51
N ILE B 36 -24.02 6.01 -16.40
CA ILE B 36 -24.76 6.42 -17.58
C ILE B 36 -25.04 7.90 -17.70
N GLU B 37 -25.00 8.34 -18.96
CA GLU B 37 -25.27 9.72 -19.33
C GLU B 37 -26.53 9.67 -20.18
N VAL B 38 -27.60 10.34 -19.76
CA VAL B 38 -28.75 10.42 -20.65
C VAL B 38 -29.21 11.86 -20.79
N ASP B 39 -29.86 12.14 -21.92
CA ASP B 39 -30.38 13.46 -22.22
C ASP B 39 -31.64 13.34 -23.07
N LEU B 40 -32.66 14.09 -22.71
CA LEU B 40 -33.89 14.16 -23.50
C LEU B 40 -33.88 15.40 -24.36
N LEU B 41 -34.19 15.23 -25.64
CA LEU B 41 -33.97 16.28 -26.63
C LEU B 41 -35.26 16.85 -27.22
N LYS B 42 -35.17 18.09 -27.67
CA LYS B 42 -36.24 18.71 -28.44
C LYS B 42 -35.58 19.41 -29.64
N ASN B 43 -35.35 18.61 -30.67
CA ASN B 43 -34.68 19.04 -31.87
C ASN B 43 -33.19 19.21 -31.65
N GLY B 44 -32.67 18.66 -30.58
CA GLY B 44 -31.30 18.94 -30.16
C GLY B 44 -31.18 19.75 -28.89
N GLU B 45 -32.24 19.78 -28.11
CA GLU B 45 -32.35 20.61 -26.91
C GLU B 45 -32.22 19.81 -25.62
N ARG B 46 -31.06 19.90 -24.98
CA ARG B 46 -30.93 19.43 -23.60
C ARG B 46 -31.57 20.37 -22.58
N ILE B 47 -32.74 20.02 -22.02
CA ILE B 47 -33.12 20.70 -20.79
C ILE B 47 -33.59 19.76 -19.70
N GLU B 48 -33.33 20.22 -18.48
CA GLU B 48 -33.25 19.42 -17.28
C GLU B 48 -34.35 19.82 -16.30
N LYS B 49 -35.57 19.96 -16.81
CA LYS B 49 -36.72 19.96 -15.92
C LYS B 49 -37.26 18.53 -16.01
N VAL B 50 -36.32 17.63 -16.24
CA VAL B 50 -36.57 16.20 -16.34
C VAL B 50 -36.35 15.56 -14.97
N GLU B 51 -37.17 14.56 -14.64
CA GLU B 51 -36.99 13.79 -13.42
C GLU B 51 -36.27 12.50 -13.78
N HIS B 52 -36.14 11.58 -12.84
CA HIS B 52 -35.65 10.24 -13.17
C HIS B 52 -35.94 9.22 -12.07
N SER B 53 -36.26 8.00 -12.51
CA SER B 53 -36.52 6.90 -11.59
C SER B 53 -35.28 6.56 -10.78
N ASP B 54 -35.51 6.21 -9.53
CA ASP B 54 -34.46 5.88 -8.61
C ASP B 54 -34.01 4.62 -9.19
N LEU B 55 -32.73 4.29 -9.07
CA LEU B 55 -32.04 3.22 -9.81
C LEU B 55 -32.28 1.86 -9.22
N SER B 56 -32.59 0.89 -10.07
CA SER B 56 -32.95 -0.44 -9.63
C SER B 56 -32.28 -1.50 -10.51
N PHE B 57 -32.50 -2.77 -10.28
CA PHE B 57 -31.93 -3.73 -11.24
C PHE B 57 -32.78 -5.01 -11.36
N SER B 58 -32.35 -5.91 -12.22
CA SER B 58 -32.98 -7.20 -12.37
C SER B 58 -31.95 -8.24 -11.98
N LYS B 59 -32.35 -9.41 -11.57
CA LYS B 59 -31.41 -10.34 -10.96
C LYS B 59 -30.62 -11.02 -12.04
N ASP B 60 -30.83 -10.54 -13.24
CA ASP B 60 -29.87 -10.68 -14.34
C ASP B 60 -28.63 -9.84 -13.98
N TRP B 61 -28.74 -9.10 -12.89
CA TRP B 61 -27.72 -8.15 -12.43
C TRP B 61 -27.47 -7.13 -13.52
N SER B 62 -28.38 -6.17 -13.63
CA SER B 62 -28.31 -5.17 -14.69
C SER B 62 -29.31 -4.06 -14.41
N PHE B 63 -28.80 -2.89 -14.04
CA PHE B 63 -29.63 -1.76 -13.60
C PHE B 63 -30.60 -1.29 -14.69
N TYR B 64 -31.64 -0.56 -14.27
CA TYR B 64 -32.59 0.01 -15.22
C TYR B 64 -33.25 1.28 -14.67
N LEU B 65 -33.24 2.36 -15.45
CA LEU B 65 -33.90 3.57 -14.99
C LEU B 65 -34.83 4.14 -16.03
N LEU B 66 -35.53 5.18 -15.60
CA LEU B 66 -36.45 5.90 -16.45
C LEU B 66 -36.17 7.40 -16.35
N TYR B 67 -36.45 8.12 -17.42
CA TYR B 67 -36.31 9.57 -17.43
C TYR B 67 -37.56 10.22 -18.02
N TYR B 68 -38.56 10.48 -17.19
CA TYR B 68 -39.80 11.09 -17.67
C TYR B 68 -39.70 12.60 -17.70
N THR B 69 -40.64 13.22 -18.42
CA THR B 69 -40.75 14.68 -18.49
C THR B 69 -42.10 15.06 -19.10
N GLU B 70 -42.65 16.19 -18.70
CA GLU B 70 -43.87 16.70 -19.30
C GLU B 70 -43.59 16.98 -20.77
N PHE B 71 -44.62 16.89 -21.61
CA PHE B 71 -44.44 17.10 -23.05
C PHE B 71 -45.76 17.36 -23.75
N THR B 72 -45.67 18.07 -24.87
CA THR B 72 -46.84 18.35 -25.69
C THR B 72 -46.37 18.50 -27.12
N PRO B 73 -46.69 17.53 -27.98
CA PRO B 73 -46.30 17.72 -29.37
C PRO B 73 -47.44 18.23 -30.24
N THR B 74 -47.09 18.93 -31.31
CA THR B 74 -48.01 19.11 -32.41
C THR B 74 -47.36 18.40 -33.60
N GLU B 75 -47.69 18.80 -34.82
CA GLU B 75 -47.45 17.95 -35.97
C GLU B 75 -45.99 17.57 -36.25
N LYS B 76 -45.04 18.49 -36.08
CA LYS B 76 -43.64 18.18 -36.42
C LYS B 76 -42.57 18.70 -35.44
N ASP B 77 -42.85 18.59 -34.15
CA ASP B 77 -41.84 18.84 -33.11
C ASP B 77 -41.05 17.56 -32.82
N GLU B 78 -39.93 17.35 -33.47
CA GLU B 78 -39.25 16.06 -33.35
C GLU B 78 -38.42 15.98 -32.06
N TYR B 79 -38.63 14.90 -31.30
CA TYR B 79 -37.87 14.63 -30.08
C TYR B 79 -36.95 13.43 -30.26
N ALA B 80 -36.08 13.21 -29.27
CA ALA B 80 -35.19 12.05 -29.29
C ALA B 80 -34.69 11.71 -27.88
N CYS B 81 -33.78 10.75 -27.81
CA CYS B 81 -33.12 10.41 -26.56
C CYS B 81 -31.66 10.07 -26.88
N ARG B 82 -30.76 10.70 -26.15
CA ARG B 82 -29.34 10.45 -26.32
C ARG B 82 -28.77 9.91 -25.02
N VAL B 83 -28.05 8.80 -25.13
CA VAL B 83 -27.55 8.09 -23.97
C VAL B 83 -26.07 7.81 -24.16
N ASN B 84 -25.29 8.07 -23.11
CA ASN B 84 -23.86 7.78 -23.12
C ASN B 84 -23.50 6.80 -22.02
N HIS B 85 -22.63 5.85 -22.35
CA HIS B 85 -22.26 4.77 -21.46
C HIS B 85 -20.92 4.22 -21.93
N VAL B 86 -20.20 3.56 -21.04
CA VAL B 86 -19.04 2.78 -21.44
C VAL B 86 -19.53 1.70 -22.42
N THR B 87 -18.64 1.16 -23.27
CA THR B 87 -18.96 0.15 -24.30
C THR B 87 -19.75 0.73 -25.45
N LEU B 88 -19.90 2.06 -25.54
CA LEU B 88 -20.51 2.65 -26.70
C LEU B 88 -19.49 3.51 -27.41
N SER B 89 -19.27 3.22 -28.69
CA SER B 89 -18.35 3.98 -29.53
C SER B 89 -18.60 5.47 -29.38
N GLN B 90 -19.88 5.81 -29.31
CA GLN B 90 -20.34 7.18 -29.17
C GLN B 90 -21.82 7.10 -28.76
N PRO B 91 -22.25 8.15 -28.13
CA PRO B 91 -23.56 8.14 -27.54
C PRO B 91 -24.44 7.89 -28.69
N LYS B 92 -25.43 7.03 -28.52
CA LYS B 92 -26.29 6.65 -29.60
C LYS B 92 -27.59 7.35 -29.47
N ILE B 93 -27.99 8.04 -30.52
CA ILE B 93 -29.24 8.73 -30.48
C ILE B 93 -30.29 7.94 -31.18
N VAL B 94 -31.29 7.55 -30.43
CA VAL B 94 -32.45 7.01 -31.13
C VAL B 94 -33.61 7.96 -30.86
N LYS B 95 -34.29 8.37 -31.93
CA LYS B 95 -35.33 9.36 -31.78
C LYS B 95 -36.67 8.72 -31.43
N TRP B 96 -37.73 9.48 -31.60
CA TRP B 96 -39.03 9.06 -31.12
C TRP B 96 -40.04 8.91 -32.25
N ASP B 97 -40.18 7.70 -32.77
CA ASP B 97 -41.26 7.43 -33.70
C ASP B 97 -42.56 7.37 -32.90
N ARG B 98 -43.55 8.12 -33.35
CA ARG B 98 -44.75 8.35 -32.56
C ARG B 98 -45.62 7.10 -32.43
N ASP B 99 -45.18 6.00 -33.04
CA ASP B 99 -45.92 4.73 -32.99
C ASP B 99 -45.04 3.53 -32.69
N MET B 100 -44.08 3.69 -31.76
CA MET B 100 -43.18 2.59 -31.41
C MET B 100 -42.83 2.58 -29.92
N ILE C 2 -33.75 9.07 19.47
CA ILE C 2 -33.10 8.03 20.24
C ILE C 2 -34.14 7.11 20.91
N LEU C 3 -33.79 5.84 21.04
CA LEU C 3 -34.65 4.85 21.67
C LEU C 3 -34.04 4.42 23.03
N ASN C 4 -34.89 4.21 24.03
CA ASN C 4 -34.43 4.00 25.40
C ASN C 4 -34.09 2.56 25.76
N VAL C 5 -33.16 2.40 26.69
CA VAL C 5 -32.88 1.10 27.29
C VAL C 5 -32.82 1.24 28.82
N GLU C 6 -33.32 0.23 29.53
CA GLU C 6 -33.27 0.22 30.98
C GLU C 6 -32.89 -1.14 31.53
N GLN C 7 -32.12 -1.15 32.61
CA GLN C 7 -31.90 -2.38 33.35
C GLN C 7 -32.46 -2.21 34.75
N SER C 8 -32.55 -3.27 35.54
CA SER C 8 -33.04 -3.09 36.89
C SER C 8 -32.49 -4.03 37.96
N PRO C 9 -32.16 -3.56 39.14
CA PRO C 9 -31.70 -2.21 39.40
C PRO C 9 -30.20 -2.28 39.47
N GLN C 10 -29.57 -1.22 39.90
CA GLN C 10 -28.14 -1.24 40.03
C GLN C 10 -27.73 -2.26 41.07
N SER C 11 -28.54 -2.44 42.09
CA SER C 11 -27.96 -2.95 43.32
C SER C 11 -28.66 -4.19 43.84
N LEU C 12 -27.97 -5.32 43.80
CA LEU C 12 -28.50 -6.54 44.42
C LEU C 12 -27.48 -7.12 45.40
N HIS C 13 -27.94 -7.52 46.58
CA HIS C 13 -27.06 -8.08 47.60
C HIS C 13 -27.60 -9.42 48.07
N VAL C 14 -27.06 -10.51 47.53
CA VAL C 14 -27.60 -11.83 47.84
C VAL C 14 -26.72 -12.61 48.83
N GLN C 15 -27.26 -13.62 49.46
CA GLN C 15 -26.55 -14.27 50.54
C GLN C 15 -25.65 -15.40 50.11
N GLU C 16 -25.39 -15.50 48.84
CA GLU C 16 -24.42 -16.48 48.36
C GLU C 16 -25.09 -17.83 48.30
N GLY C 17 -26.35 -17.91 48.67
CA GLY C 17 -27.08 -19.13 48.49
C GLY C 17 -28.18 -18.96 47.50
N ASP C 18 -28.59 -17.72 47.34
CA ASP C 18 -29.80 -17.44 46.65
C ASP C 18 -29.56 -17.50 45.18
N SER C 19 -30.58 -17.14 44.44
CA SER C 19 -30.49 -16.97 43.00
C SER C 19 -30.89 -15.55 42.68
N THR C 20 -30.67 -15.13 41.44
CA THR C 20 -30.83 -13.72 41.11
C THR C 20 -31.23 -13.51 39.66
N ASN C 21 -32.06 -12.51 39.41
CA ASN C 21 -32.46 -12.16 38.05
C ASN C 21 -32.52 -10.66 37.79
N PHE C 22 -31.95 -10.23 36.67
CA PHE C 22 -32.01 -8.83 36.26
C PHE C 22 -32.94 -8.64 35.08
N THR C 23 -33.33 -7.40 34.84
CA THR C 23 -34.39 -7.11 33.91
C THR C 23 -33.99 -6.03 32.91
N CYS C 24 -33.36 -6.43 31.81
CA CYS C 24 -33.01 -5.49 30.76
C CYS C 24 -34.17 -5.27 29.79
N SER C 25 -34.79 -4.10 29.88
CA SER C 25 -35.78 -3.71 28.90
C SER C 25 -35.07 -3.21 27.66
N PHE C 26 -35.85 -3.03 26.59
CA PHE C 26 -35.37 -2.56 25.30
C PHE C 26 -36.61 -2.56 24.40
N PRO C 27 -36.56 -1.88 23.24
CA PRO C 27 -37.81 -1.79 22.50
C PRO C 27 -38.27 -3.09 21.88
N SER C 28 -39.51 -3.09 21.40
CA SER C 28 -39.98 -4.14 20.53
C SER C 28 -39.34 -3.96 19.17
N SER C 29 -39.66 -2.83 18.55
CA SER C 29 -39.39 -2.61 17.14
C SER C 29 -37.92 -2.62 16.72
N ASN C 30 -37.69 -3.16 15.53
CA ASN C 30 -36.42 -3.14 14.84
C ASN C 30 -35.26 -3.68 15.65
N PHE C 31 -35.57 -4.67 16.49
CA PHE C 31 -34.58 -5.49 17.16
C PHE C 31 -33.58 -6.11 16.19
N TYR C 32 -32.36 -6.36 16.62
CA TYR C 32 -31.52 -7.31 15.89
C TYR C 32 -30.72 -8.17 16.86
N ALA C 33 -29.96 -7.55 17.75
CA ALA C 33 -29.11 -8.32 18.65
C ALA C 33 -29.09 -7.79 20.08
N LEU C 34 -28.62 -8.62 21.01
CA LEU C 34 -28.55 -8.26 22.41
C LEU C 34 -27.41 -9.01 23.11
N HIS C 35 -26.82 -8.30 24.05
CA HIS C 35 -25.54 -8.60 24.65
C HIS C 35 -25.60 -8.50 26.13
N TRP C 36 -24.95 -9.40 26.84
CA TRP C 36 -24.89 -9.29 28.28
C TRP C 36 -23.46 -9.27 28.73
N TYR C 37 -23.12 -8.28 29.54
CA TYR C 37 -21.75 -8.00 29.97
C TYR C 37 -21.54 -7.99 31.46
N ARG C 38 -20.35 -8.40 31.88
CA ARG C 38 -19.98 -8.53 33.28
C ARG C 38 -18.73 -7.72 33.55
N TRP C 39 -18.72 -6.95 34.64
CA TRP C 39 -17.68 -5.96 34.82
C TRP C 39 -17.05 -5.96 36.21
N GLU C 40 -16.06 -6.78 36.46
CA GLU C 40 -15.60 -6.78 37.82
C GLU C 40 -14.66 -5.61 38.12
N THR C 41 -15.10 -4.66 38.95
CA THR C 41 -14.19 -3.70 39.54
C THR C 41 -13.42 -3.01 38.44
N ALA C 42 -12.10 -3.11 38.45
CA ALA C 42 -11.35 -2.79 37.26
C ALA C 42 -10.70 -4.05 36.76
N LYS C 43 -11.11 -4.44 35.57
CA LYS C 43 -10.57 -5.55 34.83
C LYS C 43 -11.45 -5.70 33.58
N SER C 44 -11.02 -6.51 32.62
CA SER C 44 -11.82 -6.91 31.47
C SER C 44 -13.32 -7.02 31.72
N PRO C 45 -14.13 -6.19 31.02
CA PRO C 45 -15.54 -6.58 30.94
C PRO C 45 -15.73 -7.70 29.93
N GLU C 46 -16.48 -8.72 30.32
CA GLU C 46 -16.56 -9.95 29.55
C GLU C 46 -17.91 -10.13 28.87
N ALA C 47 -17.87 -10.58 27.62
CA ALA C 47 -19.07 -11.00 26.94
C ALA C 47 -19.51 -12.31 27.58
N LEU C 48 -20.77 -12.35 27.99
CA LEU C 48 -21.29 -13.49 28.72
C LEU C 48 -22.15 -14.33 27.79
N PHE C 49 -23.29 -13.76 27.41
CA PHE C 49 -24.13 -14.30 26.37
C PHE C 49 -24.25 -13.25 25.27
N VAL C 50 -24.67 -13.66 24.08
CA VAL C 50 -25.16 -12.71 23.09
C VAL C 50 -26.43 -13.27 22.43
N MET C 51 -27.52 -12.54 22.58
CA MET C 51 -28.83 -13.02 22.20
C MET C 51 -29.22 -12.54 20.81
N THR C 52 -29.74 -13.46 20.01
CA THR C 52 -29.92 -13.22 18.58
C THR C 52 -31.38 -13.24 18.16
N LEU C 53 -32.13 -14.20 18.68
CA LEU C 53 -33.47 -14.49 18.21
C LEU C 53 -34.46 -14.80 19.32
N ASN C 54 -35.73 -14.51 19.05
CA ASN C 54 -36.85 -14.79 19.95
C ASN C 54 -37.47 -16.15 19.62
N GLY C 55 -37.59 -17.02 20.63
CA GLY C 55 -37.14 -16.74 21.98
C GLY C 55 -36.14 -17.77 22.43
N ASP C 56 -34.90 -17.32 22.59
CA ASP C 56 -33.82 -18.23 22.91
C ASP C 56 -33.58 -18.31 24.40
N GLU C 57 -32.85 -19.33 24.82
CA GLU C 57 -32.52 -19.51 26.23
C GLU C 57 -31.15 -20.19 26.34
N LYS C 58 -30.11 -19.37 26.37
CA LYS C 58 -28.76 -19.89 26.51
C LYS C 58 -28.32 -19.84 27.96
N LYS C 59 -27.51 -20.81 28.37
CA LYS C 59 -26.91 -20.81 29.70
C LYS C 59 -25.47 -21.28 29.66
N LYS C 60 -24.64 -20.70 30.51
CA LYS C 60 -23.29 -21.17 30.73
C LYS C 60 -23.10 -21.42 32.21
N GLY C 61 -22.66 -22.62 32.57
CA GLY C 61 -22.42 -22.98 33.96
C GLY C 61 -23.64 -22.73 34.83
N ARG C 62 -23.59 -21.68 35.65
CA ARG C 62 -24.70 -21.35 36.53
C ARG C 62 -25.35 -20.02 36.17
N ILE C 63 -24.83 -19.35 35.13
CA ILE C 63 -25.45 -18.15 34.62
C ILE C 63 -26.38 -18.50 33.47
N SER C 64 -27.57 -17.92 33.45
CA SER C 64 -28.54 -18.23 32.40
C SER C 64 -29.27 -16.97 31.94
N ALA C 65 -29.87 -17.03 30.76
CA ALA C 65 -30.60 -15.86 30.24
C ALA C 65 -31.62 -16.19 29.15
N THR C 66 -32.67 -15.36 29.12
CA THR C 66 -33.81 -15.50 28.23
C THR C 66 -34.04 -14.24 27.40
N LEU C 67 -34.42 -14.41 26.14
CA LEU C 67 -34.80 -13.28 25.30
C LEU C 67 -36.29 -13.34 24.98
N ASN C 68 -36.92 -12.17 24.98
CA ASN C 68 -38.26 -12.03 24.42
C ASN C 68 -38.28 -10.75 23.61
N THR C 69 -38.72 -10.82 22.37
CA THR C 69 -38.59 -9.67 21.50
C THR C 69 -39.80 -8.75 21.49
N LYS C 70 -40.96 -9.29 21.18
CA LYS C 70 -42.12 -8.45 21.04
C LYS C 70 -42.40 -7.79 22.36
N GLU C 71 -42.29 -8.52 23.45
CA GLU C 71 -42.34 -7.87 24.76
C GLU C 71 -40.91 -7.43 25.06
N GLY C 72 -40.71 -6.13 25.26
CA GLY C 72 -39.36 -5.61 25.36
C GLY C 72 -38.63 -5.94 26.64
N TYR C 73 -38.06 -7.15 26.73
CA TYR C 73 -37.28 -7.52 27.91
C TYR C 73 -36.32 -8.67 27.68
N SER C 74 -35.30 -8.76 28.53
CA SER C 74 -34.37 -9.88 28.52
C SER C 74 -33.91 -10.18 29.94
N TYR C 75 -34.34 -11.31 30.48
CA TYR C 75 -33.98 -11.67 31.85
C TYR C 75 -32.62 -12.37 31.88
N LEU C 76 -31.94 -12.28 33.01
CA LEU C 76 -30.67 -12.99 33.19
C LEU C 76 -30.58 -13.53 34.60
N TYR C 77 -30.39 -14.82 34.71
CA TYR C 77 -30.52 -15.48 35.97
C TYR C 77 -29.17 -15.93 36.36
N ILE C 78 -28.88 -15.89 37.64
CA ILE C 78 -27.65 -16.43 38.15
C ILE C 78 -27.96 -17.50 39.12
N LYS C 79 -27.28 -18.62 39.05
CA LYS C 79 -27.62 -19.70 39.94
C LYS C 79 -26.56 -19.89 40.99
N GLY C 80 -26.96 -20.20 42.21
CA GLY C 80 -25.96 -20.54 43.21
C GLY C 80 -24.92 -19.46 43.36
N SER C 81 -25.35 -18.29 43.80
CA SER C 81 -24.55 -17.08 43.75
C SER C 81 -23.25 -17.37 44.42
N GLN C 82 -22.20 -16.80 43.89
CA GLN C 82 -20.91 -16.98 44.56
C GLN C 82 -20.19 -15.65 44.75
N PRO C 83 -19.17 -15.62 45.62
CA PRO C 83 -18.28 -14.48 45.69
C PRO C 83 -17.81 -14.10 44.29
N GLU C 84 -17.13 -15.03 43.64
CA GLU C 84 -16.59 -14.87 42.29
C GLU C 84 -17.48 -14.05 41.35
N ASP C 85 -18.80 -14.19 41.52
CA ASP C 85 -19.77 -13.54 40.63
C ASP C 85 -19.79 -12.03 40.75
N SER C 86 -19.46 -11.52 41.93
CA SER C 86 -19.68 -10.12 42.27
C SER C 86 -19.13 -9.16 41.22
N ALA C 87 -20.05 -8.55 40.47
CA ALA C 87 -19.68 -7.64 39.38
C ALA C 87 -20.81 -6.68 39.02
N THR C 88 -20.72 -6.10 37.82
CA THR C 88 -21.75 -5.21 37.30
C THR C 88 -22.18 -5.67 35.92
N TYR C 89 -23.48 -5.85 35.72
CA TYR C 89 -23.97 -6.52 34.52
C TYR C 89 -24.65 -5.60 33.52
N LEU C 90 -24.25 -5.72 32.27
CA LEU C 90 -24.69 -4.82 31.22
C LEU C 90 -25.38 -5.54 30.08
N CYS C 91 -26.55 -5.02 29.69
CA CYS C 91 -27.23 -5.51 28.49
C CYS C 91 -27.04 -4.49 27.38
N ALA C 92 -26.74 -4.95 26.17
CA ALA C 92 -26.62 -4.02 25.05
C ALA C 92 -27.68 -4.28 24.01
N PHE C 93 -28.13 -3.21 23.37
CA PHE C 93 -29.13 -3.32 22.32
C PHE C 93 -28.58 -2.83 20.99
N ILE C 94 -28.46 -3.76 20.03
CA ILE C 94 -27.89 -3.41 18.74
C ILE C 94 -28.90 -3.46 17.60
N THR C 95 -29.12 -2.30 17.00
CA THR C 95 -29.95 -2.17 15.81
C THR C 95 -29.39 -1.06 14.94
N GLY C 96 -29.34 -1.28 13.64
CA GLY C 96 -28.90 -0.24 12.72
C GLY C 96 -27.46 0.22 12.92
N ASN C 97 -26.58 -0.75 13.16
CA ASN C 97 -25.15 -0.50 13.26
C ASN C 97 -24.72 0.47 14.39
N GLN C 98 -25.52 0.60 15.44
CA GLN C 98 -25.06 1.31 16.63
C GLN C 98 -25.64 0.70 17.92
N PHE C 99 -24.93 0.93 19.02
CA PHE C 99 -25.17 0.30 20.32
C PHE C 99 -25.93 1.19 21.28
N TYR C 100 -26.71 0.58 22.17
CA TYR C 100 -27.47 1.29 23.20
C TYR C 100 -27.42 0.51 24.51
N PHE C 101 -26.61 0.99 25.46
CA PHE C 101 -26.50 0.33 26.75
C PHE C 101 -27.49 0.88 27.76
N GLY C 102 -28.28 -0.01 28.35
CA GLY C 102 -29.11 0.37 29.47
C GLY C 102 -28.22 0.62 30.66
N THR C 103 -28.57 1.64 31.45
CA THR C 103 -27.91 1.96 32.69
C THR C 103 -27.58 0.70 33.49
N GLY C 104 -26.33 0.55 33.89
CA GLY C 104 -25.83 -0.68 34.47
C GLY C 104 -26.63 -1.27 35.62
N THR C 105 -26.43 -2.56 35.87
CA THR C 105 -26.98 -3.22 37.03
C THR C 105 -25.87 -4.06 37.67
N SER C 106 -25.63 -3.82 38.96
CA SER C 106 -24.44 -4.36 39.61
C SER C 106 -24.74 -5.31 40.75
N LEU C 107 -23.98 -6.39 40.79
CA LEU C 107 -24.20 -7.48 41.74
C LEU C 107 -23.06 -7.60 42.73
N THR C 108 -23.44 -7.65 44.01
CA THR C 108 -22.51 -7.96 45.09
C THR C 108 -23.12 -9.05 45.95
N VAL C 109 -22.39 -10.13 46.16
CA VAL C 109 -22.85 -11.16 47.06
C VAL C 109 -22.25 -10.94 48.45
N ILE C 110 -22.77 -11.67 49.43
CA ILE C 110 -22.30 -11.55 50.80
C ILE C 110 -21.67 -12.86 51.24
N PRO C 111 -20.33 -12.92 51.23
CA PRO C 111 -19.62 -14.16 51.56
C PRO C 111 -19.94 -14.68 52.96
N ASN C 112 -20.55 -15.86 53.03
CA ASN C 112 -20.84 -16.50 54.31
C ASN C 112 -19.67 -17.36 54.79
N ILE C 113 -19.33 -17.22 56.06
CA ILE C 113 -18.21 -17.98 56.60
C ILE C 113 -18.63 -18.77 57.84
N GLN C 114 -18.05 -19.95 57.97
CA GLN C 114 -18.16 -20.79 59.15
C GLN C 114 -17.14 -20.38 60.21
N ASN C 115 -17.47 -20.59 61.48
CA ASN C 115 -16.52 -20.34 62.57
C ASN C 115 -16.00 -18.90 62.55
N PRO C 116 -16.83 -17.93 62.96
CA PRO C 116 -16.31 -16.57 62.99
C PRO C 116 -15.62 -16.18 64.31
N ASP C 117 -14.34 -15.80 64.21
CA ASP C 117 -13.60 -15.29 65.37
C ASP C 117 -13.15 -13.84 65.13
N PRO C 118 -13.78 -12.90 65.84
CA PRO C 118 -13.52 -11.48 65.58
C PRO C 118 -12.40 -10.97 66.46
N ALA C 119 -11.16 -11.15 66.01
CA ALA C 119 -10.01 -10.64 66.74
C ALA C 119 -9.46 -9.44 65.98
N VAL C 120 -9.26 -8.33 66.69
CA VAL C 120 -8.89 -7.07 66.07
C VAL C 120 -7.36 -6.95 66.23
N TYR C 121 -6.61 -7.25 65.20
CA TYR C 121 -5.23 -7.51 65.48
C TYR C 121 -4.43 -6.29 65.26
N GLN C 122 -3.93 -5.72 66.34
CA GLN C 122 -2.74 -4.91 66.31
C GLN C 122 -2.81 -3.69 65.37
N LEU C 123 -1.93 -3.72 64.38
CA LEU C 123 -1.38 -2.58 63.73
C LEU C 123 -0.13 -3.27 63.31
N ARG C 124 0.88 -2.50 62.96
CA ARG C 124 2.08 -3.09 62.41
C ARG C 124 3.31 -2.34 62.81
N ASP C 125 4.46 -2.90 62.46
CA ASP C 125 5.73 -2.25 62.62
C ASP C 125 6.75 -2.64 61.57
N SER C 126 7.57 -1.68 61.17
CA SER C 126 8.70 -1.92 60.27
C SER C 126 9.65 -0.72 60.30
N ASP C 130 8.39 2.02 63.39
CA ASP C 130 7.31 1.87 64.36
C ASP C 130 6.12 2.78 64.07
N LYS C 131 5.09 2.21 63.45
CA LYS C 131 3.85 2.93 63.13
C LYS C 131 2.62 2.09 63.56
N SER C 132 1.42 2.34 63.08
CA SER C 132 0.24 1.63 63.63
C SER C 132 -0.76 1.17 62.54
N VAL C 133 -1.38 0.00 62.66
CA VAL C 133 -2.56 -0.36 61.85
C VAL C 133 -3.57 -1.01 62.80
N CYS C 134 -4.87 -0.62 62.76
CA CYS C 134 -5.92 -1.21 63.63
C CYS C 134 -7.07 -1.76 62.71
N LEU C 135 -7.60 -3.01 62.91
CA LEU C 135 -8.55 -3.57 61.94
C LEU C 135 -9.56 -4.55 62.58
N PHE C 136 -10.11 -5.42 61.77
CA PHE C 136 -10.85 -6.58 62.27
C PHE C 136 -10.68 -7.74 61.30
N THR C 137 -10.90 -8.97 61.76
CA THR C 137 -10.90 -10.15 60.88
C THR C 137 -12.17 -10.99 61.10
N ASP C 138 -12.49 -11.86 60.15
CA ASP C 138 -13.75 -12.59 60.16
C ASP C 138 -14.81 -11.52 60.20
N PHE C 139 -15.73 -11.60 61.14
CA PHE C 139 -16.65 -10.50 61.37
C PHE C 139 -17.88 -10.52 60.46
N ASP C 140 -18.02 -11.57 59.71
CA ASP C 140 -19.12 -11.63 58.73
C ASP C 140 -20.56 -11.31 59.20
N SER C 141 -21.36 -10.72 58.35
CA SER C 141 -20.86 -9.94 57.27
C SER C 141 -21.80 -8.83 56.88
N GLN C 142 -22.83 -8.60 57.67
CA GLN C 142 -23.62 -7.40 57.50
C GLN C 142 -23.36 -6.45 58.65
N THR C 143 -22.31 -6.75 59.37
CA THR C 143 -21.70 -5.85 60.32
C THR C 143 -21.00 -4.86 59.43
N ASN C 144 -21.57 -3.71 59.12
CA ASN C 144 -20.94 -2.92 58.06
C ASN C 144 -20.21 -1.67 58.56
N VAL C 145 -18.91 -1.71 58.30
CA VAL C 145 -17.97 -0.66 58.65
C VAL C 145 -18.25 0.61 57.84
N SER C 146 -18.18 1.78 58.48
CA SER C 146 -18.49 3.06 57.84
C SER C 146 -18.00 4.19 58.75
N GLN C 147 -17.18 5.11 58.24
CA GLN C 147 -16.49 6.02 59.16
C GLN C 147 -16.62 7.52 58.97
N SER C 148 -15.65 8.18 59.61
CA SER C 148 -15.51 9.62 59.68
C SER C 148 -14.68 10.14 58.52
N SER C 151 -11.06 14.24 59.78
CA SER C 151 -10.45 14.38 58.46
C SER C 151 -9.11 13.63 58.39
N ASP C 152 -8.59 13.27 59.57
CA ASP C 152 -7.43 12.38 59.68
C ASP C 152 -7.84 11.24 60.62
N VAL C 153 -8.76 10.40 60.16
CA VAL C 153 -8.93 9.06 60.72
C VAL C 153 -9.23 8.19 59.49
N TYR C 154 -8.36 7.22 59.23
CA TYR C 154 -8.31 6.50 57.96
C TYR C 154 -8.59 5.01 58.07
N ILE C 155 -9.47 4.50 57.22
CA ILE C 155 -9.75 3.06 57.15
C ILE C 155 -10.04 2.62 55.72
N THR C 156 -10.40 1.35 55.57
CA THR C 156 -10.89 0.82 54.32
C THR C 156 -11.89 -0.33 54.54
N ASP C 157 -12.88 -0.47 53.65
CA ASP C 157 -13.91 -1.52 53.79
C ASP C 157 -14.27 -2.21 52.49
N LYS C 158 -14.03 -3.50 52.34
CA LYS C 158 -13.13 -4.32 53.15
C LYS C 158 -12.59 -5.23 52.08
N CYS C 159 -12.05 -6.40 52.40
CA CYS C 159 -11.89 -7.43 51.36
C CYS C 159 -11.69 -8.84 51.89
N VAL C 160 -11.96 -9.79 51.01
CA VAL C 160 -12.18 -11.20 51.35
C VAL C 160 -11.15 -12.10 50.66
N LEU C 161 -10.85 -13.24 51.28
CA LEU C 161 -9.68 -14.03 50.87
C LEU C 161 -9.98 -15.45 50.42
N ASP C 162 -9.04 -16.03 49.68
CA ASP C 162 -8.89 -17.47 49.46
C ASP C 162 -10.15 -18.33 49.66
N ASP C 167 -8.45 -22.10 51.99
CA ASP C 167 -9.69 -22.83 52.19
C ASP C 167 -10.78 -21.94 52.76
N PHE C 168 -10.40 -20.98 53.60
CA PHE C 168 -11.36 -20.08 54.22
C PHE C 168 -11.29 -18.69 53.63
N LYS C 169 -12.33 -17.89 53.87
CA LYS C 169 -12.33 -16.48 53.48
C LYS C 169 -12.33 -15.62 54.71
N SER C 170 -11.68 -14.47 54.65
CA SER C 170 -11.71 -13.56 55.79
C SER C 170 -12.06 -12.16 55.33
N ASN C 171 -12.97 -11.51 56.03
CA ASN C 171 -13.26 -10.11 55.78
C ASN C 171 -12.48 -9.23 56.73
N SER C 172 -11.70 -8.30 56.20
CA SER C 172 -10.88 -7.48 57.07
C SER C 172 -10.79 -6.03 56.62
N ALA C 173 -11.00 -5.13 57.57
CA ALA C 173 -11.02 -3.69 57.30
C ALA C 173 -9.90 -2.97 58.06
N VAL C 174 -8.84 -2.61 57.35
CA VAL C 174 -7.69 -1.93 57.94
C VAL C 174 -8.05 -0.50 58.36
N ALA C 175 -7.45 -0.04 59.46
CA ALA C 175 -7.62 1.34 59.91
C ALA C 175 -6.37 1.90 60.56
N TRP C 176 -6.02 3.14 60.20
CA TRP C 176 -4.83 3.77 60.75
C TRP C 176 -4.99 5.28 60.93
N SER C 177 -4.25 5.81 61.89
CA SER C 177 -4.18 7.26 62.11
C SER C 177 -2.88 7.60 62.83
N ASN C 178 -2.77 8.83 63.28
CA ASN C 178 -1.51 9.33 63.84
C ASN C 178 -1.66 10.09 65.15
N LYS C 179 -2.49 11.13 65.15
CA LYS C 179 -2.49 12.11 66.25
C LYS C 179 -3.26 11.64 67.49
N SER C 180 -2.55 11.51 68.59
CA SER C 180 -3.17 11.50 69.88
C SER C 180 -4.07 10.32 70.16
N ASP C 181 -5.07 10.19 69.30
CA ASP C 181 -6.24 9.38 69.59
C ASP C 181 -5.92 7.91 69.48
N PHE C 182 -4.79 7.62 68.88
CA PHE C 182 -4.37 6.25 68.58
C PHE C 182 -5.40 5.60 67.65
N ALA C 183 -5.78 4.33 67.87
CA ALA C 183 -6.56 3.66 66.81
C ALA C 183 -7.36 2.39 67.13
N CYS C 184 -7.43 1.94 68.38
CA CYS C 184 -8.17 0.70 68.66
C CYS C 184 -9.44 0.92 69.45
N ALA C 185 -9.33 1.62 70.57
CA ALA C 185 -10.51 2.17 71.23
C ALA C 185 -11.00 3.34 70.38
N ASN C 186 -10.10 3.83 69.52
CA ASN C 186 -10.44 4.84 68.54
C ASN C 186 -10.99 4.22 67.27
N ALA C 187 -10.75 2.93 67.07
CA ALA C 187 -11.26 2.21 65.89
C ALA C 187 -12.79 2.17 65.91
N PHE C 188 -13.38 2.58 67.01
CA PHE C 188 -14.82 2.73 67.08
C PHE C 188 -15.22 3.97 66.28
N ASN C 189 -16.34 3.85 65.59
CA ASN C 189 -16.58 4.60 64.37
C ASN C 189 -17.29 5.93 64.57
N ILE C 193 -22.25 -2.13 65.86
CA ILE C 193 -21.22 -2.66 64.99
C ILE C 193 -20.59 -3.92 65.57
N PRO C 194 -19.35 -3.82 66.23
CA PRO C 194 -18.82 -5.11 66.69
C PRO C 194 -19.18 -5.37 68.15
N GLU C 195 -19.08 -6.63 68.56
CA GLU C 195 -19.30 -7.07 69.93
C GLU C 195 -18.52 -8.35 70.08
N ASP C 196 -18.26 -8.76 71.31
CA ASP C 196 -17.82 -10.12 71.51
C ASP C 196 -16.62 -10.41 70.64
N THR C 197 -15.71 -9.44 70.48
CA THR C 197 -14.69 -9.58 69.44
C THR C 197 -13.23 -9.64 69.81
N PHE C 198 -12.70 -8.51 70.25
CA PHE C 198 -11.26 -8.27 70.32
C PHE C 198 -10.44 -9.45 70.78
N GLY D 4 -4.20 -12.96 23.65
CA GLY D 4 -5.28 -12.08 24.03
C GLY D 4 -5.20 -10.71 23.38
N VAL D 5 -5.98 -9.77 23.89
CA VAL D 5 -6.02 -8.39 23.40
C VAL D 5 -4.93 -7.55 24.07
N SER D 6 -4.44 -6.53 23.38
CA SER D 6 -3.47 -5.62 23.97
C SER D 6 -3.86 -4.16 23.73
N GLN D 7 -3.64 -3.33 24.75
CA GLN D 7 -4.09 -1.95 24.72
C GLN D 7 -3.18 -1.11 25.62
N SER D 8 -2.25 -0.37 25.02
CA SER D 8 -1.30 0.43 25.78
C SER D 8 -1.48 1.90 25.42
N PRO D 9 -1.12 2.81 26.34
CA PRO D 9 -0.53 2.71 27.68
C PRO D 9 -1.51 2.25 28.77
N SER D 10 -1.04 1.43 29.72
CA SER D 10 -1.89 0.92 30.79
C SER D 10 -2.63 2.05 31.49
N ASN D 11 -1.93 3.16 31.69
CA ASN D 11 -2.48 4.38 32.24
C ASN D 11 -1.76 5.54 31.58
N LYS D 12 -2.24 6.76 31.78
CA LYS D 12 -1.50 7.93 31.34
C LYS D 12 -2.06 9.17 32.00
N VAL D 13 -1.15 10.05 32.44
CA VAL D 13 -1.51 11.30 33.06
C VAL D 13 -0.82 12.47 32.36
N THR D 14 -1.61 13.38 31.80
CA THR D 14 -1.05 14.56 31.14
C THR D 14 -2.04 15.71 31.20
N GLU D 15 -1.67 16.84 30.61
CA GLU D 15 -2.37 18.07 30.93
C GLU D 15 -3.01 18.80 29.77
N LYS D 16 -3.82 19.80 30.12
CA LYS D 16 -4.54 20.66 29.19
C LYS D 16 -3.74 21.09 27.98
N GLY D 17 -4.22 20.78 26.79
CA GLY D 17 -3.63 21.28 25.57
C GLY D 17 -2.49 20.49 24.95
N LYS D 18 -2.50 19.16 25.13
CA LYS D 18 -1.54 18.32 24.41
C LYS D 18 -2.18 17.07 23.83
N ASP D 19 -1.37 16.29 23.13
CA ASP D 19 -1.85 15.11 22.41
C ASP D 19 -1.72 13.83 23.22
N VAL D 20 -2.41 12.79 22.79
CA VAL D 20 -2.19 11.44 23.30
C VAL D 20 -2.38 10.42 22.19
N GLU D 21 -1.63 9.33 22.25
CA GLU D 21 -1.82 8.22 21.32
C GLU D 21 -2.31 7.00 22.09
N LEU D 22 -3.50 6.53 21.75
CA LEU D 22 -4.05 5.35 22.40
C LEU D 22 -4.04 4.14 21.48
N ARG D 23 -3.20 3.18 21.83
CA ARG D 23 -3.05 1.94 21.09
C ARG D 23 -4.08 0.91 21.51
N CYS D 24 -4.58 0.16 20.53
CA CYS D 24 -5.29 -1.07 20.83
C CYS D 24 -4.96 -2.09 19.76
N ASP D 25 -4.50 -3.26 20.20
CA ASP D 25 -4.19 -4.34 19.27
C ASP D 25 -5.19 -5.47 19.45
N PRO D 26 -6.02 -5.70 18.43
CA PRO D 26 -7.00 -6.79 18.54
C PRO D 26 -6.33 -8.14 18.33
N ILE D 27 -7.06 -9.20 18.58
CA ILE D 27 -6.53 -10.53 18.46
C ILE D 27 -6.39 -10.82 17.00
N SER D 28 -5.70 -11.90 16.69
CA SER D 28 -5.45 -12.23 15.32
C SER D 28 -6.78 -12.37 14.63
N GLY D 29 -6.87 -11.80 13.46
CA GLY D 29 -7.97 -12.08 12.60
C GLY D 29 -9.23 -11.35 12.95
N HIS D 30 -9.18 -10.52 13.97
CA HIS D 30 -10.34 -9.73 14.30
C HIS D 30 -10.41 -8.76 13.17
N THR D 31 -11.56 -8.20 12.88
CA THR D 31 -11.66 -7.31 11.74
C THR D 31 -12.44 -6.07 12.12
N ALA D 32 -13.14 -6.18 13.25
CA ALA D 32 -13.96 -5.10 13.79
C ALA D 32 -13.37 -4.62 15.10
N LEU D 33 -13.47 -3.32 15.35
CA LEU D 33 -12.95 -2.75 16.58
C LEU D 33 -13.93 -1.72 17.11
N TYR D 34 -14.04 -1.63 18.44
CA TYR D 34 -14.90 -0.64 19.06
C TYR D 34 -14.12 0.22 20.03
N TRP D 35 -14.38 1.51 20.04
CA TRP D 35 -13.77 2.38 21.03
C TRP D 35 -14.81 2.87 22.03
N TYR D 36 -14.55 2.59 23.29
CA TYR D 36 -15.44 3.04 24.36
C TYR D 36 -14.71 3.98 25.33
N ARG D 37 -15.45 4.93 25.87
CA ARG D 37 -15.00 5.69 27.04
C ARG D 37 -16.10 5.63 28.09
N GLN D 38 -15.73 5.59 29.36
CA GLN D 38 -16.75 5.62 30.39
C GLN D 38 -16.48 6.67 31.46
N ARG D 39 -17.37 7.64 31.53
CA ARG D 39 -17.38 8.61 32.59
C ARG D 39 -18.24 8.07 33.74
N LEU D 40 -17.62 7.73 34.87
CA LEU D 40 -18.41 7.43 36.06
C LEU D 40 -18.71 8.79 36.70
N GLY D 41 -19.97 9.01 37.06
CA GLY D 41 -21.00 7.99 36.97
C GLY D 41 -22.03 8.14 35.87
N GLN D 42 -21.64 8.78 34.77
CA GLN D 42 -22.56 9.01 33.66
C GLN D 42 -23.22 7.75 33.11
N GLY D 43 -22.49 6.64 33.16
CA GLY D 43 -22.91 5.42 32.51
C GLY D 43 -21.95 5.19 31.36
N LEU D 44 -22.16 4.16 30.56
CA LEU D 44 -21.31 3.97 29.39
C LEU D 44 -22.04 4.44 28.17
N GLU D 45 -21.34 5.10 27.25
CA GLU D 45 -21.85 5.18 25.89
C GLU D 45 -20.75 5.22 24.83
N PHE D 46 -21.18 4.80 23.65
CA PHE D 46 -20.34 4.32 22.56
C PHE D 46 -19.82 5.45 21.69
N LEU D 47 -18.58 5.30 21.20
CA LEU D 47 -17.89 6.37 20.50
C LEU D 47 -17.73 6.14 18.99
N ILE D 48 -16.93 5.14 18.60
CA ILE D 48 -16.77 4.80 17.18
C ILE D 48 -16.52 3.31 16.96
N TYR D 49 -17.09 2.74 15.91
CA TYR D 49 -16.71 1.39 15.49
C TYR D 49 -15.95 1.41 14.16
N PHE D 50 -14.91 0.59 14.09
CA PHE D 50 -14.11 0.48 12.88
C PHE D 50 -14.28 -0.90 12.25
N GLN D 51 -14.40 -0.95 10.93
CA GLN D 51 -14.36 -2.22 10.20
C GLN D 51 -13.43 -2.10 9.00
N GLY D 52 -12.68 -3.16 8.74
CA GLY D 52 -11.69 -3.14 7.68
C GLY D 52 -10.69 -2.05 7.94
N ASN D 53 -10.71 -1.01 7.11
CA ASN D 53 -9.87 0.17 7.31
C ASN D 53 -10.71 1.45 7.20
N SER D 54 -12.00 1.31 7.45
CA SER D 54 -12.94 2.39 7.16
C SER D 54 -13.86 2.75 8.33
N ALA D 55 -14.08 4.05 8.50
CA ALA D 55 -14.96 4.58 9.53
C ALA D 55 -16.26 5.05 8.91
N PRO D 56 -17.25 4.16 8.83
CA PRO D 56 -18.52 4.49 8.18
C PRO D 56 -19.29 5.53 8.99
N ASP D 57 -19.16 5.47 10.31
CA ASP D 57 -19.82 6.41 11.21
C ASP D 57 -18.78 7.20 11.97
N LYS D 58 -19.04 8.49 12.13
CA LYS D 58 -18.27 9.34 13.02
C LYS D 58 -19.18 9.88 14.10
N SER D 59 -20.43 10.17 13.78
CA SER D 59 -21.15 11.07 14.63
C SER D 59 -21.56 10.36 15.88
N GLY D 60 -20.54 9.93 16.61
CA GLY D 60 -20.71 9.50 17.99
C GLY D 60 -19.75 9.97 19.06
N LEU D 61 -18.51 10.24 18.64
CA LEU D 61 -17.45 10.70 19.53
C LEU D 61 -17.76 12.15 19.54
N PRO D 62 -17.56 12.84 20.65
CA PRO D 62 -18.26 14.13 20.74
C PRO D 62 -17.75 15.28 19.91
N SER D 63 -16.45 15.54 19.89
CA SER D 63 -15.92 16.70 19.18
C SER D 63 -14.68 16.44 18.34
N ASP D 64 -14.24 17.50 17.68
CA ASP D 64 -13.24 17.46 16.61
C ASP D 64 -11.85 16.99 17.05
N ARG D 65 -11.45 17.32 18.27
CA ARG D 65 -10.14 16.90 18.74
C ARG D 65 -10.00 15.38 18.63
N PHE D 66 -11.10 14.69 18.94
CA PHE D 66 -11.20 13.25 18.73
C PHE D 66 -11.11 12.91 17.25
N SER D 67 -10.25 11.98 16.90
CA SER D 67 -10.20 11.45 15.54
C SER D 67 -9.43 10.13 15.54
N ALA D 68 -9.98 9.13 14.86
CA ALA D 68 -9.38 7.80 14.87
C ALA D 68 -8.60 7.48 13.61
N GLU D 69 -7.58 6.64 13.77
CA GLU D 69 -6.78 6.16 12.67
C GLU D 69 -6.74 4.65 12.81
N ARG D 70 -6.79 3.92 11.70
CA ARG D 70 -6.49 2.51 11.78
C ARG D 70 -5.21 2.24 11.02
N THR D 71 -4.23 1.70 11.73
CA THR D 71 -2.90 1.49 11.18
C THR D 71 -2.64 0.01 10.94
N SER D 74 -5.21 -4.64 11.40
CA SER D 74 -4.88 -5.16 12.73
C SER D 74 -4.95 -4.05 13.77
N VAL D 75 -3.78 -3.53 14.15
CA VAL D 75 -3.67 -2.53 15.21
C VAL D 75 -4.17 -1.16 14.77
N SER D 76 -4.60 -0.34 15.72
CA SER D 76 -4.98 1.04 15.43
C SER D 76 -4.70 1.97 16.61
N THR D 77 -4.66 3.27 16.33
CA THR D 77 -4.47 4.27 17.37
C THR D 77 -5.66 5.21 17.43
N LEU D 78 -5.79 5.92 18.55
CA LEU D 78 -6.79 6.97 18.66
C LEU D 78 -6.12 8.23 19.17
N THR D 79 -6.41 9.35 18.52
CA THR D 79 -5.73 10.60 18.84
C THR D 79 -6.71 11.68 19.28
N ILE D 80 -6.42 12.32 20.41
CA ILE D 80 -7.06 13.58 20.71
C ILE D 80 -6.01 14.64 20.96
N GLN D 81 -5.93 15.60 20.04
CA GLN D 81 -5.17 16.82 20.31
C GLN D 81 -5.95 17.58 21.36
N ARG D 82 -5.29 18.56 21.98
CA ARG D 82 -5.99 19.45 22.90
C ARG D 82 -6.69 18.71 24.03
N THR D 83 -5.97 17.87 24.77
CA THR D 83 -6.55 17.25 25.95
C THR D 83 -7.14 18.34 26.82
N GLN D 84 -8.44 18.27 27.12
CA GLN D 84 -9.04 19.30 27.95
C GLN D 84 -9.82 18.62 29.09
N GLN D 85 -10.65 19.40 29.79
CA GLN D 85 -11.11 19.07 31.14
C GLN D 85 -11.94 17.79 31.23
N GLU D 86 -13.03 17.66 30.48
CA GLU D 86 -13.87 16.49 30.68
C GLU D 86 -13.29 15.24 30.05
N ASP D 87 -12.31 15.36 29.17
CA ASP D 87 -11.90 14.16 28.49
C ASP D 87 -11.09 13.44 29.49
N SER D 88 -11.80 12.81 30.39
CA SER D 88 -11.25 12.30 31.63
C SER D 88 -11.91 10.97 32.00
N ALA D 89 -11.67 9.93 31.21
CA ALA D 89 -12.37 8.68 31.42
C ALA D 89 -11.50 7.48 31.13
N VAL D 90 -12.05 6.30 31.36
CA VAL D 90 -11.41 5.04 30.99
C VAL D 90 -11.74 4.78 29.54
N TYR D 91 -10.73 4.47 28.74
CA TYR D 91 -10.95 4.27 27.32
C TYR D 91 -10.72 2.80 26.98
N LEU D 92 -11.77 2.15 26.49
CA LEU D 92 -11.76 0.71 26.31
C LEU D 92 -11.87 0.32 24.84
N CYS D 93 -11.28 -0.81 24.51
CA CYS D 93 -11.14 -1.22 23.12
C CYS D 93 -11.45 -2.70 23.01
N ALA D 94 -12.36 -3.05 22.09
CA ALA D 94 -12.83 -4.42 21.94
C ALA D 94 -12.92 -4.87 20.49
N SER D 95 -12.85 -6.18 20.27
CA SER D 95 -12.84 -6.73 18.91
C SER D 95 -13.69 -8.00 18.74
N SER D 96 -14.53 -7.98 17.71
CA SER D 96 -15.32 -9.14 17.32
C SER D 96 -14.95 -9.46 15.87
N GLN D 97 -14.91 -10.73 15.50
CA GLN D 97 -14.50 -11.01 14.15
C GLN D 97 -15.53 -10.42 13.26
N THR D 98 -15.12 -9.62 12.32
CA THR D 98 -15.97 -9.25 11.22
C THR D 98 -17.10 -8.35 11.61
N GLN D 99 -17.91 -8.86 12.51
CA GLN D 99 -19.33 -8.59 12.53
C GLN D 99 -19.88 -7.94 13.80
N LEU D 100 -20.66 -6.88 13.61
CA LEU D 100 -21.04 -6.05 14.75
C LEU D 100 -21.70 -6.81 15.90
N TRP D 101 -22.76 -7.56 15.60
CA TRP D 101 -23.51 -8.25 16.63
C TRP D 101 -22.66 -9.32 17.30
N GLU D 102 -21.54 -9.68 16.67
CA GLU D 102 -20.72 -10.78 17.15
C GLU D 102 -20.04 -10.47 18.48
N THR D 103 -19.73 -11.54 19.20
CA THR D 103 -19.15 -11.49 20.55
C THR D 103 -17.89 -10.63 20.68
N GLN D 104 -17.95 -9.59 21.51
CA GLN D 104 -16.81 -8.71 21.73
C GLN D 104 -15.88 -9.19 22.85
N TYR D 105 -14.58 -9.03 22.63
CA TYR D 105 -13.58 -9.38 23.63
C TYR D 105 -12.82 -8.10 24.00
N PHE D 106 -12.68 -7.85 25.29
CA PHE D 106 -12.25 -6.52 25.76
C PHE D 106 -10.80 -6.40 26.16
N GLY D 107 -10.23 -5.25 25.84
CA GLY D 107 -8.87 -4.92 26.23
C GLY D 107 -8.73 -4.68 27.72
N PRO D 108 -7.47 -4.61 28.20
CA PRO D 108 -7.14 -4.31 29.59
C PRO D 108 -7.84 -3.06 30.07
N GLY D 109 -7.50 -1.95 29.44
CA GLY D 109 -8.06 -0.66 29.80
C GLY D 109 -6.98 0.41 29.86
N THR D 110 -7.35 1.64 29.51
CA THR D 110 -6.45 2.79 29.68
C THR D 110 -7.15 3.93 30.41
N ARG D 111 -6.74 4.19 31.64
CA ARG D 111 -7.20 5.36 32.35
C ARG D 111 -6.58 6.60 31.74
N LEU D 112 -7.26 7.74 31.86
CA LEU D 112 -6.61 9.01 31.56
C LEU D 112 -7.24 10.14 32.35
N LEU D 113 -6.40 10.97 32.96
CA LEU D 113 -6.92 12.11 33.71
C LEU D 113 -6.35 13.45 33.25
N VAL D 114 -7.26 14.35 32.89
CA VAL D 114 -6.95 15.76 32.71
C VAL D 114 -6.32 16.38 33.95
N LEU D 115 -5.65 17.51 33.74
CA LEU D 115 -5.30 18.44 34.78
C LEU D 115 -4.10 19.21 34.33
N GLU D 116 -3.67 20.17 35.11
CA GLU D 116 -2.34 20.72 35.00
C GLU D 116 -1.93 20.86 36.43
N ASP D 117 -0.64 20.70 36.71
CA ASP D 117 -0.05 20.77 38.04
C ASP D 117 1.07 19.78 38.03
N ASN D 120 -0.33 19.39 41.83
CA ASN D 120 0.63 18.47 42.39
C ASN D 120 0.50 17.08 41.85
N VAL D 121 1.62 16.35 41.75
CA VAL D 121 1.63 14.93 41.47
C VAL D 121 2.84 14.29 42.12
N PHE D 122 2.66 13.15 42.77
CA PHE D 122 3.78 12.48 43.41
C PHE D 122 3.57 11.01 43.63
N PRO D 123 4.66 10.26 43.80
CA PRO D 123 4.63 8.80 43.94
C PRO D 123 4.20 8.38 45.34
N PRO D 124 4.10 7.06 45.59
CA PRO D 124 3.52 6.68 46.88
C PRO D 124 4.51 6.37 48.00
N GLU D 125 3.95 6.32 49.21
CA GLU D 125 4.59 5.63 50.32
C GLU D 125 4.38 4.15 50.07
N VAL D 126 5.30 3.29 50.50
CA VAL D 126 4.97 1.88 50.70
C VAL D 126 5.55 1.42 52.03
N ALA D 127 4.66 1.07 52.95
CA ALA D 127 5.07 0.65 54.28
C ALA D 127 4.39 -0.67 54.63
N VAL D 128 5.19 -1.69 54.87
CA VAL D 128 4.64 -3.00 55.21
C VAL D 128 4.58 -3.21 56.71
N PHE D 129 3.36 -3.28 57.22
CA PHE D 129 3.11 -3.56 58.63
C PHE D 129 3.34 -5.04 58.94
N GLU D 130 3.36 -5.38 60.23
CA GLU D 130 3.55 -6.77 60.65
C GLU D 130 2.68 -7.02 61.90
N PRO D 131 2.09 -8.19 61.93
CA PRO D 131 0.89 -8.56 62.67
C PRO D 131 1.12 -8.91 64.13
N SER D 132 0.11 -9.53 64.77
CA SER D 132 0.02 -9.61 66.22
C SER D 132 0.76 -10.70 66.91
N GLU D 133 1.41 -10.25 67.99
CA GLU D 133 2.01 -11.07 69.02
C GLU D 133 1.15 -12.32 69.22
N ALA D 134 -0.09 -12.10 69.66
CA ALA D 134 -0.99 -13.19 70.00
C ALA D 134 -1.92 -13.70 68.92
N GLU D 135 -2.25 -12.87 67.93
CA GLU D 135 -3.14 -13.29 66.86
C GLU D 135 -2.57 -14.47 66.12
N ILE D 136 -1.28 -14.40 65.79
CA ILE D 136 -0.62 -15.48 65.04
C ILE D 136 -0.72 -16.80 65.78
N SER D 137 -1.03 -16.73 67.07
CA SER D 137 -1.23 -17.93 67.88
C SER D 137 -2.70 -18.12 68.23
N HIS D 138 -3.50 -17.10 67.98
CA HIS D 138 -4.92 -17.20 68.24
C HIS D 138 -5.67 -18.22 67.41
N THR D 139 -5.42 -18.24 66.09
CA THR D 139 -6.16 -19.08 65.14
C THR D 139 -6.13 -20.59 65.02
N GLN D 140 -4.96 -21.21 64.99
CA GLN D 140 -3.72 -20.49 64.79
C GLN D 140 -3.85 -19.80 63.46
N LYS D 141 -3.36 -18.57 63.41
CA LYS D 141 -3.48 -17.75 62.24
C LYS D 141 -2.21 -16.96 62.08
N ALA D 142 -1.95 -16.57 60.86
CA ALA D 142 -0.80 -15.79 60.46
C ALA D 142 -1.49 -14.71 59.65
N THR D 143 -0.81 -13.61 59.34
CA THR D 143 -1.42 -12.55 58.54
C THR D 143 -0.31 -11.61 58.10
N LEU D 144 -0.51 -10.93 56.99
CA LEU D 144 0.46 -9.93 56.56
C LEU D 144 -0.26 -8.75 55.93
N VAL D 145 0.19 -7.55 56.28
CA VAL D 145 -0.45 -6.33 55.82
C VAL D 145 0.52 -5.54 54.94
N CYS D 146 -0.02 -4.62 54.16
CA CYS D 146 0.74 -3.66 53.38
C CYS D 146 -0.03 -2.35 53.38
N LEU D 147 0.62 -1.26 53.03
CA LEU D 147 -0.05 0.04 53.04
C LEU D 147 0.73 1.09 52.25
N ALA D 148 0.06 1.70 51.28
CA ALA D 148 0.69 2.68 50.42
C ALA D 148 -0.12 3.98 50.37
N THR D 149 0.47 5.09 50.79
CA THR D 149 -0.23 6.37 50.81
C THR D 149 0.57 7.52 50.20
N GLY D 150 0.13 8.73 50.51
CA GLY D 150 0.80 9.94 50.05
C GLY D 150 1.14 9.97 48.59
N PHE D 151 0.17 9.65 47.73
CA PHE D 151 0.42 9.65 46.29
C PHE D 151 -0.74 10.23 45.50
N TYR D 152 -0.46 10.54 44.24
CA TYR D 152 -1.39 11.22 43.37
C TYR D 152 -0.82 11.18 41.95
N PRO D 153 -1.61 10.80 40.96
CA PRO D 153 -3.01 10.39 41.06
C PRO D 153 -3.21 8.89 40.91
N ASP D 154 -4.46 8.46 40.85
CA ASP D 154 -4.88 7.08 41.10
C ASP D 154 -4.09 5.97 40.46
N HIS D 155 -3.38 6.27 39.39
CA HIS D 155 -3.02 5.24 38.48
C HIS D 155 -1.89 4.51 39.09
N VAL D 156 -2.26 3.75 40.11
CA VAL D 156 -1.36 2.94 40.91
C VAL D 156 -1.91 1.55 41.03
N GLU D 157 -1.20 0.57 40.50
CA GLU D 157 -1.68 -0.78 40.65
C GLU D 157 -0.66 -1.59 41.43
N LEU D 158 -1.18 -2.54 42.19
CA LEU D 158 -0.39 -3.25 43.16
C LEU D 158 0.14 -4.53 42.61
N SER D 159 1.32 -4.90 43.07
CA SER D 159 1.95 -6.12 42.63
C SER D 159 2.39 -6.89 43.89
N TRP D 160 2.10 -8.16 43.97
CA TRP D 160 2.52 -8.82 45.19
C TRP D 160 3.58 -9.76 44.72
N TRP D 161 4.70 -9.78 45.43
CA TRP D 161 5.81 -10.57 44.99
C TRP D 161 6.27 -11.43 46.13
N VAL D 162 6.71 -12.65 45.83
CA VAL D 162 7.34 -13.38 46.91
C VAL D 162 8.28 -14.37 46.24
N ASN D 163 9.56 -14.31 46.60
CA ASN D 163 10.64 -15.01 45.90
C ASN D 163 10.79 -14.53 44.46
N GLY D 164 10.22 -13.36 44.15
CA GLY D 164 10.25 -12.83 42.81
C GLY D 164 9.05 -13.29 41.99
N LYS D 165 8.48 -14.45 42.35
CA LYS D 165 7.29 -14.94 41.68
C LYS D 165 6.00 -14.46 42.38
N GLU D 166 5.10 -13.90 41.58
CA GLU D 166 3.89 -13.26 42.09
C GLU D 166 2.94 -14.25 42.78
N VAL D 167 2.01 -13.73 43.57
CA VAL D 167 1.02 -14.57 44.21
C VAL D 167 -0.37 -13.92 44.14
N HIS D 168 -1.37 -14.68 43.72
CA HIS D 168 -2.71 -14.14 43.75
C HIS D 168 -3.66 -14.94 44.64
N SER D 169 -3.12 -15.90 45.37
CA SER D 169 -3.98 -16.77 46.15
C SER D 169 -4.75 -16.17 47.31
N GLY D 170 -4.06 -15.46 48.17
CA GLY D 170 -4.66 -15.06 49.41
C GLY D 170 -4.69 -13.58 49.49
N VAL D 171 -4.08 -13.01 48.49
CA VAL D 171 -3.83 -11.58 48.55
C VAL D 171 -5.17 -10.87 48.63
N CYS D 172 -5.14 -9.55 48.74
CA CYS D 172 -6.37 -8.76 48.75
C CYS D 172 -5.89 -7.34 48.49
N THR D 173 -6.55 -6.65 47.58
CA THR D 173 -6.27 -5.24 47.33
C THR D 173 -7.62 -4.58 47.54
N ASP D 174 -7.61 -3.33 47.96
CA ASP D 174 -8.87 -2.61 48.08
C ASP D 174 -9.24 -2.07 46.71
N PRO D 175 -10.55 -2.04 46.40
CA PRO D 175 -11.02 -1.64 45.07
C PRO D 175 -10.95 -0.12 44.84
N GLN D 176 -11.42 0.65 45.82
CA GLN D 176 -11.44 2.10 45.70
C GLN D 176 -10.29 2.72 46.47
N PRO D 177 -9.64 3.75 45.89
CA PRO D 177 -8.61 4.49 46.61
C PRO D 177 -9.22 5.36 47.70
N LEU D 178 -8.35 5.85 48.57
CA LEU D 178 -8.75 6.65 49.68
C LEU D 178 -8.30 8.11 49.54
N LYS D 179 -9.19 8.97 49.04
CA LYS D 179 -8.91 10.40 49.03
C LYS D 179 -8.56 10.83 50.45
N GLU D 180 -7.41 11.49 50.61
CA GLU D 180 -7.09 11.97 51.94
C GLU D 180 -8.00 13.16 52.24
N GLN D 181 -8.30 13.97 51.22
CA GLN D 181 -9.48 14.87 51.26
C GLN D 181 -9.72 15.65 49.97
N PRO D 182 -10.99 15.93 49.67
CA PRO D 182 -12.13 15.24 50.29
C PRO D 182 -12.99 14.52 49.26
N ASN D 185 -10.70 19.29 46.80
CA ASN D 185 -10.85 18.23 45.80
C ASN D 185 -9.51 17.93 45.13
N ASP D 186 -8.43 18.46 45.69
CA ASP D 186 -7.11 18.27 45.09
C ASP D 186 -6.26 17.33 45.94
N SER D 187 -6.76 17.00 47.13
CA SER D 187 -6.04 16.13 48.03
C SER D 187 -5.73 14.79 47.40
N ARG D 188 -4.81 14.04 47.99
CA ARG D 188 -4.29 12.86 47.34
C ARG D 188 -4.69 11.56 48.04
N TYR D 189 -4.10 10.45 47.60
CA TYR D 189 -4.70 9.13 47.80
C TYR D 189 -4.00 8.24 48.82
N ALA D 190 -4.51 7.00 48.94
CA ALA D 190 -4.04 6.02 49.92
C ALA D 190 -4.67 4.66 49.69
N LEU D 191 -3.87 3.59 49.78
CA LEU D 191 -4.38 2.23 49.56
C LEU D 191 -3.84 1.23 50.58
N SER D 192 -4.52 0.09 50.71
CA SER D 192 -4.15 -0.92 51.70
C SER D 192 -4.42 -2.36 51.28
N SER D 193 -3.37 -3.11 50.98
CA SER D 193 -3.55 -4.52 50.66
C SER D 193 -3.12 -5.42 51.80
N ARG D 194 -3.84 -6.52 51.98
CA ARG D 194 -3.53 -7.47 53.02
C ARG D 194 -2.96 -8.73 52.43
N LEU D 195 -2.76 -9.73 53.29
CA LEU D 195 -2.37 -11.07 52.89
C LEU D 195 -2.66 -11.95 54.10
N ARG D 196 -2.78 -13.26 53.91
CA ARG D 196 -2.76 -14.23 55.00
C ARG D 196 -1.85 -15.37 54.59
N VAL D 197 -1.00 -15.84 55.49
CA VAL D 197 -0.16 -16.98 55.11
C VAL D 197 -0.09 -17.96 56.28
N SER D 198 0.12 -19.24 56.04
CA SER D 198 0.14 -20.05 57.26
C SER D 198 1.29 -19.57 58.15
N ALA D 199 1.37 -20.08 59.38
CA ALA D 199 2.29 -19.48 60.36
C ALA D 199 3.67 -20.13 60.37
N THR D 200 3.72 -21.45 60.23
CA THR D 200 5.00 -22.13 60.10
C THR D 200 5.75 -21.54 58.92
N PHE D 201 4.97 -21.16 57.90
CA PHE D 201 5.47 -20.47 56.72
C PHE D 201 6.28 -19.21 56.99
N TRP D 202 6.05 -18.56 58.14
CA TRP D 202 6.63 -17.24 58.36
C TRP D 202 7.97 -17.33 59.07
N GLN D 203 8.27 -18.50 59.60
CA GLN D 203 9.59 -18.76 60.16
C GLN D 203 10.62 -18.83 59.06
N ARG D 206 12.65 -18.33 56.71
CA ARG D 206 13.25 -17.02 56.64
C ARG D 206 13.16 -16.46 55.23
N ASN D 207 11.93 -16.22 54.79
CA ASN D 207 11.60 -15.84 53.42
C ASN D 207 11.21 -14.34 53.26
N HIS D 208 11.02 -13.91 52.00
CA HIS D 208 10.82 -12.49 51.71
C HIS D 208 9.54 -12.21 50.91
N PHE D 209 8.60 -11.55 51.59
CA PHE D 209 7.25 -11.31 51.09
C PHE D 209 7.06 -9.85 50.68
N ARG D 210 7.27 -9.65 49.39
CA ARG D 210 7.31 -8.36 48.73
C ARG D 210 5.94 -7.64 48.52
N CYS D 211 5.74 -6.44 49.06
CA CYS D 211 4.58 -5.64 48.65
C CYS D 211 5.01 -4.52 47.73
N GLN D 212 5.13 -4.84 46.45
CA GLN D 212 5.68 -3.88 45.52
C GLN D 212 4.52 -3.18 44.83
N VAL D 213 4.69 -1.91 44.47
CA VAL D 213 3.56 -1.07 44.08
C VAL D 213 3.93 -0.19 42.90
N GLN D 214 3.15 -0.28 41.83
CA GLN D 214 3.48 0.45 40.61
C GLN D 214 2.78 1.80 40.54
N PHE D 215 3.58 2.86 40.45
CA PHE D 215 3.06 4.20 40.22
C PHE D 215 3.42 4.64 38.81
N TYR D 216 2.44 5.15 38.08
CA TYR D 216 2.68 5.59 36.72
C TYR D 216 2.91 7.10 36.68
N GLY D 217 4.17 7.50 36.59
CA GLY D 217 4.52 8.90 36.51
C GLY D 217 4.70 9.35 35.08
N LEU D 218 5.94 9.70 34.74
CA LEU D 218 6.35 10.01 33.38
C LEU D 218 7.84 9.71 33.28
N SER D 219 8.22 8.61 32.63
CA SER D 219 9.62 8.20 32.58
C SER D 219 10.26 8.53 31.23
N GLU D 220 9.45 8.92 30.26
CA GLU D 220 9.97 9.79 29.21
C GLU D 220 9.57 11.19 29.65
N ASN D 221 10.58 11.96 30.00
CA ASN D 221 10.39 13.24 30.67
C ASN D 221 9.40 14.12 29.91
N ASP D 222 8.49 14.69 30.68
CA ASP D 222 7.60 15.73 30.20
C ASP D 222 7.94 16.90 31.07
N GLU D 223 7.13 17.95 31.04
CA GLU D 223 7.56 19.22 31.58
C GLU D 223 7.93 19.07 33.04
N TRP D 224 9.00 19.74 33.45
CA TRP D 224 9.42 19.78 34.85
C TRP D 224 10.13 21.08 35.18
N ALA D 229 10.67 14.34 43.74
CA ALA D 229 10.16 15.45 42.97
C ALA D 229 10.21 15.17 41.47
N LYS D 230 10.61 13.96 41.09
CA LYS D 230 10.82 13.72 39.67
C LYS D 230 9.57 13.81 38.80
N PRO D 231 8.38 13.09 39.09
CA PRO D 231 8.52 11.69 39.52
C PRO D 231 8.10 10.72 38.39
N VAL D 232 8.69 9.53 38.27
CA VAL D 232 8.66 8.73 37.04
C VAL D 232 8.08 7.33 37.25
N THR D 233 7.95 6.55 36.19
CA THR D 233 7.38 5.27 36.41
C THR D 233 8.39 4.72 37.36
N GLN D 234 7.89 4.32 38.50
CA GLN D 234 8.66 3.73 39.59
C GLN D 234 7.98 2.48 40.15
N ILE D 235 8.77 1.54 40.67
CA ILE D 235 8.25 0.54 41.58
C ILE D 235 8.97 0.79 42.90
N VAL D 236 8.20 0.90 43.98
CA VAL D 236 8.79 1.11 45.29
C VAL D 236 8.31 0.02 46.24
N SER D 237 9.17 -0.52 47.06
CA SER D 237 8.69 -1.65 47.83
C SER D 237 9.26 -1.82 49.20
N ALA D 238 8.30 -2.09 50.08
CA ALA D 238 8.54 -2.26 51.50
C ALA D 238 8.60 -3.75 51.80
N GLU D 239 9.57 -4.20 52.60
CA GLU D 239 9.66 -5.65 52.79
C GLU D 239 9.53 -6.15 54.21
N ALA D 240 8.88 -7.29 54.29
CA ALA D 240 8.54 -7.99 55.54
C ALA D 240 9.33 -9.28 55.73
N TRP D 241 9.59 -9.61 56.99
CA TRP D 241 10.24 -10.87 57.32
C TRP D 241 9.42 -11.68 58.31
N ASN E 1 -40.53 -1.98 6.21
CA ASN E 1 -39.58 -2.29 7.26
C ASN E 1 -38.37 -3.04 6.73
N LEU E 2 -37.27 -2.32 6.49
CA LEU E 2 -36.01 -2.97 6.12
C LEU E 2 -35.56 -3.91 7.23
N VAL E 3 -34.64 -4.82 6.91
CA VAL E 3 -34.04 -5.62 7.96
C VAL E 3 -33.24 -4.65 8.81
N PRO E 4 -33.40 -4.73 10.13
CA PRO E 4 -32.76 -3.78 11.07
C PRO E 4 -31.27 -3.57 10.81
N MET E 5 -30.57 -4.62 10.46
CA MET E 5 -29.22 -4.45 9.99
C MET E 5 -28.67 -5.68 9.29
N VAL E 6 -27.82 -5.48 8.31
CA VAL E 6 -27.24 -6.59 7.55
C VAL E 6 -25.81 -6.86 7.94
N ALA E 7 -25.18 -7.77 7.22
CA ALA E 7 -23.77 -8.08 7.44
C ALA E 7 -22.90 -7.31 6.46
N THR E 8 -21.63 -7.69 6.39
CA THR E 8 -20.73 -7.26 5.34
C THR E 8 -19.87 -8.43 4.95
N VAL E 9 -19.00 -8.24 3.98
CA VAL E 9 -18.13 -9.31 3.55
C VAL E 9 -16.81 -9.28 4.31
N SER F 3 -16.19 42.99 29.76
CA SER F 3 -16.99 43.35 28.60
C SER F 3 -16.93 42.24 27.56
N HIS F 4 -17.64 41.15 27.85
CA HIS F 4 -17.60 39.94 27.05
C HIS F 4 -18.55 40.01 25.85
N SER F 5 -18.47 39.02 24.97
CA SER F 5 -19.20 39.07 23.70
C SER F 5 -19.56 37.69 23.15
N MET F 6 -20.73 37.60 22.53
CA MET F 6 -21.16 36.41 21.79
C MET F 6 -21.29 36.74 20.32
N ARG F 7 -20.64 35.97 19.45
CA ARG F 7 -20.55 36.35 18.04
C ARG F 7 -20.82 35.17 17.11
N TYR F 8 -21.49 35.42 15.98
CA TYR F 8 -21.87 34.33 15.08
C TYR F 8 -21.49 34.60 13.62
N PHE F 9 -20.44 33.95 13.16
CA PHE F 9 -19.81 34.30 11.90
C PHE F 9 -20.26 33.41 10.74
N PHE F 10 -20.97 34.00 9.77
CA PHE F 10 -21.51 33.25 8.63
C PHE F 10 -20.95 33.71 7.29
N THR F 11 -20.56 32.76 6.45
CA THR F 11 -20.28 33.04 5.04
C THR F 11 -20.90 31.98 4.14
N SER F 12 -21.34 32.39 2.96
CA SER F 12 -21.78 31.46 1.94
C SER F 12 -21.20 31.87 0.59
N VAL F 13 -20.48 30.96 -0.05
CA VAL F 13 -19.96 31.23 -1.38
C VAL F 13 -20.72 30.41 -2.41
N SER F 14 -21.16 31.08 -3.46
CA SER F 14 -21.86 30.40 -4.53
C SER F 14 -20.86 29.55 -5.29
N ARG F 15 -21.24 28.33 -5.60
CA ARG F 15 -20.50 27.54 -6.56
C ARG F 15 -21.45 27.09 -7.65
N PRO F 16 -21.53 27.88 -8.73
CA PRO F 16 -22.36 27.60 -9.89
C PRO F 16 -21.78 26.43 -10.68
N GLY F 17 -21.97 25.22 -10.18
CA GLY F 17 -21.40 24.06 -10.81
C GLY F 17 -22.40 23.00 -11.25
N ARG F 18 -22.51 21.88 -10.56
CA ARG F 18 -21.58 21.46 -9.54
C ARG F 18 -21.77 22.09 -8.16
N GLY F 19 -22.82 22.88 -7.99
CA GLY F 19 -22.94 23.61 -6.75
C GLY F 19 -24.13 23.41 -5.87
N GLU F 20 -23.86 23.07 -4.61
CA GLU F 20 -24.76 23.29 -3.51
C GLU F 20 -24.01 24.31 -2.71
N PRO F 21 -24.42 25.54 -2.83
CA PRO F 21 -23.62 26.66 -2.30
C PRO F 21 -23.10 26.38 -0.89
N ARG F 22 -21.78 26.41 -0.72
CA ARG F 22 -21.20 26.14 0.59
C ARG F 22 -21.47 27.31 1.52
N PHE F 23 -22.25 27.03 2.55
CA PHE F 23 -22.52 27.98 3.62
C PHE F 23 -21.76 27.50 4.86
N ILE F 24 -21.09 28.41 5.56
CA ILE F 24 -20.40 28.00 6.78
C ILE F 24 -20.74 28.88 7.97
N ALA F 25 -21.22 28.23 9.02
CA ALA F 25 -21.54 28.89 10.27
C ALA F 25 -20.47 28.57 11.30
N VAL F 26 -20.18 29.55 12.15
CA VAL F 26 -19.17 29.41 13.20
C VAL F 26 -19.40 30.52 14.23
N GLY F 27 -19.10 30.26 15.49
CA GLY F 27 -19.44 31.22 16.54
C GLY F 27 -18.45 31.49 17.66
N TYR F 28 -17.95 32.71 17.67
CA TYR F 28 -17.11 33.23 18.73
C TYR F 28 -17.93 33.56 20.00
N VAL F 29 -17.46 33.16 21.18
CA VAL F 29 -17.83 33.88 22.39
C VAL F 29 -16.55 34.54 22.90
N ASP F 30 -16.57 35.85 22.98
CA ASP F 30 -15.33 36.52 23.18
C ASP F 30 -14.54 36.08 21.98
N ASP F 31 -13.33 35.59 22.18
CA ASP F 31 -12.45 35.24 21.08
C ASP F 31 -12.30 33.74 20.91
N THR F 32 -13.22 32.98 21.46
CA THR F 32 -13.14 31.50 21.43
C THR F 32 -14.45 30.77 20.99
N GLN F 33 -14.32 29.72 20.16
CA GLN F 33 -15.55 29.05 19.65
C GLN F 33 -16.17 27.93 20.48
N PHE F 34 -17.47 27.85 20.30
CA PHE F 34 -18.30 26.87 20.96
C PHE F 34 -19.18 26.17 19.92
N VAL F 35 -19.29 26.76 18.73
CA VAL F 35 -20.05 26.13 17.65
C VAL F 35 -19.40 26.13 16.26
N ARG F 36 -19.95 25.28 15.39
CA ARG F 36 -19.55 25.14 13.99
C ARG F 36 -20.71 24.66 13.12
N PHE F 37 -20.73 25.06 11.85
CA PHE F 37 -21.53 24.37 10.84
C PHE F 37 -20.93 24.54 9.44
N ASP F 38 -20.30 23.49 8.93
CA ASP F 38 -19.86 23.50 7.54
C ASP F 38 -20.94 22.83 6.71
N SER F 39 -21.23 23.39 5.54
CA SER F 39 -22.22 22.80 4.64
C SER F 39 -21.81 21.37 4.33
N ASP F 40 -20.59 21.24 3.83
CA ASP F 40 -20.07 19.97 3.35
C ASP F 40 -19.62 19.07 4.50
N ALA F 41 -19.89 19.50 5.73
CA ALA F 41 -19.58 18.68 6.89
C ALA F 41 -20.45 17.44 6.86
N ALA F 42 -19.86 16.30 7.22
CA ALA F 42 -20.55 15.03 7.29
C ALA F 42 -21.89 15.14 8.01
N SER F 43 -21.82 15.60 9.25
CA SER F 43 -22.99 15.64 10.13
C SER F 43 -24.16 16.45 9.60
N GLN F 44 -23.87 17.65 9.09
CA GLN F 44 -24.86 18.71 8.93
C GLN F 44 -25.59 18.91 10.26
N ARG F 45 -24.84 18.65 11.32
CA ARG F 45 -25.22 18.95 12.69
C ARG F 45 -24.88 20.40 12.99
N MET F 46 -25.44 20.93 14.06
CA MET F 46 -24.77 22.00 14.77
C MET F 46 -23.80 21.28 15.69
N GLU F 47 -22.59 21.80 15.86
CA GLU F 47 -21.54 21.05 16.56
C GLU F 47 -20.78 21.82 17.62
N PRO F 48 -20.47 21.16 18.75
CA PRO F 48 -19.55 21.66 19.79
C PRO F 48 -18.05 21.61 19.47
N ARG F 49 -17.38 22.76 19.41
CA ARG F 49 -15.92 22.81 19.37
C ARG F 49 -15.31 23.19 20.74
N ALA F 50 -16.18 23.35 21.73
CA ALA F 50 -15.76 23.67 23.09
C ALA F 50 -16.51 22.76 24.06
N PRO F 51 -15.76 22.07 24.94
CA PRO F 51 -16.25 21.04 25.85
C PRO F 51 -17.25 21.51 26.91
N TRP F 52 -17.51 22.80 27.01
CA TRP F 52 -18.41 23.32 28.04
C TRP F 52 -19.83 23.57 27.52
N ILE F 53 -20.08 23.28 26.24
CA ILE F 53 -21.44 23.38 25.69
C ILE F 53 -21.98 22.03 25.23
N GLU F 54 -21.24 20.97 25.51
CA GLU F 54 -21.74 19.61 25.34
C GLU F 54 -23.06 19.43 26.09
N GLN F 55 -23.21 20.20 27.16
CA GLN F 55 -24.28 20.04 28.16
C GLN F 55 -25.59 20.54 27.60
N GLU F 56 -25.60 21.76 27.10
CA GLU F 56 -26.79 22.28 26.45
C GLU F 56 -26.95 21.60 25.08
N GLY F 57 -26.13 20.59 24.85
CA GLY F 57 -26.31 19.61 23.80
C GLY F 57 -27.71 19.16 23.39
N PRO F 58 -28.44 18.50 24.24
CA PRO F 58 -29.40 17.49 23.83
C PRO F 58 -30.45 17.94 22.83
N GLU F 59 -31.07 19.11 22.97
CA GLU F 59 -31.98 19.60 21.93
C GLU F 59 -31.45 20.88 21.31
N TYR F 60 -30.75 21.64 22.12
CA TYR F 60 -30.27 22.95 21.67
C TYR F 60 -29.41 22.80 20.41
N TRP F 61 -28.78 21.63 20.23
CA TRP F 61 -28.27 21.26 18.91
C TRP F 61 -29.43 20.98 17.98
N ASP F 62 -30.34 20.10 18.43
CA ASP F 62 -31.56 19.78 17.67
C ASP F 62 -32.31 21.07 17.35
N GLY F 63 -32.19 22.04 18.25
CA GLY F 63 -32.82 23.33 18.09
C GLY F 63 -32.03 24.27 17.19
N GLU F 64 -30.71 24.27 17.30
CA GLU F 64 -29.88 25.16 16.48
C GLU F 64 -29.84 24.71 15.04
N THR F 65 -29.77 23.39 14.89
CA THR F 65 -29.61 22.76 13.59
C THR F 65 -30.77 23.24 12.71
N ARG F 66 -31.97 23.32 13.30
CA ARG F 66 -33.11 23.96 12.66
C ARG F 66 -32.81 25.37 12.16
N LYS F 67 -32.15 26.15 13.00
CA LYS F 67 -31.94 27.57 12.76
C LYS F 67 -30.76 27.85 11.86
N VAL F 68 -29.69 27.07 12.02
CA VAL F 68 -28.48 27.31 11.27
C VAL F 68 -28.67 27.12 9.76
N LYS F 69 -29.30 26.03 9.33
CA LYS F 69 -29.55 25.86 7.89
C LYS F 69 -30.59 26.86 7.42
N ALA F 70 -31.51 27.22 8.31
CA ALA F 70 -32.53 28.21 7.98
C ALA F 70 -31.86 29.45 7.42
N HIS F 71 -30.69 29.78 7.95
CA HIS F 71 -29.85 30.84 7.40
C HIS F 71 -29.26 30.44 6.04
N SER F 72 -28.83 29.20 5.91
CA SER F 72 -28.12 28.76 4.72
C SER F 72 -28.96 28.94 3.46
N GLN F 73 -30.19 28.43 3.51
CA GLN F 73 -31.12 28.60 2.42
C GLN F 73 -31.48 30.08 2.33
N THR F 74 -31.58 30.73 3.48
CA THR F 74 -31.81 32.16 3.52
C THR F 74 -30.67 32.86 2.77
N HIS F 75 -29.46 32.33 2.90
CA HIS F 75 -28.34 32.82 2.12
C HIS F 75 -28.48 32.50 0.63
N ARG F 76 -28.93 31.28 0.33
CA ARG F 76 -29.01 30.84 -1.06
C ARG F 76 -29.89 31.79 -1.84
N VAL F 77 -31.00 32.19 -1.23
CA VAL F 77 -31.91 33.14 -1.85
C VAL F 77 -31.16 34.45 -2.07
N ASP F 78 -30.42 34.88 -1.06
CA ASP F 78 -29.61 36.07 -1.15
C ASP F 78 -28.63 35.97 -2.31
N LEU F 79 -27.83 34.92 -2.29
CA LEU F 79 -26.85 34.64 -3.34
C LEU F 79 -27.46 34.81 -4.73
N GLY F 80 -28.70 34.38 -4.86
CA GLY F 80 -29.44 34.53 -6.11
C GLY F 80 -30.10 35.89 -6.23
N THR F 81 -30.80 36.31 -5.18
CA THR F 81 -31.44 37.62 -5.15
C THR F 81 -30.42 38.67 -5.55
N LEU F 82 -29.29 38.68 -4.83
CA LEU F 82 -28.23 39.65 -5.05
C LEU F 82 -27.71 39.62 -6.48
N ARG F 83 -27.44 38.42 -6.99
CA ARG F 83 -27.07 38.16 -8.39
C ARG F 83 -28.00 38.88 -9.33
N GLY F 84 -29.28 38.80 -8.99
CA GLY F 84 -30.32 39.47 -9.73
C GLY F 84 -30.01 40.94 -9.72
N TYR F 85 -29.84 41.49 -8.51
CA TYR F 85 -29.57 42.92 -8.33
C TYR F 85 -28.37 43.47 -9.11
N TYR F 86 -27.39 42.62 -9.39
CA TYR F 86 -26.11 43.11 -9.90
C TYR F 86 -25.85 42.79 -11.36
N ASN F 87 -26.84 42.19 -12.02
CA ASN F 87 -26.72 41.83 -13.43
C ASN F 87 -25.39 41.11 -13.72
N GLN F 88 -25.13 40.05 -12.97
CA GLN F 88 -23.91 39.26 -13.12
C GLN F 88 -24.30 37.85 -13.57
N SER F 89 -23.37 37.08 -14.13
CA SER F 89 -23.70 35.83 -14.81
C SER F 89 -23.94 34.64 -13.87
N GLU F 90 -24.53 33.57 -14.40
CA GLU F 90 -24.77 32.35 -13.63
C GLU F 90 -23.44 31.74 -13.18
N ALA F 91 -22.49 31.62 -14.11
CA ALA F 91 -21.19 31.03 -13.80
C ALA F 91 -20.29 32.01 -13.02
N GLY F 92 -20.75 32.42 -11.85
CA GLY F 92 -19.96 33.29 -11.00
C GLY F 92 -19.95 32.82 -9.56
N SER F 93 -18.75 32.54 -9.05
CA SER F 93 -18.58 31.97 -7.72
C SER F 93 -18.45 33.03 -6.63
N HIS F 94 -19.54 33.76 -6.42
CA HIS F 94 -19.56 34.90 -5.55
C HIS F 94 -19.94 34.48 -4.15
N THR F 95 -19.80 35.41 -3.21
CA THR F 95 -19.85 35.04 -1.81
C THR F 95 -20.99 35.77 -1.14
N VAL F 96 -21.15 35.52 0.15
CA VAL F 96 -22.07 36.28 1.00
C VAL F 96 -21.54 36.17 2.41
N GLN F 97 -21.55 37.26 3.16
CA GLN F 97 -21.24 37.23 4.61
C GLN F 97 -22.28 37.99 5.45
N ARG F 98 -22.69 37.45 6.61
CA ARG F 98 -23.54 38.17 7.60
C ARG F 98 -22.84 37.90 8.91
N MET F 99 -22.68 38.89 9.80
CA MET F 99 -22.04 38.70 11.13
C MET F 99 -23.04 39.34 12.11
N TYR F 100 -23.39 38.73 13.25
CA TYR F 100 -24.33 39.39 14.20
C TYR F 100 -24.09 39.10 15.71
N GLY F 101 -24.59 39.89 16.68
CA GLY F 101 -24.37 39.51 18.06
C GLY F 101 -24.62 40.62 19.05
N CYS F 102 -24.45 40.30 20.33
CA CYS F 102 -24.52 41.30 21.38
C CYS F 102 -23.25 41.27 22.23
N ASP F 103 -22.81 42.44 22.68
CA ASP F 103 -21.70 42.54 23.61
C ASP F 103 -22.22 43.12 24.92
N VAL F 104 -21.61 42.72 26.04
CA VAL F 104 -22.08 43.17 27.34
C VAL F 104 -21.05 44.02 28.07
N GLY F 105 -21.51 44.96 28.88
CA GLY F 105 -20.63 45.71 29.77
C GLY F 105 -20.11 44.74 30.82
N SER F 106 -19.16 45.18 31.61
CA SER F 106 -18.51 44.26 32.49
C SER F 106 -19.16 44.13 33.84
N ASP F 107 -20.33 44.73 33.98
CA ASP F 107 -21.34 44.15 34.82
C ASP F 107 -22.38 43.79 33.81
N TRP F 108 -22.71 42.53 33.70
CA TRP F 108 -23.32 42.07 32.48
C TRP F 108 -24.65 42.75 32.30
N ARG F 109 -24.79 43.40 31.16
CA ARG F 109 -26.01 44.05 30.71
C ARG F 109 -25.87 44.35 29.24
N PHE F 110 -26.99 44.62 28.56
CA PHE F 110 -26.91 44.95 27.16
C PHE F 110 -26.03 46.18 26.97
N LEU F 111 -25.14 46.12 25.99
CA LEU F 111 -24.27 47.24 25.69
C LEU F 111 -24.43 47.66 24.24
N ARG F 112 -24.13 46.75 23.32
CA ARG F 112 -24.17 47.08 21.90
C ARG F 112 -24.89 46.04 21.07
N GLY F 113 -25.47 46.51 19.97
CA GLY F 113 -26.12 45.64 19.01
C GLY F 113 -25.53 45.84 17.63
N TYR F 114 -24.70 44.89 17.21
CA TYR F 114 -24.14 44.91 15.87
C TYR F 114 -24.80 43.81 15.04
N HIS F 115 -25.15 44.14 13.80
CA HIS F 115 -25.60 43.14 12.83
C HIS F 115 -25.28 43.65 11.45
N GLN F 116 -24.15 43.21 10.92
CA GLN F 116 -23.63 43.74 9.68
C GLN F 116 -23.50 42.68 8.62
N TYR F 117 -23.54 43.11 7.36
CA TYR F 117 -23.62 42.23 6.23
C TYR F 117 -22.78 42.69 5.07
N ALA F 118 -22.33 41.77 4.24
CA ALA F 118 -21.66 42.15 3.00
C ALA F 118 -21.84 41.12 1.89
N TYR F 119 -21.98 41.63 0.67
CA TYR F 119 -21.97 40.80 -0.52
C TYR F 119 -20.64 41.00 -1.25
N ASP F 120 -19.82 39.96 -1.24
CA ASP F 120 -18.53 39.96 -1.94
C ASP F 120 -17.57 41.04 -1.44
N GLY F 121 -17.22 40.98 -0.17
CA GLY F 121 -16.27 41.91 0.40
C GLY F 121 -16.82 43.30 0.62
N LYS F 122 -17.23 43.97 -0.46
CA LYS F 122 -17.72 45.35 -0.36
C LYS F 122 -18.93 45.45 0.57
N ASP F 123 -18.98 46.53 1.34
CA ASP F 123 -20.03 46.72 2.32
C ASP F 123 -21.39 46.83 1.65
N TYR F 124 -22.32 46.00 2.10
CA TYR F 124 -23.66 46.08 1.56
C TYR F 124 -24.54 46.90 2.50
N ILE F 125 -25.05 46.28 3.56
CA ILE F 125 -25.84 47.05 4.53
C ILE F 125 -25.55 46.70 5.99
N ALA F 126 -25.48 47.76 6.80
CA ALA F 126 -25.15 47.66 8.22
C ALA F 126 -26.28 48.17 9.11
N LEU F 127 -26.61 47.42 10.14
CA LEU F 127 -27.55 47.89 11.14
C LEU F 127 -26.88 48.96 11.97
N LYS F 128 -27.26 50.22 11.77
CA LYS F 128 -26.81 51.31 12.62
C LYS F 128 -27.08 50.95 14.08
N GLU F 129 -26.18 51.32 14.98
CA GLU F 129 -26.30 50.96 16.40
C GLU F 129 -27.63 51.40 17.00
N ASP F 130 -28.35 52.23 16.26
CA ASP F 130 -29.73 52.62 16.54
C ASP F 130 -30.61 51.45 16.95
N LEU F 131 -30.57 50.41 16.12
CA LEU F 131 -31.56 49.33 16.09
C LEU F 131 -32.89 49.92 15.61
N ARG F 132 -32.81 51.00 14.84
CA ARG F 132 -33.99 51.67 14.33
C ARG F 132 -33.84 52.03 12.85
N SER F 133 -32.58 52.12 12.40
CA SER F 133 -32.25 52.46 11.02
C SER F 133 -31.14 51.63 10.37
N TRP F 134 -31.27 51.45 9.08
CA TRP F 134 -30.40 50.60 8.31
C TRP F 134 -29.56 51.49 7.46
N THR F 135 -28.30 51.11 7.26
CA THR F 135 -27.33 51.95 6.57
C THR F 135 -27.00 51.31 5.23
N ALA F 136 -27.07 52.12 4.18
CA ALA F 136 -26.95 51.59 2.84
C ALA F 136 -25.72 52.08 2.11
N ALA F 137 -24.93 51.19 1.54
CA ALA F 137 -23.70 51.68 0.92
C ALA F 137 -23.92 52.01 -0.56
N ASP F 138 -24.81 51.25 -1.20
CA ASP F 138 -25.08 51.38 -2.64
C ASP F 138 -26.58 51.57 -2.91
N MET F 139 -26.96 51.50 -4.18
CA MET F 139 -28.36 51.58 -4.59
C MET F 139 -28.99 50.19 -4.55
N ALA F 140 -28.20 49.17 -4.85
CA ALA F 140 -28.63 47.78 -4.63
C ALA F 140 -28.87 47.61 -3.14
N ALA F 141 -28.09 48.34 -2.35
CA ALA F 141 -28.30 48.41 -0.92
C ALA F 141 -29.60 49.12 -0.58
N GLN F 142 -29.96 50.16 -1.35
CA GLN F 142 -31.17 50.95 -1.08
C GLN F 142 -32.41 50.07 -1.00
N THR F 143 -32.52 49.13 -1.93
CA THR F 143 -33.75 48.37 -2.04
C THR F 143 -33.96 47.47 -0.82
N THR F 144 -32.91 46.77 -0.38
CA THR F 144 -33.06 45.91 0.78
C THR F 144 -33.19 46.76 2.05
N LYS F 145 -32.65 47.98 2.01
CA LYS F 145 -32.87 48.93 3.10
C LYS F 145 -34.35 49.16 3.30
N HIS F 146 -35.08 49.41 2.22
CA HIS F 146 -36.51 49.76 2.35
C HIS F 146 -37.38 48.58 2.74
N LYS F 147 -37.04 47.40 2.24
CA LYS F 147 -37.77 46.19 2.60
C LYS F 147 -37.71 45.98 4.11
N TRP F 148 -36.50 45.88 4.65
CA TRP F 148 -36.29 45.62 6.08
C TRP F 148 -36.94 46.70 6.92
N GLU F 149 -36.97 47.88 6.36
CA GLU F 149 -37.68 48.95 6.99
C GLU F 149 -39.16 48.71 7.01
N ALA F 150 -39.73 48.36 5.85
CA ALA F 150 -41.15 48.07 5.71
C ALA F 150 -41.53 46.74 6.37
N ALA F 151 -40.52 46.01 6.83
CA ALA F 151 -40.74 44.73 7.49
C ALA F 151 -40.48 44.81 9.01
N HIS F 152 -40.07 45.98 9.48
CA HIS F 152 -39.75 46.22 10.89
C HIS F 152 -38.70 45.23 11.42
N VAL F 153 -37.73 44.91 10.56
CA VAL F 153 -36.67 43.98 10.94
C VAL F 153 -35.79 44.58 12.04
N ALA F 154 -35.75 45.91 12.08
CA ALA F 154 -35.11 46.65 13.16
C ALA F 154 -35.53 46.10 14.52
N GLU F 155 -36.82 46.25 14.83
CA GLU F 155 -37.36 45.79 16.09
C GLU F 155 -37.23 44.28 16.26
N GLN F 156 -37.29 43.56 15.14
CA GLN F 156 -37.30 42.11 15.20
C GLN F 156 -35.95 41.59 15.65
N LEU F 157 -34.92 42.27 15.20
CA LEU F 157 -33.57 41.92 15.59
C LEU F 157 -33.27 42.44 16.97
N ARG F 158 -33.90 43.56 17.33
CA ARG F 158 -33.66 44.21 18.62
C ARG F 158 -33.97 43.23 19.75
N ALA F 159 -35.16 42.65 19.73
CA ALA F 159 -35.66 41.87 20.84
C ALA F 159 -34.73 40.70 21.11
N TYR F 160 -34.04 40.31 20.05
CA TYR F 160 -33.12 39.22 20.13
C TYR F 160 -31.95 39.63 20.93
N LEU F 161 -31.42 40.81 20.63
CA LEU F 161 -30.15 41.14 21.24
C LEU F 161 -30.48 41.31 22.68
N GLU F 162 -31.45 42.14 22.90
CA GLU F 162 -31.59 42.80 24.14
C GLU F 162 -31.79 41.77 25.20
N GLY F 163 -32.45 40.69 24.85
CA GLY F 163 -32.66 39.63 25.82
C GLY F 163 -31.89 38.35 25.52
N THR F 164 -32.25 37.61 24.47
CA THR F 164 -31.73 36.23 24.29
C THR F 164 -30.22 36.06 24.06
N CYS F 165 -29.67 36.88 23.18
CA CYS F 165 -28.25 37.09 23.00
C CYS F 165 -27.62 37.18 24.39
N VAL F 166 -27.93 38.27 25.07
CA VAL F 166 -27.41 38.59 26.39
C VAL F 166 -27.64 37.48 27.43
N GLU F 167 -28.86 36.96 27.51
CA GLU F 167 -29.18 36.02 28.59
C GLU F 167 -28.64 34.61 28.34
N TRP F 168 -28.40 34.23 27.08
CA TRP F 168 -27.73 32.97 26.83
C TRP F 168 -26.25 33.16 27.05
N LEU F 169 -25.82 34.42 26.98
CA LEU F 169 -24.43 34.75 27.23
C LEU F 169 -24.13 34.60 28.72
N ARG F 170 -25.11 34.91 29.55
CA ARG F 170 -24.99 34.64 30.99
C ARG F 170 -24.56 33.20 31.25
N ARG F 171 -25.32 32.26 30.68
CA ARG F 171 -25.13 30.84 30.99
C ARG F 171 -23.95 30.23 30.24
N TYR F 172 -23.55 30.82 29.12
CA TYR F 172 -22.33 30.41 28.45
C TYR F 172 -21.13 30.88 29.26
N LEU F 173 -21.30 32.03 29.90
CA LEU F 173 -20.33 32.46 30.88
C LEU F 173 -20.56 31.75 32.21
N GLU F 174 -21.61 30.96 32.31
CA GLU F 174 -21.86 30.24 33.57
C GLU F 174 -21.04 28.95 33.67
N ASN F 175 -20.52 28.49 32.55
CA ASN F 175 -19.40 27.55 32.54
C ASN F 175 -18.35 28.10 31.61
N LYS F 177 -16.82 30.09 33.35
CA LYS F 177 -16.05 30.27 34.55
C LYS F 177 -14.72 29.57 34.39
N GLU F 178 -14.79 28.33 33.92
CA GLU F 178 -13.62 27.49 33.70
C GLU F 178 -12.64 27.89 32.59
N THR F 179 -13.16 28.25 31.43
CA THR F 179 -12.30 28.54 30.27
C THR F 179 -12.40 29.98 29.79
N LEU F 180 -13.62 30.42 29.46
CA LEU F 180 -13.88 31.83 29.17
C LEU F 180 -13.63 33.11 29.96
N GLN F 181 -13.87 33.07 31.26
CA GLN F 181 -13.58 34.22 32.13
C GLN F 181 -12.16 34.09 32.63
N ARG F 182 -11.28 33.74 31.70
CA ARG F 182 -9.89 33.41 31.98
C ARG F 182 -8.96 34.41 31.32
N THR F 183 -7.87 34.74 32.01
CA THR F 183 -6.86 35.63 31.46
C THR F 183 -5.48 35.06 31.72
N ASP F 184 -5.00 34.23 30.81
CA ASP F 184 -3.67 33.67 30.96
C ASP F 184 -2.65 34.58 30.28
N ALA F 185 -2.06 35.48 31.06
CA ALA F 185 -1.06 36.45 30.61
C ALA F 185 0.03 35.90 29.71
N PRO F 186 0.56 36.73 28.82
CA PRO F 186 1.45 36.25 27.78
C PRO F 186 2.83 36.08 28.30
N LYS F 187 3.57 35.07 27.85
CA LYS F 187 4.89 34.75 28.39
C LYS F 187 6.02 35.12 27.44
N THR F 188 6.98 35.84 27.97
CA THR F 188 7.79 36.88 27.31
C THR F 188 9.11 36.22 26.96
N HIS F 189 9.41 36.05 25.68
CA HIS F 189 10.64 35.36 25.27
C HIS F 189 11.49 36.46 24.58
N MET F 190 12.77 36.58 24.90
CA MET F 190 13.61 37.54 24.16
C MET F 190 14.71 36.87 23.36
N THR F 191 14.74 37.09 22.03
CA THR F 191 15.83 36.48 21.22
C THR F 191 16.39 37.59 20.31
N HIS F 192 17.72 37.74 20.23
CA HIS F 192 18.32 38.77 19.37
C HIS F 192 19.08 38.19 18.15
N HIS F 193 18.73 38.63 16.92
CA HIS F 193 19.21 38.05 15.64
C HIS F 193 20.26 38.93 14.97
N ALA F 194 21.41 38.32 14.68
CA ALA F 194 22.56 39.06 14.18
C ALA F 194 22.64 38.94 12.66
N VAL F 195 22.31 40.06 12.00
CA VAL F 195 22.35 40.46 10.60
C VAL F 195 23.66 41.23 10.43
N SER F 196 24.47 41.08 11.47
CA SER F 196 25.62 41.91 11.81
C SER F 196 26.81 41.54 10.88
N ASP F 197 27.97 42.23 10.94
CA ASP F 197 28.45 43.04 12.07
C ASP F 197 28.20 44.55 12.03
N HIS F 198 27.33 45.02 11.13
CA HIS F 198 26.98 46.43 11.12
C HIS F 198 25.96 46.76 12.20
N GLU F 199 24.86 46.00 12.23
CA GLU F 199 23.74 46.29 13.13
C GLU F 199 23.15 45.00 13.73
N ALA F 200 22.05 45.10 14.46
CA ALA F 200 21.45 43.94 15.14
C ALA F 200 19.94 44.03 15.28
N THR F 201 19.31 42.90 15.58
CA THR F 201 17.86 42.82 15.68
C THR F 201 17.48 42.30 17.00
N LEU F 202 16.47 42.85 17.63
CA LEU F 202 15.99 42.22 18.83
C LEU F 202 14.57 41.85 18.60
N ARG F 203 14.17 40.61 18.91
CA ARG F 203 12.79 40.20 18.69
C ARG F 203 12.18 39.92 20.07
N CYS F 204 10.95 40.35 20.27
CA CYS F 204 10.29 40.27 21.55
C CYS F 204 9.13 39.34 21.36
N TRP F 205 8.99 38.35 22.22
CA TRP F 205 8.00 37.33 22.01
C TRP F 205 6.93 37.29 23.05
N ALA F 206 5.67 37.23 22.65
CA ALA F 206 4.66 37.09 23.69
C ALA F 206 3.81 35.89 23.28
N LEU F 207 3.83 34.83 24.07
CA LEU F 207 3.24 33.57 23.64
C LEU F 207 2.12 33.08 24.57
N SER F 208 1.20 32.30 24.01
CA SER F 208 0.09 31.70 24.75
C SER F 208 -0.62 32.68 25.70
N PHE F 209 -1.26 33.69 25.14
CA PHE F 209 -2.02 34.66 25.94
C PHE F 209 -3.47 34.75 25.50
N TYR F 210 -4.37 34.79 26.46
CA TYR F 210 -5.78 35.03 26.16
C TYR F 210 -6.26 36.14 27.09
N PRO F 211 -7.05 37.10 26.56
CA PRO F 211 -7.62 37.17 25.20
C PRO F 211 -6.67 37.65 24.09
N ALA F 212 -7.28 37.94 22.95
CA ALA F 212 -6.57 38.36 21.75
C ALA F 212 -5.81 39.65 21.95
N GLU F 213 -6.50 40.62 22.54
CA GLU F 213 -6.02 41.99 22.59
C GLU F 213 -4.72 42.13 23.35
N ILE F 214 -3.64 42.36 22.62
CA ILE F 214 -2.35 42.68 23.23
C ILE F 214 -1.65 43.72 22.37
N THR F 215 -0.86 44.56 23.01
CA THR F 215 -0.13 45.60 22.30
C THR F 215 1.24 45.84 22.93
N LEU F 216 2.19 44.98 22.60
CA LEU F 216 3.55 45.17 23.04
C LEU F 216 4.22 46.26 22.21
N THR F 217 5.05 47.07 22.85
CA THR F 217 5.66 48.21 22.19
C THR F 217 7.16 48.37 22.50
N TRP F 218 7.90 48.85 21.50
CA TRP F 218 9.33 49.14 21.61
C TRP F 218 9.62 50.60 21.94
N GLN F 219 10.55 50.81 22.88
CA GLN F 219 11.27 52.07 22.98
C GLN F 219 12.70 51.81 23.43
N ARG F 220 13.61 52.71 23.06
CA ARG F 220 14.89 52.82 23.74
C ARG F 220 15.02 54.22 24.35
N ASP F 221 15.62 54.26 25.55
CA ASP F 221 15.84 55.49 26.33
C ASP F 221 14.51 56.13 26.75
N GLY F 222 13.44 55.35 26.69
CA GLY F 222 12.12 55.83 27.07
C GLY F 222 11.52 56.74 26.01
N GLU F 223 11.81 56.48 24.75
CA GLU F 223 11.12 57.14 23.67
C GLU F 223 10.63 55.96 22.89
N ASP F 224 9.33 55.88 22.63
CA ASP F 224 8.81 54.72 21.97
C ASP F 224 9.31 54.82 20.56
N GLN F 225 9.90 53.74 20.09
CA GLN F 225 10.48 53.79 18.78
C GLN F 225 9.66 52.99 17.83
N THR F 226 9.13 53.69 16.85
CA THR F 226 8.46 53.12 15.71
C THR F 226 9.12 53.70 14.47
N GLN F 227 8.65 53.28 13.30
CA GLN F 227 9.26 53.62 12.02
C GLN F 227 10.63 52.96 11.87
N ASP F 228 10.92 52.03 12.78
CA ASP F 228 12.02 51.08 12.64
C ASP F 228 11.63 49.84 13.41
N THR F 229 10.33 49.68 13.60
CA THR F 229 9.80 48.49 14.21
C THR F 229 8.96 47.73 13.20
N GLU F 230 9.17 46.43 13.10
CA GLU F 230 8.35 45.61 12.24
C GLU F 230 7.30 45.01 13.13
N LEU F 231 6.04 45.17 12.77
CA LEU F 231 4.96 44.68 13.58
C LEU F 231 4.20 43.59 12.87
N VAL F 232 4.20 42.41 13.47
CA VAL F 232 3.51 41.28 12.89
C VAL F 232 2.05 41.26 13.32
N GLU F 233 1.16 40.73 12.47
CA GLU F 233 -0.25 40.68 12.80
C GLU F 233 -0.51 39.51 13.76
N THR F 234 -1.19 39.81 14.87
CA THR F 234 -1.32 38.92 16.03
C THR F 234 -1.75 37.49 15.67
N ARG F 235 -0.84 36.54 15.84
CA ARG F 235 -1.09 35.16 15.43
C ARG F 235 -1.68 34.30 16.55
N PRO F 236 -2.44 33.25 16.17
CA PRO F 236 -3.02 32.28 17.10
C PRO F 236 -2.31 30.92 17.10
N ALA F 237 -2.25 30.28 18.27
CA ALA F 237 -1.87 28.87 18.39
C ALA F 237 -2.07 28.39 19.82
N GLY F 238 -2.60 27.17 19.98
CA GLY F 238 -2.84 26.60 21.29
C GLY F 238 -4.23 26.01 21.37
N THR F 241 -5.45 30.83 22.96
CA THR F 241 -4.17 31.50 23.18
C THR F 241 -3.54 31.93 21.87
N PHE F 242 -3.08 33.18 21.83
CA PHE F 242 -2.52 33.74 20.60
C PHE F 242 -1.05 34.10 20.81
N GLN F 243 -0.38 34.56 19.75
CA GLN F 243 1.02 34.95 19.82
C GLN F 243 1.26 36.25 19.09
N LYS F 244 2.38 36.91 19.42
CA LYS F 244 2.80 38.14 18.76
C LYS F 244 4.30 38.38 18.94
N TRP F 245 4.96 38.88 17.91
CA TRP F 245 6.32 39.37 18.06
C TRP F 245 6.57 40.70 17.38
N ALA F 246 7.63 41.38 17.81
CA ALA F 246 8.02 42.64 17.20
C ALA F 246 9.53 42.77 17.14
N ALA F 247 10.03 43.19 15.98
CA ALA F 247 11.46 43.28 15.75
C ALA F 247 11.89 44.74 15.66
N VAL F 248 13.19 44.97 15.84
CA VAL F 248 13.73 46.31 15.70
C VAL F 248 15.21 46.27 15.37
N VAL F 249 15.63 47.18 14.49
CA VAL F 249 17.02 47.31 14.07
C VAL F 249 17.86 48.11 15.08
N VAL F 250 18.99 47.55 15.48
CA VAL F 250 19.82 48.13 16.53
C VAL F 250 21.31 48.03 16.20
N PRO F 251 22.01 49.17 16.17
CA PRO F 251 23.47 49.12 16.03
C PRO F 251 24.09 48.47 17.25
N SER F 252 24.92 47.45 17.03
CA SER F 252 25.45 46.65 18.12
C SER F 252 26.29 47.49 19.05
N GLY F 253 26.30 47.13 20.32
CA GLY F 253 26.94 47.91 21.35
C GLY F 253 25.87 48.62 22.16
N GLN F 254 24.72 48.83 21.54
CA GLN F 254 23.62 49.51 22.20
C GLN F 254 22.49 48.55 22.57
N GLU F 255 22.86 47.32 22.91
CA GLU F 255 21.88 46.31 23.28
C GLU F 255 21.09 46.70 24.51
N GLN F 256 21.80 47.21 25.51
CA GLN F 256 21.20 47.45 26.82
C GLN F 256 20.34 48.72 26.81
N ARG F 257 20.50 49.51 25.75
CA ARG F 257 19.74 50.74 25.57
C ARG F 257 18.24 50.47 25.43
N TYR F 258 17.91 49.36 24.76
CA TYR F 258 16.57 49.09 24.26
C TYR F 258 15.74 48.23 25.23
N THR F 259 14.45 48.54 25.31
CA THR F 259 13.56 47.95 26.30
C THR F 259 12.25 47.48 25.67
N CYS F 260 11.82 46.26 26.00
CA CYS F 260 10.53 45.77 25.52
C CYS F 260 9.42 45.99 26.53
N HIS F 261 8.22 46.29 26.05
CA HIS F 261 7.08 46.60 26.91
C HIS F 261 5.81 45.84 26.51
N VAL F 262 5.42 44.85 27.31
CA VAL F 262 4.22 44.05 27.02
C VAL F 262 3.03 44.46 27.86
N GLN F 263 2.09 45.19 27.26
CA GLN F 263 0.87 45.60 27.94
C GLN F 263 -0.23 44.57 27.75
N HIS F 264 -0.58 43.87 28.84
CA HIS F 264 -1.65 42.88 28.78
C HIS F 264 -2.60 43.11 29.94
N GLU F 265 -3.74 42.42 29.94
CA GLU F 265 -4.80 42.69 30.90
C GLU F 265 -4.69 41.71 32.06
N GLY F 266 -4.08 40.56 31.79
CA GLY F 266 -3.74 39.60 32.83
C GLY F 266 -2.48 40.04 33.55
N LEU F 267 -1.89 41.12 33.08
CA LEU F 267 -0.70 41.61 33.70
C LEU F 267 -1.01 42.92 34.32
N PRO F 268 -0.83 42.96 35.70
CA PRO F 268 -1.25 44.22 36.30
C PRO F 268 -0.46 45.44 35.85
N LYS F 269 0.86 45.36 35.79
CA LYS F 269 1.63 46.44 35.23
C LYS F 269 2.44 45.85 34.12
N PRO F 270 2.37 46.44 32.95
CA PRO F 270 3.07 45.80 31.83
C PRO F 270 4.51 45.42 32.19
N LEU F 271 4.98 44.30 31.67
CA LEU F 271 6.28 43.77 32.05
C LEU F 271 7.40 44.23 31.12
N THR F 272 8.48 44.73 31.72
CA THR F 272 9.60 45.29 30.98
C THR F 272 10.70 44.27 30.69
N LEU F 273 10.97 44.02 29.41
CA LEU F 273 11.98 43.03 29.00
C LEU F 273 13.27 43.61 28.43
N ARG F 274 14.39 43.26 29.05
CA ARG F 274 15.70 43.65 28.56
C ARG F 274 16.56 42.41 28.30
N TRP F 275 17.49 42.56 27.36
CA TRP F 275 18.33 41.45 26.94
C TRP F 275 19.13 40.84 28.09
N ILE G 2 -12.02 44.09 -6.65
CA ILE G 2 -12.57 43.41 -5.48
C ILE G 2 -11.65 42.29 -5.03
N GLN G 3 -10.40 42.35 -5.48
CA GLN G 3 -9.40 41.34 -5.15
C GLN G 3 -8.58 41.76 -3.92
N ARG G 4 -8.58 40.94 -2.88
CA ARG G 4 -7.74 41.21 -1.72
C ARG G 4 -6.70 40.11 -1.49
N THR G 5 -5.48 40.38 -1.96
CA THR G 5 -4.34 39.48 -1.79
C THR G 5 -4.16 39.02 -0.33
N PRO G 6 -3.92 37.72 -0.14
CA PRO G 6 -3.81 37.15 1.22
C PRO G 6 -2.55 37.60 1.92
N LYS G 7 -2.35 37.12 3.14
CA LYS G 7 -1.16 37.45 3.91
C LYS G 7 -0.82 36.27 4.80
N ILE G 8 0.27 35.59 4.48
CA ILE G 8 0.59 34.31 5.09
C ILE G 8 1.84 34.37 5.99
N GLN G 9 1.81 33.73 7.17
CA GLN G 9 2.98 33.82 8.03
C GLN G 9 3.20 32.44 8.65
N VAL G 10 4.29 31.81 8.25
CA VAL G 10 4.60 30.45 8.67
C VAL G 10 5.35 30.42 9.98
N TYR G 11 4.76 29.83 11.01
CA TYR G 11 5.38 29.85 12.32
C TYR G 11 5.25 28.57 13.11
N SER G 12 6.10 28.43 14.12
CA SER G 12 6.26 27.16 14.83
C SER G 12 5.22 26.91 15.92
N ARG G 13 4.60 27.97 16.43
CA ARG G 13 3.61 27.85 17.52
C ARG G 13 4.20 27.29 18.82
N HIS G 14 5.49 27.00 18.80
CA HIS G 14 6.18 26.49 19.97
C HIS G 14 7.67 26.82 19.87
N PRO G 15 8.30 27.15 21.01
CA PRO G 15 9.75 27.35 21.00
C PRO G 15 10.44 26.11 20.48
N ALA G 16 11.05 26.22 19.31
CA ALA G 16 11.46 25.04 18.55
C ALA G 16 12.86 24.52 18.89
N GLU G 17 12.90 23.40 19.60
CA GLU G 17 14.10 22.59 19.69
C GLU G 17 13.93 21.41 18.75
N ASN G 18 14.82 21.29 17.77
CA ASN G 18 14.66 20.26 16.76
C ASN G 18 15.08 18.90 17.27
N GLY G 19 14.18 17.94 17.21
CA GLY G 19 14.10 16.92 18.22
C GLY G 19 13.01 17.27 19.21
N LYS G 20 12.16 18.21 18.83
CA LYS G 20 11.04 18.65 19.63
C LYS G 20 9.68 18.22 19.08
N SER G 21 8.81 17.71 19.93
CA SER G 21 7.50 17.31 19.48
C SER G 21 6.69 18.56 19.44
N ASN G 22 6.41 19.00 18.23
CA ASN G 22 5.90 20.34 17.96
C ASN G 22 4.76 20.27 16.96
N PHE G 23 4.08 21.39 16.76
CA PHE G 23 3.13 21.45 15.71
C PHE G 23 3.58 22.60 14.91
N LEU G 24 3.41 22.49 13.61
CA LEU G 24 3.86 23.54 12.74
C LEU G 24 2.65 24.06 12.06
N ASN G 25 2.55 25.38 12.05
CA ASN G 25 1.35 26.06 11.57
C ASN G 25 1.59 27.02 10.45
N CYS G 26 0.51 27.36 9.81
CA CYS G 26 0.50 28.27 8.69
C CYS G 26 -0.73 29.13 8.89
N TYR G 27 -0.58 30.44 8.76
CA TYR G 27 -1.68 31.35 9.06
C TYR G 27 -1.88 32.33 7.92
N VAL G 28 -2.64 31.91 6.92
CA VAL G 28 -3.03 32.82 5.86
C VAL G 28 -4.11 33.75 6.39
N SER G 29 -4.09 34.99 5.93
CA SER G 29 -5.04 35.96 6.45
C SER G 29 -5.24 37.12 5.48
N GLY G 30 -6.45 37.69 5.48
CA GLY G 30 -6.71 38.87 4.69
C GLY G 30 -6.89 38.62 3.20
N PHE G 31 -7.59 37.54 2.86
CA PHE G 31 -7.85 37.26 1.44
C PHE G 31 -9.34 37.28 1.11
N HIS G 32 -9.63 37.44 -0.18
CA HIS G 32 -11.00 37.48 -0.69
C HIS G 32 -10.99 37.50 -2.22
N PRO G 33 -11.86 36.70 -2.87
CA PRO G 33 -12.92 35.82 -2.36
C PRO G 33 -12.42 34.57 -1.64
N SER G 34 -13.35 33.75 -1.17
CA SER G 34 -13.04 32.72 -0.18
C SER G 34 -12.13 31.58 -0.64
N ASP G 35 -12.31 31.08 -1.86
CA ASP G 35 -11.60 29.87 -2.25
C ASP G 35 -10.08 30.07 -2.35
N ILE G 36 -9.40 29.27 -1.53
CA ILE G 36 -7.95 29.18 -1.47
C ILE G 36 -7.65 27.78 -0.98
N GLU G 37 -6.65 27.13 -1.54
CA GLU G 37 -6.20 25.86 -0.99
C GLU G 37 -4.69 25.82 -0.94
N VAL G 38 -4.19 25.12 0.08
CA VAL G 38 -2.81 25.26 0.54
C VAL G 38 -2.36 23.97 1.21
N ASP G 39 -1.09 23.60 1.04
CA ASP G 39 -0.55 22.50 1.82
C ASP G 39 0.75 22.90 2.50
N LEU G 40 1.11 22.13 3.51
CA LEU G 40 2.37 22.31 4.21
C LEU G 40 3.39 21.39 3.56
N LEU G 41 4.68 21.72 3.70
CA LEU G 41 5.69 20.98 2.98
C LEU G 41 6.69 20.28 3.89
N LYS G 42 7.49 19.38 3.31
CA LYS G 42 8.65 18.80 3.96
C LYS G 42 9.73 18.62 2.91
N ASN G 43 10.66 19.56 2.86
CA ASN G 43 11.73 19.60 1.85
C ASN G 43 11.19 19.77 0.43
N GLY G 44 9.86 19.84 0.30
CA GLY G 44 9.22 20.10 -0.98
C GLY G 44 8.09 19.16 -1.37
N GLU G 45 7.40 18.59 -0.39
CA GLU G 45 6.31 17.64 -0.70
C GLU G 45 5.05 17.81 0.15
N ARG G 46 3.90 17.80 -0.52
CA ARG G 46 2.59 17.93 0.12
C ARG G 46 2.32 16.81 1.11
N ILE G 47 2.30 17.16 2.40
CA ILE G 47 1.94 16.22 3.46
C ILE G 47 0.41 16.11 3.48
N GLU G 48 -0.12 15.01 4.02
CA GLU G 48 -1.56 14.76 3.95
C GLU G 48 -2.27 14.68 5.31
N LYS G 49 -1.51 14.57 6.40
CA LYS G 49 -2.13 14.50 7.73
C LYS G 49 -2.52 15.89 8.24
N VAL G 50 -2.51 16.87 7.32
CA VAL G 50 -2.84 18.25 7.64
C VAL G 50 -4.23 18.38 8.27
N GLU G 51 -4.43 19.45 9.01
CA GLU G 51 -5.75 19.82 9.48
C GLU G 51 -6.06 21.23 8.99
N HIS G 52 -7.16 21.81 9.46
CA HIS G 52 -7.43 23.22 9.23
C HIS G 52 -8.44 23.76 10.23
N SER G 53 -8.77 25.04 10.09
CA SER G 53 -9.74 25.68 10.97
C SER G 53 -11.06 25.82 10.25
N ASP G 54 -12.03 26.39 10.94
CA ASP G 54 -13.33 26.66 10.33
C ASP G 54 -13.40 28.09 9.89
N LEU G 55 -13.77 28.28 8.63
CA LEU G 55 -13.71 29.60 8.04
C LEU G 55 -14.46 30.63 8.87
N SER G 56 -13.72 31.62 9.34
CA SER G 56 -14.31 32.79 9.95
C SER G 56 -13.63 34.01 9.34
N PHE G 57 -13.93 35.19 9.83
CA PHE G 57 -13.36 36.42 9.26
C PHE G 57 -13.40 37.56 10.26
N SER G 58 -12.72 38.66 9.96
CA SER G 58 -12.26 39.59 10.99
C SER G 58 -12.91 40.98 10.91
N LYS G 59 -14.14 41.05 10.43
CA LYS G 59 -14.84 42.33 10.40
C LYS G 59 -13.92 43.31 9.67
N ASP G 60 -13.14 42.73 8.76
CA ASP G 60 -12.49 43.39 7.64
C ASP G 60 -13.24 42.93 6.39
N TRP G 61 -14.19 42.03 6.61
CA TRP G 61 -14.83 41.23 5.58
C TRP G 61 -13.75 40.46 4.84
N SER G 62 -12.75 39.97 5.56
CA SER G 62 -11.69 39.23 4.91
C SER G 62 -11.22 38.07 5.78
N PHE G 63 -11.25 36.88 5.20
CA PHE G 63 -11.23 35.63 5.96
C PHE G 63 -9.84 35.05 6.15
N TYR G 64 -9.67 34.33 7.26
CA TYR G 64 -8.40 33.73 7.60
C TYR G 64 -8.56 32.26 7.98
N LEU G 65 -7.57 31.45 7.62
CA LEU G 65 -7.58 30.05 8.01
C LEU G 65 -6.24 29.63 8.61
N LEU G 66 -6.29 28.67 9.52
CA LEU G 66 -5.10 28.12 10.14
C LEU G 66 -4.88 26.70 9.64
N TYR G 67 -3.63 26.28 9.49
CA TYR G 67 -3.31 24.90 9.11
C TYR G 67 -2.12 24.38 9.88
N TYR G 68 -2.27 23.24 10.54
CA TYR G 68 -1.13 22.66 11.24
C TYR G 68 -1.06 21.15 11.09
N THR G 69 -0.28 20.53 11.97
CA THR G 69 0.05 19.11 11.86
C THR G 69 0.88 18.71 13.06
N GLU G 70 1.34 17.47 13.06
CA GLU G 70 2.35 17.04 14.01
C GLU G 70 3.72 17.23 13.36
N PHE G 71 4.73 17.51 14.18
CA PHE G 71 5.98 18.07 13.67
C PHE G 71 7.21 17.75 14.51
N THR G 72 8.19 17.06 13.94
CA THR G 72 9.39 16.74 14.71
C THR G 72 10.78 17.09 14.12
N PRO G 73 11.07 16.64 12.91
CA PRO G 73 12.43 16.65 12.38
C PRO G 73 13.17 17.96 12.56
N ASP G 77 14.58 19.74 9.64
CA ASP G 77 14.77 20.03 8.23
C ASP G 77 14.16 21.36 7.80
N GLU G 78 13.90 21.51 6.50
CA GLU G 78 13.30 22.70 5.86
C GLU G 78 11.79 22.46 5.67
N TYR G 79 10.94 23.31 6.27
CA TYR G 79 9.48 23.23 6.24
C TYR G 79 9.03 24.58 5.62
N ALA G 80 8.01 24.61 4.76
CA ALA G 80 7.56 25.83 4.07
C ALA G 80 6.02 25.73 3.93
N CYS G 81 5.39 26.77 3.39
CA CYS G 81 3.97 26.74 3.09
C CYS G 81 3.80 27.15 1.64
N ARG G 82 3.04 26.35 0.89
CA ARG G 82 2.75 26.69 -0.48
C ARG G 82 1.28 27.07 -0.57
N VAL G 83 1.01 28.27 -1.06
CA VAL G 83 -0.38 28.73 -1.13
C VAL G 83 -0.82 29.05 -2.53
N ASN G 84 -2.12 28.92 -2.77
CA ASN G 84 -2.73 29.26 -4.04
C ASN G 84 -3.89 30.21 -3.88
N HIS G 85 -3.84 31.36 -4.55
CA HIS G 85 -4.96 32.28 -4.58
C HIS G 85 -5.06 32.94 -5.95
N VAL G 86 -6.29 33.31 -6.32
CA VAL G 86 -6.63 33.77 -7.66
C VAL G 86 -5.82 34.96 -8.17
N THR G 87 -5.35 35.82 -7.28
CA THR G 87 -4.72 37.06 -7.74
C THR G 87 -3.21 37.02 -7.43
N LEU G 88 -2.76 35.95 -6.79
CA LEU G 88 -1.36 35.58 -6.97
C LEU G 88 -1.21 35.22 -8.44
N SER G 89 -0.14 35.66 -9.09
CA SER G 89 0.06 35.29 -10.48
C SER G 89 0.80 33.97 -10.55
N GLN G 90 1.11 33.43 -9.37
CA GLN G 90 1.62 32.07 -9.20
C GLN G 90 1.68 31.75 -7.71
N PRO G 91 1.66 30.44 -7.35
CA PRO G 91 1.80 29.98 -5.97
C PRO G 91 2.95 30.64 -5.22
N LYS G 92 2.67 31.27 -4.09
CA LYS G 92 3.73 31.97 -3.35
C LYS G 92 4.51 31.01 -2.46
N ILE G 93 5.70 31.46 -2.05
CA ILE G 93 6.52 30.71 -1.12
C ILE G 93 6.80 31.54 0.15
N VAL G 94 6.57 30.94 1.30
CA VAL G 94 6.97 31.58 2.55
C VAL G 94 7.68 30.56 3.43
N LYS G 95 9.02 30.68 3.40
CA LYS G 95 9.91 29.83 4.16
C LYS G 95 9.62 29.93 5.64
N TRP G 96 9.89 28.86 6.35
CA TRP G 96 9.79 28.90 7.81
C TRP G 96 11.15 29.14 8.44
N ASP G 97 11.34 30.35 8.97
CA ASP G 97 12.50 30.64 9.80
C ASP G 97 12.12 30.30 11.24
N ARG G 98 12.87 29.37 11.84
CA ARG G 98 12.57 28.88 13.19
C ARG G 98 12.52 30.02 14.20
N ASP G 99 13.06 31.17 13.82
CA ASP G 99 13.08 32.35 14.66
C ASP G 99 12.27 33.52 14.07
N MET G 100 11.13 33.20 13.46
CA MET G 100 10.21 34.22 12.92
C MET G 100 8.76 33.74 12.96
N LEU H 3 -45.06 21.27 14.25
CA LEU H 3 -45.72 21.73 15.46
C LEU H 3 -44.68 21.49 16.59
N ASN H 4 -44.93 21.70 17.89
CA ASN H 4 -46.21 21.85 18.58
C ASN H 4 -46.68 23.28 18.83
N VAL H 5 -47.82 23.64 18.25
CA VAL H 5 -48.55 24.83 18.67
C VAL H 5 -50.03 24.45 18.85
N GLU H 6 -50.60 24.81 20.00
CA GLU H 6 -51.95 24.42 20.35
C GLU H 6 -52.91 25.61 20.38
N GLN H 7 -53.95 25.55 19.57
CA GLN H 7 -54.95 26.61 19.56
C GLN H 7 -56.27 26.13 20.13
N SER H 8 -56.93 27.01 20.86
CA SER H 8 -58.19 26.69 21.50
C SER H 8 -58.98 27.97 21.73
N PRO H 9 -60.31 27.85 21.83
CA PRO H 9 -61.13 26.67 21.59
C PRO H 9 -61.71 26.67 20.18
N GLN H 10 -61.73 25.52 19.50
CA GLN H 10 -62.17 25.50 18.11
C GLN H 10 -63.66 25.86 17.96
N SER H 11 -64.47 25.60 18.99
CA SER H 11 -65.89 25.90 18.88
C SER H 11 -66.29 27.02 19.83
N LEU H 12 -66.68 28.15 19.26
CA LEU H 12 -67.21 29.27 20.01
C LEU H 12 -68.68 29.49 19.69
N HIS H 13 -69.39 30.22 20.55
CA HIS H 13 -70.82 30.47 20.37
C HIS H 13 -71.25 31.71 21.15
N VAL H 14 -71.31 32.86 20.49
CA VAL H 14 -71.56 34.10 21.22
C VAL H 14 -72.89 34.78 20.90
N GLN H 15 -73.62 35.15 21.96
CA GLN H 15 -74.74 36.06 21.80
C GLN H 15 -74.22 37.35 21.17
N GLU H 16 -74.83 37.76 20.06
CA GLU H 16 -74.39 38.96 19.34
C GLU H 16 -74.17 40.14 20.30
N GLY H 17 -72.95 40.64 20.31
CA GLY H 17 -72.59 41.74 21.19
C GLY H 17 -71.69 41.33 22.34
N ASP H 18 -71.81 40.08 22.76
CA ASP H 18 -71.04 39.58 23.90
C ASP H 18 -69.63 39.16 23.50
N SER H 19 -68.67 39.61 24.29
CA SER H 19 -67.25 39.55 23.95
C SER H 19 -66.56 38.23 24.32
N THR H 20 -65.45 37.93 23.63
CA THR H 20 -64.76 36.66 23.84
C THR H 20 -63.27 36.71 23.48
N ASN H 21 -62.52 35.72 23.98
CA ASN H 21 -61.08 35.66 23.79
C ASN H 21 -60.58 34.30 23.28
N PHE H 22 -59.50 34.33 22.50
CA PHE H 22 -58.95 33.11 21.92
C PHE H 22 -57.54 32.85 22.47
N THR H 23 -56.85 31.84 21.95
CA THR H 23 -55.59 31.39 22.55
C THR H 23 -54.75 30.52 21.63
N CYS H 24 -53.47 30.85 21.51
CA CYS H 24 -52.49 29.93 20.94
C CYS H 24 -51.38 29.66 21.95
N SER H 25 -51.31 28.43 22.46
CA SER H 25 -50.17 28.05 23.29
C SER H 25 -49.02 27.66 22.36
N PHE H 26 -47.88 28.32 22.49
CA PHE H 26 -46.73 28.01 21.64
C PHE H 26 -45.47 27.84 22.47
N PRO H 27 -44.38 27.33 21.86
CA PRO H 27 -43.14 27.17 22.63
C PRO H 27 -42.37 28.49 22.82
N SER H 28 -41.99 28.78 24.05
CA SER H 28 -41.27 29.99 24.40
C SER H 28 -39.95 30.12 23.64
N SER H 29 -39.30 28.99 23.42
CA SER H 29 -37.95 28.96 22.88
C SER H 29 -37.92 29.13 21.36
N ASN H 30 -36.94 29.90 20.90
CA ASN H 30 -36.68 30.11 19.48
C ASN H 30 -37.87 30.69 18.73
N PHE H 31 -38.80 31.27 19.50
CA PHE H 31 -39.90 32.03 18.96
C PHE H 31 -39.39 33.16 18.08
N TYR H 32 -40.11 33.47 17.02
CA TYR H 32 -39.73 34.60 16.19
C TYR H 32 -40.91 35.51 15.91
N ALA H 33 -42.04 34.93 15.54
CA ALA H 33 -43.25 35.71 15.25
C ALA H 33 -44.54 34.93 15.52
N LEU H 34 -45.67 35.59 15.36
CA LEU H 34 -46.99 34.96 15.44
C LEU H 34 -47.86 35.39 14.25
N HIS H 35 -48.97 34.70 14.04
CA HIS H 35 -49.90 35.10 12.98
C HIS H 35 -51.34 34.69 13.32
N TRP H 36 -52.27 35.54 12.92
CA TRP H 36 -53.64 35.50 13.42
C TRP H 36 -54.62 35.84 12.32
N TYR H 37 -55.42 34.88 11.88
CA TYR H 37 -56.14 35.05 10.61
C TYR H 37 -57.66 34.93 10.66
N ARG H 38 -58.32 35.49 9.64
CA ARG H 38 -59.77 35.42 9.53
C ARG H 38 -60.16 34.73 8.21
N TRP H 39 -60.66 33.50 8.34
CA TRP H 39 -61.11 32.70 7.21
C TRP H 39 -62.62 32.58 7.34
N GLU H 40 -63.32 33.55 6.75
CA GLU H 40 -64.75 33.44 6.60
C GLU H 40 -64.97 32.22 5.72
N THR H 41 -65.79 31.28 6.20
CA THR H 41 -65.93 29.96 5.58
C THR H 41 -66.18 30.01 4.07
N ALA H 42 -66.67 31.14 3.58
CA ALA H 42 -66.98 31.28 2.18
C ALA H 42 -66.04 32.20 1.42
N LYS H 43 -65.22 32.97 2.14
CA LYS H 43 -64.46 34.06 1.53
C LYS H 43 -62.96 33.99 1.72
N SER H 44 -62.26 34.84 0.98
CA SER H 44 -60.82 34.84 0.98
C SER H 44 -60.28 35.10 2.38
N PRO H 45 -59.28 34.21 2.82
CA PRO H 45 -58.89 34.42 4.22
C PRO H 45 -57.88 35.53 4.50
N GLU H 46 -58.41 36.74 4.63
CA GLU H 46 -57.66 37.97 4.94
C GLU H 46 -56.71 37.76 6.11
N ALA H 47 -55.57 38.39 6.05
CA ALA H 47 -54.62 38.28 7.11
C ALA H 47 -55.27 39.09 8.16
N LEU H 48 -54.85 38.94 9.41
CA LEU H 48 -55.36 39.82 10.43
C LEU H 48 -54.35 40.57 11.27
N PHE H 49 -53.47 39.83 11.92
CA PHE H 49 -52.57 40.45 12.85
C PHE H 49 -51.19 39.88 12.68
N VAL H 50 -50.18 40.60 13.13
CA VAL H 50 -48.86 40.01 12.95
C VAL H 50 -47.98 40.34 14.16
N MET H 51 -48.25 39.67 15.27
CA MET H 51 -47.50 39.89 16.50
C MET H 51 -46.02 39.58 16.28
N THR H 52 -45.15 40.52 16.65
CA THR H 52 -43.74 40.42 16.34
C THR H 52 -42.82 40.59 17.55
N LEU H 53 -43.30 41.23 18.62
CA LEU H 53 -42.48 41.48 19.83
C LEU H 53 -43.25 41.09 21.07
N ASN H 54 -42.58 40.69 22.15
CA ASN H 54 -43.30 40.05 23.23
C ASN H 54 -44.33 40.92 23.90
N GLY H 55 -43.97 42.11 24.32
CA GLY H 55 -44.80 42.78 25.30
C GLY H 55 -46.19 43.19 24.86
N ASP H 56 -46.23 43.84 23.73
CA ASP H 56 -47.22 44.87 23.42
C ASP H 56 -48.30 44.47 22.42
N GLU H 57 -49.32 45.33 22.34
CA GLU H 57 -50.63 45.00 21.77
C GLU H 57 -51.04 45.89 20.59
N LYS H 58 -51.65 45.29 19.59
CA LYS H 58 -52.17 46.01 18.43
C LYS H 58 -53.66 45.68 18.25
N LYS H 59 -54.47 46.70 17.96
CA LYS H 59 -55.90 46.45 17.74
C LYS H 59 -56.44 47.12 16.48
N LYS H 60 -57.42 46.48 15.87
CA LYS H 60 -58.30 47.12 14.92
C LYS H 60 -59.74 46.81 15.25
N GLY H 61 -60.63 47.75 15.01
CA GLY H 61 -62.03 47.50 15.27
C GLY H 61 -62.17 47.11 16.70
N ARG H 62 -62.76 45.96 16.94
CA ARG H 62 -62.91 45.41 18.26
C ARG H 62 -62.01 44.22 18.43
N ILE H 63 -61.10 44.00 17.50
CA ILE H 63 -60.38 42.73 17.49
C ILE H 63 -58.96 42.95 18.04
N SER H 64 -58.41 42.02 18.82
CA SER H 64 -57.10 42.31 19.43
C SER H 64 -56.18 41.15 19.79
N ALA H 65 -54.88 41.31 19.49
CA ALA H 65 -53.88 40.33 19.88
C ALA H 65 -52.98 40.84 21.01
N THR H 66 -52.76 39.98 22.01
CA THR H 66 -51.71 40.19 22.99
C THR H 66 -50.62 39.16 22.69
N LEU H 67 -49.50 39.19 23.40
CA LEU H 67 -48.44 38.20 23.17
C LEU H 67 -47.63 38.03 24.44
N ASN H 68 -46.97 36.88 24.60
CA ASN H 68 -46.12 36.70 25.78
C ASN H 68 -45.17 35.50 25.61
N THR H 69 -43.93 35.77 25.30
CA THR H 69 -42.96 34.75 25.02
C THR H 69 -42.65 33.96 26.26
N LYS H 70 -43.14 34.43 27.40
CA LYS H 70 -42.80 33.80 28.64
C LYS H 70 -43.22 32.34 28.67
N GLU H 71 -44.44 32.04 28.25
CA GLU H 71 -44.91 30.69 28.08
C GLU H 71 -45.69 30.53 26.77
N GLY H 72 -45.45 31.42 25.82
CA GLY H 72 -46.11 31.28 24.53
C GLY H 72 -47.61 31.14 24.61
N TYR H 73 -48.28 32.12 25.20
CA TYR H 73 -49.73 32.26 25.14
C TYR H 73 -50.11 33.55 24.46
N SER H 74 -51.15 33.53 23.61
CA SER H 74 -51.50 34.68 22.79
C SER H 74 -53.02 34.81 22.62
N TYR H 75 -53.63 35.76 23.33
CA TYR H 75 -55.09 35.87 23.35
C TYR H 75 -55.64 36.72 22.20
N LEU H 76 -56.92 36.53 21.87
CA LEU H 76 -57.60 37.37 20.89
C LEU H 76 -58.92 37.94 21.38
N TYR H 77 -58.97 39.26 21.58
CA TYR H 77 -60.15 39.88 22.16
C TYR H 77 -61.05 40.55 21.13
N ILE H 78 -62.31 40.12 21.12
CA ILE H 78 -63.35 40.75 20.32
C ILE H 78 -64.31 41.49 21.23
N LYS H 79 -64.53 42.75 20.89
CA LYS H 79 -65.52 43.55 21.57
C LYS H 79 -66.66 43.84 20.63
N GLY H 80 -67.87 43.94 21.17
CA GLY H 80 -69.01 44.14 20.33
C GLY H 80 -69.07 43.06 19.28
N SER H 81 -69.09 41.81 19.70
CA SER H 81 -69.16 40.73 18.74
C SER H 81 -70.45 40.81 17.93
N GLN H 82 -70.28 40.74 16.62
CA GLN H 82 -71.31 40.93 15.61
C GLN H 82 -71.36 39.77 14.62
N PRO H 83 -72.47 39.67 13.85
CA PRO H 83 -72.54 38.74 12.73
C PRO H 83 -71.36 38.88 11.77
N GLU H 84 -71.00 40.13 11.47
CA GLU H 84 -69.91 40.41 10.54
C GLU H 84 -68.61 39.65 10.88
N ASP H 85 -68.44 39.31 12.16
CA ASP H 85 -67.20 38.69 12.64
C ASP H 85 -67.29 37.17 12.72
N SER H 86 -68.37 36.59 12.22
CA SER H 86 -68.57 35.15 12.32
C SER H 86 -67.73 34.39 11.30
N ALA H 87 -66.70 33.69 11.79
CA ALA H 87 -65.79 32.97 10.91
C ALA H 87 -64.86 32.04 11.67
N THR H 88 -63.77 31.65 10.99
CA THR H 88 -62.74 30.82 11.58
C THR H 88 -61.47 31.64 11.81
N TYR H 89 -60.91 31.52 13.01
CA TYR H 89 -59.69 32.23 13.34
C TYR H 89 -58.58 31.26 13.70
N LEU H 90 -57.51 31.28 12.93
CA LEU H 90 -56.42 30.36 13.16
C LEU H 90 -55.14 31.06 13.59
N CYS H 91 -54.22 30.27 14.12
CA CYS H 91 -52.96 30.74 14.66
C CYS H 91 -51.79 30.14 13.89
N ALA H 92 -50.70 30.89 13.78
CA ALA H 92 -49.48 30.38 13.16
C ALA H 92 -48.26 30.71 14.00
N PHE H 93 -47.15 30.03 13.75
CA PHE H 93 -45.96 30.19 14.59
C PHE H 93 -44.68 29.98 13.79
N ILE H 94 -44.14 31.07 13.28
CA ILE H 94 -42.98 31.02 12.41
C ILE H 94 -41.67 31.04 13.21
N THR H 95 -40.91 29.95 13.17
CA THR H 95 -39.65 29.95 13.91
C THR H 95 -38.47 29.32 13.15
N GLY H 96 -38.62 28.11 12.72
CA GLY H 96 -37.51 27.39 12.15
C GLY H 96 -37.34 27.76 10.70
N ASN H 97 -38.12 28.75 10.25
CA ASN H 97 -38.27 29.09 8.85
C ASN H 97 -39.31 28.19 8.26
N GLN H 98 -40.07 27.57 9.14
CA GLN H 98 -41.15 26.66 8.78
C GLN H 98 -42.41 27.08 9.54
N PHE H 99 -43.48 27.32 8.79
CA PHE H 99 -44.73 27.78 9.39
C PHE H 99 -45.44 26.65 10.13
N TYR H 100 -45.81 26.90 11.38
CA TYR H 100 -46.63 25.94 12.12
C TYR H 100 -47.99 26.53 12.50
N PHE H 101 -49.06 25.98 11.94
CA PHE H 101 -50.41 26.29 12.41
C PHE H 101 -50.87 25.18 13.34
N GLY H 102 -51.64 25.52 14.36
CA GLY H 102 -52.14 24.54 15.28
C GLY H 102 -53.65 24.48 15.31
N THR H 103 -54.21 23.42 14.76
CA THR H 103 -55.65 23.23 14.71
C THR H 103 -56.30 24.46 14.13
N GLY H 104 -57.42 24.84 14.71
CA GLY H 104 -58.09 26.06 14.32
C GLY H 104 -59.11 26.44 15.35
N THR H 105 -59.57 27.68 15.35
CA THR H 105 -60.77 28.02 16.13
C THR H 105 -61.78 28.85 15.35
N SER H 106 -63.06 28.49 15.46
CA SER H 106 -64.10 29.17 14.70
C SER H 106 -65.22 29.72 15.58
N LEU H 107 -65.76 30.85 15.15
CA LEU H 107 -66.70 31.62 15.97
C LEU H 107 -68.07 31.74 15.31
N THR H 108 -69.08 31.23 16.01
CA THR H 108 -70.48 31.40 15.61
C THR H 108 -71.14 32.54 16.39
N VAL H 109 -71.61 33.56 15.67
CA VAL H 109 -72.33 34.67 16.30
C VAL H 109 -73.83 34.52 16.10
N ILE H 110 -74.56 34.19 17.16
CA ILE H 110 -76.00 33.96 17.03
C ILE H 110 -76.80 35.25 17.24
N PRO H 111 -77.20 35.90 16.12
CA PRO H 111 -77.65 37.30 16.08
C PRO H 111 -78.78 37.59 17.06
N ASN H 112 -78.92 38.83 17.51
CA ASN H 112 -79.80 39.10 18.65
C ASN H 112 -81.26 38.87 18.35
N ILE H 113 -81.97 38.28 19.31
CA ILE H 113 -83.31 37.81 19.05
C ILE H 113 -84.23 39.01 19.12
N GLN H 114 -84.16 39.84 18.10
CA GLN H 114 -84.96 41.04 18.01
C GLN H 114 -86.37 40.53 17.94
N ASN H 115 -87.31 41.28 18.48
CA ASN H 115 -88.62 40.72 18.76
C ASN H 115 -89.10 39.93 17.56
N PRO H 116 -89.69 38.76 17.79
CA PRO H 116 -89.97 37.82 16.71
C PRO H 116 -91.45 37.57 16.46
N ASP H 117 -91.81 37.12 15.26
CA ASP H 117 -93.22 36.82 14.94
C ASP H 117 -93.42 35.41 14.31
N PRO H 118 -92.92 34.33 14.99
CA PRO H 118 -92.71 32.98 14.45
C PRO H 118 -93.82 32.38 13.59
N ALA H 119 -93.45 31.79 12.45
CA ALA H 119 -94.43 31.27 11.49
C ALA H 119 -93.76 30.49 10.37
N VAL H 120 -94.55 29.66 9.67
CA VAL H 120 -94.09 28.97 8.47
C VAL H 120 -94.94 29.39 7.27
N TYR H 121 -94.29 29.88 6.22
CA TYR H 121 -95.03 30.48 5.13
C TYR H 121 -94.98 29.63 3.89
N GLN H 122 -96.14 29.49 3.25
CA GLN H 122 -96.28 28.69 2.04
C GLN H 122 -95.92 29.53 0.82
N LEU H 123 -94.64 29.83 0.69
CA LEU H 123 -94.14 30.58 -0.46
C LEU H 123 -93.96 29.61 -1.58
N ARG H 124 -94.97 29.43 -2.43
CA ARG H 124 -94.81 28.25 -3.24
C ARG H 124 -94.63 28.45 -4.74
N ASP H 125 -93.69 27.65 -5.24
CA ASP H 125 -92.94 27.93 -6.44
C ASP H 125 -93.51 27.44 -7.74
N SER H 126 -93.72 28.38 -8.65
CA SER H 126 -93.91 28.02 -10.04
C SER H 126 -92.92 28.95 -10.70
N LYS H 127 -92.34 28.58 -11.85
CA LYS H 127 -92.87 27.58 -12.76
C LYS H 127 -92.01 26.31 -12.88
N SER H 128 -90.70 26.39 -12.58
CA SER H 128 -89.79 25.25 -12.76
C SER H 128 -89.67 24.41 -11.49
N SER H 129 -90.80 24.01 -10.90
CA SER H 129 -90.77 23.40 -9.58
C SER H 129 -91.53 22.07 -9.47
N ASP H 130 -90.83 21.06 -8.96
CA ASP H 130 -91.48 19.80 -8.60
C ASP H 130 -91.94 19.90 -7.16
N LYS H 131 -91.43 20.90 -6.46
CA LYS H 131 -91.76 21.07 -5.06
C LYS H 131 -92.50 22.37 -4.82
N SER H 132 -92.82 22.59 -3.56
CA SER H 132 -92.62 23.89 -2.95
C SER H 132 -92.93 23.90 -1.46
N VAL H 133 -92.50 24.99 -0.84
CA VAL H 133 -91.94 24.98 0.49
C VAL H 133 -92.81 25.41 1.64
N CYS H 134 -92.41 24.94 2.82
CA CYS H 134 -92.81 25.59 4.05
C CYS H 134 -91.63 26.36 4.57
N LEU H 135 -91.85 27.66 4.75
CA LEU H 135 -90.79 28.59 5.03
C LEU H 135 -90.66 28.81 6.51
N PHE H 136 -89.61 28.30 7.16
CA PHE H 136 -89.54 28.56 8.58
C PHE H 136 -88.62 29.73 8.91
N THR H 137 -89.19 30.84 9.34
CA THR H 137 -88.39 31.96 9.82
C THR H 137 -89.12 32.87 10.77
N ASP H 138 -88.32 33.70 11.45
CA ASP H 138 -88.76 34.53 12.53
C ASP H 138 -88.84 33.77 13.85
N PHE H 139 -88.23 32.57 13.90
CA PHE H 139 -87.99 31.87 15.16
C PHE H 139 -86.72 32.42 15.77
N ASP H 140 -86.36 32.09 17.01
CA ASP H 140 -85.16 32.79 17.45
C ASP H 140 -84.19 31.90 18.22
N SER H 141 -82.91 32.23 18.04
CA SER H 141 -81.85 31.22 17.93
C SER H 141 -81.23 30.68 19.21
N GLN H 142 -81.47 29.40 19.43
CA GLN H 142 -80.63 28.60 20.31
C GLN H 142 -80.09 27.40 19.53
N THR H 143 -80.05 27.55 18.21
CA THR H 143 -79.18 26.79 17.31
C THR H 143 -79.56 25.35 17.00
N ASN H 144 -80.81 24.96 17.18
CA ASN H 144 -81.20 23.57 16.92
C ASN H 144 -82.37 23.35 15.97
N VAL H 145 -82.08 22.85 14.77
CA VAL H 145 -83.11 22.41 13.83
C VAL H 145 -82.65 21.13 13.13
N SER H 146 -83.43 20.06 13.23
CA SER H 146 -82.90 18.77 12.79
C SER H 146 -83.71 17.95 11.79
N GLN H 147 -83.76 18.41 10.56
CA GLN H 147 -83.84 17.56 9.41
C GLN H 147 -84.93 16.53 9.48
N SER H 148 -84.59 15.28 9.11
CA SER H 148 -85.41 14.05 9.30
C SER H 148 -85.85 13.17 8.10
N LYS H 149 -86.42 12.01 8.46
CA LYS H 149 -86.92 10.96 7.53
C LYS H 149 -88.39 11.16 7.14
N ASP H 150 -89.03 10.17 6.50
CA ASP H 150 -88.60 8.76 6.50
C ASP H 150 -87.20 8.45 5.92
N SER H 151 -86.85 8.90 4.70
CA SER H 151 -87.77 9.39 3.70
C SER H 151 -87.50 10.67 2.95
N ASP H 152 -88.36 11.66 3.22
CA ASP H 152 -88.52 12.83 2.38
C ASP H 152 -87.56 13.93 2.86
N VAL H 153 -86.59 14.32 2.04
CA VAL H 153 -85.31 14.84 2.51
C VAL H 153 -85.38 16.07 3.44
N TYR H 154 -86.18 17.08 3.10
CA TYR H 154 -86.62 18.06 4.08
C TYR H 154 -85.81 19.32 4.35
N ILE H 155 -85.05 19.33 5.45
CA ILE H 155 -84.60 20.55 6.14
C ILE H 155 -83.07 20.85 6.04
N THR H 156 -82.74 22.12 5.89
CA THR H 156 -81.38 22.58 5.88
C THR H 156 -81.33 23.61 6.98
N ASP H 157 -80.27 23.64 7.77
CA ASP H 157 -80.20 24.61 8.84
C ASP H 157 -79.94 25.98 8.32
N LYS H 158 -80.16 27.02 9.13
CA LYS H 158 -80.45 28.41 8.68
C LYS H 158 -79.39 29.37 8.05
N CYS H 159 -79.90 30.31 7.23
CA CYS H 159 -79.21 31.50 6.76
C CYS H 159 -79.90 32.72 7.32
N VAL H 160 -79.14 33.81 7.38
CA VAL H 160 -79.51 34.94 8.18
C VAL H 160 -79.18 36.24 7.40
N LEU H 161 -80.13 37.13 7.27
CA LEU H 161 -79.91 38.29 6.45
C LEU H 161 -80.09 39.52 7.29
N ASP H 162 -79.27 40.53 7.04
CA ASP H 162 -79.33 41.76 7.80
C ASP H 162 -79.88 42.86 6.91
N MET H 163 -80.84 43.60 7.42
CA MET H 163 -81.40 44.72 6.70
C MET H 163 -80.28 45.58 6.13
N PHE H 168 -84.07 45.15 10.29
CA PHE H 168 -83.06 44.38 11.00
C PHE H 168 -82.84 43.01 10.36
N LYS H 169 -82.65 41.97 11.17
CA LYS H 169 -82.23 40.66 10.66
C LYS H 169 -82.97 39.49 11.26
N SER H 170 -83.15 38.42 10.49
CA SER H 170 -83.96 37.29 10.95
C SER H 170 -83.46 35.94 10.51
N ASN H 171 -83.90 34.89 11.20
CA ASN H 171 -83.48 33.51 10.93
C ASN H 171 -84.33 32.83 9.87
N SER H 172 -83.77 31.87 9.14
CA SER H 172 -84.48 31.27 8.00
C SER H 172 -83.94 29.90 7.49
N ALA H 173 -84.85 28.97 7.15
CA ALA H 173 -84.53 27.64 6.52
C ALA H 173 -85.66 26.92 5.79
N VAL H 174 -85.34 26.23 4.69
CA VAL H 174 -86.36 25.52 3.90
C VAL H 174 -86.63 24.06 4.32
N ALA H 175 -87.91 23.68 4.32
CA ALA H 175 -88.32 22.26 4.24
C ALA H 175 -88.61 21.86 2.79
N TRP H 176 -88.25 20.63 2.44
CA TRP H 176 -88.43 20.14 1.09
C TRP H 176 -89.16 18.83 0.94
N SER H 177 -89.72 18.65 -0.24
CA SER H 177 -90.65 17.56 -0.48
C SER H 177 -90.41 16.57 -1.58
N ASN H 178 -90.27 15.32 -1.17
CA ASN H 178 -90.07 14.20 -2.06
C ASN H 178 -91.39 13.66 -2.60
N LYS H 179 -92.27 13.19 -1.70
CA LYS H 179 -93.52 12.59 -2.15
C LYS H 179 -94.79 12.78 -1.31
N SER H 180 -95.39 13.97 -1.35
CA SER H 180 -96.79 14.15 -0.97
C SER H 180 -97.10 14.20 0.53
N ASP H 181 -96.06 14.05 1.35
CA ASP H 181 -96.18 14.10 2.81
C ASP H 181 -95.36 15.25 3.39
N PHE H 182 -95.12 16.29 2.59
CA PHE H 182 -93.97 17.17 2.79
C PHE H 182 -94.17 18.62 3.20
N ALA H 183 -95.22 18.94 3.95
CA ALA H 183 -95.50 20.36 4.18
C ALA H 183 -96.28 20.70 5.45
N CYS H 184 -95.75 21.70 6.16
CA CYS H 184 -96.49 22.49 7.16
C CYS H 184 -97.30 21.73 8.20
N ALA H 185 -96.92 20.48 8.46
CA ALA H 185 -97.71 19.60 9.32
C ALA H 185 -97.07 19.20 10.63
N ASN H 186 -96.27 18.15 10.59
CA ASN H 186 -95.32 17.87 11.63
C ASN H 186 -93.99 18.13 10.93
N ALA H 187 -94.03 18.97 9.89
CA ALA H 187 -93.12 18.94 8.77
C ALA H 187 -91.71 19.10 9.25
N PHE H 188 -91.57 19.97 10.25
CA PHE H 188 -90.30 20.25 10.90
C PHE H 188 -90.25 19.53 12.24
N ASN H 189 -91.17 18.59 12.43
CA ASN H 189 -91.34 17.90 13.69
C ASN H 189 -90.08 17.16 14.07
N ASN H 190 -89.80 17.13 15.37
CA ASN H 190 -88.54 16.65 15.92
C ASN H 190 -87.49 17.76 15.98
N SER H 191 -87.88 18.97 15.61
CA SER H 191 -87.05 20.11 15.84
C SER H 191 -88.05 20.82 16.67
N ILE H 192 -87.84 20.85 17.97
CA ILE H 192 -88.93 21.32 18.83
C ILE H 192 -88.93 22.84 18.91
N ILE H 193 -89.96 23.44 18.31
CA ILE H 193 -89.91 24.85 18.01
C ILE H 193 -91.11 25.50 18.71
N PRO H 194 -91.14 26.85 18.95
CA PRO H 194 -92.23 27.26 19.81
C PRO H 194 -93.60 26.66 19.54
N GLU H 195 -94.29 26.47 20.66
CA GLU H 195 -95.68 26.14 20.68
C GLU H 195 -96.50 27.18 19.89
N ASP H 196 -95.80 28.26 19.51
CA ASP H 196 -96.33 29.30 18.65
C ASP H 196 -95.69 29.21 17.24
N THR H 197 -96.53 28.91 16.24
CA THR H 197 -96.22 29.13 14.82
C THR H 197 -97.49 29.53 14.05
N PHE H 198 -97.44 30.65 13.34
CA PHE H 198 -98.57 31.15 12.57
C PHE H 198 -98.65 30.48 11.20
N ALA I 3 -53.09 46.37 -7.22
CA ALA I 3 -53.99 45.39 -7.80
C ALA I 3 -54.62 44.57 -6.69
N GLY I 4 -54.81 43.29 -6.94
CA GLY I 4 -55.34 42.36 -5.96
C GLY I 4 -54.73 41.04 -6.37
N VAL I 5 -55.30 39.93 -5.94
CA VAL I 5 -54.70 38.66 -6.36
C VAL I 5 -55.32 37.66 -7.33
N SER I 6 -54.50 37.14 -8.22
CA SER I 6 -54.96 36.18 -9.19
C SER I 6 -54.68 34.80 -8.65
N GLN I 7 -55.66 33.91 -8.81
CA GLN I 7 -55.35 32.50 -8.88
C GLN I 7 -56.53 31.86 -9.60
N SER I 8 -56.25 31.44 -10.82
CA SER I 8 -57.17 30.61 -11.56
C SER I 8 -56.48 29.25 -11.57
N PRO I 9 -57.26 28.15 -11.55
CA PRO I 9 -58.67 28.24 -11.86
C PRO I 9 -59.56 28.02 -10.63
N SER I 10 -60.82 28.44 -10.65
CA SER I 10 -61.54 28.78 -9.41
C SER I 10 -61.79 27.71 -8.35
N ASN I 11 -62.30 26.59 -8.77
CA ASN I 11 -62.04 25.26 -8.18
C ASN I 11 -62.27 24.25 -9.35
N LYS I 12 -61.48 23.19 -9.55
CA LYS I 12 -61.80 22.24 -10.64
C LYS I 12 -62.16 20.81 -10.25
N VAL I 13 -62.71 20.10 -11.24
CA VAL I 13 -63.20 18.74 -11.08
C VAL I 13 -62.40 17.76 -11.93
N THR I 14 -61.91 16.69 -11.32
CA THR I 14 -61.14 15.69 -12.05
C THR I 14 -61.31 14.24 -11.62
N GLU I 15 -60.58 13.38 -12.32
CA GLU I 15 -60.63 11.93 -12.21
C GLU I 15 -59.26 11.46 -11.68
N LYS I 16 -59.15 10.20 -11.28
CA LYS I 16 -57.86 9.66 -10.79
C LYS I 16 -56.79 9.61 -11.91
N GLY I 17 -57.11 10.20 -13.06
CA GLY I 17 -56.16 10.18 -14.15
C GLY I 17 -55.36 11.45 -14.37
N LYS I 18 -56.07 12.54 -14.61
CA LYS I 18 -55.49 13.70 -15.29
C LYS I 18 -54.70 14.66 -14.41
N ASP I 19 -53.70 15.31 -15.02
CA ASP I 19 -52.88 16.28 -14.31
C ASP I 19 -53.67 17.53 -13.98
N VAL I 20 -53.24 18.21 -12.93
CA VAL I 20 -53.85 19.44 -12.49
C VAL I 20 -52.78 20.53 -12.46
N GLU I 21 -53.09 21.69 -13.02
CA GLU I 21 -52.11 22.76 -12.92
C GLU I 21 -52.77 24.04 -12.44
N LEU I 22 -52.26 24.54 -11.32
CA LEU I 22 -52.94 25.56 -10.56
C LEU I 22 -52.17 26.87 -10.62
N ARG I 23 -52.77 27.89 -11.22
CA ARG I 23 -52.09 29.18 -11.34
C ARG I 23 -52.24 30.00 -10.07
N CYS I 24 -51.31 30.95 -9.90
CA CYS I 24 -51.38 31.96 -8.86
C CYS I 24 -50.54 33.16 -9.29
N ASP I 25 -50.99 34.35 -8.95
CA ASP I 25 -50.22 35.57 -9.14
C ASP I 25 -50.17 36.32 -7.81
N PRO I 26 -48.97 36.51 -7.27
CA PRO I 26 -48.74 37.32 -6.06
C PRO I 26 -49.13 38.75 -6.30
N ILE I 27 -49.42 39.53 -5.27
CA ILE I 27 -49.73 40.90 -5.52
C ILE I 27 -48.49 41.46 -6.14
N SER I 28 -48.61 42.49 -6.96
CA SER I 28 -47.65 42.71 -8.01
C SER I 28 -46.25 42.83 -7.46
N GLY I 29 -46.11 43.56 -6.38
CA GLY I 29 -44.81 43.77 -5.78
C GLY I 29 -44.19 42.54 -5.16
N HIS I 30 -45.02 41.73 -4.52
CA HIS I 30 -44.57 40.61 -3.69
C HIS I 30 -43.63 39.65 -4.43
N THR I 31 -42.71 39.06 -3.68
CA THR I 31 -41.77 38.10 -4.25
C THR I 31 -41.79 36.81 -3.42
N ALA I 32 -42.93 36.52 -2.82
CA ALA I 32 -43.08 35.30 -2.04
C ALA I 32 -44.41 34.59 -2.32
N LEU I 33 -44.35 33.27 -2.49
CA LEU I 33 -45.53 32.48 -2.81
C LEU I 33 -45.64 31.26 -1.90
N TYR I 34 -46.79 31.12 -1.24
CA TYR I 34 -47.02 30.04 -0.28
C TYR I 34 -48.14 29.12 -0.72
N TRP I 35 -47.85 27.83 -0.77
CA TRP I 35 -48.89 26.85 -1.02
C TRP I 35 -49.18 26.10 0.28
N TYR I 36 -50.46 26.10 0.63
CA TYR I 36 -50.95 25.50 1.85
C TYR I 36 -52.43 25.25 1.59
N ARG I 37 -53.00 24.25 2.27
CA ARG I 37 -54.33 23.69 1.94
C ARG I 37 -55.10 23.27 3.22
N GLN I 38 -56.32 22.76 3.08
CA GLN I 38 -57.10 22.32 4.25
C GLN I 38 -57.28 20.81 4.29
N ARG I 39 -57.19 20.26 5.49
CA ARG I 39 -57.51 18.86 5.75
C ARG I 39 -58.98 18.71 6.11
N LEU I 40 -59.60 17.63 5.66
CA LEU I 40 -60.99 17.37 6.02
C LEU I 40 -61.18 15.94 6.52
N GLY I 43 -57.38 20.64 10.42
CA GLY I 43 -56.18 21.41 10.69
C GLY I 43 -55.78 22.28 9.52
N LEU I 44 -54.49 22.29 9.21
CA LEU I 44 -54.00 22.99 8.03
C LEU I 44 -52.63 22.46 7.63
N GLU I 45 -52.44 22.22 6.34
CA GLU I 45 -51.17 21.74 5.84
C GLU I 45 -50.29 22.84 5.31
N PHE I 46 -49.04 22.87 5.69
CA PHE I 46 -48.14 23.81 5.09
C PHE I 46 -47.22 22.97 4.26
N LEU I 47 -47.00 23.35 3.01
CA LEU I 47 -46.25 22.50 2.10
C LEU I 47 -44.93 23.10 1.70
N ILE I 48 -44.99 24.23 1.04
CA ILE I 48 -43.77 24.92 0.65
C ILE I 48 -43.96 26.41 0.50
N TYR I 49 -42.86 27.15 0.61
CA TYR I 49 -42.84 28.60 0.41
C TYR I 49 -41.75 28.98 -0.58
N PHE I 50 -42.04 29.90 -1.48
CA PHE I 50 -41.05 30.29 -2.47
C PHE I 50 -40.77 31.79 -2.42
N GLN I 51 -39.50 32.16 -2.54
CA GLN I 51 -39.11 33.56 -2.65
C GLN I 51 -37.95 33.67 -3.62
N GLY I 52 -37.72 34.86 -4.15
CA GLY I 52 -36.89 34.99 -5.33
C GLY I 52 -37.61 34.10 -6.32
N ASN I 53 -36.87 33.28 -7.06
CA ASN I 53 -37.49 32.19 -7.80
C ASN I 53 -36.85 30.86 -7.40
N SER I 54 -36.43 30.76 -6.15
CA SER I 54 -35.75 29.57 -5.65
C SER I 54 -36.45 28.95 -4.45
N ALA I 55 -36.43 27.63 -4.39
CA ALA I 55 -37.39 26.89 -3.64
C ALA I 55 -36.75 25.86 -2.75
N PRO I 56 -36.07 26.39 -1.64
CA PRO I 56 -35.65 25.36 -0.68
C PRO I 56 -36.91 24.84 -0.07
N ASP I 57 -36.85 23.64 0.46
CA ASP I 57 -38.04 23.04 1.00
C ASP I 57 -37.86 23.59 2.36
N LYS I 58 -37.48 22.74 3.29
CA LYS I 58 -37.48 21.33 2.99
C LYS I 58 -38.69 20.71 3.62
N SER I 59 -38.96 19.47 3.27
CA SER I 59 -40.28 18.89 3.28
C SER I 59 -40.95 19.58 2.13
N GLY I 60 -42.06 20.26 2.38
CA GLY I 60 -43.02 19.78 3.36
C GLY I 60 -43.95 18.86 2.59
N LEU I 61 -43.66 18.76 1.29
CA LEU I 61 -44.43 17.96 0.35
C LEU I 61 -44.40 16.46 0.68
N PRO I 62 -45.49 16.03 1.31
CA PRO I 62 -45.86 14.62 1.55
C PRO I 62 -46.26 13.82 0.31
N SER I 63 -47.04 14.42 -0.59
CA SER I 63 -47.62 13.67 -1.70
C SER I 63 -46.66 13.08 -2.74
N ASP I 64 -45.68 13.87 -3.16
CA ASP I 64 -44.47 13.43 -3.86
C ASP I 64 -44.64 13.35 -5.36
N ARG I 65 -45.90 13.17 -5.76
CA ARG I 65 -46.46 13.59 -7.03
C ARG I 65 -46.24 15.08 -7.19
N PHE I 66 -46.48 15.79 -6.09
CA PHE I 66 -46.46 17.24 -6.05
C PHE I 66 -45.11 17.85 -6.43
N SER I 67 -45.16 18.95 -7.18
CA SER I 67 -43.98 19.67 -7.62
C SER I 67 -44.37 21.09 -8.01
N ALA I 68 -43.96 22.07 -7.20
CA ALA I 68 -44.27 23.46 -7.50
C ALA I 68 -43.07 24.15 -8.15
N GLU I 69 -43.35 25.13 -9.01
CA GLU I 69 -42.32 25.78 -9.80
C GLU I 69 -42.52 27.29 -9.81
N ARG I 70 -41.43 28.05 -9.91
CA ARG I 70 -41.55 29.50 -10.00
C ARG I 70 -40.87 30.07 -11.25
N THR I 71 -41.57 31.00 -11.90
CA THR I 71 -41.15 31.55 -13.18
C THR I 71 -40.49 32.92 -13.03
N SER I 74 -43.02 37.36 -10.77
CA SER I 74 -43.66 36.62 -11.85
C SER I 74 -45.10 36.26 -11.50
N VAL I 75 -45.56 35.18 -12.12
CA VAL I 75 -46.71 34.41 -11.64
C VAL I 75 -46.21 32.97 -11.70
N SER I 76 -46.76 32.07 -10.89
CA SER I 76 -46.26 30.70 -10.93
C SER I 76 -47.15 29.62 -10.35
N THR I 77 -46.74 28.38 -10.62
CA THR I 77 -47.62 27.22 -10.70
C THR I 77 -47.37 26.10 -9.70
N LEU I 78 -48.24 25.10 -9.74
CA LEU I 78 -48.08 23.87 -8.98
C LEU I 78 -48.56 22.68 -9.83
N THR I 79 -47.66 21.74 -10.10
CA THR I 79 -47.93 20.62 -10.99
C THR I 79 -48.08 19.30 -10.23
N ILE I 80 -49.10 18.51 -10.59
CA ILE I 80 -49.30 17.17 -10.02
C ILE I 80 -49.60 16.18 -11.15
N GLN I 81 -48.63 15.31 -11.43
CA GLN I 81 -48.56 14.56 -12.68
C GLN I 81 -49.83 13.77 -12.98
N ARG I 82 -50.16 12.83 -12.11
CA ARG I 82 -51.34 12.02 -12.25
C ARG I 82 -52.12 12.02 -10.97
N THR I 83 -53.39 12.35 -11.03
CA THR I 83 -54.14 12.59 -9.81
C THR I 83 -54.21 11.28 -9.10
N GLN I 84 -54.50 11.32 -7.82
CA GLN I 84 -54.43 10.13 -7.00
C GLN I 84 -55.23 10.29 -5.72
N GLN I 85 -54.88 9.44 -4.74
CA GLN I 85 -55.67 9.25 -3.52
C GLN I 85 -56.06 10.63 -3.10
N GLU I 86 -57.27 10.80 -2.56
CA GLU I 86 -57.93 12.06 -2.72
C GLU I 86 -57.12 13.11 -2.04
N ASP I 87 -56.56 13.96 -2.87
CA ASP I 87 -55.83 15.09 -2.42
C ASP I 87 -56.98 16.02 -2.29
N SER I 88 -57.82 15.72 -1.33
CA SER I 88 -59.04 16.45 -1.20
C SER I 88 -58.65 17.89 -0.98
N ALA I 89 -59.45 18.80 -1.52
CA ALA I 89 -59.11 20.22 -1.57
C ALA I 89 -59.20 20.85 -0.21
N VAL I 90 -58.75 22.10 -0.08
CA VAL I 90 -58.55 22.99 -1.21
C VAL I 90 -57.18 23.49 -1.25
N TYR I 91 -56.90 24.19 -2.32
CA TYR I 91 -55.50 24.50 -2.58
C TYR I 91 -55.35 26.00 -2.49
N LEU I 92 -54.68 26.47 -1.44
CA LEU I 92 -54.58 27.90 -1.22
C LEU I 92 -53.18 28.41 -1.49
N CYS I 93 -53.12 29.58 -2.11
CA CYS I 93 -51.87 30.25 -2.42
C CYS I 93 -51.82 31.58 -1.68
N ALA I 94 -50.64 31.93 -1.17
CA ALA I 94 -50.48 33.15 -0.38
C ALA I 94 -49.37 34.05 -0.94
N SER I 95 -49.55 35.36 -0.77
CA SER I 95 -48.59 36.33 -1.30
C SER I 95 -48.06 37.25 -0.19
N SER I 96 -46.89 36.92 0.36
CA SER I 96 -46.17 37.85 1.23
C SER I 96 -45.24 38.70 0.41
N GLN I 97 -44.87 39.87 0.93
CA GLN I 97 -43.84 40.67 0.28
C GLN I 97 -42.48 40.59 0.97
N THR I 98 -41.49 40.21 0.20
CA THR I 98 -40.14 40.12 0.67
C THR I 98 -39.87 38.96 1.61
N GLN I 99 -40.62 38.89 2.69
CA GLN I 99 -40.22 38.13 3.88
C GLN I 99 -41.38 37.31 4.46
N LEU I 100 -41.01 36.34 5.29
CA LEU I 100 -41.95 35.36 5.82
C LEU I 100 -42.96 35.89 6.84
N TRP I 101 -42.45 36.43 7.95
CA TRP I 101 -43.29 36.96 9.02
C TRP I 101 -44.17 38.12 8.55
N GLU I 102 -43.75 38.76 7.47
CA GLU I 102 -44.50 39.87 6.89
C GLU I 102 -45.89 39.42 6.47
N THR I 103 -46.85 40.34 6.53
CA THR I 103 -48.24 40.01 6.24
C THR I 103 -48.44 39.47 4.82
N GLN I 104 -49.32 38.49 4.67
CA GLN I 104 -49.69 37.99 3.35
C GLN I 104 -51.20 37.99 3.14
N TYR I 105 -51.62 38.57 2.02
CA TYR I 105 -53.01 38.60 1.63
C TYR I 105 -53.23 37.49 0.61
N PHE I 106 -54.47 37.00 0.48
CA PHE I 106 -54.69 35.70 -0.15
C PHE I 106 -55.43 35.70 -1.47
N GLY I 107 -55.20 34.65 -2.25
CA GLY I 107 -55.98 34.36 -3.44
C GLY I 107 -57.23 33.60 -3.07
N PRO I 108 -58.29 33.72 -3.90
CA PRO I 108 -59.65 33.24 -3.64
C PRO I 108 -59.74 31.81 -3.08
N GLY I 109 -58.97 30.89 -3.66
CA GLY I 109 -58.94 29.51 -3.18
C GLY I 109 -59.32 28.53 -4.28
N THR I 110 -58.56 27.45 -4.43
CA THR I 110 -58.94 26.45 -5.42
C THR I 110 -59.06 25.05 -4.81
N ARG I 111 -60.16 24.39 -5.13
CA ARG I 111 -60.43 23.07 -4.63
C ARG I 111 -60.59 22.11 -5.78
N LEU I 112 -59.88 20.99 -5.75
CA LEU I 112 -60.08 19.96 -6.76
C LEU I 112 -60.75 18.71 -6.18
N LEU I 113 -61.77 18.22 -6.88
CA LEU I 113 -62.49 17.02 -6.46
C LEU I 113 -61.89 15.79 -7.13
N VAL I 114 -61.90 14.66 -6.43
CA VAL I 114 -61.27 13.44 -6.93
C VAL I 114 -62.13 12.20 -6.75
N LEU I 115 -62.38 11.50 -7.86
CA LEU I 115 -63.14 10.26 -7.82
C LEU I 115 -62.73 9.39 -9.01
N GLU I 116 -62.62 8.08 -8.80
CA GLU I 116 -62.11 7.18 -9.81
C GLU I 116 -63.01 7.07 -11.04
N ASP I 117 -64.31 7.25 -10.84
CA ASP I 117 -65.30 7.07 -11.90
C ASP I 117 -66.07 8.38 -12.14
N LEU I 118 -66.07 8.86 -13.36
CA LEU I 118 -66.68 10.14 -13.64
C LEU I 118 -68.17 9.91 -13.72
N LYS I 119 -68.78 9.88 -12.55
CA LYS I 119 -70.18 9.50 -12.42
C LYS I 119 -71.05 10.55 -11.78
N ASN I 120 -72.23 10.76 -12.35
CA ASN I 120 -73.34 11.39 -11.67
C ASN I 120 -73.17 12.87 -11.78
N VAL I 121 -72.03 13.25 -12.29
CA VAL I 121 -71.80 14.68 -12.46
C VAL I 121 -72.92 15.26 -13.32
N PHE I 122 -73.68 16.18 -12.75
CA PHE I 122 -74.83 16.75 -13.44
C PHE I 122 -75.05 18.19 -12.99
N PRO I 123 -75.46 19.07 -13.91
CA PRO I 123 -75.74 20.46 -13.54
C PRO I 123 -77.04 20.61 -12.77
N PRO I 124 -77.13 21.59 -11.87
CA PRO I 124 -78.29 21.85 -11.01
C PRO I 124 -79.53 22.17 -11.80
N GLU I 125 -80.66 22.25 -11.12
CA GLU I 125 -81.82 22.82 -11.75
C GLU I 125 -82.46 23.83 -10.83
N VAL I 126 -82.49 25.06 -11.31
CA VAL I 126 -83.15 26.13 -10.60
C VAL I 126 -84.62 25.87 -10.37
N ALA I 127 -85.19 26.77 -9.59
CA ALA I 127 -86.61 26.96 -9.47
C ALA I 127 -86.76 28.24 -8.68
N VAL I 128 -87.68 29.10 -9.07
CA VAL I 128 -87.94 30.26 -8.23
C VAL I 128 -89.36 30.21 -7.75
N PHE I 129 -89.53 30.59 -6.50
CA PHE I 129 -90.75 30.36 -5.79
C PHE I 129 -91.43 31.71 -5.58
N GLU I 130 -92.72 31.80 -5.90
CA GLU I 130 -93.39 33.10 -5.90
C GLU I 130 -94.13 33.39 -4.61
N PRO I 131 -93.74 34.47 -3.92
CA PRO I 131 -94.21 34.81 -2.58
C PRO I 131 -95.55 35.52 -2.39
N SER I 132 -95.91 35.59 -1.11
CA SER I 132 -97.01 36.39 -0.62
C SER I 132 -96.42 37.59 0.14
N ILE I 136 -98.02 37.27 6.26
CA ILE I 136 -97.12 38.04 5.41
C ILE I 136 -97.76 39.40 5.22
N SER I 137 -99.05 39.44 5.49
CA SER I 137 -99.78 40.67 5.78
C SER I 137 -99.00 41.60 6.68
N HIS I 138 -98.57 41.02 7.77
CA HIS I 138 -98.39 41.71 9.01
C HIS I 138 -96.91 42.03 9.11
N THR I 139 -96.17 41.28 8.29
CA THR I 139 -94.71 41.27 8.19
C THR I 139 -94.30 42.55 7.51
N GLN I 140 -95.09 42.97 6.52
CA GLN I 140 -94.81 44.18 5.78
C GLN I 140 -93.42 44.10 5.15
N LYS I 141 -93.06 42.89 4.77
CA LYS I 141 -91.76 42.60 4.20
C LYS I 141 -91.88 41.37 3.32
N ALA I 142 -91.61 41.55 2.04
CA ALA I 142 -91.63 40.43 1.10
C ALA I 142 -90.52 39.45 1.42
N THR I 143 -90.80 38.18 1.22
CA THR I 143 -89.78 37.15 1.35
C THR I 143 -89.71 36.37 0.04
N LEU I 144 -88.50 36.10 -0.41
CA LEU I 144 -88.27 35.36 -1.63
C LEU I 144 -87.55 34.10 -1.20
N VAL I 145 -87.66 33.05 -1.98
CA VAL I 145 -86.81 31.87 -1.76
C VAL I 145 -86.47 31.13 -3.07
N CYS I 146 -85.20 31.11 -3.48
CA CYS I 146 -84.78 30.20 -4.58
C CYS I 146 -83.90 29.07 -4.17
N LEU I 147 -84.05 27.93 -4.83
CA LEU I 147 -83.23 26.77 -4.48
C LEU I 147 -83.11 25.99 -5.76
N ALA I 148 -81.96 25.42 -6.06
CA ALA I 148 -81.76 24.68 -7.29
C ALA I 148 -81.30 23.31 -6.85
N THR I 149 -81.83 22.24 -7.42
CA THR I 149 -81.52 20.89 -6.98
C THR I 149 -81.07 20.09 -8.19
N GLY I 150 -80.37 18.99 -7.98
CA GLY I 150 -79.68 18.43 -9.13
C GLY I 150 -78.27 18.21 -9.64
N PHE I 151 -77.29 18.41 -8.79
CA PHE I 151 -75.91 18.49 -9.21
C PHE I 151 -74.93 17.66 -8.41
N TYR I 152 -73.75 17.56 -8.98
CA TYR I 152 -72.61 16.78 -8.52
C TYR I 152 -71.44 17.15 -9.40
N PRO I 153 -70.24 17.26 -8.85
CA PRO I 153 -69.93 17.16 -7.44
C PRO I 153 -70.19 18.49 -6.81
N ASP I 154 -69.92 18.63 -5.52
CA ASP I 154 -70.34 19.83 -4.82
C ASP I 154 -69.37 20.97 -5.13
N HIS I 155 -69.34 21.40 -6.40
CA HIS I 155 -68.67 22.61 -6.75
C HIS I 155 -69.70 23.50 -7.39
N VAL I 156 -70.66 23.86 -6.58
CA VAL I 156 -71.73 24.75 -6.98
C VAL I 156 -71.70 25.94 -6.06
N GLU I 157 -71.76 27.13 -6.61
CA GLU I 157 -71.90 28.30 -5.77
C GLU I 157 -72.93 29.23 -6.38
N LEU I 158 -74.16 29.04 -5.92
CA LEU I 158 -75.33 29.86 -6.23
C LEU I 158 -74.97 31.33 -6.34
N SER I 159 -75.28 31.95 -7.49
CA SER I 159 -75.22 33.41 -7.55
C SER I 159 -76.61 33.95 -7.35
N TRP I 160 -76.70 35.10 -6.70
CA TRP I 160 -77.96 35.82 -6.67
C TRP I 160 -77.66 37.17 -7.24
N TRP I 161 -78.40 37.57 -8.26
CA TRP I 161 -78.16 38.86 -8.86
C TRP I 161 -79.51 39.49 -9.07
N VAL I 162 -79.59 40.80 -8.96
CA VAL I 162 -80.90 41.44 -8.98
C VAL I 162 -80.93 42.88 -9.45
N ASN I 163 -82.13 43.32 -9.84
CA ASN I 163 -82.30 44.67 -10.33
C ASN I 163 -81.94 44.74 -11.80
N GLY I 164 -81.50 43.62 -12.35
CA GLY I 164 -81.03 43.56 -13.72
C GLY I 164 -79.54 43.84 -13.82
N VAL I 167 -75.99 41.93 -6.28
CA VAL I 167 -76.59 42.08 -4.95
C VAL I 167 -76.01 41.07 -3.96
N HIS I 168 -75.67 41.53 -2.77
CA HIS I 168 -75.11 40.67 -1.73
C HIS I 168 -75.89 40.78 -0.42
N SER I 169 -76.80 41.72 -0.33
CA SER I 169 -77.54 41.94 0.92
C SER I 169 -79.05 41.99 0.76
N GLY I 170 -79.74 41.45 1.76
CA GLY I 170 -81.13 41.06 1.64
C GLY I 170 -81.08 39.57 1.34
N VAL I 171 -79.88 39.12 1.01
CA VAL I 171 -79.62 37.79 0.46
C VAL I 171 -79.22 36.79 1.53
N CYS I 172 -79.43 35.50 1.25
CA CYS I 172 -78.92 34.40 2.08
C CYS I 172 -78.47 33.19 1.27
N THR I 173 -77.92 32.21 2.00
CA THR I 173 -77.53 30.92 1.44
C THR I 173 -77.21 29.92 2.54
N ASP I 174 -77.40 28.64 2.26
CA ASP I 174 -76.84 27.59 3.11
C ASP I 174 -75.34 27.53 2.88
N PRO I 175 -74.61 26.95 3.81
CA PRO I 175 -73.18 26.79 3.65
C PRO I 175 -72.88 25.44 2.99
N GLN I 176 -73.00 24.37 3.76
CA GLN I 176 -72.77 23.02 3.27
C GLN I 176 -74.09 22.32 2.94
N PRO I 177 -74.13 21.61 1.79
CA PRO I 177 -75.35 21.09 1.14
C PRO I 177 -76.29 20.22 1.97
N LEU I 178 -77.54 20.20 1.51
CA LEU I 178 -78.55 19.31 2.04
C LEU I 178 -78.13 17.86 1.87
N LYS I 179 -78.36 17.08 2.93
CA LYS I 179 -77.76 15.76 3.05
C LYS I 179 -78.29 14.72 2.08
N GLU I 180 -77.56 14.53 0.98
CA GLU I 180 -77.60 13.28 0.23
C GLU I 180 -78.97 12.91 -0.35
N ASP I 186 -72.25 8.44 -4.86
CA ASP I 186 -73.32 7.64 -4.28
C ASP I 186 -74.57 8.46 -4.00
N SER I 187 -74.45 9.77 -4.10
CA SER I 187 -75.59 10.67 -3.94
C SER I 187 -75.32 12.05 -4.50
N ARG I 188 -76.38 12.84 -4.69
CA ARG I 188 -76.22 14.20 -5.21
C ARG I 188 -76.53 15.24 -4.14
N TYR I 189 -75.96 16.43 -4.32
CA TYR I 189 -76.13 17.51 -3.35
C TYR I 189 -77.13 18.56 -3.85
N ALA I 190 -77.76 19.28 -2.93
CA ALA I 190 -78.69 20.36 -3.29
C ALA I 190 -78.61 21.49 -2.28
N LEU I 191 -78.81 22.72 -2.75
CA LEU I 191 -78.69 23.91 -1.91
C LEU I 191 -80.02 24.67 -1.79
N SER I 192 -80.05 25.66 -0.89
CA SER I 192 -81.23 26.49 -0.66
C SER I 192 -80.84 27.94 -0.34
N SER I 193 -81.67 28.90 -0.75
CA SER I 193 -81.33 30.31 -0.64
C SER I 193 -82.47 31.27 -0.37
N ARG I 194 -82.28 32.26 0.51
CA ARG I 194 -83.45 33.05 0.95
C ARG I 194 -83.29 34.57 0.90
N LEU I 195 -84.26 35.28 0.33
CA LEU I 195 -84.23 36.74 0.37
C LEU I 195 -85.51 37.40 0.85
N ARG I 196 -85.30 38.62 1.33
CA ARG I 196 -86.37 39.42 1.84
C ARG I 196 -86.34 40.81 1.24
N VAL I 197 -87.52 41.30 0.86
CA VAL I 197 -87.68 42.67 0.42
C VAL I 197 -88.91 43.21 1.16
N SER I 198 -89.57 44.23 0.62
CA SER I 198 -90.57 44.94 1.41
C SER I 198 -91.96 45.11 0.77
N ALA I 199 -92.79 44.07 0.92
CA ALA I 199 -94.25 44.18 0.79
C ALA I 199 -94.81 44.60 -0.58
N THR I 200 -95.69 45.60 -0.55
CA THR I 200 -96.40 46.10 -1.74
C THR I 200 -95.52 46.31 -2.94
N PHE I 201 -94.22 46.45 -2.69
CA PHE I 201 -93.16 46.21 -3.66
C PHE I 201 -93.48 45.07 -4.63
N TRP I 202 -94.06 44.01 -4.08
CA TRP I 202 -94.02 42.71 -4.73
C TRP I 202 -95.04 42.48 -5.85
N GLN I 203 -96.12 43.24 -5.85
CA GLN I 203 -96.99 43.26 -7.00
C GLN I 203 -96.92 44.60 -7.69
N ASN I 204 -95.96 45.41 -7.26
CA ASN I 204 -95.55 46.56 -8.02
C ASN I 204 -94.39 46.18 -8.93
N PRO I 205 -93.99 44.83 -8.91
CA PRO I 205 -92.91 44.54 -9.88
C PRO I 205 -93.44 44.84 -11.27
N ARG I 206 -92.57 45.16 -12.21
CA ARG I 206 -91.44 44.38 -12.56
C ARG I 206 -90.07 44.86 -12.11
N ASN I 207 -89.36 43.92 -11.50
CA ASN I 207 -87.91 43.85 -11.38
C ASN I 207 -87.38 42.42 -11.53
N HIS I 208 -86.50 42.15 -12.51
CA HIS I 208 -85.99 40.79 -12.66
C HIS I 208 -85.04 40.40 -11.53
N PHE I 209 -85.55 39.63 -10.58
CA PHE I 209 -84.71 39.08 -9.52
C PHE I 209 -84.17 37.72 -9.95
N ARG I 210 -82.97 37.73 -10.51
CA ARG I 210 -82.32 36.52 -10.99
C ARG I 210 -81.93 35.62 -9.82
N CYS I 211 -82.13 34.32 -9.97
CA CYS I 211 -81.55 33.36 -9.04
C CYS I 211 -80.65 32.41 -9.79
N GLN I 212 -79.40 32.83 -9.90
CA GLN I 212 -78.47 32.41 -10.94
C GLN I 212 -77.44 31.36 -10.45
N VAL I 213 -77.73 30.08 -10.66
CA VAL I 213 -76.93 29.00 -10.03
C VAL I 213 -75.67 28.62 -10.81
N GLN I 214 -74.56 29.27 -10.49
CA GLN I 214 -73.30 28.95 -11.10
C GLN I 214 -72.86 27.55 -10.68
N PHE I 215 -72.98 26.62 -11.62
CA PHE I 215 -72.40 25.29 -11.45
C PHE I 215 -71.04 25.23 -12.07
N TYR I 216 -70.21 24.36 -11.55
CA TYR I 216 -68.91 24.20 -12.13
C TYR I 216 -68.74 22.82 -12.78
N GLY I 217 -68.68 22.83 -14.11
CA GLY I 217 -68.74 21.63 -14.92
C GLY I 217 -67.41 21.08 -15.40
N LEU I 218 -67.41 20.49 -16.59
CA LEU I 218 -66.26 19.70 -17.05
C LEU I 218 -65.34 20.40 -18.05
N SER I 219 -65.67 21.62 -18.46
CA SER I 219 -64.70 22.50 -19.12
C SER I 219 -63.91 21.92 -20.30
N GLU I 220 -64.53 21.02 -21.06
CA GLU I 220 -63.90 20.29 -22.17
C GLU I 220 -62.91 19.23 -21.69
N ASN I 221 -62.77 19.08 -20.38
CA ASN I 221 -61.93 18.02 -19.83
C ASN I 221 -62.48 16.65 -20.19
N ASP I 222 -63.80 16.59 -20.38
CA ASP I 222 -64.47 15.39 -20.85
C ASP I 222 -64.37 15.27 -22.36
N GLU I 223 -64.28 14.06 -22.94
CA GLU I 223 -64.29 12.74 -22.30
C GLU I 223 -65.59 12.41 -21.55
N TRP I 224 -66.71 12.42 -22.27
CA TRP I 224 -67.96 11.95 -21.66
C TRP I 224 -68.59 10.83 -22.50
N THR I 225 -69.29 9.95 -21.80
CA THR I 225 -69.84 8.72 -22.38
C THR I 225 -71.10 8.89 -23.23
N GLN I 226 -72.18 9.43 -22.63
CA GLN I 226 -73.46 9.60 -23.35
C GLN I 226 -74.12 11.00 -23.46
N ASP I 227 -75.35 10.93 -23.99
CA ASP I 227 -76.30 12.04 -24.04
C ASP I 227 -77.29 11.88 -22.88
N ARG I 228 -77.50 12.94 -22.08
CA ARG I 228 -77.02 14.32 -22.37
C ARG I 228 -75.50 14.54 -22.22
N ALA I 229 -74.95 15.38 -23.11
CA ALA I 229 -73.52 15.68 -23.14
C ALA I 229 -72.98 16.15 -21.80
N LYS I 230 -71.71 15.86 -21.55
CA LYS I 230 -71.09 16.11 -20.27
C LYS I 230 -71.32 17.51 -19.70
N PRO I 231 -71.62 17.56 -18.38
CA PRO I 231 -71.74 18.78 -17.58
C PRO I 231 -70.67 19.80 -17.95
N VAL I 232 -71.05 21.04 -18.23
CA VAL I 232 -70.06 22.07 -18.51
C VAL I 232 -70.42 23.31 -17.73
N THR I 233 -69.42 24.11 -17.38
CA THR I 233 -69.71 25.31 -16.63
C THR I 233 -70.32 26.35 -17.56
N GLN I 234 -71.65 26.34 -17.59
CA GLN I 234 -72.42 27.54 -17.79
C GLN I 234 -73.62 27.32 -16.87
N ILE I 235 -74.36 28.39 -16.61
CA ILE I 235 -75.26 28.48 -15.48
C ILE I 235 -76.56 27.70 -15.70
N VAL I 236 -77.34 27.58 -14.62
CA VAL I 236 -78.72 27.13 -14.66
C VAL I 236 -79.55 28.32 -14.21
N SER I 237 -80.41 28.85 -15.07
CA SER I 237 -80.98 30.16 -14.83
C SER I 237 -82.39 30.25 -14.25
N ALA I 238 -82.55 31.08 -13.23
CA ALA I 238 -83.87 31.31 -12.65
C ALA I 238 -84.23 32.78 -12.59
N GLU I 239 -85.51 33.08 -12.73
CA GLU I 239 -86.00 34.44 -12.65
C GLU I 239 -87.47 34.50 -12.22
N ALA I 240 -87.87 35.53 -11.51
CA ALA I 240 -89.28 35.70 -11.19
C ALA I 240 -89.70 37.17 -11.15
N TRP I 241 -90.82 37.49 -11.76
CA TRP I 241 -91.35 38.84 -11.68
C TRP I 241 -92.62 38.66 -10.89
N GLY I 242 -92.81 39.41 -9.83
CA GLY I 242 -94.09 39.39 -9.17
C GLY I 242 -95.46 38.74 -9.17
N ASN J 1 -26.93 30.56 20.75
CA ASN J 1 -28.30 30.64 20.24
C ASN J 1 -28.40 31.62 19.09
N LEU J 2 -28.42 31.10 17.87
CA LEU J 2 -28.53 31.92 16.68
C LEU J 2 -29.86 32.66 16.69
N VAL J 3 -30.01 33.63 15.79
CA VAL J 3 -31.31 34.27 15.63
C VAL J 3 -32.23 33.23 14.98
N PRO J 4 -33.46 33.10 15.48
CA PRO J 4 -34.38 32.12 14.91
C PRO J 4 -34.60 32.29 13.41
N MET J 5 -34.32 33.46 12.85
CA MET J 5 -34.40 33.65 11.40
C MET J 5 -33.75 34.94 10.92
N VAL J 6 -33.01 34.85 9.82
CA VAL J 6 -32.41 36.04 9.25
C VAL J 6 -33.19 36.41 7.99
N ALA J 7 -33.37 37.70 7.77
CA ALA J 7 -34.10 38.19 6.60
C ALA J 7 -33.31 37.94 5.32
N THR J 8 -33.87 38.36 4.19
CA THR J 8 -33.13 38.24 2.93
C THR J 8 -33.07 39.57 2.20
N VAL J 9 -31.94 39.79 1.54
CA VAL J 9 -31.80 40.94 0.66
C VAL J 9 -32.60 40.76 -0.62
N SER K 3 59.74 -0.44 7.99
CA SER K 3 58.84 -1.59 8.10
C SER K 3 57.51 -1.33 7.41
N HIS K 4 57.27 -2.08 6.33
CA HIS K 4 55.95 -2.23 5.72
C HIS K 4 55.66 -3.73 5.68
N SER K 5 54.44 -4.10 5.32
CA SER K 5 54.07 -5.51 5.37
C SER K 5 52.83 -5.83 4.57
N MET K 6 52.71 -7.07 4.14
CA MET K 6 51.45 -7.60 3.63
C MET K 6 51.10 -8.91 4.36
N ARG K 7 49.85 -9.02 4.82
CA ARG K 7 49.41 -10.14 5.64
C ARG K 7 48.02 -10.64 5.23
N TYR K 8 47.81 -11.95 5.21
CA TYR K 8 46.51 -12.52 4.87
C TYR K 8 45.89 -13.24 6.05
N PHE K 9 44.62 -12.92 6.35
CA PHE K 9 43.96 -13.50 7.51
C PHE K 9 42.86 -14.44 7.09
N PHE K 10 42.97 -15.71 7.45
CA PHE K 10 41.94 -16.69 7.09
C PHE K 10 41.25 -17.21 8.34
N THR K 11 39.96 -17.51 8.22
CA THR K 11 39.20 -18.05 9.34
C THR K 11 37.96 -18.85 8.90
N SER K 12 37.92 -20.12 9.28
CA SER K 12 36.83 -21.03 8.92
C SER K 12 36.07 -21.58 10.12
N VAL K 13 34.75 -21.44 10.08
CA VAL K 13 33.93 -21.94 11.16
C VAL K 13 32.84 -22.87 10.65
N SER K 14 32.88 -24.13 11.08
CA SER K 14 31.90 -25.11 10.65
C SER K 14 30.57 -24.92 11.36
N ARG K 15 29.48 -25.13 10.62
CA ARG K 15 28.14 -25.19 11.20
C ARG K 15 27.60 -26.59 11.06
N PRO K 16 27.25 -27.21 12.19
CA PRO K 16 26.57 -28.50 12.17
C PRO K 16 25.05 -28.32 12.33
N GLY K 17 24.25 -29.02 11.56
CA GLY K 17 22.82 -28.77 11.59
C GLY K 17 22.47 -27.59 10.71
N ARG K 18 23.44 -27.20 9.89
CA ARG K 18 23.29 -26.10 8.96
C ARG K 18 24.20 -26.38 7.80
N GLY K 19 24.42 -25.37 6.98
CA GLY K 19 25.09 -25.60 5.73
C GLY K 19 26.57 -25.76 5.94
N GLU K 20 27.37 -25.48 4.93
CA GLU K 20 28.82 -25.63 4.97
C GLU K 20 29.59 -24.60 5.82
N PRO K 21 30.91 -24.98 6.16
CA PRO K 21 31.58 -24.06 7.07
C PRO K 21 31.74 -22.74 6.42
N ARG K 22 31.84 -21.70 7.24
CA ARG K 22 32.02 -20.35 6.72
C ARG K 22 33.49 -19.99 6.63
N PHE K 23 33.85 -19.31 5.56
CA PHE K 23 35.24 -18.97 5.30
C PHE K 23 35.34 -17.49 5.05
N ILE K 24 36.01 -16.78 5.95
CA ILE K 24 36.21 -15.34 5.79
C ILE K 24 37.69 -15.02 5.59
N ALA K 25 38.03 -14.49 4.43
CA ALA K 25 39.40 -14.13 4.15
C ALA K 25 39.52 -12.64 3.92
N VAL K 26 40.45 -12.03 4.63
CA VAL K 26 40.71 -10.61 4.51
C VAL K 26 42.19 -10.41 4.30
N GLY K 27 42.53 -9.56 3.33
CA GLY K 27 43.91 -9.28 3.00
C GLY K 27 44.31 -7.91 3.50
N TYR K 28 45.47 -7.85 4.17
CA TYR K 28 45.98 -6.62 4.79
C TYR K 28 47.39 -6.23 4.37
N VAL K 29 47.59 -4.94 4.14
CA VAL K 29 48.94 -4.38 4.13
C VAL K 29 49.00 -3.25 5.16
N ASP K 30 50.03 -3.26 6.00
CA ASP K 30 50.03 -2.44 7.21
C ASP K 30 48.74 -2.76 7.99
N ASP K 31 47.90 -1.76 8.23
CA ASP K 31 46.55 -2.07 8.68
C ASP K 31 45.57 -1.19 7.89
N THR K 32 45.72 -1.26 6.56
CA THR K 32 44.67 -0.89 5.61
C THR K 32 44.22 -2.22 4.99
N GLN K 33 42.99 -2.28 4.51
CA GLN K 33 42.49 -3.50 3.90
C GLN K 33 42.32 -3.29 2.38
N PHE K 34 42.51 -4.34 1.58
CA PHE K 34 42.37 -4.17 0.14
C PHE K 34 41.44 -5.17 -0.55
N VAL K 35 41.38 -6.41 -0.06
CA VAL K 35 40.51 -7.42 -0.67
C VAL K 35 39.83 -8.34 0.33
N ARG K 36 38.80 -9.06 -0.14
CA ARG K 36 38.06 -10.01 0.69
C ARG K 36 37.03 -10.81 -0.09
N PHE K 37 36.93 -12.08 0.22
CA PHE K 37 35.78 -12.88 -0.18
C PHE K 37 35.23 -13.48 1.10
N ASP K 38 33.96 -13.86 1.08
CA ASP K 38 33.35 -14.48 2.25
C ASP K 38 32.62 -15.75 1.80
N SER K 39 32.40 -16.68 2.73
CA SER K 39 31.57 -17.83 2.42
C SER K 39 30.19 -17.34 2.02
N ASP K 40 29.53 -16.67 2.96
CA ASP K 40 28.22 -16.12 2.72
C ASP K 40 28.30 -14.76 2.04
N ALA K 41 29.34 -14.58 1.21
CA ALA K 41 29.50 -13.33 0.48
C ALA K 41 28.46 -13.21 -0.60
N ALA K 42 28.13 -11.98 -0.96
CA ALA K 42 27.16 -11.73 -2.01
C ALA K 42 27.66 -12.30 -3.34
N SER K 43 28.90 -12.00 -3.69
CA SER K 43 29.40 -12.19 -5.04
C SER K 43 30.17 -13.50 -5.24
N GLN K 44 30.78 -13.99 -4.17
CA GLN K 44 31.70 -15.13 -4.25
C GLN K 44 32.90 -14.86 -5.16
N ARG K 45 33.04 -13.61 -5.58
CA ARG K 45 34.29 -13.13 -6.16
C ARG K 45 35.21 -12.64 -5.05
N MET K 46 36.50 -12.57 -5.36
CA MET K 46 37.44 -11.92 -4.45
C MET K 46 37.16 -10.42 -4.53
N GLU K 47 36.42 -9.90 -3.54
CA GLU K 47 35.99 -8.50 -3.56
C GLU K 47 37.04 -7.52 -3.07
N PRO K 48 37.44 -6.57 -3.94
CA PRO K 48 38.32 -5.46 -3.56
C PRO K 48 37.64 -4.45 -2.63
N ARG K 49 38.29 -4.14 -1.52
CA ARG K 49 37.79 -3.12 -0.61
C ARG K 49 38.74 -1.94 -0.54
N ALA K 50 39.24 -1.52 -1.70
CA ALA K 50 40.16 -0.39 -1.79
C ALA K 50 40.17 0.16 -3.21
N PRO K 51 40.01 1.47 -3.35
CA PRO K 51 39.88 2.08 -4.67
C PRO K 51 41.12 1.89 -5.55
N TRP K 52 42.29 1.82 -4.93
CA TRP K 52 43.53 1.66 -5.67
C TRP K 52 43.70 0.26 -6.23
N ILE K 53 43.31 -0.76 -5.46
CA ILE K 53 43.53 -2.16 -5.84
C ILE K 53 42.55 -2.61 -6.95
N GLU K 54 41.42 -1.91 -7.10
CA GLU K 54 40.42 -2.35 -8.08
C GLU K 54 40.92 -2.22 -9.53
N GLN K 55 41.80 -1.26 -9.77
CA GLN K 55 42.31 -1.05 -11.12
C GLN K 55 43.30 -2.13 -11.59
N GLU K 56 43.61 -3.08 -10.71
CA GLU K 56 44.34 -4.28 -11.13
C GLU K 56 43.39 -5.19 -11.91
N GLY K 57 43.93 -6.22 -12.53
CA GLY K 57 43.15 -7.11 -13.37
C GLY K 57 43.87 -7.43 -14.66
N PRO K 58 43.18 -8.04 -15.61
CA PRO K 58 41.78 -8.42 -15.43
C PRO K 58 41.64 -9.83 -14.92
N GLU K 59 42.70 -10.61 -15.04
CA GLU K 59 42.70 -11.93 -14.45
C GLU K 59 43.34 -11.92 -13.08
N TYR K 60 43.66 -10.73 -12.58
CA TYR K 60 44.11 -10.64 -11.20
C TYR K 60 43.02 -11.24 -10.33
N TRP K 61 41.87 -10.59 -10.32
CA TRP K 61 40.71 -11.06 -9.59
C TRP K 61 40.46 -12.51 -9.95
N ASP K 62 40.32 -12.74 -11.25
CA ASP K 62 40.13 -14.07 -11.81
C ASP K 62 41.17 -15.03 -11.28
N GLY K 63 42.43 -14.62 -11.35
CA GLY K 63 43.53 -15.44 -10.85
C GLY K 63 43.50 -15.59 -9.35
N GLU K 64 43.13 -14.53 -8.63
CA GLU K 64 43.06 -14.59 -7.17
C GLU K 64 41.85 -15.39 -6.68
N THR K 65 40.68 -15.09 -7.22
CA THR K 65 39.40 -15.69 -6.81
C THR K 65 39.45 -17.22 -6.66
N ARG K 66 40.27 -17.85 -7.49
CA ARG K 66 40.44 -19.30 -7.44
C ARG K 66 41.31 -19.71 -6.27
N LYS K 67 42.36 -18.93 -6.08
CA LYS K 67 43.33 -19.12 -5.02
C LYS K 67 42.70 -19.10 -3.65
N VAL K 68 42.10 -17.96 -3.32
CA VAL K 68 41.40 -17.78 -2.06
C VAL K 68 40.31 -18.84 -1.85
N LYS K 69 39.71 -19.32 -2.95
CA LYS K 69 38.66 -20.31 -2.81
C LYS K 69 39.26 -21.64 -2.43
N ALA K 70 40.33 -22.03 -3.12
CA ALA K 70 41.02 -23.28 -2.85
C ALA K 70 41.49 -23.34 -1.39
N HIS K 71 41.70 -22.17 -0.80
CA HIS K 71 41.93 -22.05 0.64
C HIS K 71 40.76 -22.63 1.43
N SER K 72 39.55 -22.22 1.04
CA SER K 72 38.36 -22.48 1.85
C SER K 72 38.13 -23.97 2.08
N GLN K 73 38.38 -24.77 1.06
CA GLN K 73 38.18 -26.20 1.17
C GLN K 73 39.33 -26.81 1.95
N THR K 74 40.53 -26.37 1.59
CA THR K 74 41.77 -26.70 2.28
C THR K 74 41.61 -26.53 3.78
N HIS K 75 40.76 -25.58 4.17
CA HIS K 75 40.29 -25.46 5.53
C HIS K 75 39.31 -26.56 5.88
N ARG K 76 38.19 -26.61 5.14
CA ARG K 76 37.13 -27.58 5.37
C ARG K 76 37.70 -28.97 5.60
N VAL K 77 38.79 -29.26 4.90
CA VAL K 77 39.54 -30.49 5.13
C VAL K 77 40.05 -30.53 6.57
N ASP K 78 40.62 -29.43 7.03
CA ASP K 78 41.22 -29.37 8.37
C ASP K 78 40.24 -29.50 9.49
N LEU K 79 39.18 -28.70 9.40
CA LEU K 79 38.16 -28.66 10.44
C LEU K 79 37.80 -30.11 10.65
N GLY K 80 37.52 -30.78 9.52
CA GLY K 80 37.31 -32.21 9.47
C GLY K 80 38.50 -33.02 9.95
N THR K 81 39.70 -32.73 9.47
CA THR K 81 40.86 -33.51 9.87
C THR K 81 41.11 -33.39 11.37
N LEU K 82 40.88 -32.19 11.91
CA LEU K 82 41.10 -31.92 13.33
C LEU K 82 40.01 -32.53 14.21
N ARG K 83 38.86 -32.81 13.60
CA ARG K 83 37.86 -33.68 14.21
C ARG K 83 38.54 -34.95 14.72
N GLY K 84 39.31 -35.58 13.84
CA GLY K 84 39.81 -36.93 14.07
C GLY K 84 41.06 -37.03 14.91
N TYR K 85 41.93 -36.03 14.82
CA TYR K 85 43.08 -35.96 15.70
C TYR K 85 42.61 -35.82 17.15
N TYR K 86 41.64 -34.94 17.37
CA TYR K 86 41.17 -34.64 18.71
C TYR K 86 40.00 -35.49 19.16
N ASN K 87 39.64 -36.50 18.37
CA ASN K 87 38.56 -37.40 18.73
C ASN K 87 37.30 -36.65 19.14
N GLN K 88 36.77 -35.88 18.21
CA GLN K 88 35.68 -34.93 18.41
C GLN K 88 34.46 -35.29 17.58
N SER K 89 33.27 -35.08 18.12
CA SER K 89 32.01 -35.44 17.46
C SER K 89 31.79 -34.54 16.28
N GLU K 90 30.95 -34.95 15.33
CA GLU K 90 30.66 -34.16 14.12
C GLU K 90 29.76 -32.91 14.24
N ALA K 91 29.06 -32.77 15.36
CA ALA K 91 28.29 -31.57 15.74
C ALA K 91 28.96 -30.79 16.87
N GLY K 92 30.06 -30.14 16.53
CA GLY K 92 30.84 -29.32 17.44
C GLY K 92 31.19 -27.91 17.01
N SER K 93 30.92 -27.54 15.76
CA SER K 93 31.14 -26.16 15.35
C SER K 93 32.53 -25.64 15.68
N HIS K 94 33.55 -26.15 15.00
CA HIS K 94 34.92 -25.87 15.38
C HIS K 94 35.60 -24.84 14.47
N THR K 95 36.41 -23.99 15.07
CA THR K 95 36.95 -22.81 14.41
C THR K 95 38.41 -22.96 14.01
N VAL K 96 38.71 -22.59 12.77
CA VAL K 96 40.08 -22.65 12.29
C VAL K 96 40.50 -21.33 11.68
N GLN K 97 41.74 -20.94 11.95
CA GLN K 97 42.26 -19.64 11.56
C GLN K 97 43.64 -19.76 10.95
N ARG K 98 43.83 -19.13 9.80
CA ARG K 98 45.08 -19.23 9.08
C ARG K 98 45.70 -17.84 8.85
N MET K 99 46.96 -17.68 9.28
CA MET K 99 47.66 -16.41 9.18
C MET K 99 49.06 -16.54 8.56
N TYR K 100 49.29 -15.86 7.43
CA TYR K 100 50.63 -15.76 6.89
C TYR K 100 50.86 -14.41 6.24
N GLY K 101 52.13 -14.08 5.99
CA GLY K 101 52.49 -12.82 5.35
C GLY K 101 53.98 -12.54 5.34
N CYS K 102 54.36 -11.37 4.83
CA CYS K 102 55.78 -10.99 4.72
C CYS K 102 56.01 -9.53 5.11
N ASP K 103 57.28 -9.17 5.35
CA ASP K 103 57.63 -7.78 5.73
C ASP K 103 58.88 -7.23 5.09
N VAL K 104 58.73 -6.05 4.49
CA VAL K 104 59.87 -5.32 3.97
C VAL K 104 60.41 -4.35 5.01
N GLY K 105 61.70 -4.06 4.92
CA GLY K 105 62.32 -3.08 5.79
C GLY K 105 62.35 -1.71 5.14
N SER K 106 63.18 -0.82 5.67
CA SER K 106 63.29 0.51 5.09
C SER K 106 63.91 0.46 3.70
N ASP K 107 64.44 -0.71 3.33
CA ASP K 107 65.01 -0.93 2.01
C ASP K 107 64.05 -1.66 1.07
N TRP K 108 62.84 -1.91 1.55
CA TRP K 108 61.83 -2.66 0.81
C TRP K 108 62.30 -4.09 0.49
N ARG K 109 63.08 -4.67 1.39
CA ARG K 109 63.62 -6.01 1.18
C ARG K 109 63.02 -7.06 2.13
N PHE K 110 63.41 -8.31 1.95
CA PHE K 110 62.64 -9.48 2.40
C PHE K 110 62.72 -9.91 3.88
N LEU K 111 62.70 -8.96 4.82
CA LEU K 111 63.22 -9.18 6.19
C LEU K 111 62.62 -10.30 7.09
N ARG K 112 61.30 -10.48 7.15
CA ARG K 112 60.76 -11.59 7.96
C ARG K 112 59.61 -12.33 7.27
N GLY K 113 59.28 -13.51 7.79
CA GLY K 113 58.25 -14.34 7.19
C GLY K 113 57.25 -14.93 8.17
N TYR K 114 56.00 -14.52 8.03
CA TYR K 114 54.93 -15.06 8.86
C TYR K 114 54.32 -16.31 8.26
N HIS K 115 54.10 -17.32 9.10
CA HIS K 115 53.13 -18.35 8.76
C HIS K 115 52.67 -19.03 10.01
N GLN K 116 51.46 -18.76 10.41
CA GLN K 116 50.99 -19.39 11.62
C GLN K 116 49.52 -19.76 11.43
N TYR K 117 49.09 -20.83 12.10
CA TYR K 117 47.76 -21.37 11.94
C TYR K 117 47.28 -21.87 13.31
N ALA K 118 45.96 -21.92 13.53
CA ALA K 118 45.41 -22.27 14.85
C ALA K 118 44.00 -22.87 14.83
N TYR K 119 43.72 -23.80 15.75
CA TYR K 119 42.43 -24.48 15.82
C TYR K 119 41.69 -24.24 17.15
N ASP K 120 40.58 -23.51 17.05
CA ASP K 120 39.70 -23.21 18.18
C ASP K 120 40.35 -22.34 19.24
N GLY K 121 40.94 -21.22 18.82
CA GLY K 121 41.52 -20.25 19.73
C GLY K 121 42.91 -20.59 20.26
N LYS K 122 43.20 -21.88 20.29
CA LYS K 122 44.49 -22.39 20.75
C LYS K 122 45.54 -22.27 19.65
N ASP K 123 46.77 -21.98 20.04
CA ASP K 123 47.87 -22.00 19.07
C ASP K 123 48.14 -23.41 18.60
N TYR K 124 48.34 -23.57 17.30
CA TYR K 124 48.45 -24.90 16.75
C TYR K 124 49.86 -25.19 16.25
N ILE K 125 50.24 -24.54 15.16
CA ILE K 125 51.57 -24.68 14.57
C ILE K 125 52.05 -23.34 14.02
N ALA K 126 53.36 -23.13 14.02
CA ALA K 126 53.92 -21.91 13.45
C ALA K 126 55.22 -22.19 12.71
N LEU K 127 55.44 -21.42 11.65
CA LEU K 127 56.71 -21.44 10.92
C LEU K 127 57.72 -20.53 11.61
N LYS K 128 58.74 -21.14 12.21
CA LYS K 128 59.73 -20.35 12.92
C LYS K 128 60.51 -19.48 11.95
N GLU K 129 61.25 -18.53 12.50
CA GLU K 129 61.77 -17.38 11.78
C GLU K 129 62.68 -17.71 10.58
N ASP K 130 63.39 -18.82 10.65
CA ASP K 130 64.33 -19.15 9.58
C ASP K 130 63.61 -19.64 8.33
N LEU K 131 62.29 -19.84 8.45
CA LEU K 131 61.42 -20.29 7.38
C LEU K 131 61.72 -21.74 6.96
N ARG K 132 62.16 -22.56 7.91
CA ARG K 132 62.53 -23.95 7.63
C ARG K 132 62.13 -24.92 8.75
N SER K 133 61.88 -24.41 9.96
CA SER K 133 61.45 -25.27 11.05
C SER K 133 60.04 -24.93 11.52
N TRP K 134 59.48 -25.77 12.37
CA TRP K 134 58.10 -25.59 12.79
C TRP K 134 57.98 -25.70 14.31
N THR K 135 57.14 -24.87 14.90
CA THR K 135 56.90 -25.00 16.33
C THR K 135 55.44 -25.25 16.60
N ALA K 136 55.14 -26.24 17.42
CA ALA K 136 53.73 -26.50 17.69
C ALA K 136 53.45 -27.03 19.12
N ALA K 137 52.16 -27.15 19.47
CA ALA K 137 51.70 -27.34 20.86
C ALA K 137 51.65 -28.77 21.36
N ASP K 138 50.76 -29.57 20.78
CA ASP K 138 50.50 -30.91 21.30
C ASP K 138 51.10 -32.01 20.43
N MET K 139 50.64 -33.23 20.68
CA MET K 139 51.06 -34.39 19.91
C MET K 139 50.38 -34.36 18.54
N ALA K 140 49.14 -33.89 18.52
CA ALA K 140 48.38 -33.80 17.28
C ALA K 140 49.04 -32.83 16.30
N ALA K 141 49.57 -31.74 16.81
CA ALA K 141 50.25 -30.76 15.98
C ALA K 141 51.62 -31.28 15.57
N GLN K 142 52.18 -32.21 16.35
CA GLN K 142 53.49 -32.77 16.03
C GLN K 142 53.37 -33.94 15.06
N THR K 143 52.24 -34.63 15.11
CA THR K 143 51.89 -35.55 14.03
C THR K 143 51.92 -34.73 12.76
N THR K 144 51.22 -33.59 12.81
CA THR K 144 51.04 -32.74 11.65
C THR K 144 52.32 -32.10 11.14
N LYS K 145 53.19 -31.67 12.05
CA LYS K 145 54.40 -31.00 11.61
C LYS K 145 55.30 -31.93 10.81
N HIS K 146 55.56 -33.09 11.35
CA HIS K 146 56.37 -34.08 10.70
C HIS K 146 55.80 -34.34 9.32
N LYS K 147 54.48 -34.40 9.24
CA LYS K 147 53.81 -34.57 7.96
C LYS K 147 54.24 -33.49 7.00
N TRP K 148 54.08 -32.22 7.40
CA TRP K 148 54.49 -31.10 6.58
C TRP K 148 56.00 -31.12 6.37
N GLU K 149 56.71 -31.43 7.44
CA GLU K 149 58.17 -31.41 7.46
C GLU K 149 58.76 -32.27 6.35
N ALA K 150 58.35 -33.53 6.30
CA ALA K 150 58.84 -34.42 5.28
C ALA K 150 58.18 -34.15 3.93
N ALA K 151 57.00 -33.52 3.96
CA ALA K 151 56.29 -33.20 2.72
C ALA K 151 56.88 -31.96 2.04
N HIS K 152 57.94 -31.41 2.62
CA HIS K 152 58.63 -30.26 2.06
C HIS K 152 57.67 -29.09 1.83
N VAL K 153 57.15 -28.54 2.93
CA VAL K 153 56.24 -27.39 2.86
C VAL K 153 56.96 -26.08 3.17
N ALA K 154 58.01 -26.17 3.99
CA ALA K 154 58.79 -24.99 4.31
C ALA K 154 59.26 -24.32 3.04
N GLU K 155 59.67 -25.13 2.07
CA GLU K 155 60.19 -24.61 0.81
C GLU K 155 59.12 -23.95 -0.03
N GLN K 156 57.95 -24.57 -0.15
CA GLN K 156 56.88 -23.89 -0.88
C GLN K 156 56.64 -22.53 -0.29
N LEU K 157 56.57 -22.48 1.03
CA LEU K 157 56.18 -21.28 1.73
C LEU K 157 57.30 -20.26 1.72
N ARG K 158 58.52 -20.75 1.95
CA ARG K 158 59.70 -19.90 2.02
C ARG K 158 59.86 -19.07 0.76
N ALA K 159 59.97 -19.74 -0.37
CA ALA K 159 60.23 -19.07 -1.64
C ALA K 159 59.04 -18.25 -2.12
N TYR K 160 57.93 -18.34 -1.41
CA TYR K 160 56.79 -17.46 -1.68
C TYR K 160 57.01 -16.17 -0.93
N LEU K 161 57.25 -16.31 0.37
CA LEU K 161 57.57 -15.19 1.25
C LEU K 161 58.66 -14.34 0.66
N GLU K 162 59.78 -14.98 0.35
CA GLU K 162 60.90 -14.28 -0.27
C GLU K 162 60.53 -13.89 -1.69
N GLY K 163 59.72 -14.73 -2.33
CA GLY K 163 59.42 -14.56 -3.74
C GLY K 163 58.27 -13.64 -4.04
N THR K 164 57.20 -14.20 -4.60
CA THR K 164 56.11 -13.42 -5.14
C THR K 164 55.19 -12.81 -4.09
N CYS K 165 55.71 -12.59 -2.89
CA CYS K 165 54.95 -11.95 -1.83
C CYS K 165 55.44 -10.55 -1.52
N VAL K 166 56.76 -10.39 -1.44
CA VAL K 166 57.37 -9.06 -1.42
C VAL K 166 57.24 -8.48 -2.81
N GLU K 167 57.16 -9.36 -3.80
CA GLU K 167 57.09 -8.93 -5.19
C GLU K 167 55.76 -8.26 -5.46
N TRP K 168 54.68 -8.77 -4.89
CA TRP K 168 53.38 -8.13 -5.08
C TRP K 168 53.09 -7.13 -3.96
N LEU K 169 54.02 -7.04 -3.01
CA LEU K 169 53.96 -5.99 -2.00
C LEU K 169 54.45 -4.70 -2.64
N ARG K 170 55.56 -4.84 -3.36
CA ARG K 170 56.01 -3.87 -4.36
C ARG K 170 54.89 -3.14 -5.07
N ARG K 171 54.07 -3.92 -5.78
CA ARG K 171 53.10 -3.39 -6.74
C ARG K 171 51.79 -3.01 -6.06
N TYR K 172 51.70 -3.27 -4.75
CA TYR K 172 50.58 -2.79 -3.95
C TYR K 172 50.92 -1.43 -3.37
N LEU K 173 52.08 -1.35 -2.74
CA LEU K 173 52.52 -0.13 -2.07
C LEU K 173 52.65 1.01 -3.05
N GLU K 174 53.15 0.71 -4.25
CA GLU K 174 53.39 1.74 -5.25
C GLU K 174 52.09 2.20 -5.92
N ASN K 175 51.03 1.42 -5.79
CA ASN K 175 49.73 1.82 -6.36
C ASN K 175 48.98 2.79 -5.47
N GLY K 176 48.92 2.50 -4.18
CA GLY K 176 48.26 3.38 -3.24
C GLY K 176 49.28 4.24 -2.51
N LYS K 177 50.22 4.78 -3.27
CA LYS K 177 51.39 5.46 -2.70
C LYS K 177 51.00 6.70 -1.87
N GLU K 178 49.88 7.33 -2.21
CA GLU K 178 49.33 8.37 -1.33
C GLU K 178 48.05 7.94 -0.61
N THR K 179 47.81 6.63 -0.53
CA THR K 179 46.72 6.15 0.33
C THR K 179 47.22 5.02 1.23
N LEU K 180 48.44 4.55 0.98
CA LEU K 180 49.00 3.46 1.79
C LEU K 180 50.26 3.86 2.54
N GLN K 181 51.28 4.36 1.85
CA GLN K 181 52.42 4.89 2.58
C GLN K 181 52.17 6.36 2.84
N ARG K 182 51.16 6.60 3.66
CA ARG K 182 50.84 7.92 4.17
C ARG K 182 51.09 7.92 5.67
N THR K 183 51.13 9.10 6.24
CA THR K 183 50.99 9.25 7.69
C THR K 183 50.49 10.64 8.04
N ASP K 184 49.44 10.68 8.83
CA ASP K 184 48.90 11.97 9.20
C ASP K 184 48.56 12.02 10.68
N ALA K 185 48.84 13.19 11.28
CA ALA K 185 48.90 13.38 12.72
C ALA K 185 47.56 13.28 13.44
N PRO K 186 47.49 12.43 14.47
CA PRO K 186 46.29 12.17 15.27
C PRO K 186 45.70 13.45 15.82
N LYS K 187 44.52 13.83 15.35
CA LYS K 187 43.88 15.05 15.80
C LYS K 187 43.38 14.84 17.24
N THR K 188 43.61 15.84 18.09
CA THR K 188 43.58 15.66 19.55
C THR K 188 42.46 16.39 20.28
N HIS K 189 41.93 15.80 21.35
CA HIS K 189 40.81 16.42 22.08
C HIS K 189 40.89 16.39 23.60
N MET K 190 40.10 17.28 24.22
CA MET K 190 40.10 17.50 25.65
C MET K 190 38.77 17.01 26.25
N THR K 191 38.85 16.18 27.29
CA THR K 191 37.61 15.67 27.87
C THR K 191 37.52 15.97 29.36
N HIS K 192 36.29 16.22 29.80
CA HIS K 192 35.96 16.28 31.21
C HIS K 192 34.70 15.42 31.47
N HIS K 193 34.86 14.41 32.32
CA HIS K 193 33.75 13.63 32.85
C HIS K 193 33.95 13.53 34.36
N ALA K 194 33.01 14.04 35.15
CA ALA K 194 33.27 14.19 36.58
C ALA K 194 32.37 13.38 37.49
N VAL K 195 32.69 13.43 38.79
CA VAL K 195 31.89 12.82 39.83
C VAL K 195 31.62 13.82 40.96
N SER K 196 30.69 14.74 40.78
CA SER K 196 30.17 15.58 41.88
C SER K 196 31.16 16.35 42.77
N ASP K 197 32.17 16.93 42.16
CA ASP K 197 33.03 17.93 42.81
C ASP K 197 33.77 17.51 44.08
N HIS K 198 34.04 16.22 44.25
CA HIS K 198 34.97 15.82 45.27
C HIS K 198 36.19 15.43 44.49
N GLU K 199 35.92 15.16 43.21
CA GLU K 199 36.95 14.93 42.20
C GLU K 199 36.37 14.91 40.77
N ALA K 200 37.19 15.19 39.77
CA ALA K 200 36.80 15.03 38.36
C ALA K 200 37.68 14.00 37.64
N THR K 201 37.38 13.71 36.38
CA THR K 201 38.15 12.71 35.64
C THR K 201 38.33 13.13 34.16
N LEU K 202 39.53 13.58 33.82
CA LEU K 202 39.84 14.04 32.47
C LEU K 202 40.00 12.85 31.55
N ARG K 203 39.86 13.07 30.26
CA ARG K 203 40.23 12.04 29.30
C ARG K 203 40.88 12.58 28.03
N CYS K 204 41.62 11.71 27.36
CA CYS K 204 42.45 12.07 26.21
C CYS K 204 41.93 11.43 24.94
N TRP K 205 41.53 12.26 23.99
CA TRP K 205 41.16 11.76 22.68
C TRP K 205 42.31 11.98 21.70
N ALA K 206 42.83 10.90 21.13
CA ALA K 206 43.61 10.97 19.91
C ALA K 206 42.77 10.32 18.82
N LEU K 207 42.38 11.12 17.83
CA LEU K 207 41.38 10.68 16.87
C LEU K 207 41.87 10.60 15.44
N SER K 208 41.22 9.76 14.66
CA SER K 208 41.42 9.64 13.22
C SER K 208 42.88 9.69 12.79
N PHE K 209 43.63 8.65 13.11
CA PHE K 209 45.04 8.62 12.78
C PHE K 209 45.41 7.35 12.04
N TYR K 210 46.42 7.45 11.19
CA TYR K 210 46.98 6.28 10.52
C TYR K 210 48.49 6.41 10.56
N PRO K 211 49.20 5.31 10.90
CA PRO K 211 48.73 3.97 11.27
C PRO K 211 48.08 3.89 12.65
N ALA K 212 47.97 2.69 13.19
CA ALA K 212 47.24 2.48 14.44
C ALA K 212 48.16 2.28 15.63
N GLU K 213 49.46 2.31 15.38
CA GLU K 213 50.43 2.16 16.46
C GLU K 213 50.73 3.51 17.10
N ILE K 214 49.94 3.85 18.11
CA ILE K 214 50.09 5.08 18.87
C ILE K 214 50.19 4.68 20.34
N THR K 215 51.02 5.37 21.10
CA THR K 215 51.07 5.08 22.54
C THR K 215 50.74 6.30 23.39
N LEU K 216 49.56 6.23 24.00
CA LEU K 216 49.03 7.33 24.78
C LEU K 216 49.26 7.16 26.26
N THR K 217 50.06 8.07 26.78
CA THR K 217 50.36 8.12 28.19
C THR K 217 50.03 9.50 28.74
N TRP K 218 49.65 9.57 30.01
CA TRP K 218 49.61 10.83 30.71
C TRP K 218 50.71 10.91 31.71
N GLN K 219 51.15 12.13 31.97
CA GLN K 219 52.10 12.34 33.04
C GLN K 219 51.54 13.28 34.09
N ARG K 220 51.65 12.79 35.31
CA ARG K 220 51.20 13.47 36.49
C ARG K 220 52.36 14.29 36.91
N ASP K 221 52.15 15.56 37.09
CA ASP K 221 53.26 16.38 37.57
C ASP K 221 54.47 15.98 36.75
N GLY K 222 55.57 15.62 37.41
CA GLY K 222 56.66 14.93 36.79
C GLY K 222 56.39 13.51 36.34
N GLU K 223 55.63 12.77 37.15
CA GLU K 223 55.54 11.33 37.04
C GLU K 223 54.61 10.83 35.95
N ASP K 224 54.85 9.60 35.52
CA ASP K 224 53.92 8.84 34.71
C ASP K 224 52.91 8.11 35.58
N GLN K 225 51.67 8.01 35.12
CA GLN K 225 50.66 7.34 35.94
C GLN K 225 50.02 6.13 35.26
N THR K 226 49.83 5.09 36.06
CA THR K 226 49.28 3.82 35.59
C THR K 226 48.13 3.36 36.47
N GLN K 227 48.43 3.02 37.72
CA GLN K 227 47.50 2.36 38.64
C GLN K 227 46.09 2.98 38.71
N ASP K 228 46.01 4.26 38.36
CA ASP K 228 44.76 5.01 38.44
C ASP K 228 44.13 5.16 37.04
N THR K 229 44.98 5.18 36.01
CA THR K 229 44.51 5.30 34.63
C THR K 229 43.82 4.03 34.11
N GLU K 230 43.12 4.15 32.98
CA GLU K 230 42.76 2.99 32.17
C GLU K 230 42.44 3.37 30.73
N LEU K 231 43.11 2.68 29.81
CA LEU K 231 43.08 2.96 28.39
C LEU K 231 42.33 1.88 27.60
N VAL K 232 42.30 2.01 26.28
CA VAL K 232 41.56 1.05 25.45
C VAL K 232 42.37 0.41 24.33
N GLU K 233 41.89 -0.73 23.86
CA GLU K 233 42.32 -1.28 22.58
C GLU K 233 41.96 -0.28 21.50
N THR K 234 42.96 0.27 20.84
CA THR K 234 42.76 1.31 19.82
C THR K 234 41.58 0.99 18.90
N ARG K 235 40.56 1.84 18.93
CA ARG K 235 39.34 1.58 18.18
C ARG K 235 39.46 2.07 16.75
N PRO K 236 39.24 1.17 15.78
CA PRO K 236 39.16 1.61 14.39
C PRO K 236 37.90 2.42 14.20
N ALA K 237 37.97 3.48 13.41
CA ALA K 237 36.81 4.31 13.18
C ALA K 237 36.06 3.88 11.93
N GLY K 238 36.83 3.58 10.88
CA GLY K 238 36.35 3.58 9.53
C GLY K 238 37.15 4.69 8.89
N ASP K 239 37.43 4.58 7.59
CA ASP K 239 38.34 5.46 6.85
C ASP K 239 39.78 5.00 6.96
N GLY K 240 39.99 3.85 7.58
CA GLY K 240 41.35 3.40 7.87
C GLY K 240 42.04 4.35 8.83
N THR K 241 41.25 5.02 9.67
CA THR K 241 41.79 5.86 10.71
C THR K 241 41.34 5.33 12.07
N PHE K 242 42.06 5.70 13.12
CA PHE K 242 41.85 5.05 14.41
C PHE K 242 41.61 6.01 15.58
N GLN K 243 41.34 5.42 16.74
CA GLN K 243 40.96 6.17 17.92
C GLN K 243 41.44 5.45 19.18
N LYS K 244 41.85 6.20 20.19
CA LYS K 244 42.15 5.62 21.51
C LYS K 244 41.85 6.63 22.64
N TRP K 245 41.44 6.12 23.79
CA TRP K 245 40.95 6.95 24.89
C TRP K 245 41.68 6.67 26.20
N ALA K 246 42.16 7.73 26.87
CA ALA K 246 42.89 7.59 28.13
C ALA K 246 42.35 8.56 29.18
N ALA K 247 42.28 8.13 30.44
CA ALA K 247 41.64 8.91 31.50
C ALA K 247 42.17 8.58 32.90
N VAL K 248 42.11 9.55 33.80
CA VAL K 248 42.48 9.35 35.21
C VAL K 248 41.42 9.96 36.14
N VAL K 249 41.54 9.71 37.46
CA VAL K 249 40.77 10.48 38.44
C VAL K 249 41.61 11.64 38.99
N VAL K 250 41.24 12.83 38.53
CA VAL K 250 41.74 14.10 39.02
C VAL K 250 41.11 14.42 40.38
N PRO K 251 41.93 14.61 41.42
CA PRO K 251 41.31 15.30 42.56
C PRO K 251 40.89 16.71 42.12
N SER K 252 39.60 17.02 42.13
CA SER K 252 39.10 18.25 41.52
C SER K 252 39.72 19.53 42.06
N GLY K 253 40.16 20.38 41.13
CA GLY K 253 40.84 21.61 41.49
C GLY K 253 42.29 21.39 41.15
N GLN K 254 42.71 20.13 41.26
CA GLN K 254 44.10 19.77 40.98
C GLN K 254 44.32 19.52 39.49
N GLU K 255 43.30 19.77 38.67
CA GLU K 255 43.45 19.70 37.21
C GLU K 255 44.43 20.80 36.77
N GLN K 256 45.11 20.56 35.64
CA GLN K 256 46.28 21.33 35.13
C GLN K 256 47.62 20.81 35.70
N ARG K 257 47.62 19.79 36.57
CA ARG K 257 48.91 19.18 36.92
C ARG K 257 48.97 17.86 36.15
N TYR K 258 47.86 17.48 35.53
CA TYR K 258 47.87 16.33 34.65
C TYR K 258 48.16 16.76 33.24
N THR K 259 49.10 16.08 32.62
CA THR K 259 49.49 16.38 31.26
C THR K 259 48.80 15.39 30.32
N CYS K 260 49.16 15.46 29.05
CA CYS K 260 48.77 14.44 28.09
C CYS K 260 49.82 14.39 26.99
N HIS K 261 50.16 13.18 26.58
CA HIS K 261 51.35 12.97 25.76
C HIS K 261 51.12 11.86 24.71
N VAL K 262 51.16 12.26 23.44
CA VAL K 262 50.71 11.39 22.37
C VAL K 262 51.83 11.00 21.41
N GLN K 263 52.34 9.78 21.54
CA GLN K 263 53.39 9.35 20.63
C GLN K 263 52.83 8.54 19.48
N HIS K 264 52.99 9.10 18.27
CA HIS K 264 52.52 8.53 17.02
C HIS K 264 53.58 8.98 15.98
N GLU K 265 53.49 8.52 14.73
CA GLU K 265 54.60 8.72 13.79
C GLU K 265 54.55 10.03 12.98
N GLY K 266 53.35 10.53 12.69
CA GLY K 266 53.23 11.74 11.87
C GLY K 266 53.70 13.02 12.52
N LEU K 267 54.15 12.92 13.77
CA LEU K 267 54.51 14.06 14.61
C LEU K 267 56.02 14.12 14.80
N PRO K 268 56.62 15.33 14.66
CA PRO K 268 58.07 15.50 14.75
C PRO K 268 58.64 14.88 16.01
N LYS K 269 58.03 15.21 17.14
CA LYS K 269 58.22 14.47 18.36
C LYS K 269 56.94 14.67 19.18
N PRO K 270 56.70 13.83 20.21
CA PRO K 270 55.39 13.77 20.87
C PRO K 270 54.80 15.10 21.23
N LEU K 271 53.48 15.19 21.12
CA LEU K 271 52.80 16.42 21.48
C LEU K 271 52.48 16.41 22.97
N THR K 272 52.27 17.60 23.54
CA THR K 272 51.98 17.74 24.96
C THR K 272 50.66 18.47 25.16
N LEU K 273 49.71 17.78 25.77
CA LEU K 273 48.35 18.25 25.84
C LEU K 273 47.90 18.45 27.25
N ARG K 274 47.08 19.46 27.46
CA ARG K 274 46.54 19.75 28.77
C ARG K 274 45.31 20.63 28.63
N TRP K 275 44.63 20.86 29.74
CA TRP K 275 43.51 21.80 29.78
C TRP K 275 43.95 23.17 29.27
N MET L 1 37.96 -26.11 22.66
CA MET L 1 36.93 -25.09 22.63
C MET L 1 36.89 -24.30 23.94
N ILE L 2 37.71 -23.26 24.04
CA ILE L 2 37.60 -22.42 25.22
C ILE L 2 37.41 -20.95 24.91
N GLN L 3 36.44 -20.38 25.61
CA GLN L 3 35.94 -19.05 25.40
C GLN L 3 36.92 -17.96 25.83
N ARG L 4 36.76 -16.79 25.20
CA ARG L 4 37.29 -15.53 25.72
C ARG L 4 36.25 -14.43 25.54
N THR L 5 35.77 -13.94 26.68
CA THR L 5 34.69 -12.96 26.80
C THR L 5 34.87 -11.66 26.00
N PRO L 6 33.83 -11.26 25.24
CA PRO L 6 33.91 -10.04 24.41
C PRO L 6 34.20 -8.78 25.21
N LYS L 7 34.75 -7.79 24.54
CA LYS L 7 34.80 -6.46 25.10
C LYS L 7 34.01 -5.56 24.18
N ILE L 8 32.93 -4.97 24.70
CA ILE L 8 32.09 -4.12 23.88
C ILE L 8 32.37 -2.65 24.19
N GLN L 9 32.45 -1.83 23.14
CA GLN L 9 32.60 -0.38 23.22
C GLN L 9 31.96 0.34 22.07
N VAL L 10 30.86 1.00 22.42
CA VAL L 10 30.01 1.73 21.52
C VAL L 10 30.37 3.21 21.48
N TYR L 11 30.73 3.68 20.29
CA TYR L 11 31.14 5.05 20.13
C TYR L 11 30.62 5.63 18.84
N SER L 12 31.24 6.71 18.39
CA SER L 12 30.58 7.60 17.46
C SER L 12 31.33 7.83 16.16
N ARG L 13 32.58 7.41 16.01
CA ARG L 13 33.30 7.52 14.71
C ARG L 13 33.53 8.96 14.34
N HIS L 14 33.08 9.80 15.23
CA HIS L 14 33.45 11.21 15.28
C HIS L 14 32.88 11.83 16.55
N PRO L 15 33.49 12.94 17.02
CA PRO L 15 32.80 13.59 18.13
C PRO L 15 31.42 14.04 17.67
N ALA L 16 30.38 13.61 18.37
CA ALA L 16 29.01 13.91 17.97
C ALA L 16 28.74 15.42 18.03
N GLU L 17 28.09 15.91 16.97
CA GLU L 17 27.62 17.28 16.89
C GLU L 17 26.15 17.20 16.50
N ASN L 18 25.28 17.57 17.43
CA ASN L 18 23.86 17.29 17.26
C ASN L 18 23.20 18.03 16.11
N GLY L 19 22.51 17.25 15.28
CA GLY L 19 21.77 17.78 14.16
C GLY L 19 22.26 17.33 12.81
N LYS L 20 23.43 16.69 12.76
CA LYS L 20 24.03 16.37 11.47
C LYS L 20 25.25 15.44 11.47
N SER L 21 25.25 14.49 10.53
CA SER L 21 26.44 14.01 9.82
C SER L 21 27.46 13.08 10.47
N ASN L 22 27.05 12.16 11.34
CA ASN L 22 28.04 11.27 11.93
C ASN L 22 27.63 9.81 11.94
N PHE L 23 28.59 8.89 12.06
CA PHE L 23 28.27 7.48 12.15
C PHE L 23 28.12 7.00 13.59
N LEU L 24 27.79 5.70 13.73
CA LEU L 24 27.72 5.07 15.04
C LEU L 24 28.34 3.69 14.95
N ASN L 25 29.41 3.47 15.68
CA ASN L 25 30.11 2.21 15.66
C ASN L 25 29.85 1.38 16.91
N CYS L 26 30.14 0.09 16.84
CA CYS L 26 30.06 -0.79 18.00
C CYS L 26 31.21 -1.79 17.98
N TYR L 27 32.42 -1.27 18.13
CA TYR L 27 33.60 -2.12 18.08
C TYR L 27 33.66 -3.10 19.24
N VAL L 28 33.52 -4.38 18.93
CA VAL L 28 33.69 -5.42 19.93
C VAL L 28 34.93 -6.26 19.60
N SER L 29 35.67 -6.64 20.63
CA SER L 29 36.94 -7.33 20.39
C SER L 29 37.25 -8.37 21.46
N GLY L 30 38.40 -9.03 21.28
CA GLY L 30 38.89 -10.01 22.24
C GLY L 30 37.89 -11.10 22.54
N PHE L 31 37.40 -11.75 21.49
CA PHE L 31 36.42 -12.82 21.69
C PHE L 31 36.72 -14.06 20.87
N HIS L 32 35.80 -15.02 21.01
CA HIS L 32 35.85 -16.35 20.43
C HIS L 32 34.55 -16.97 20.95
N PRO L 33 33.91 -17.86 20.17
CA PRO L 33 34.25 -18.10 18.78
C PRO L 33 33.45 -17.11 17.96
N SER L 34 33.54 -17.21 16.65
CA SER L 34 32.99 -16.19 15.75
C SER L 34 31.51 -15.86 15.84
N ASP L 35 30.70 -16.77 16.34
CA ASP L 35 29.25 -16.58 16.23
C ASP L 35 28.78 -15.56 17.26
N ILE L 36 28.55 -14.34 16.77
CA ILE L 36 28.01 -13.23 17.56
C ILE L 36 26.74 -12.68 16.95
N GLU L 37 25.82 -12.24 17.81
CA GLU L 37 24.70 -11.45 17.33
C GLU L 37 24.64 -10.08 18.00
N VAL L 38 24.95 -9.05 17.23
CA VAL L 38 24.81 -7.68 17.69
C VAL L 38 23.65 -7.03 16.99
N ASP L 39 23.07 -6.02 17.62
CA ASP L 39 22.27 -5.09 16.83
C ASP L 39 22.31 -3.67 17.38
N LEU L 40 22.11 -2.73 16.46
CA LEU L 40 22.18 -1.31 16.78
C LEU L 40 20.78 -0.75 16.97
N LEU L 41 20.55 -0.18 18.15
CA LEU L 41 19.24 0.29 18.54
C LEU L 41 19.20 1.81 18.67
N LYS L 42 18.08 2.36 18.25
CA LYS L 42 17.50 3.60 18.73
C LYS L 42 16.95 3.59 20.15
N ASN L 43 16.29 2.51 20.56
CA ASN L 43 15.58 2.54 21.85
C ASN L 43 15.64 1.42 22.90
N GLY L 44 15.44 0.19 22.48
CA GLY L 44 15.67 -0.21 21.11
C GLY L 44 14.59 -0.75 20.21
N GLU L 45 14.60 -0.20 19.01
CA GLU L 45 14.10 -0.86 17.84
C GLU L 45 15.30 -1.04 16.91
N ARG L 46 15.50 -2.26 16.49
CA ARG L 46 16.65 -2.71 15.72
C ARG L 46 16.59 -2.23 14.26
N ILE L 47 17.35 -1.20 13.91
CA ILE L 47 17.43 -0.79 12.50
C ILE L 47 18.58 -1.52 11.83
N GLU L 48 18.27 -2.31 10.80
CA GLU L 48 19.28 -3.24 10.28
C GLU L 48 19.55 -3.23 8.75
N LYS L 49 19.97 -2.08 8.25
CA LYS L 49 20.81 -2.10 7.06
C LYS L 49 22.18 -1.65 7.54
N VAL L 50 22.29 -1.68 8.87
CA VAL L 50 23.55 -1.71 9.60
C VAL L 50 24.46 -2.72 8.93
N GLU L 51 25.62 -2.26 8.46
CA GLU L 51 26.54 -3.15 7.78
C GLU L 51 27.82 -3.30 8.60
N HIS L 52 28.48 -4.43 8.40
CA HIS L 52 29.60 -4.79 9.25
C HIS L 52 30.90 -4.90 8.48
N SER L 53 32.01 -4.67 9.16
CA SER L 53 33.32 -4.86 8.57
C SER L 53 33.69 -6.31 8.74
N ASP L 54 34.87 -6.68 8.25
CA ASP L 54 35.07 -8.06 7.85
C ASP L 54 36.05 -8.82 8.70
N LEU L 55 35.53 -9.90 9.26
CA LEU L 55 36.12 -10.59 10.38
C LEU L 55 37.63 -10.76 10.25
N SER L 56 38.34 -10.08 11.14
CA SER L 56 39.76 -10.27 11.33
C SER L 56 40.03 -10.62 12.77
N PHE L 57 41.10 -11.35 12.98
CA PHE L 57 41.57 -11.63 14.32
C PHE L 57 42.88 -10.86 14.52
N SER L 58 43.26 -10.66 15.77
CA SER L 58 44.59 -10.23 16.13
C SER L 58 45.11 -11.38 16.92
N LYS L 59 46.40 -11.63 16.87
CA LYS L 59 46.86 -12.94 17.14
C LYS L 59 46.84 -13.18 18.61
N ASP L 60 45.66 -12.95 19.15
CA ASP L 60 45.23 -13.49 20.41
C ASP L 60 44.55 -14.75 20.00
N TRP L 61 44.27 -14.84 18.72
CA TRP L 61 43.18 -15.69 18.21
C TRP L 61 41.83 -15.18 18.57
N SER L 62 41.82 -13.93 18.97
CA SER L 62 40.59 -13.31 19.35
C SER L 62 40.14 -12.43 18.20
N PHE L 63 38.97 -12.75 17.65
CA PHE L 63 38.44 -11.97 16.53
C PHE L 63 38.08 -10.55 16.96
N TYR L 64 37.69 -9.75 15.98
CA TYR L 64 37.05 -8.50 16.25
C TYR L 64 36.37 -7.97 15.02
N LEU L 65 35.28 -7.27 15.19
CA LEU L 65 34.56 -6.62 14.09
C LEU L 65 33.54 -5.63 14.63
N LEU L 66 33.20 -4.62 13.82
CA LEU L 66 32.34 -3.54 14.28
C LEU L 66 31.19 -3.27 13.33
N TYR L 67 30.22 -2.47 13.79
CA TYR L 67 28.99 -2.24 13.04
C TYR L 67 28.67 -0.76 12.94
N TYR L 68 28.54 -0.27 11.71
CA TYR L 68 28.33 1.15 11.48
C TYR L 68 27.18 1.40 10.52
N THR L 69 26.25 2.26 10.95
CA THR L 69 25.20 2.77 10.08
C THR L 69 25.24 4.30 10.17
N GLU L 70 24.65 4.98 9.20
CA GLU L 70 24.60 6.44 9.27
C GLU L 70 23.62 6.82 10.37
N PHE L 71 23.98 7.87 11.09
CA PHE L 71 23.50 8.18 12.41
C PHE L 71 23.24 9.68 12.49
N THR L 72 22.07 10.07 12.97
CA THR L 72 21.79 11.49 13.12
C THR L 72 21.46 11.81 14.58
N PRO L 73 22.42 12.44 15.28
CA PRO L 73 22.37 12.68 16.73
C PRO L 73 21.50 13.84 17.17
N THR L 74 20.52 13.57 18.03
CA THR L 74 19.83 14.64 18.73
C THR L 74 20.02 14.45 20.23
N GLU L 75 19.64 15.47 21.00
CA GLU L 75 19.91 15.53 22.44
C GLU L 75 19.15 14.45 23.21
N LYS L 76 18.10 13.90 22.61
CA LYS L 76 17.28 12.91 23.30
C LYS L 76 17.58 11.51 22.79
N ASP L 77 17.60 11.34 21.48
CA ASP L 77 17.58 10.01 20.96
C ASP L 77 18.76 9.36 21.61
N GLU L 78 18.54 8.20 22.17
CA GLU L 78 19.59 7.52 22.85
C GLU L 78 19.75 6.22 22.13
N TYR L 79 20.99 5.90 21.81
CA TYR L 79 21.34 4.74 21.01
C TYR L 79 22.15 3.80 21.87
N ALA L 80 22.13 2.52 21.52
CA ALA L 80 22.84 1.54 22.31
C ALA L 80 23.35 0.43 21.40
N CYS L 81 24.07 -0.50 22.01
CA CYS L 81 24.50 -1.71 21.31
C CYS L 81 24.16 -2.91 22.19
N ARG L 82 23.39 -3.85 21.65
CA ARG L 82 23.11 -5.06 22.39
C ARG L 82 23.68 -6.22 21.62
N VAL L 83 24.41 -7.06 22.32
CA VAL L 83 25.15 -8.16 21.73
C VAL L 83 24.94 -9.43 22.55
N ASN L 84 24.89 -10.58 21.88
CA ASN L 84 24.79 -11.84 22.61
C ASN L 84 25.98 -12.73 22.26
N HIS L 85 26.39 -13.57 23.20
CA HIS L 85 27.57 -14.38 23.04
C HIS L 85 27.51 -15.49 24.08
N VAL L 86 28.42 -16.43 23.97
CA VAL L 86 28.49 -17.61 24.82
C VAL L 86 28.80 -17.27 26.26
N THR L 87 29.63 -16.27 26.47
CA THR L 87 30.04 -15.90 27.81
C THR L 87 28.75 -15.56 28.54
N LEU L 88 27.85 -14.95 27.81
CA LEU L 88 26.81 -14.17 28.41
C LEU L 88 25.56 -14.97 28.81
N SER L 89 24.95 -14.55 29.91
CA SER L 89 23.63 -15.04 30.29
C SER L 89 22.65 -14.55 29.25
N GLN L 90 22.44 -13.25 29.27
CA GLN L 90 21.49 -12.64 28.38
C GLN L 90 22.16 -11.52 27.66
N PRO L 91 21.67 -11.20 26.49
CA PRO L 91 22.29 -10.08 25.77
C PRO L 91 22.48 -8.89 26.71
N LYS L 92 23.72 -8.51 26.95
CA LYS L 92 24.04 -7.36 27.78
C LYS L 92 23.87 -6.08 26.98
N ILE L 93 23.09 -5.15 27.51
CA ILE L 93 22.80 -3.90 26.80
C ILE L 93 23.48 -2.71 27.45
N VAL L 94 24.52 -2.20 26.79
CA VAL L 94 25.12 -0.94 27.20
C VAL L 94 24.69 0.12 26.19
N LYS L 95 24.50 1.34 26.67
CA LYS L 95 24.10 2.43 25.79
C LYS L 95 25.31 3.26 25.39
N TRP L 96 25.07 4.26 24.55
CA TRP L 96 26.13 5.13 24.05
C TRP L 96 26.25 6.41 24.86
N ASP L 97 27.42 6.64 25.45
CA ASP L 97 27.77 7.93 26.05
C ASP L 97 28.72 8.63 25.06
N ARG L 98 28.36 9.86 24.71
CA ARG L 98 29.02 10.60 23.62
C ARG L 98 30.47 10.98 23.93
N ASP L 99 30.70 11.59 25.09
CA ASP L 99 32.05 12.01 25.49
C ASP L 99 32.79 10.87 26.18
N MET L 100 32.34 9.65 25.92
CA MET L 100 33.05 8.44 26.32
C MET L 100 33.22 7.60 25.05
N ILE M 2 40.78 -23.54 -16.31
CA ILE M 2 41.21 -23.75 -17.69
C ILE M 2 42.46 -22.91 -17.98
N LEU M 3 43.56 -23.29 -17.33
CA LEU M 3 44.87 -22.73 -17.65
C LEU M 3 45.51 -23.60 -18.71
N ASN M 4 46.68 -23.20 -19.20
CA ASN M 4 47.34 -23.96 -20.25
C ASN M 4 48.30 -25.04 -19.72
N VAL M 5 48.17 -26.24 -20.27
CA VAL M 5 49.20 -27.26 -20.12
C VAL M 5 49.38 -27.94 -21.47
N GLU M 6 50.39 -27.50 -22.22
CA GLU M 6 50.64 -28.09 -23.53
C GLU M 6 52.04 -28.69 -23.60
N GLN M 7 52.08 -30.01 -23.46
CA GLN M 7 53.32 -30.78 -23.53
C GLN M 7 53.82 -30.82 -24.98
N SER M 8 55.08 -31.18 -25.17
CA SER M 8 55.66 -31.16 -26.49
C SER M 8 56.93 -32.02 -26.55
N PRO M 9 57.24 -32.58 -27.73
CA PRO M 9 56.38 -32.66 -28.92
C PRO M 9 55.57 -33.95 -28.86
N GLN M 10 54.40 -34.03 -29.50
CA GLN M 10 53.49 -35.12 -29.18
C GLN M 10 54.06 -36.52 -29.47
N SER M 11 54.76 -36.70 -30.59
CA SER M 11 55.28 -38.04 -30.91
C SER M 11 56.77 -38.11 -31.20
N LEU M 12 57.41 -39.13 -30.63
CA LEU M 12 58.83 -39.34 -30.82
C LEU M 12 59.22 -40.80 -31.06
N HIS M 13 60.06 -41.03 -32.06
CA HIS M 13 60.77 -42.29 -32.20
C HIS M 13 62.26 -42.00 -32.15
N VAL M 14 62.98 -42.67 -31.26
CA VAL M 14 64.45 -42.65 -31.30
C VAL M 14 64.96 -44.05 -31.51
N GLN M 15 66.26 -44.17 -31.77
CA GLN M 15 66.86 -45.48 -31.68
C GLN M 15 67.43 -45.67 -30.29
N GLU M 16 67.61 -46.94 -29.97
CA GLU M 16 68.10 -47.37 -28.68
C GLU M 16 69.50 -46.86 -28.37
N GLY M 17 69.61 -46.09 -27.29
CA GLY M 17 70.89 -45.52 -26.91
C GLY M 17 71.07 -44.15 -27.50
N ASP M 18 69.99 -43.38 -27.52
CA ASP M 18 70.05 -41.99 -27.94
C ASP M 18 69.35 -41.11 -26.93
N SER M 19 69.53 -39.80 -27.02
CA SER M 19 69.04 -38.88 -26.01
C SER M 19 67.98 -37.93 -26.57
N THR M 20 67.02 -37.54 -25.73
CA THR M 20 65.94 -36.63 -26.15
C THR M 20 65.34 -35.76 -25.03
N ASN M 21 64.35 -34.96 -25.42
CA ASN M 21 63.74 -33.94 -24.55
C ASN M 21 62.20 -33.98 -24.54
N PHE M 22 61.60 -33.30 -23.57
CA PHE M 22 60.18 -32.90 -23.62
C PHE M 22 60.04 -31.44 -23.23
N THR M 23 58.89 -30.84 -23.55
CA THR M 23 58.66 -29.44 -23.23
C THR M 23 57.28 -29.21 -22.63
N CYS M 24 57.11 -29.51 -21.35
CA CYS M 24 55.87 -29.16 -20.68
C CYS M 24 55.82 -27.64 -20.53
N SER M 25 54.78 -27.02 -21.05
CA SER M 25 54.59 -25.58 -20.87
C SER M 25 53.47 -25.36 -19.86
N PHE M 26 53.59 -24.31 -19.05
CA PHE M 26 52.56 -23.98 -18.08
C PHE M 26 52.63 -22.49 -17.76
N PRO M 27 51.53 -21.90 -17.25
CA PRO M 27 51.49 -20.45 -17.10
C PRO M 27 52.50 -19.84 -16.14
N SER M 28 52.98 -18.66 -16.49
CA SER M 28 53.98 -18.01 -15.70
C SER M 28 53.48 -17.70 -14.30
N SER M 29 52.23 -17.28 -14.18
CA SER M 29 51.73 -16.75 -12.93
C SER M 29 51.27 -17.76 -11.91
N ASN M 30 51.77 -17.61 -10.70
CA ASN M 30 51.28 -18.36 -9.56
C ASN M 30 51.36 -19.85 -9.69
N PHE M 31 52.36 -20.26 -10.42
CA PHE M 31 52.94 -21.60 -10.32
C PHE M 31 53.02 -22.06 -8.88
N TYR M 32 52.64 -23.31 -8.62
CA TYR M 32 52.86 -23.88 -7.30
C TYR M 32 53.74 -25.12 -7.35
N ALA M 33 53.34 -26.11 -8.14
CA ALA M 33 54.10 -27.34 -8.19
C ALA M 33 54.06 -27.97 -9.58
N LEU M 34 54.89 -28.98 -9.79
CA LEU M 34 54.91 -29.67 -11.08
C LEU M 34 55.19 -31.16 -10.92
N HIS M 35 54.56 -31.96 -11.78
CA HIS M 35 54.79 -33.40 -11.81
C HIS M 35 55.41 -33.86 -13.12
N TRP M 36 55.76 -35.13 -13.16
CA TRP M 36 56.10 -35.81 -14.40
C TRP M 36 55.67 -37.26 -14.26
N TYR M 37 54.97 -37.77 -15.27
CA TYR M 37 54.46 -39.12 -15.22
C TYR M 37 54.87 -39.94 -16.43
N ARG M 38 54.96 -41.26 -16.25
CA ARG M 38 55.28 -42.16 -17.34
C ARG M 38 54.18 -43.20 -17.49
N TRP M 39 53.68 -43.36 -18.71
CA TRP M 39 52.58 -44.29 -18.93
C TRP M 39 52.96 -45.39 -19.92
N GLU M 40 53.50 -46.51 -19.41
CA GLU M 40 53.82 -47.67 -20.25
C GLU M 40 52.50 -48.36 -20.65
N THR M 41 52.30 -48.50 -21.97
CA THR M 41 51.03 -48.79 -22.64
C THR M 41 50.17 -49.83 -21.91
N ALA M 42 50.76 -50.97 -21.58
CA ALA M 42 50.11 -51.90 -20.68
C ALA M 42 50.09 -51.27 -19.28
N LYS M 43 48.94 -50.67 -18.95
CA LYS M 43 48.89 -49.57 -18.00
C LYS M 43 49.24 -49.87 -16.56
N SER M 44 50.13 -49.07 -16.04
CA SER M 44 50.34 -48.88 -14.64
C SER M 44 51.18 -47.62 -14.65
N PRO M 45 50.51 -46.39 -14.62
CA PRO M 45 51.41 -45.25 -14.80
C PRO M 45 51.99 -44.88 -13.47
N GLU M 46 53.31 -44.99 -13.38
CA GLU M 46 54.05 -44.65 -12.17
C GLU M 46 54.53 -43.20 -12.19
N ALA M 47 54.61 -42.61 -11.00
CA ALA M 47 55.10 -41.26 -10.84
C ALA M 47 56.59 -41.17 -11.13
N LEU M 48 57.07 -39.97 -11.42
CA LEU M 48 58.49 -39.76 -11.68
C LEU M 48 59.06 -38.65 -10.78
N PHE M 49 58.84 -37.40 -11.17
CA PHE M 49 59.38 -36.26 -10.45
C PHE M 49 58.34 -35.48 -9.67
N VAL M 50 58.80 -34.79 -8.63
CA VAL M 50 58.11 -33.63 -8.08
C VAL M 50 59.01 -32.43 -8.28
N MET M 51 58.50 -31.42 -8.96
CA MET M 51 59.26 -30.23 -9.30
C MET M 51 58.61 -29.02 -8.65
N THR M 52 59.25 -28.49 -7.61
CA THR M 52 58.60 -27.54 -6.71
C THR M 52 59.13 -26.08 -6.78
N LEU M 53 60.42 -25.88 -6.90
CA LEU M 53 60.96 -24.53 -6.86
C LEU M 53 61.80 -24.15 -8.04
N ASN M 54 61.47 -23.02 -8.63
CA ASN M 54 62.24 -22.55 -9.74
C ASN M 54 63.63 -22.30 -9.17
N GLY M 55 64.66 -22.82 -9.82
CA GLY M 55 64.53 -23.93 -10.74
C GLY M 55 65.17 -25.15 -10.14
N ASP M 56 64.34 -26.08 -9.68
CA ASP M 56 64.82 -27.30 -9.06
C ASP M 56 65.42 -28.11 -10.19
N GLU M 57 66.33 -29.02 -9.86
CA GLU M 57 66.78 -30.02 -10.81
C GLU M 57 66.79 -31.38 -10.14
N LYS M 58 66.27 -32.39 -10.83
CA LYS M 58 66.15 -33.73 -10.28
C LYS M 58 66.87 -34.77 -11.14
N LYS M 59 67.52 -35.71 -10.48
CA LYS M 59 68.33 -36.73 -11.16
C LYS M 59 67.80 -38.12 -10.87
N LYS M 60 67.65 -38.94 -11.89
CA LYS M 60 67.16 -40.29 -11.68
C LYS M 60 67.61 -41.19 -12.82
N GLY M 61 68.61 -42.00 -12.55
CA GLY M 61 69.10 -42.89 -13.57
C GLY M 61 69.39 -42.01 -14.75
N ARG M 62 68.90 -42.42 -15.90
CA ARG M 62 68.95 -41.63 -17.11
C ARG M 62 68.14 -40.34 -17.07
N ILE M 63 66.98 -40.40 -16.45
CA ILE M 63 65.93 -39.39 -16.61
C ILE M 63 66.17 -38.12 -15.80
N SER M 64 66.06 -36.97 -16.44
CA SER M 64 66.34 -35.69 -15.80
C SER M 64 65.31 -34.61 -16.14
N ALA M 65 64.93 -33.82 -15.13
CA ALA M 65 64.03 -32.69 -15.34
C ALA M 65 64.64 -31.35 -14.94
N THR M 66 64.30 -30.32 -15.71
CA THR M 66 64.65 -28.94 -15.41
C THR M 66 63.35 -28.24 -15.06
N LEU M 67 63.42 -27.04 -14.47
CA LEU M 67 62.23 -26.28 -14.12
C LEU M 67 62.46 -24.78 -14.21
N ASN M 68 61.60 -24.09 -14.96
CA ASN M 68 61.57 -22.64 -14.97
C ASN M 68 60.19 -22.15 -14.53
N THR M 69 60.02 -21.82 -13.26
CA THR M 69 58.73 -21.34 -12.75
C THR M 69 58.19 -20.17 -13.54
N LYS M 70 59.05 -19.27 -13.96
CA LYS M 70 58.56 -18.13 -14.66
C LYS M 70 58.58 -18.40 -16.13
N GLU M 71 59.09 -19.54 -16.54
CA GLU M 71 59.38 -19.72 -17.95
C GLU M 71 58.15 -19.60 -18.84
N GLY M 72 57.04 -20.22 -18.46
CA GLY M 72 57.01 -21.22 -17.42
C GLY M 72 57.17 -22.62 -17.94
N TYR M 73 58.23 -22.89 -18.68
CA TYR M 73 58.40 -24.22 -19.22
C TYR M 73 59.14 -25.16 -18.27
N SER M 74 59.26 -26.40 -18.71
CA SER M 74 59.98 -27.44 -17.97
C SER M 74 60.42 -28.52 -18.94
N TYR M 75 61.69 -28.89 -18.88
CA TYR M 75 62.20 -29.91 -19.77
C TYR M 75 62.25 -31.27 -19.08
N LEU M 76 62.15 -32.32 -19.88
CA LEU M 76 62.39 -33.67 -19.39
C LEU M 76 63.33 -34.37 -20.36
N TYR M 77 64.36 -35.00 -19.80
CA TYR M 77 65.40 -35.60 -20.60
C TYR M 77 65.53 -37.09 -20.32
N ILE M 78 65.66 -37.87 -21.38
CA ILE M 78 66.13 -39.25 -21.24
C ILE M 78 67.40 -39.38 -22.08
N LYS M 79 68.47 -39.84 -21.45
CA LYS M 79 69.77 -39.81 -22.11
C LYS M 79 70.03 -41.09 -22.89
N GLY M 80 69.65 -42.22 -22.32
CA GLY M 80 69.65 -43.47 -23.04
C GLY M 80 68.22 -43.83 -23.38
N SER M 81 67.99 -44.52 -24.48
CA SER M 81 66.63 -44.83 -24.80
C SER M 81 66.59 -46.32 -24.82
N GLN M 82 65.64 -46.92 -24.12
CA GLN M 82 65.81 -48.28 -23.67
C GLN M 82 64.57 -49.15 -23.49
N PRO M 83 64.78 -50.38 -22.84
CA PRO M 83 63.63 -51.30 -22.90
C PRO M 83 62.31 -50.93 -22.25
N GLU M 84 62.20 -50.44 -21.03
CA GLU M 84 60.83 -50.12 -20.67
C GLU M 84 60.43 -48.72 -21.07
N ASP M 85 61.41 -47.91 -21.43
CA ASP M 85 61.19 -46.48 -21.50
C ASP M 85 60.34 -46.08 -22.70
N SER M 86 59.98 -47.03 -23.54
CA SER M 86 59.00 -46.79 -24.60
C SER M 86 57.64 -46.61 -23.94
N ALA M 87 57.16 -45.37 -23.93
CA ALA M 87 55.93 -45.04 -23.23
C ALA M 87 55.39 -43.66 -23.60
N THR M 88 54.21 -43.32 -23.08
CA THR M 88 53.66 -41.99 -23.28
C THR M 88 53.76 -41.19 -21.99
N TYR M 89 54.02 -39.90 -22.11
CA TYR M 89 54.37 -39.09 -20.94
C TYR M 89 53.38 -37.96 -20.69
N LEU M 90 53.25 -37.60 -19.41
CA LEU M 90 52.29 -36.61 -18.98
C LEU M 90 52.85 -35.80 -17.81
N CYS M 91 52.78 -34.47 -17.93
CA CYS M 91 53.21 -33.56 -16.87
C CYS M 91 51.99 -32.97 -16.19
N ALA M 92 52.11 -32.67 -14.90
CA ALA M 92 50.98 -32.12 -14.17
C ALA M 92 51.30 -30.76 -13.56
N PHE M 93 50.66 -29.72 -14.08
CA PHE M 93 50.81 -28.38 -13.52
C PHE M 93 49.70 -28.08 -12.52
N ILE M 94 50.02 -28.15 -11.23
CA ILE M 94 49.02 -27.84 -10.22
C ILE M 94 49.10 -26.36 -9.87
N THR M 95 47.94 -25.79 -9.60
CA THR M 95 47.82 -24.47 -9.02
C THR M 95 46.51 -24.42 -8.24
N GLY M 96 46.55 -23.94 -7.01
CA GLY M 96 45.36 -23.80 -6.20
C GLY M 96 44.43 -25.00 -6.15
N ASN M 97 44.97 -26.15 -5.79
CA ASN M 97 44.16 -27.35 -5.55
C ASN M 97 43.34 -27.82 -6.76
N GLN M 98 43.91 -27.76 -7.96
CA GLN M 98 43.25 -28.28 -9.16
C GLN M 98 44.27 -28.79 -10.17
N PHE M 99 44.16 -30.07 -10.54
CA PHE M 99 45.13 -30.65 -11.46
C PHE M 99 44.82 -30.34 -12.91
N TYR M 100 45.75 -29.66 -13.57
CA TYR M 100 45.65 -29.41 -15.01
C TYR M 100 46.73 -30.19 -15.75
N PHE M 101 46.35 -31.27 -16.41
CA PHE M 101 47.28 -32.02 -17.25
C PHE M 101 47.23 -31.46 -18.66
N GLY M 102 47.99 -32.07 -19.56
CA GLY M 102 47.95 -31.69 -20.95
C GLY M 102 48.41 -32.82 -21.84
N THR M 103 47.60 -33.17 -22.83
CA THR M 103 48.03 -34.16 -23.81
C THR M 103 49.01 -33.48 -24.74
N GLY M 104 50.20 -34.07 -24.90
CA GLY M 104 50.54 -35.31 -24.24
C GLY M 104 51.46 -36.07 -25.16
N THR M 105 52.68 -36.32 -24.72
CA THR M 105 53.71 -36.79 -25.64
C THR M 105 54.12 -38.26 -25.45
N SER M 106 54.08 -39.01 -26.54
CA SER M 106 54.40 -40.42 -26.51
C SER M 106 55.61 -40.78 -27.33
N LEU M 107 56.43 -41.66 -26.80
CA LEU M 107 57.58 -42.12 -27.54
C LEU M 107 57.69 -43.62 -27.51
N THR M 108 58.33 -44.15 -28.54
CA THR M 108 58.67 -45.55 -28.61
C THR M 108 60.16 -45.61 -28.94
N VAL M 109 60.91 -46.46 -28.24
CA VAL M 109 62.30 -46.65 -28.62
C VAL M 109 62.34 -47.69 -29.73
N ILE M 110 63.25 -47.47 -30.67
CA ILE M 110 63.41 -48.39 -31.79
C ILE M 110 64.45 -49.42 -31.41
N PRO M 111 64.00 -50.63 -31.10
CA PRO M 111 64.97 -51.69 -30.85
C PRO M 111 65.77 -51.91 -32.13
N ASN M 112 67.06 -52.16 -32.06
CA ASN M 112 67.61 -52.84 -33.21
C ASN M 112 68.65 -53.90 -32.87
N ILE M 113 68.75 -54.82 -33.80
CA ILE M 113 69.08 -56.21 -33.59
C ILE M 113 70.57 -56.46 -33.53
N GLN M 114 70.98 -57.51 -32.82
CA GLN M 114 72.34 -57.98 -32.97
C GLN M 114 72.55 -58.09 -34.47
N ASN M 115 71.84 -59.07 -35.02
CA ASN M 115 72.01 -59.76 -36.31
C ASN M 115 70.67 -60.31 -36.85
N PRO M 116 70.03 -59.52 -37.74
CA PRO M 116 68.72 -59.95 -38.25
C PRO M 116 68.81 -60.95 -39.40
N ASP M 117 68.09 -62.05 -39.31
CA ASP M 117 67.72 -62.76 -40.51
C ASP M 117 66.22 -63.05 -40.52
N PRO M 118 65.52 -62.49 -41.59
CA PRO M 118 64.06 -62.66 -41.50
C PRO M 118 63.67 -64.10 -41.68
N ALA M 119 62.43 -64.43 -41.33
CA ALA M 119 61.87 -65.73 -41.59
C ALA M 119 60.36 -65.62 -41.62
N VAL M 120 59.69 -66.59 -42.20
CA VAL M 120 58.23 -66.74 -42.06
C VAL M 120 58.06 -68.23 -41.71
N TYR M 121 57.41 -68.58 -40.59
CA TYR M 121 57.34 -70.00 -40.18
C TYR M 121 55.90 -70.50 -40.02
N GLN M 122 55.42 -71.32 -40.96
CA GLN M 122 54.06 -71.82 -40.83
C GLN M 122 54.00 -72.80 -39.67
N LEU M 123 53.13 -72.48 -38.71
CA LEU M 123 52.96 -73.30 -37.54
C LEU M 123 51.55 -73.81 -37.45
N ARG M 124 51.32 -74.88 -36.70
CA ARG M 124 49.97 -75.19 -36.21
C ARG M 124 50.10 -76.36 -35.21
N ASP M 125 49.04 -76.57 -34.42
CA ASP M 125 48.96 -77.52 -33.30
C ASP M 125 49.59 -78.90 -33.62
N ASP M 130 41.54 -73.21 -34.54
CA ASP M 130 41.23 -72.57 -35.81
C ASP M 130 42.27 -72.83 -36.93
N LYS M 131 43.49 -72.33 -36.77
CA LYS M 131 44.46 -72.22 -37.89
C LYS M 131 45.95 -72.51 -37.70
N SER M 132 46.62 -72.32 -38.84
CA SER M 132 48.03 -72.52 -39.06
C SER M 132 48.71 -71.23 -39.51
N VAL M 133 49.45 -70.62 -38.60
CA VAL M 133 49.86 -69.21 -38.67
C VAL M 133 51.04 -68.88 -39.61
N CYS M 134 51.16 -67.61 -39.97
CA CYS M 134 52.27 -67.06 -40.75
C CYS M 134 52.88 -65.87 -40.02
N LEU M 135 54.20 -65.94 -39.86
CA LEU M 135 55.00 -65.24 -38.88
C LEU M 135 56.20 -64.59 -39.51
N PHE M 136 56.65 -63.48 -38.94
CA PHE M 136 57.92 -62.84 -39.28
C PHE M 136 58.65 -62.77 -37.96
N THR M 137 59.96 -62.95 -37.94
CA THR M 137 60.56 -63.14 -36.62
C THR M 137 61.57 -62.04 -36.20
N ASP M 138 62.43 -61.54 -37.10
CA ASP M 138 62.86 -60.15 -36.97
C ASP M 138 63.47 -59.56 -38.23
N PHE M 139 63.28 -58.25 -38.29
CA PHE M 139 63.67 -57.42 -39.39
C PHE M 139 64.00 -56.07 -38.81
N ASP M 140 64.72 -55.25 -39.58
CA ASP M 140 65.06 -53.94 -39.08
C ASP M 140 63.76 -53.23 -38.80
N SER M 141 63.71 -52.53 -37.68
CA SER M 141 62.49 -51.97 -37.26
C SER M 141 62.00 -50.82 -38.12
N GLN M 142 62.85 -50.30 -38.98
CA GLN M 142 62.38 -49.12 -39.71
C GLN M 142 61.12 -49.62 -40.48
N THR M 143 60.90 -50.92 -40.43
CA THR M 143 59.85 -51.63 -41.17
C THR M 143 58.42 -51.13 -40.86
N ASN M 144 57.48 -51.44 -41.75
CA ASN M 144 56.03 -51.34 -41.51
C ASN M 144 55.37 -52.73 -41.51
N VAL M 145 54.24 -52.88 -40.84
CA VAL M 145 53.44 -54.13 -40.93
C VAL M 145 51.97 -53.84 -41.20
N SER M 151 39.36 -57.50 -43.90
CA SER M 151 38.58 -58.05 -42.80
C SER M 151 38.82 -59.55 -42.66
N ASP M 152 38.86 -60.22 -43.80
CA ASP M 152 39.04 -61.67 -43.89
C ASP M 152 40.40 -62.12 -43.39
N VAL M 153 41.33 -61.17 -43.31
CA VAL M 153 42.69 -61.45 -42.86
C VAL M 153 43.02 -60.67 -41.58
N TYR M 154 44.00 -61.16 -40.84
CA TYR M 154 44.28 -60.67 -39.49
C TYR M 154 45.78 -60.45 -39.22
N ILE M 155 46.12 -59.32 -38.62
CA ILE M 155 47.51 -58.97 -38.33
C ILE M 155 47.73 -58.75 -36.82
N THR M 156 48.93 -59.08 -36.33
CA THR M 156 49.32 -58.75 -34.97
C THR M 156 50.51 -57.79 -35.00
N ASP M 157 50.71 -57.01 -33.94
CA ASP M 157 51.86 -56.11 -33.94
C ASP M 157 53.06 -56.49 -33.08
N LYS M 158 54.12 -56.90 -33.75
CA LYS M 158 55.45 -56.51 -33.41
C LYS M 158 55.78 -56.69 -31.94
N CYS M 159 55.48 -57.82 -31.36
CA CYS M 159 55.78 -58.04 -29.93
C CYS M 159 57.23 -58.49 -29.76
N VAL M 160 57.94 -57.85 -28.82
CA VAL M 160 59.39 -57.98 -28.78
C VAL M 160 59.97 -58.76 -27.60
N LEU M 161 61.08 -59.44 -27.89
CA LEU M 161 61.76 -60.37 -26.98
C LEU M 161 63.26 -60.13 -27.15
N ASP M 162 64.15 -60.47 -26.21
CA ASP M 162 63.92 -61.08 -24.90
C ASP M 162 64.81 -60.34 -23.87
N MET M 163 66.02 -59.96 -24.34
CA MET M 163 66.96 -59.03 -23.69
C MET M 163 67.90 -59.68 -22.61
N ARG M 164 68.01 -61.00 -22.55
CA ARG M 164 69.07 -61.56 -21.67
C ARG M 164 69.73 -62.86 -22.13
N SER M 165 69.15 -63.55 -23.10
CA SER M 165 69.82 -64.75 -23.57
C SER M 165 71.11 -64.38 -24.27
N MET M 166 71.02 -63.41 -25.18
CA MET M 166 72.16 -62.86 -25.88
C MET M 166 71.90 -61.43 -26.28
N ASP M 167 70.77 -60.90 -25.81
CA ASP M 167 70.24 -59.61 -26.23
C ASP M 167 69.41 -59.70 -27.50
N PHE M 168 69.30 -60.89 -28.09
CA PHE M 168 68.51 -61.01 -29.31
C PHE M 168 67.18 -60.30 -29.12
N LYS M 169 67.02 -59.17 -29.78
CA LYS M 169 65.74 -58.50 -29.78
C LYS M 169 65.00 -58.70 -31.10
N SER M 170 63.96 -59.53 -31.10
CA SER M 170 63.47 -60.09 -32.38
C SER M 170 61.96 -59.90 -32.52
N ASN M 171 61.47 -59.13 -33.49
CA ASN M 171 60.07 -58.75 -33.28
C ASN M 171 59.11 -59.72 -33.95
N SER M 172 58.18 -60.17 -33.13
CA SER M 172 57.20 -61.18 -33.50
C SER M 172 55.95 -60.50 -34.02
N ALA M 173 55.61 -60.74 -35.28
CA ALA M 173 54.34 -60.26 -35.82
C ALA M 173 53.60 -61.37 -36.58
N VAL M 174 52.80 -62.15 -35.85
CA VAL M 174 52.07 -63.26 -36.45
C VAL M 174 50.86 -62.77 -37.24
N ALA M 175 50.16 -63.70 -37.88
CA ALA M 175 49.00 -63.36 -38.71
C ALA M 175 48.24 -64.63 -39.07
N TRP M 176 46.92 -64.53 -39.22
CA TRP M 176 46.19 -65.73 -39.63
C TRP M 176 45.16 -65.47 -40.74
N SER M 177 45.24 -66.29 -41.77
CA SER M 177 44.31 -66.24 -42.89
C SER M 177 43.29 -67.36 -42.75
N ASN M 178 42.06 -67.10 -43.16
CA ASN M 178 41.01 -68.10 -43.10
C ASN M 178 40.41 -68.19 -44.48
N LYS M 179 39.79 -69.30 -44.80
CA LYS M 179 39.22 -69.45 -46.11
C LYS M 179 40.19 -69.96 -47.15
N SER M 180 39.83 -69.76 -48.40
CA SER M 180 40.40 -70.46 -49.52
C SER M 180 41.90 -70.27 -49.70
N ASP M 181 42.42 -69.12 -49.31
CA ASP M 181 43.84 -68.88 -49.52
C ASP M 181 44.53 -68.58 -48.19
N PHE M 182 45.11 -69.58 -47.54
CA PHE M 182 45.73 -69.34 -46.24
C PHE M 182 46.83 -68.35 -46.51
N ALA M 183 47.57 -68.58 -47.58
CA ALA M 183 48.48 -67.51 -48.01
C ALA M 183 49.65 -67.19 -47.08
N CYS M 184 50.55 -68.14 -46.84
CA CYS M 184 51.74 -67.83 -46.06
C CYS M 184 52.81 -67.19 -46.94
N ALA M 185 52.63 -67.31 -48.25
CA ALA M 185 53.48 -66.61 -49.21
C ALA M 185 52.86 -65.25 -49.54
N ASN M 186 51.56 -65.31 -49.79
CA ASN M 186 50.76 -64.13 -49.95
C ASN M 186 50.94 -63.45 -48.64
N ALA M 187 50.80 -64.20 -47.56
CA ALA M 187 51.29 -63.75 -46.28
C ALA M 187 50.74 -62.35 -45.96
N PHE M 188 51.63 -61.41 -45.70
CA PHE M 188 51.29 -60.01 -45.57
C PHE M 188 51.55 -59.40 -46.95
N ASN M 189 50.49 -59.01 -47.64
CA ASN M 189 50.55 -58.83 -49.07
C ASN M 189 51.53 -57.74 -49.29
N ASN M 190 51.40 -56.67 -48.53
CA ASN M 190 52.47 -55.72 -48.43
C ASN M 190 52.67 -55.23 -47.02
N SER M 191 53.89 -55.41 -46.55
CA SER M 191 54.39 -54.73 -45.37
C SER M 191 55.77 -54.19 -45.76
N ILE M 192 56.11 -54.43 -47.03
CA ILE M 192 57.42 -54.13 -47.61
C ILE M 192 58.52 -54.82 -46.81
N ILE M 193 58.33 -56.13 -46.60
CA ILE M 193 59.32 -56.95 -45.91
C ILE M 193 60.59 -57.07 -46.75
N PRO M 194 61.77 -56.94 -46.11
CA PRO M 194 63.04 -57.20 -46.78
C PRO M 194 63.05 -58.54 -47.51
N GLU M 195 63.87 -58.65 -48.56
CA GLU M 195 63.84 -59.80 -49.45
C GLU M 195 64.46 -61.05 -48.83
N ASP M 196 65.37 -60.87 -47.88
CA ASP M 196 66.14 -61.98 -47.31
C ASP M 196 65.28 -63.05 -46.62
N THR M 197 63.99 -62.77 -46.49
CA THR M 197 63.07 -63.59 -45.70
C THR M 197 63.08 -65.07 -46.08
N ALA N 3 49.23 -53.81 2.32
CA ALA N 3 50.62 -53.43 2.06
C ALA N 3 50.90 -53.41 0.56
N GLY N 4 50.81 -52.22 -0.04
CA GLY N 4 50.85 -52.09 -1.48
C GLY N 4 49.47 -51.73 -1.97
N VAL N 5 49.38 -50.96 -3.05
CA VAL N 5 48.07 -50.52 -3.54
C VAL N 5 47.26 -51.71 -4.06
N SER N 6 45.98 -51.79 -3.73
CA SER N 6 45.13 -52.82 -4.32
C SER N 6 44.09 -52.06 -5.12
N GLN N 7 43.45 -52.68 -6.11
CA GLN N 7 42.19 -52.19 -6.66
C GLN N 7 41.30 -53.41 -6.88
N SER N 8 40.04 -53.39 -6.43
CA SER N 8 39.12 -54.52 -6.64
C SER N 8 37.82 -53.98 -7.23
N PRO N 9 37.25 -54.58 -8.27
CA PRO N 9 37.78 -55.81 -8.86
C PRO N 9 38.69 -55.49 -10.04
N SER N 10 39.29 -56.50 -10.64
CA SER N 10 40.21 -56.29 -11.74
C SER N 10 39.48 -55.74 -12.96
N ASN N 11 38.62 -56.55 -13.56
CA ASN N 11 37.86 -56.14 -14.74
C ASN N 11 36.42 -56.58 -14.67
N LYS N 12 35.48 -55.73 -15.05
CA LYS N 12 34.11 -56.15 -14.90
C LYS N 12 33.12 -55.63 -15.91
N VAL N 13 32.21 -56.54 -16.25
CA VAL N 13 31.16 -56.30 -17.21
C VAL N 13 29.80 -56.38 -16.53
N THR N 14 28.90 -55.45 -16.83
CA THR N 14 27.52 -55.58 -16.39
C THR N 14 26.52 -55.08 -17.43
N GLU N 15 25.25 -55.43 -17.19
CA GLU N 15 24.15 -54.89 -17.95
C GLU N 15 23.97 -53.41 -17.69
N LYS N 16 23.57 -52.69 -18.73
CA LYS N 16 22.92 -51.41 -18.57
C LYS N 16 21.87 -51.52 -17.48
N GLY N 17 21.90 -50.60 -16.53
CA GLY N 17 20.82 -50.52 -15.56
C GLY N 17 20.95 -51.33 -14.29
N LYS N 18 22.13 -51.88 -14.01
CA LYS N 18 22.39 -52.32 -12.64
C LYS N 18 23.66 -51.67 -12.11
N ASP N 19 24.00 -51.97 -10.85
CA ASP N 19 25.00 -51.19 -10.14
C ASP N 19 26.34 -51.89 -9.89
N VAL N 20 27.38 -51.09 -9.71
CA VAL N 20 28.74 -51.57 -9.64
C VAL N 20 29.49 -50.86 -8.52
N GLU N 21 30.27 -51.61 -7.74
CA GLU N 21 31.05 -51.01 -6.66
C GLU N 21 32.55 -51.22 -6.89
N LEU N 22 33.34 -50.16 -6.71
CA LEU N 22 34.77 -50.19 -7.02
C LEU N 22 35.66 -49.98 -5.80
N ARG N 23 36.25 -51.07 -5.32
CA ARG N 23 37.09 -51.06 -4.13
C ARG N 23 38.48 -50.53 -4.41
N CYS N 24 38.90 -49.54 -3.64
CA CYS N 24 40.27 -49.08 -3.70
C CYS N 24 40.96 -49.24 -2.36
N ASP N 25 42.27 -49.10 -2.38
CA ASP N 25 43.08 -49.19 -1.19
C ASP N 25 44.46 -48.62 -1.48
N PRO N 26 44.77 -47.47 -0.85
CA PRO N 26 46.08 -46.80 -0.89
C PRO N 26 47.16 -47.69 -0.30
N ILE N 27 48.42 -47.26 -0.28
CA ILE N 27 49.33 -47.90 0.66
C ILE N 27 48.70 -47.57 1.99
N SER N 28 48.52 -48.57 2.85
CA SER N 28 47.81 -48.40 4.12
C SER N 28 48.29 -47.20 4.95
N GLY N 29 49.45 -46.66 4.59
CA GLY N 29 49.94 -45.45 5.21
C GLY N 29 49.17 -44.21 4.80
N HIS N 30 48.82 -44.11 3.52
CA HIS N 30 48.31 -42.86 2.95
C HIS N 30 46.95 -42.41 3.48
N THR N 31 46.56 -41.19 3.10
CA THR N 31 45.29 -40.60 3.51
C THR N 31 44.70 -39.69 2.42
N ALA N 32 45.34 -39.68 1.26
CA ALA N 32 44.86 -38.87 0.13
C ALA N 32 44.76 -39.72 -1.12
N LEU N 33 43.55 -39.82 -1.68
CA LEU N 33 43.31 -40.64 -2.85
C LEU N 33 42.65 -39.85 -3.98
N TYR N 34 43.01 -40.19 -5.20
CA TYR N 34 42.57 -39.43 -6.38
C TYR N 34 41.84 -40.31 -7.38
N TRP N 35 40.54 -40.06 -7.52
CA TRP N 35 39.73 -40.88 -8.42
C TRP N 35 39.80 -40.36 -9.85
N TYR N 36 40.62 -41.01 -10.66
CA TYR N 36 40.68 -40.69 -12.08
C TYR N 36 39.88 -41.71 -12.85
N ARG N 37 39.48 -41.32 -14.06
CA ARG N 37 38.89 -42.26 -15.00
C ARG N 37 39.42 -41.92 -16.37
N GLN N 38 39.55 -42.92 -17.23
CA GLN N 38 40.06 -42.70 -18.59
C GLN N 38 39.18 -43.39 -19.62
N ARG N 39 38.79 -42.61 -20.63
CA ARG N 39 37.85 -43.04 -21.66
C ARG N 39 38.52 -43.03 -23.02
N LEU N 40 38.07 -43.84 -23.95
CA LEU N 40 38.55 -43.73 -25.34
C LEU N 40 38.09 -42.39 -25.96
N GLY N 41 38.94 -41.38 -26.15
CA GLY N 41 40.34 -41.25 -25.76
C GLY N 41 40.76 -39.91 -26.35
N GLN N 42 41.41 -39.01 -25.60
CA GLN N 42 41.86 -39.21 -24.22
C GLN N 42 41.97 -37.90 -23.43
N GLY N 43 41.50 -37.92 -22.19
CA GLY N 43 41.49 -36.74 -21.33
C GLY N 43 42.81 -36.41 -20.66
N LEU N 44 43.06 -37.01 -19.50
CA LEU N 44 42.11 -37.91 -18.85
C LEU N 44 41.10 -37.18 -17.97
N GLU N 45 40.50 -37.90 -17.03
CA GLU N 45 39.44 -37.35 -16.20
C GLU N 45 39.79 -37.37 -14.72
N PHE N 46 39.71 -36.20 -14.09
CA PHE N 46 39.81 -36.09 -12.65
C PHE N 46 38.40 -36.02 -12.09
N LEU N 47 37.96 -37.09 -11.43
CA LEU N 47 36.60 -37.15 -10.93
C LEU N 47 36.47 -36.39 -9.62
N ILE N 48 37.19 -36.83 -8.59
CA ILE N 48 37.29 -36.08 -7.33
C ILE N 48 38.62 -36.32 -6.62
N TYR N 49 38.75 -35.78 -5.42
CA TYR N 49 39.85 -36.19 -4.55
C TYR N 49 39.42 -36.20 -3.08
N PHE N 50 39.86 -37.25 -2.38
CA PHE N 50 39.61 -37.41 -0.96
C PHE N 50 40.85 -37.06 -0.16
N GLN N 51 40.63 -36.63 1.08
CA GLN N 51 41.68 -36.52 2.08
C GLN N 51 41.06 -36.92 3.41
N GLY N 52 41.76 -37.75 4.17
CA GLY N 52 41.19 -38.26 5.41
C GLY N 52 39.87 -38.97 5.14
N ASN N 53 38.77 -38.39 5.60
CA ASN N 53 37.46 -38.97 5.39
C ASN N 53 36.50 -38.02 4.69
N SER N 54 36.99 -36.84 4.33
CA SER N 54 36.13 -35.84 3.69
C SER N 54 36.63 -35.48 2.30
N ALA N 55 35.69 -35.16 1.41
CA ALA N 55 36.02 -34.70 0.07
C ALA N 55 35.32 -33.37 -0.19
N PRO N 56 36.08 -32.26 -0.10
CA PRO N 56 35.54 -30.91 -0.19
C PRO N 56 34.81 -30.63 -1.50
N ASP N 57 35.54 -30.74 -2.61
CA ASP N 57 35.03 -30.37 -3.92
C ASP N 57 34.75 -31.60 -4.75
N LYS N 58 33.49 -31.81 -5.09
CA LYS N 58 33.10 -33.01 -5.82
C LYS N 58 32.61 -32.73 -7.24
N SER N 59 32.85 -31.51 -7.72
CA SER N 59 32.51 -31.16 -9.11
C SER N 59 33.76 -31.23 -9.98
N GLY N 60 33.79 -32.20 -10.90
CA GLY N 60 32.61 -33.01 -11.13
C GLY N 60 32.79 -34.51 -11.22
N LEU N 61 32.16 -35.21 -10.29
CA LEU N 61 31.65 -36.54 -10.57
C LEU N 61 30.63 -36.25 -11.68
N PRO N 62 30.75 -36.81 -12.85
CA PRO N 62 30.25 -36.12 -14.03
C PRO N 62 28.80 -35.77 -13.89
N SER N 63 28.04 -36.65 -13.27
CA SER N 63 26.63 -36.52 -13.03
C SER N 63 26.17 -37.44 -11.89
N ASP N 64 24.88 -37.40 -11.60
CA ASP N 64 24.26 -37.85 -10.37
C ASP N 64 24.44 -39.28 -9.94
N ARG N 65 24.44 -40.23 -10.87
CA ARG N 65 24.49 -41.62 -10.47
C ARG N 65 25.79 -41.86 -9.73
N PHE N 66 26.90 -41.33 -10.21
CA PHE N 66 28.20 -41.59 -9.59
C PHE N 66 28.28 -41.00 -8.19
N SER N 67 28.38 -41.88 -7.18
CA SER N 67 28.63 -41.44 -5.81
C SER N 67 30.06 -41.81 -5.45
N ALA N 68 30.49 -41.49 -4.23
CA ALA N 68 31.83 -41.86 -3.78
C ALA N 68 31.96 -41.79 -2.27
N GLU N 69 31.89 -42.93 -1.61
CA GLU N 69 31.97 -42.91 -0.18
C GLU N 69 33.15 -43.75 0.18
N ARG N 70 33.93 -43.27 1.12
CA ARG N 70 35.12 -43.97 1.60
C ARG N 70 34.84 -44.59 2.96
N THR N 71 35.24 -45.85 3.13
CA THR N 71 34.93 -46.59 4.35
C THR N 71 36.15 -47.03 5.16
N GLY N 72 36.23 -46.55 6.40
CA GLY N 72 37.31 -46.95 7.28
C GLY N 72 38.62 -46.22 7.06
N GLU N 73 39.70 -46.84 7.51
CA GLU N 73 41.02 -46.21 7.46
C GLU N 73 41.63 -46.23 6.07
N SER N 74 41.73 -47.42 5.48
CA SER N 74 42.44 -47.58 4.22
C SER N 74 41.46 -47.63 3.05
N VAL N 75 40.56 -48.61 3.12
CA VAL N 75 39.47 -48.83 2.18
C VAL N 75 38.72 -47.60 1.65
N SER N 76 38.55 -47.53 0.32
CA SER N 76 37.65 -46.57 -0.31
C SER N 76 36.83 -47.24 -1.41
N THR N 77 35.52 -47.04 -1.36
CA THR N 77 34.60 -47.69 -2.30
C THR N 77 33.88 -46.70 -3.22
N LEU N 78 33.95 -46.96 -4.52
CA LEU N 78 33.32 -46.10 -5.51
C LEU N 78 32.06 -46.75 -6.07
N THR N 79 30.91 -46.11 -5.89
CA THR N 79 29.64 -46.70 -6.33
C THR N 79 28.98 -45.88 -7.44
N ILE N 80 28.49 -46.55 -8.47
CA ILE N 80 27.70 -45.88 -9.49
C ILE N 80 26.33 -46.52 -9.57
N GLN N 81 25.36 -45.79 -10.11
CA GLN N 81 23.96 -46.20 -10.03
C GLN N 81 23.26 -46.27 -11.37
N ARG N 82 22.53 -47.37 -11.58
CA ARG N 82 21.83 -47.61 -12.83
C ARG N 82 22.78 -47.39 -13.98
N THR N 83 23.84 -48.19 -14.04
CA THR N 83 24.96 -47.93 -14.95
C THR N 83 24.43 -47.73 -16.37
N GLN N 84 24.91 -46.72 -17.09
CA GLN N 84 24.57 -46.67 -18.52
C GLN N 84 25.86 -46.89 -19.29
N GLN N 85 25.74 -47.11 -20.59
CA GLN N 85 26.85 -46.88 -21.49
C GLN N 85 27.34 -45.43 -21.40
N GLU N 86 28.61 -45.25 -21.75
CA GLU N 86 29.42 -44.05 -21.51
C GLU N 86 29.87 -43.95 -20.04
N ASP N 87 29.46 -44.92 -19.22
CA ASP N 87 30.01 -45.03 -17.87
C ASP N 87 31.35 -45.74 -17.96
N SER N 88 31.43 -46.69 -18.87
CA SER N 88 32.68 -47.35 -19.24
C SER N 88 33.65 -46.27 -19.73
N ALA N 89 34.97 -46.50 -19.69
CA ALA N 89 35.56 -47.82 -19.49
C ALA N 89 36.41 -47.97 -18.23
N VAL N 90 37.58 -47.33 -18.22
CA VAL N 90 38.64 -47.66 -17.27
C VAL N 90 38.71 -46.75 -16.05
N TYR N 91 38.65 -47.33 -14.86
CA TYR N 91 38.63 -46.53 -13.63
C TYR N 91 39.88 -46.71 -12.78
N LEU N 92 40.61 -45.61 -12.57
CA LEU N 92 41.87 -45.64 -11.84
C LEU N 92 41.82 -44.92 -10.48
N CYS N 93 42.75 -45.29 -9.61
CA CYS N 93 42.78 -44.83 -8.23
C CYS N 93 44.22 -44.54 -7.82
N ALA N 94 44.42 -43.45 -7.07
CA ALA N 94 45.75 -43.00 -6.72
C ALA N 94 45.94 -42.81 -5.21
N SER N 95 47.16 -42.52 -4.79
CA SER N 95 47.50 -42.58 -3.37
C SER N 95 48.76 -41.81 -2.97
N SER N 96 48.61 -40.55 -2.57
CA SER N 96 49.70 -39.79 -1.96
C SER N 96 49.50 -39.71 -0.45
N GLN N 97 50.53 -39.30 0.30
CA GLN N 97 50.52 -39.53 1.75
C GLN N 97 49.77 -38.52 2.61
N THR N 98 49.95 -37.24 2.35
CA THR N 98 49.19 -36.23 3.07
C THR N 98 48.58 -35.22 2.11
N GLN N 99 49.45 -34.48 1.44
CA GLN N 99 49.07 -33.38 0.59
C GLN N 99 48.88 -33.76 -0.84
N LEU N 100 48.73 -32.76 -1.69
CA LEU N 100 48.30 -32.95 -3.07
C LEU N 100 49.49 -33.03 -4.02
N TRP N 101 50.47 -32.15 -3.82
CA TRP N 101 51.56 -31.97 -4.78
C TRP N 101 52.59 -33.11 -4.78
N GLU N 102 52.55 -33.96 -3.76
CA GLU N 102 53.56 -35.03 -3.63
C GLU N 102 53.43 -36.08 -4.72
N THR N 103 54.38 -37.04 -4.72
CA THR N 103 54.30 -38.18 -5.62
C THR N 103 53.00 -38.96 -5.41
N GLN N 104 52.46 -39.51 -6.49
CA GLN N 104 51.28 -40.38 -6.41
C GLN N 104 51.60 -41.83 -6.79
N TYR N 105 50.99 -42.78 -6.07
CA TYR N 105 51.10 -44.19 -6.42
C TYR N 105 49.78 -44.71 -6.97
N PHE N 106 49.85 -45.36 -8.13
CA PHE N 106 48.65 -45.83 -8.83
C PHE N 106 48.45 -47.34 -8.74
N GLY N 107 47.23 -47.74 -8.40
CA GLY N 107 46.91 -49.15 -8.35
C GLY N 107 46.73 -49.73 -9.73
N PRO N 108 46.45 -51.04 -9.80
CA PRO N 108 46.18 -51.83 -11.00
C PRO N 108 45.25 -51.15 -12.01
N GLY N 109 43.97 -51.01 -11.64
CA GLY N 109 42.99 -50.43 -12.54
C GLY N 109 41.74 -51.30 -12.64
N THR N 110 40.65 -50.71 -13.10
CA THR N 110 39.40 -51.44 -13.21
C THR N 110 38.70 -51.13 -14.54
N ARG N 111 38.76 -52.10 -15.46
CA ARG N 111 38.16 -51.96 -16.77
C ARG N 111 36.67 -52.34 -16.75
N LEU N 112 35.81 -51.35 -16.91
CA LEU N 112 34.37 -51.59 -16.91
C LEU N 112 33.79 -51.51 -18.31
N LEU N 113 32.87 -52.43 -18.63
CA LEU N 113 32.14 -52.37 -19.89
C LEU N 113 30.66 -52.62 -19.66
N VAL N 114 29.87 -51.60 -19.96
CA VAL N 114 28.42 -51.67 -19.85
C VAL N 114 27.84 -51.80 -21.25
N LEU N 115 26.90 -52.73 -21.39
CA LEU N 115 26.33 -53.11 -22.67
C LEU N 115 24.82 -53.26 -22.55
N LEU N 118 23.22 -57.01 -23.52
CA LEU N 118 23.82 -57.86 -22.51
C LEU N 118 24.59 -58.93 -23.23
N LYS N 119 24.00 -59.35 -24.33
CA LYS N 119 24.17 -60.68 -24.92
C LYS N 119 25.54 -61.15 -25.40
N ASN N 120 26.30 -60.30 -26.07
CA ASN N 120 27.48 -60.81 -26.75
C ASN N 120 28.36 -61.79 -25.99
N VAL N 121 28.27 -61.79 -24.67
CA VAL N 121 29.38 -62.33 -23.88
C VAL N 121 29.59 -63.84 -24.02
N PHE N 122 30.75 -64.22 -24.53
CA PHE N 122 31.11 -65.62 -24.74
C PHE N 122 32.63 -65.78 -24.66
N PRO N 123 33.10 -66.74 -23.84
CA PRO N 123 34.52 -67.04 -23.57
C PRO N 123 35.32 -67.43 -24.81
N PRO N 124 36.66 -67.48 -24.72
CA PRO N 124 37.46 -67.77 -25.90
C PRO N 124 37.81 -69.23 -26.13
N GLU N 125 37.90 -69.62 -27.40
CA GLU N 125 38.69 -70.79 -27.76
C GLU N 125 40.11 -70.43 -27.39
N VAL N 126 40.92 -71.42 -27.02
CA VAL N 126 42.34 -71.18 -26.77
C VAL N 126 43.16 -72.26 -27.45
N ALA N 127 44.02 -71.86 -28.37
CA ALA N 127 44.77 -72.79 -29.20
C ALA N 127 46.27 -72.55 -29.15
N VAL N 128 47.04 -73.61 -29.36
CA VAL N 128 48.49 -73.51 -29.36
C VAL N 128 49.07 -74.10 -30.64
N PHE N 129 49.78 -73.27 -31.40
CA PHE N 129 50.37 -73.69 -32.65
C PHE N 129 51.80 -74.19 -32.53
N GLU N 130 51.98 -75.50 -32.70
CA GLU N 130 53.30 -76.13 -32.72
C GLU N 130 54.22 -75.53 -33.79
N PRO N 131 55.50 -75.25 -33.43
CA PRO N 131 56.46 -74.55 -34.29
C PRO N 131 57.05 -75.33 -35.48
N SER N 132 57.50 -74.58 -36.50
CA SER N 132 58.01 -75.15 -37.76
C SER N 132 59.28 -75.97 -37.61
N GLU N 133 59.32 -77.08 -38.35
CA GLU N 133 60.47 -77.98 -38.38
C GLU N 133 61.70 -77.30 -38.97
N ALA N 134 61.53 -76.71 -40.16
CA ALA N 134 62.66 -76.14 -40.89
C ALA N 134 63.19 -74.85 -40.27
N GLU N 135 62.32 -74.13 -39.58
CA GLU N 135 62.68 -72.87 -38.95
C GLU N 135 63.25 -73.05 -37.55
N ILE N 136 62.74 -74.05 -36.83
CA ILE N 136 63.23 -74.35 -35.49
C ILE N 136 64.63 -74.94 -35.56
N SER N 137 64.99 -75.46 -36.73
CA SER N 137 66.30 -76.03 -36.92
C SER N 137 67.30 -74.96 -37.33
N HIS N 138 66.85 -74.03 -38.16
CA HIS N 138 67.73 -73.02 -38.75
C HIS N 138 68.26 -72.01 -37.73
N THR N 139 67.34 -71.30 -37.08
CA THR N 139 67.69 -70.24 -36.14
C THR N 139 68.68 -70.68 -35.08
N GLN N 140 68.46 -71.87 -34.54
CA GLN N 140 69.20 -72.32 -33.38
C GLN N 140 68.37 -72.02 -32.14
N LYS N 141 67.11 -71.69 -32.39
CA LYS N 141 66.18 -71.33 -31.34
C LYS N 141 64.76 -71.74 -31.67
N ALA N 142 63.97 -72.02 -30.65
CA ALA N 142 62.62 -72.55 -30.84
C ALA N 142 61.54 -71.49 -30.60
N THR N 143 60.91 -71.02 -31.67
CA THR N 143 59.77 -70.12 -31.57
C THR N 143 58.53 -70.93 -31.19
N LEU N 144 57.58 -70.34 -30.46
CA LEU N 144 56.32 -71.04 -30.17
C LEU N 144 55.19 -70.06 -29.93
N VAL N 145 54.11 -70.27 -30.65
CA VAL N 145 53.00 -69.35 -30.52
C VAL N 145 51.77 -70.01 -29.90
N CYS N 146 51.03 -69.18 -29.18
CA CYS N 146 49.66 -69.44 -28.77
C CYS N 146 48.71 -68.32 -29.22
N LEU N 147 47.43 -68.64 -29.38
CA LEU N 147 46.39 -67.66 -29.64
C LEU N 147 45.07 -68.10 -29.03
N ALA N 148 44.07 -67.23 -29.09
CA ALA N 148 42.75 -67.51 -28.54
C ALA N 148 41.69 -66.63 -29.21
N THR N 149 40.56 -67.19 -29.61
CA THR N 149 39.62 -66.41 -30.42
C THR N 149 38.16 -66.46 -29.97
N GLY N 150 37.33 -65.68 -30.66
CA GLY N 150 35.88 -65.71 -30.49
C GLY N 150 35.38 -65.28 -29.13
N PHE N 151 36.20 -64.52 -28.39
CA PHE N 151 35.79 -64.04 -27.08
C PHE N 151 35.42 -62.58 -27.09
N TYR N 152 34.77 -62.21 -26.02
CA TYR N 152 34.33 -60.89 -25.79
C TYR N 152 34.26 -60.90 -24.28
N PRO N 153 34.35 -59.76 -23.63
CA PRO N 153 34.78 -58.52 -24.24
C PRO N 153 36.28 -58.45 -24.08
N ASP N 154 36.85 -57.28 -24.19
CA ASP N 154 38.28 -57.08 -24.27
C ASP N 154 38.97 -57.51 -23.01
N HIS N 155 38.20 -57.75 -21.96
CA HIS N 155 38.79 -57.97 -20.67
C HIS N 155 39.27 -59.41 -20.46
N VAL N 156 40.52 -59.62 -20.81
CA VAL N 156 41.28 -60.86 -20.63
C VAL N 156 42.74 -60.61 -20.26
N GLU N 157 43.34 -61.61 -19.61
CA GLU N 157 44.72 -61.52 -19.15
C GLU N 157 45.41 -62.85 -19.41
N LEU N 158 46.51 -62.82 -20.16
CA LEU N 158 47.13 -64.05 -20.62
C LEU N 158 48.37 -64.42 -19.82
N SER N 159 48.27 -65.49 -19.02
CA SER N 159 49.44 -66.02 -18.33
C SER N 159 50.21 -66.93 -19.28
N TRP N 160 51.30 -67.51 -18.82
CA TRP N 160 51.92 -68.60 -19.56
C TRP N 160 52.67 -69.56 -18.66
N TRP N 161 52.04 -70.71 -18.42
CA TRP N 161 52.55 -71.72 -17.49
C TRP N 161 53.50 -72.73 -18.15
N VAL N 162 54.71 -72.80 -17.62
CA VAL N 162 55.71 -73.75 -18.12
C VAL N 162 56.14 -74.68 -17.01
N ASN N 163 55.70 -75.93 -17.09
CA ASN N 163 55.94 -76.94 -16.05
C ASN N 163 55.62 -76.27 -14.71
N GLY N 164 54.38 -75.84 -14.58
CA GLY N 164 53.92 -75.06 -13.44
C GLY N 164 54.54 -73.68 -13.38
N GLU N 166 55.84 -70.47 -13.51
CA GLU N 166 55.76 -69.74 -14.77
C GLU N 166 56.22 -68.30 -14.64
N VAL N 167 56.89 -67.78 -15.66
CA VAL N 167 57.42 -66.42 -15.63
C VAL N 167 57.59 -65.84 -17.05
N HIS N 168 57.66 -64.51 -17.12
CA HIS N 168 57.53 -63.71 -18.33
C HIS N 168 58.73 -63.71 -19.30
N SER N 169 59.82 -64.36 -18.93
CA SER N 169 61.05 -64.36 -19.74
C SER N 169 60.92 -65.21 -21.01
N GLY N 170 60.59 -64.56 -22.12
CA GLY N 170 60.32 -65.25 -23.35
C GLY N 170 58.88 -65.05 -23.77
N VAL N 171 58.08 -64.47 -22.89
CA VAL N 171 56.66 -64.39 -23.15
C VAL N 171 56.26 -63.03 -23.70
N CYS N 172 55.89 -63.02 -24.97
CA CYS N 172 55.26 -61.86 -25.57
C CYS N 172 53.76 -61.98 -25.57
N THR N 173 53.10 -60.88 -25.28
CA THR N 173 51.66 -60.74 -25.48
C THR N 173 51.52 -59.40 -26.19
N ASP N 174 50.29 -58.98 -26.49
CA ASP N 174 50.09 -57.63 -27.01
C ASP N 174 48.66 -57.14 -26.80
N PRO N 175 48.40 -56.45 -25.68
CA PRO N 175 47.08 -55.87 -25.44
C PRO N 175 46.84 -54.66 -26.36
N PRO N 177 42.12 -57.09 -28.56
CA PRO N 177 42.93 -56.18 -29.37
C PRO N 177 42.74 -56.38 -30.87
N LEU N 178 41.92 -57.34 -31.28
CA LEU N 178 41.62 -57.53 -32.69
C LEU N 178 40.16 -57.91 -32.90
N LYS N 179 39.32 -56.93 -33.13
CA LYS N 179 37.96 -57.25 -33.40
C LYS N 179 38.11 -57.87 -34.72
N GLU N 180 37.15 -58.68 -35.14
CA GLU N 180 36.99 -59.00 -36.54
C GLU N 180 36.51 -57.65 -37.06
N GLN N 181 36.76 -57.30 -38.30
CA GLN N 181 36.74 -55.91 -38.68
C GLN N 181 35.46 -55.20 -38.32
N PRO N 182 35.63 -53.88 -37.88
CA PRO N 182 34.42 -53.34 -37.22
C PRO N 182 33.22 -53.32 -38.11
N ALA N 183 32.06 -53.60 -37.52
CA ALA N 183 30.78 -53.63 -38.21
C ALA N 183 29.58 -53.26 -37.34
N LEU N 184 28.47 -52.87 -37.98
CA LEU N 184 27.26 -52.46 -37.27
C LEU N 184 27.03 -53.33 -36.02
N ASN N 185 26.67 -52.69 -34.92
CA ASN N 185 26.05 -53.38 -33.78
C ASN N 185 26.83 -54.50 -33.06
N ASP N 186 28.08 -54.76 -33.43
CA ASP N 186 28.93 -55.71 -32.66
C ASP N 186 30.45 -55.63 -32.90
N SER N 187 31.17 -56.46 -32.14
CA SER N 187 32.63 -56.48 -32.06
C SER N 187 33.07 -57.79 -31.40
N ARG N 188 33.99 -58.54 -32.01
CA ARG N 188 34.46 -59.81 -31.44
C ARG N 188 35.98 -59.86 -31.45
N TYR N 189 36.63 -60.55 -30.51
CA TYR N 189 38.09 -60.42 -30.40
C TYR N 189 38.92 -61.70 -30.30
N ALA N 190 40.25 -61.53 -30.32
CA ALA N 190 41.21 -62.64 -30.33
C ALA N 190 42.65 -62.17 -30.07
N LEU N 191 43.38 -62.83 -29.16
CA LEU N 191 44.70 -62.33 -28.74
C LEU N 191 45.91 -63.21 -29.12
N SER N 192 47.03 -62.56 -29.47
CA SER N 192 48.25 -63.23 -29.95
C SER N 192 49.38 -63.22 -28.91
N SER N 193 50.07 -64.35 -28.73
CA SER N 193 51.14 -64.44 -27.72
C SER N 193 52.25 -65.41 -28.07
N ARG N 194 53.44 -64.87 -28.29
CA ARG N 194 54.61 -65.64 -28.69
C ARG N 194 55.51 -66.02 -27.51
N LEU N 195 56.06 -67.22 -27.54
CA LEU N 195 57.02 -67.69 -26.55
C LEU N 195 58.16 -68.48 -27.18
N ARG N 196 59.34 -67.87 -27.27
CA ARG N 196 60.48 -68.53 -27.86
C ARG N 196 61.57 -68.81 -26.83
N VAL N 197 61.75 -70.08 -26.53
CA VAL N 197 62.76 -70.50 -25.59
C VAL N 197 63.75 -71.43 -26.28
N SER N 198 64.43 -72.26 -25.51
CA SER N 198 65.55 -73.02 -26.00
C SER N 198 65.16 -73.91 -27.16
N ALA N 199 66.00 -73.96 -28.18
CA ALA N 199 65.70 -74.76 -29.35
C ALA N 199 65.55 -76.18 -28.86
N THR N 200 66.47 -76.55 -27.99
CA THR N 200 66.43 -77.87 -27.38
C THR N 200 65.10 -78.16 -26.69
N PHE N 201 64.47 -77.13 -26.14
CA PHE N 201 63.33 -77.35 -25.26
C PHE N 201 62.04 -77.81 -25.93
N TRP N 202 61.86 -77.50 -27.21
CA TRP N 202 60.67 -78.01 -27.90
C TRP N 202 60.88 -79.45 -28.34
N GLN N 203 62.14 -79.82 -28.53
CA GLN N 203 62.56 -81.12 -29.05
C GLN N 203 61.92 -82.30 -28.32
N ASN N 204 62.02 -82.31 -27.00
CA ASN N 204 61.60 -83.46 -26.23
C ASN N 204 60.75 -83.15 -25.01
N PRO N 205 59.96 -84.13 -24.56
CA PRO N 205 59.32 -84.09 -23.24
C PRO N 205 60.26 -84.76 -22.21
N ARG N 206 59.93 -84.93 -20.92
CA ARG N 206 58.61 -84.72 -20.32
C ARG N 206 58.35 -83.24 -20.00
N ASN N 207 57.43 -82.66 -20.76
CA ASN N 207 57.10 -81.24 -20.68
C ASN N 207 55.68 -81.07 -20.11
N HIS N 208 55.33 -79.81 -19.87
CA HIS N 208 54.08 -79.18 -20.18
C HIS N 208 54.41 -77.78 -20.68
N PHE N 209 53.76 -77.37 -21.75
CA PHE N 209 53.59 -75.97 -22.10
C PHE N 209 52.10 -75.62 -22.16
N ARG N 210 51.71 -74.67 -21.33
CA ARG N 210 50.34 -74.28 -21.22
C ARG N 210 50.28 -72.83 -21.64
N CYS N 211 49.43 -72.54 -22.61
CA CYS N 211 48.96 -71.19 -22.84
C CYS N 211 47.64 -71.02 -22.11
N GLN N 212 47.57 -70.03 -21.24
CA GLN N 212 46.37 -69.80 -20.46
C GLN N 212 45.77 -68.44 -20.78
N VAL N 213 44.45 -68.34 -20.69
CA VAL N 213 43.77 -67.07 -20.72
C VAL N 213 42.66 -67.06 -19.66
N GLN N 214 42.70 -66.09 -18.76
CA GLN N 214 41.59 -65.93 -17.83
C GLN N 214 40.61 -64.93 -18.40
N PHE N 215 39.36 -65.35 -18.55
CA PHE N 215 38.34 -64.51 -19.15
C PHE N 215 37.42 -63.94 -18.09
N TYR N 216 37.60 -62.66 -17.76
CA TYR N 216 36.78 -61.99 -16.75
C TYR N 216 35.38 -61.72 -17.28
N GLY N 217 34.53 -62.74 -17.23
CA GLY N 217 33.18 -62.62 -17.74
C GLY N 217 32.19 -62.26 -16.67
N LEU N 218 30.98 -62.79 -16.78
CA LEU N 218 29.92 -62.52 -15.81
C LEU N 218 30.06 -63.44 -14.61
N SER N 219 29.03 -63.49 -13.77
CA SER N 219 29.02 -64.42 -12.64
C SER N 219 27.61 -64.61 -12.05
N GLU N 220 27.58 -65.10 -10.81
CA GLU N 220 26.33 -65.49 -10.15
C GLU N 220 25.39 -64.33 -9.86
N ASN N 221 25.96 -63.13 -9.76
CA ASN N 221 25.19 -61.93 -9.43
C ASN N 221 24.25 -61.55 -10.58
N ASP N 222 24.72 -61.78 -11.82
CA ASP N 222 23.99 -61.34 -13.00
C ASP N 222 22.77 -62.19 -13.27
N GLU N 223 21.75 -61.57 -13.87
CA GLU N 223 20.64 -62.34 -14.41
C GLU N 223 21.10 -62.95 -15.72
N TRP N 224 20.39 -63.97 -16.19
CA TRP N 224 20.79 -64.65 -17.42
C TRP N 224 19.66 -65.45 -18.08
N THR N 225 19.04 -64.87 -19.11
CA THR N 225 17.97 -65.55 -19.81
C THR N 225 18.36 -66.72 -20.69
N GLN N 226 19.39 -66.48 -21.47
CA GLN N 226 19.56 -67.09 -22.78
C GLN N 226 19.86 -68.55 -22.68
N ASP N 227 19.74 -69.21 -23.83
CA ASP N 227 19.97 -70.65 -23.97
C ASP N 227 21.38 -71.17 -23.74
N ARG N 228 22.42 -70.51 -24.28
CA ARG N 228 23.77 -70.99 -24.04
C ARG N 228 24.21 -70.71 -22.61
N ALA N 229 24.85 -71.68 -21.99
CA ALA N 229 25.15 -71.59 -20.58
C ALA N 229 26.15 -70.52 -20.23
N LYS N 230 25.93 -69.90 -19.08
CA LYS N 230 26.84 -68.93 -18.48
C LYS N 230 27.07 -67.76 -19.41
N PRO N 231 28.32 -67.38 -19.56
CA PRO N 231 29.43 -67.90 -18.77
C PRO N 231 29.71 -67.09 -17.51
N VAL N 232 29.97 -67.76 -16.39
CA VAL N 232 30.61 -67.07 -15.30
C VAL N 232 32.10 -67.03 -15.64
N THR N 233 32.83 -66.09 -15.06
CA THR N 233 34.27 -66.01 -15.26
C THR N 233 34.92 -67.35 -15.00
N GLN N 234 35.51 -67.94 -16.05
CA GLN N 234 36.21 -69.21 -15.90
C GLN N 234 37.46 -69.23 -16.76
N ILE N 235 38.31 -70.22 -16.52
CA ILE N 235 39.64 -70.26 -17.11
C ILE N 235 39.70 -71.21 -18.31
N VAL N 236 40.55 -70.91 -19.28
CA VAL N 236 40.69 -71.73 -20.49
C VAL N 236 42.15 -72.06 -20.79
N SER N 237 42.49 -73.34 -20.79
CA SER N 237 43.88 -73.75 -21.06
C SER N 237 44.06 -74.22 -22.50
N ALA N 238 45.30 -74.56 -22.84
CA ALA N 238 45.62 -75.24 -24.10
C ALA N 238 47.02 -75.82 -24.01
N GLU N 239 47.10 -77.14 -23.88
CA GLU N 239 48.36 -77.79 -23.55
C GLU N 239 49.20 -78.21 -24.76
N ALA N 240 50.47 -77.85 -24.72
CA ALA N 240 51.45 -78.36 -25.67
C ALA N 240 52.50 -79.17 -24.91
N TRP N 241 53.38 -79.84 -25.63
CA TRP N 241 54.39 -80.67 -24.99
C TRP N 241 55.79 -80.39 -25.52
N ASN O 1 48.51 -10.79 -3.19
CA ASN O 1 48.63 -11.96 -4.05
C ASN O 1 48.80 -13.22 -3.22
N LEU O 2 47.74 -14.02 -3.13
CA LEU O 2 47.75 -15.24 -2.33
C LEU O 2 48.86 -16.16 -2.83
N VAL O 3 49.32 -17.07 -1.98
CA VAL O 3 50.23 -18.10 -2.44
C VAL O 3 49.36 -19.04 -3.25
N PRO O 4 49.86 -19.61 -4.31
CA PRO O 4 48.93 -20.27 -5.19
C PRO O 4 48.16 -21.31 -4.41
N MET O 5 48.80 -22.02 -3.52
CA MET O 5 48.12 -23.08 -2.81
C MET O 5 48.59 -23.14 -1.36
N VAL O 6 47.85 -23.88 -0.53
CA VAL O 6 48.23 -24.04 0.87
C VAL O 6 48.15 -25.49 1.33
N ALA O 7 49.14 -25.89 2.12
CA ALA O 7 49.17 -27.22 2.72
C ALA O 7 48.22 -27.27 3.88
N THR O 8 47.84 -28.48 4.29
CA THR O 8 47.00 -28.65 5.47
C THR O 8 46.98 -30.03 6.14
N VAL O 9 47.52 -30.07 7.35
CA VAL O 9 47.13 -31.03 8.38
C VAL O 9 46.87 -32.44 7.89
N SER P 3 7.95 -28.00 -33.40
CA SER P 3 7.48 -26.95 -32.51
C SER P 3 8.30 -26.90 -31.23
N HIS P 4 9.44 -26.22 -31.27
CA HIS P 4 10.28 -26.02 -30.09
C HIS P 4 10.12 -24.64 -29.49
N SER P 5 10.50 -24.51 -28.22
CA SER P 5 10.35 -23.25 -27.50
C SER P 5 11.50 -22.98 -26.53
N MET P 6 11.81 -21.70 -26.35
CA MET P 6 12.59 -21.22 -25.22
C MET P 6 11.73 -20.28 -24.41
N ARG P 7 11.42 -20.65 -23.17
CA ARG P 7 10.64 -19.79 -22.29
C ARG P 7 11.45 -19.47 -21.04
N TYR P 8 11.20 -18.30 -20.46
CA TYR P 8 11.89 -17.94 -19.24
C TYR P 8 10.87 -17.72 -18.11
N PHE P 9 11.14 -18.35 -16.97
CA PHE P 9 10.24 -18.32 -15.82
C PHE P 9 10.82 -17.54 -14.66
N PHE P 10 10.18 -16.43 -14.30
CA PHE P 10 10.67 -15.60 -13.21
C PHE P 10 9.70 -15.51 -12.05
N THR P 11 10.23 -15.58 -10.85
CA THR P 11 9.42 -15.40 -9.66
C THR P 11 10.23 -14.76 -8.55
N SER P 12 9.67 -13.73 -7.94
CA SER P 12 10.29 -13.17 -6.76
C SER P 12 9.21 -12.93 -5.72
N VAL P 13 9.49 -13.37 -4.50
CA VAL P 13 8.55 -13.22 -3.40
C VAL P 13 9.13 -12.30 -2.34
N SER P 14 8.30 -11.45 -1.76
CA SER P 14 8.79 -10.49 -0.77
C SER P 14 8.77 -11.16 0.58
N ARG P 15 9.67 -10.72 1.45
CA ARG P 15 9.71 -11.18 2.82
C ARG P 15 10.08 -10.02 3.73
N PRO P 16 9.07 -9.39 4.34
CA PRO P 16 9.32 -8.25 5.22
C PRO P 16 10.05 -8.65 6.48
N GLY P 17 11.07 -7.87 6.84
CA GLY P 17 11.82 -8.07 8.07
C GLY P 17 12.55 -9.39 8.19
N ARG P 18 12.78 -10.06 7.07
CA ARG P 18 13.52 -11.32 7.08
C ARG P 18 14.76 -11.20 6.17
N GLY P 19 14.78 -10.12 5.41
CA GLY P 19 15.80 -9.88 4.40
C GLY P 19 15.21 -9.31 3.12
N GLU P 20 15.97 -9.31 2.04
CA GLU P 20 15.49 -8.91 0.73
C GLU P 20 14.59 -9.97 0.08
N PRO P 21 13.69 -9.54 -0.80
CA PRO P 21 12.88 -10.42 -1.64
C PRO P 21 13.63 -11.56 -2.31
N ARG P 22 13.23 -12.80 -2.01
CA ARG P 22 13.76 -13.97 -2.70
C ARG P 22 13.24 -14.05 -4.13
N PHE P 23 14.13 -14.38 -5.05
CA PHE P 23 13.86 -14.36 -6.47
C PHE P 23 14.41 -15.63 -7.12
N ILE P 24 13.54 -16.42 -7.72
CA ILE P 24 14.01 -17.62 -8.41
C ILE P 24 13.81 -17.53 -9.92
N ALA P 25 14.89 -17.74 -10.66
CA ALA P 25 14.83 -17.68 -12.10
C ALA P 25 15.23 -19.02 -12.68
N VAL P 26 14.40 -19.53 -13.58
CA VAL P 26 14.69 -20.79 -14.25
C VAL P 26 14.36 -20.71 -15.73
N GLY P 27 15.34 -21.08 -16.56
CA GLY P 27 15.16 -21.03 -17.99
C GLY P 27 15.04 -22.44 -18.50
N TYR P 28 13.97 -22.68 -19.26
CA TYR P 28 13.73 -23.98 -19.86
C TYR P 28 13.84 -23.92 -21.38
N VAL P 29 14.37 -24.98 -21.97
CA VAL P 29 14.15 -25.21 -23.39
C VAL P 29 13.23 -26.40 -23.49
N ASP P 30 12.12 -26.25 -24.22
CA ASP P 30 11.11 -27.30 -24.30
C ASP P 30 10.62 -27.67 -22.90
N ASP P 31 10.85 -28.91 -22.51
CA ASP P 31 10.44 -29.38 -21.20
C ASP P 31 11.66 -29.62 -20.33
N THR P 32 12.83 -29.21 -20.83
CA THR P 32 14.08 -29.36 -20.10
C THR P 32 14.57 -28.02 -19.59
N GLN P 33 15.39 -28.08 -18.56
CA GLN P 33 15.89 -26.91 -17.90
C GLN P 33 17.37 -26.75 -18.15
N PHE P 34 17.78 -25.59 -18.65
CA PHE P 34 19.19 -25.39 -18.98
C PHE P 34 19.97 -24.41 -18.08
N VAL P 35 19.31 -23.44 -17.45
CA VAL P 35 20.03 -22.55 -16.55
C VAL P 35 19.33 -22.32 -15.23
N ARG P 36 19.90 -21.56 -14.33
CA ARG P 36 19.20 -21.30 -13.08
C ARG P 36 19.67 -20.05 -12.43
N PHE P 37 18.86 -19.51 -11.56
CA PHE P 37 19.28 -18.44 -10.68
C PHE P 37 18.36 -18.31 -9.47
N ASP P 38 18.82 -18.84 -8.34
CA ASP P 38 18.14 -18.64 -7.08
C ASP P 38 18.75 -17.41 -6.39
N SER P 39 17.88 -16.57 -5.83
CA SER P 39 18.36 -15.41 -5.10
C SER P 39 19.09 -15.88 -3.84
N ASP P 40 18.49 -16.87 -3.19
CA ASP P 40 19.05 -17.44 -1.97
C ASP P 40 20.15 -18.46 -2.28
N ALA P 41 20.69 -18.40 -3.49
CA ALA P 41 21.71 -19.36 -3.92
C ALA P 41 23.04 -19.14 -3.20
N ALA P 42 23.86 -20.18 -3.17
CA ALA P 42 25.16 -20.12 -2.54
C ALA P 42 26.19 -19.47 -3.45
N SER P 43 25.90 -19.45 -4.75
CA SER P 43 26.84 -18.92 -5.73
C SER P 43 26.46 -17.54 -6.26
N GLN P 44 25.17 -17.21 -6.16
CA GLN P 44 24.62 -15.96 -6.71
C GLN P 44 25.13 -15.60 -8.10
N ARG P 45 25.25 -16.60 -8.97
CA ARG P 45 25.46 -16.41 -10.40
C ARG P 45 24.52 -17.33 -11.17
N MET P 46 24.37 -17.10 -12.46
CA MET P 46 23.51 -17.92 -13.30
C MET P 46 24.12 -19.29 -13.58
N GLU P 47 23.66 -20.29 -12.85
CA GLU P 47 24.29 -21.61 -12.90
C GLU P 47 23.67 -22.48 -13.98
N PRO P 48 24.51 -23.24 -14.69
CA PRO P 48 24.04 -24.18 -15.72
C PRO P 48 23.47 -25.43 -15.07
N ARG P 49 22.30 -25.84 -15.54
CA ARG P 49 21.59 -26.99 -15.04
C ARG P 49 21.41 -28.02 -16.11
N ALA P 50 22.04 -27.79 -17.25
CA ALA P 50 22.09 -28.72 -18.36
C ALA P 50 23.54 -28.82 -18.80
N PRO P 51 23.97 -30.02 -19.24
CA PRO P 51 25.40 -30.23 -19.48
C PRO P 51 25.91 -29.89 -20.88
N TRP P 52 25.16 -29.12 -21.67
CA TRP P 52 25.70 -28.61 -22.92
C TRP P 52 25.84 -27.10 -22.81
N ILE P 53 24.94 -26.50 -22.04
CA ILE P 53 24.94 -25.06 -21.85
C ILE P 53 26.14 -24.68 -21.00
N GLU P 54 26.68 -25.66 -20.27
CA GLU P 54 27.81 -25.42 -19.40
C GLU P 54 29.00 -24.94 -20.22
N GLN P 55 29.18 -25.51 -21.42
CA GLN P 55 30.35 -25.20 -22.22
C GLN P 55 30.13 -23.94 -23.05
N GLU P 56 29.02 -23.26 -22.82
CA GLU P 56 28.83 -21.94 -23.41
C GLU P 56 29.85 -21.04 -22.74
N GLY P 57 30.28 -20.01 -23.45
CA GLY P 57 31.45 -19.22 -23.08
C GLY P 57 31.46 -18.58 -21.70
N PRO P 58 32.59 -17.93 -21.36
CA PRO P 58 32.75 -17.18 -20.11
C PRO P 58 31.94 -15.91 -20.18
N GLU P 59 32.02 -15.23 -21.32
CA GLU P 59 31.14 -14.12 -21.67
C GLU P 59 29.72 -14.41 -21.29
N TYR P 60 29.22 -15.52 -21.82
CA TYR P 60 27.85 -15.94 -21.66
C TYR P 60 27.42 -15.82 -20.21
N TRP P 61 28.04 -16.62 -19.35
CA TRP P 61 27.80 -16.55 -17.92
C TRP P 61 28.07 -15.18 -17.32
N ASP P 62 29.16 -14.57 -17.73
CA ASP P 62 29.56 -13.32 -17.15
C ASP P 62 28.46 -12.35 -17.39
N GLY P 63 27.78 -12.52 -18.50
CA GLY P 63 26.83 -11.55 -19.01
C GLY P 63 25.39 -11.91 -18.73
N GLU P 64 25.10 -13.21 -18.64
CA GLU P 64 23.77 -13.66 -18.25
C GLU P 64 23.46 -13.11 -16.87
N THR P 65 24.28 -13.52 -15.90
CA THR P 65 24.24 -13.04 -14.53
C THR P 65 23.88 -11.56 -14.44
N ARG P 66 24.52 -10.77 -15.29
CA ARG P 66 24.24 -9.35 -15.41
C ARG P 66 22.74 -9.13 -15.57
N LYS P 67 22.17 -9.78 -16.58
CA LYS P 67 20.78 -9.55 -16.93
C LYS P 67 19.80 -10.13 -15.91
N VAL P 68 20.21 -11.18 -15.20
CA VAL P 68 19.33 -11.78 -14.19
C VAL P 68 19.01 -10.79 -13.07
N LYS P 69 20.07 -10.26 -12.45
CA LYS P 69 19.91 -9.36 -11.32
C LYS P 69 19.02 -8.21 -11.74
N ALA P 70 19.30 -7.68 -12.93
CA ALA P 70 18.50 -6.60 -13.50
C ALA P 70 17.00 -6.88 -13.39
N HIS P 71 16.59 -8.14 -13.60
CA HIS P 71 15.21 -8.53 -13.35
C HIS P 71 14.88 -8.40 -11.88
N SER P 72 15.56 -9.20 -11.06
CA SER P 72 15.32 -9.32 -9.63
C SER P 72 15.15 -7.97 -9.00
N GLN P 73 15.99 -7.07 -9.48
CA GLN P 73 15.95 -5.70 -9.11
C GLN P 73 14.69 -5.03 -9.65
N THR P 74 14.50 -5.10 -10.96
CA THR P 74 13.30 -4.60 -11.61
C THR P 74 12.07 -5.14 -10.90
N HIS P 75 12.18 -6.38 -10.44
CA HIS P 75 11.11 -7.00 -9.65
C HIS P 75 10.95 -6.33 -8.30
N ARG P 76 12.05 -6.11 -7.60
CA ARG P 76 12.01 -5.50 -6.28
C ARG P 76 11.32 -4.15 -6.34
N VAL P 77 11.50 -3.47 -7.46
CA VAL P 77 10.77 -2.24 -7.73
C VAL P 77 9.28 -2.54 -7.74
N ASP P 78 8.92 -3.58 -8.46
CA ASP P 78 7.52 -3.96 -8.64
C ASP P 78 6.85 -4.26 -7.30
N LEU P 79 7.46 -5.15 -6.52
CA LEU P 79 6.90 -5.54 -5.22
C LEU P 79 6.57 -4.31 -4.39
N GLY P 80 7.40 -3.29 -4.50
CA GLY P 80 7.10 -2.03 -3.86
C GLY P 80 6.02 -1.32 -4.65
N THR P 81 6.24 -1.20 -5.96
CA THR P 81 5.33 -0.46 -6.82
C THR P 81 3.88 -0.94 -6.72
N LEU P 82 3.70 -2.26 -6.78
CA LEU P 82 2.37 -2.85 -6.76
C LEU P 82 1.70 -2.70 -5.39
N ARG P 83 2.51 -2.82 -4.34
CA ARG P 83 2.06 -2.73 -2.96
C ARG P 83 1.48 -1.34 -2.69
N GLY P 84 1.89 -0.37 -3.49
CA GLY P 84 1.38 0.98 -3.35
C GLY P 84 0.12 1.18 -4.16
N TYR P 85 0.03 0.47 -5.27
CA TYR P 85 -1.16 0.49 -6.13
C TYR P 85 -2.36 -0.03 -5.36
N TYR P 86 -2.13 -1.03 -4.52
CA TYR P 86 -3.20 -1.76 -3.85
C TYR P 86 -3.36 -1.41 -2.35
N ASN P 87 -2.65 -0.38 -1.89
CA ASN P 87 -2.65 0.04 -0.48
C ASN P 87 -2.34 -1.15 0.42
N GLN P 88 -1.38 -1.98 0.07
CA GLN P 88 -1.26 -3.18 0.84
C GLN P 88 -0.28 -2.93 1.95
N SER P 89 -0.27 -3.84 2.91
CA SER P 89 0.62 -3.75 4.04
C SER P 89 2.07 -3.72 3.60
N GLU P 90 2.93 -3.11 4.40
CA GLU P 90 4.36 -3.12 4.13
C GLU P 90 4.96 -4.40 4.69
N ALA P 91 4.24 -5.01 5.63
CA ALA P 91 4.73 -6.22 6.28
C ALA P 91 3.92 -7.45 5.89
N GLY P 92 3.77 -7.67 4.60
CA GLY P 92 3.02 -8.81 4.10
C GLY P 92 3.64 -9.39 2.85
N SER P 93 4.07 -10.64 2.92
CA SER P 93 4.74 -11.31 1.82
C SER P 93 3.90 -11.35 0.55
N HIS P 94 4.41 -10.75 -0.53
CA HIS P 94 3.71 -10.77 -1.80
C HIS P 94 4.58 -11.34 -2.90
N THR P 95 3.95 -11.77 -3.99
CA THR P 95 4.66 -12.51 -5.04
C THR P 95 4.44 -11.86 -6.40
N VAL P 96 5.47 -11.80 -7.22
CA VAL P 96 5.29 -11.48 -8.63
C VAL P 96 5.98 -12.51 -9.49
N GLN P 97 5.32 -12.84 -10.59
CA GLN P 97 5.77 -13.86 -11.52
C GLN P 97 5.77 -13.31 -12.94
N ARG P 98 6.85 -13.58 -13.66
CA ARG P 98 6.98 -13.10 -15.02
C ARG P 98 7.44 -14.23 -15.90
N MET P 99 6.68 -14.46 -16.97
CA MET P 99 7.04 -15.48 -17.93
C MET P 99 7.14 -14.84 -19.29
N TYR P 100 8.20 -15.17 -20.01
CA TYR P 100 8.28 -14.82 -21.42
C TYR P 100 9.09 -15.87 -22.14
N GLY P 101 9.17 -15.74 -23.45
CA GLY P 101 9.86 -16.69 -24.28
C GLY P 101 9.33 -16.66 -25.69
N CYS P 102 10.01 -17.36 -26.59
CA CYS P 102 9.61 -17.33 -27.99
C CYS P 102 9.58 -18.73 -28.58
N ASP P 103 8.67 -18.94 -29.52
CA ASP P 103 8.45 -20.25 -30.13
C ASP P 103 8.65 -20.28 -31.63
N VAL P 104 9.15 -21.40 -32.13
CA VAL P 104 9.36 -21.57 -33.56
C VAL P 104 8.69 -22.86 -34.03
N GLY P 105 8.25 -22.87 -35.28
CA GLY P 105 7.59 -24.05 -35.82
C GLY P 105 8.61 -25.11 -36.21
N SER P 106 8.14 -26.19 -36.83
CA SER P 106 9.02 -27.24 -37.33
C SER P 106 10.05 -26.66 -38.30
N ASP P 107 9.69 -25.56 -38.94
CA ASP P 107 10.55 -24.85 -39.88
C ASP P 107 11.66 -24.13 -39.16
N TRP P 108 11.52 -24.05 -37.83
CA TRP P 108 12.49 -23.42 -36.92
C TRP P 108 12.51 -21.90 -36.97
N ARG P 109 11.65 -21.28 -37.77
CA ARG P 109 11.57 -19.84 -37.75
C ARG P 109 10.34 -19.40 -36.97
N PHE P 110 10.48 -18.24 -36.31
CA PHE P 110 9.52 -17.69 -35.36
C PHE P 110 8.03 -17.96 -35.61
N LEU P 111 7.31 -18.32 -34.54
CA LEU P 111 5.88 -18.56 -34.64
C LEU P 111 5.07 -17.60 -33.76
N ARG P 112 5.31 -17.63 -32.45
CA ARG P 112 4.63 -16.73 -31.53
C ARG P 112 5.54 -16.30 -30.39
N GLY P 113 5.12 -15.26 -29.67
CA GLY P 113 5.87 -14.78 -28.53
C GLY P 113 4.99 -14.59 -27.31
N TYR P 114 5.55 -14.77 -26.14
CA TYR P 114 4.79 -14.59 -24.92
C TYR P 114 5.42 -13.55 -24.04
N HIS P 115 4.61 -12.83 -23.28
CA HIS P 115 5.12 -12.04 -22.17
C HIS P 115 4.05 -11.90 -21.11
N GLN P 116 4.14 -12.72 -20.07
CA GLN P 116 3.05 -12.85 -19.11
C GLN P 116 3.51 -12.55 -17.70
N TYR P 117 2.70 -11.77 -16.99
CA TYR P 117 3.09 -11.26 -15.68
C TYR P 117 1.91 -11.26 -14.71
N ALA P 118 2.13 -11.73 -13.49
CA ALA P 118 1.04 -11.86 -12.53
C ALA P 118 1.44 -11.58 -11.10
N TYR P 119 0.74 -10.63 -10.49
CA TYR P 119 0.99 -10.25 -9.11
C TYR P 119 0.16 -11.05 -8.12
N ASP P 120 0.87 -11.76 -7.24
CA ASP P 120 0.28 -12.47 -6.11
C ASP P 120 -0.58 -13.65 -6.52
N GLY P 121 -0.26 -14.25 -7.66
CA GLY P 121 -0.90 -15.49 -8.08
C GLY P 121 -2.02 -15.40 -9.10
N LYS P 122 -2.19 -14.26 -9.76
CA LYS P 122 -3.23 -14.12 -10.76
C LYS P 122 -2.90 -13.04 -11.77
N ASP P 123 -3.40 -13.21 -13.00
CA ASP P 123 -3.06 -12.35 -14.13
C ASP P 123 -3.11 -10.87 -13.80
N TYR P 124 -2.04 -10.16 -14.14
CA TYR P 124 -2.00 -8.70 -13.98
C TYR P 124 -1.99 -8.05 -15.34
N ILE P 125 -0.91 -8.25 -16.09
CA ILE P 125 -0.85 -7.81 -17.48
C ILE P 125 -0.13 -8.85 -18.31
N ALA P 126 -0.45 -8.88 -19.60
CA ALA P 126 0.24 -9.77 -20.52
C ALA P 126 0.27 -9.19 -21.92
N LEU P 127 1.29 -9.57 -22.67
CA LEU P 127 1.46 -9.10 -24.04
C LEU P 127 0.51 -9.82 -24.98
N LYS P 128 -0.27 -9.08 -25.76
CA LYS P 128 -1.12 -9.73 -26.74
C LYS P 128 -0.26 -10.46 -27.76
N GLU P 129 -0.87 -11.29 -28.58
CA GLU P 129 -0.13 -12.11 -29.54
C GLU P 129 0.55 -11.27 -30.60
N ASP P 130 -0.17 -10.27 -31.12
CA ASP P 130 0.35 -9.45 -32.21
C ASP P 130 1.61 -8.73 -31.79
N LEU P 131 1.88 -8.81 -30.49
CA LEU P 131 3.07 -8.31 -29.83
C LEU P 131 3.04 -6.80 -29.60
N ARG P 132 2.10 -6.09 -30.20
CA ARG P 132 2.08 -4.66 -30.00
C ARG P 132 0.97 -4.09 -29.14
N SER P 133 0.24 -4.93 -28.43
CA SER P 133 -0.80 -4.45 -27.54
C SER P 133 -0.84 -5.26 -26.25
N TRP P 134 -1.60 -4.79 -25.26
CA TRP P 134 -1.64 -5.45 -23.96
C TRP P 134 -3.05 -5.81 -23.50
N THR P 135 -3.15 -6.88 -22.73
CA THR P 135 -4.38 -7.21 -22.04
C THR P 135 -4.23 -6.78 -20.58
N ALA P 136 -4.88 -5.68 -20.22
CA ALA P 136 -4.78 -5.14 -18.86
C ALA P 136 -5.80 -5.80 -17.93
N ALA P 137 -5.32 -6.55 -16.96
CA ALA P 137 -6.21 -7.42 -16.20
C ALA P 137 -6.64 -6.86 -14.84
N ASP P 138 -6.67 -5.53 -14.73
CA ASP P 138 -7.38 -4.80 -13.67
C ASP P 138 -7.03 -3.34 -13.81
N MET P 139 -7.68 -2.48 -13.03
CA MET P 139 -7.56 -1.04 -13.24
C MET P 139 -6.13 -0.56 -13.08
N ALA P 140 -5.47 -1.07 -12.05
CA ALA P 140 -4.05 -0.81 -11.82
C ALA P 140 -3.24 -1.11 -13.07
N ALA P 141 -3.35 -2.33 -13.56
CA ALA P 141 -2.58 -2.76 -14.73
C ALA P 141 -2.85 -1.89 -15.95
N GLN P 142 -4.07 -1.36 -16.06
CA GLN P 142 -4.40 -0.52 -17.18
C GLN P 142 -3.44 0.67 -17.19
N THR P 143 -3.16 1.18 -15.99
CA THR P 143 -2.18 2.24 -15.83
C THR P 143 -0.78 1.72 -16.15
N THR P 144 -0.48 0.51 -15.69
CA THR P 144 0.78 -0.14 -16.02
C THR P 144 0.92 -0.21 -17.53
N LYS P 145 -0.19 -0.47 -18.20
CA LYS P 145 -0.21 -0.49 -19.66
C LYS P 145 0.03 0.90 -20.22
N HIS P 146 -0.60 1.91 -19.62
CA HIS P 146 -0.52 3.27 -20.14
C HIS P 146 0.91 3.81 -20.07
N LYS P 147 1.75 3.11 -19.32
CA LYS P 147 3.18 3.41 -19.27
C LYS P 147 3.87 2.75 -20.45
N TRP P 148 3.85 1.42 -20.45
CA TRP P 148 4.50 0.61 -21.47
C TRP P 148 3.97 0.94 -22.87
N GLU P 149 2.70 1.34 -22.93
CA GLU P 149 2.07 1.79 -24.16
C GLU P 149 2.88 2.95 -24.73
N ALA P 150 3.17 3.92 -23.88
CA ALA P 150 3.88 5.12 -24.31
C ALA P 150 5.39 4.97 -24.13
N ALA P 151 5.81 3.97 -23.37
CA ALA P 151 7.23 3.71 -23.17
C ALA P 151 7.81 2.84 -24.28
N HIS P 152 6.99 2.57 -25.29
CA HIS P 152 7.37 1.73 -26.42
C HIS P 152 8.08 0.44 -25.97
N VAL P 153 7.48 -0.25 -25.01
CA VAL P 153 8.01 -1.52 -24.52
C VAL P 153 7.80 -2.62 -25.54
N ALA P 154 6.62 -2.59 -26.15
CA ALA P 154 6.27 -3.51 -27.23
C ALA P 154 7.41 -3.72 -28.21
N GLU P 155 7.88 -2.62 -28.79
CA GLU P 155 8.87 -2.66 -29.87
C GLU P 155 10.16 -3.38 -29.51
N GLN P 156 10.57 -3.22 -28.26
CA GLN P 156 11.84 -3.77 -27.82
C GLN P 156 11.73 -5.26 -27.62
N LEU P 157 10.71 -5.67 -26.89
CA LEU P 157 10.44 -7.09 -26.66
C LEU P 157 10.26 -7.87 -27.96
N ARG P 158 9.43 -7.37 -28.86
CA ARG P 158 9.22 -8.00 -30.15
C ARG P 158 10.53 -8.26 -30.85
N ALA P 159 11.32 -7.20 -31.00
CA ALA P 159 12.62 -7.29 -31.64
C ALA P 159 13.49 -8.36 -30.98
N TYR P 160 13.23 -8.61 -29.70
CA TYR P 160 13.93 -9.65 -28.99
C TYR P 160 13.37 -11.00 -29.31
N LEU P 161 12.04 -11.08 -29.31
CA LEU P 161 11.33 -12.34 -29.52
C LEU P 161 11.53 -12.86 -30.94
N GLU P 162 11.34 -11.99 -31.91
CA GLU P 162 11.54 -12.32 -33.31
C GLU P 162 13.01 -12.57 -33.63
N GLY P 163 13.92 -11.91 -32.91
CA GLY P 163 15.33 -11.99 -33.26
C GLY P 163 16.24 -12.74 -32.31
N THR P 164 16.68 -12.03 -31.26
CA THR P 164 17.63 -12.55 -30.29
C THR P 164 17.24 -13.87 -29.64
N CYS P 165 15.99 -13.93 -29.19
CA CYS P 165 15.42 -15.13 -28.59
C CYS P 165 15.56 -16.31 -29.52
N VAL P 166 14.95 -16.19 -30.69
CA VAL P 166 15.01 -17.22 -31.70
C VAL P 166 16.45 -17.55 -32.08
N GLU P 167 17.21 -16.52 -32.47
CA GLU P 167 18.61 -16.71 -32.85
C GLU P 167 19.33 -17.65 -31.90
N TRP P 168 19.03 -17.51 -30.62
CA TRP P 168 19.71 -18.29 -29.61
C TRP P 168 19.04 -19.64 -29.31
N LEU P 169 17.73 -19.73 -29.53
CA LEU P 169 17.05 -21.00 -29.30
C LEU P 169 17.56 -22.04 -30.27
N ARG P 170 17.83 -21.63 -31.50
CA ARG P 170 18.44 -22.50 -32.49
C ARG P 170 19.77 -22.99 -31.97
N ARG P 171 20.55 -22.06 -31.42
CA ARG P 171 21.87 -22.38 -30.92
C ARG P 171 21.79 -23.47 -29.86
N TYR P 172 20.94 -23.26 -28.87
CA TYR P 172 20.79 -24.23 -27.79
C TYR P 172 20.39 -25.58 -28.36
N LEU P 173 19.46 -25.54 -29.30
CA LEU P 173 19.00 -26.76 -29.96
C LEU P 173 20.11 -27.40 -30.79
N GLU P 174 21.10 -26.61 -31.20
CA GLU P 174 22.20 -27.15 -32.00
C GLU P 174 23.27 -27.77 -31.12
N ASN P 175 23.41 -27.25 -29.91
CA ASN P 175 24.31 -27.86 -28.95
C ASN P 175 23.53 -28.85 -28.11
N GLY P 176 22.27 -29.05 -28.47
CA GLY P 176 21.39 -29.95 -27.73
C GLY P 176 20.85 -31.12 -28.54
N LYS P 177 21.36 -31.28 -29.76
CA LYS P 177 20.99 -32.38 -30.66
C LYS P 177 20.81 -33.69 -29.89
N GLU P 178 21.79 -34.02 -29.06
CA GLU P 178 21.73 -35.27 -28.31
C GLU P 178 20.70 -35.26 -27.19
N THR P 179 20.44 -34.08 -26.63
CA THR P 179 19.64 -33.99 -25.40
C THR P 179 18.31 -33.30 -25.65
N LEU P 180 18.29 -32.41 -26.62
CA LEU P 180 17.12 -31.58 -26.84
C LEU P 180 16.31 -32.05 -28.02
N GLN P 181 17.04 -32.44 -29.07
CA GLN P 181 16.43 -32.87 -30.31
C GLN P 181 16.33 -34.40 -30.35
N ARG P 182 15.72 -34.94 -29.31
CA ARG P 182 15.51 -36.37 -29.21
C ARG P 182 14.02 -36.61 -29.07
N THR P 183 13.65 -37.89 -28.97
CA THR P 183 12.31 -38.25 -28.54
C THR P 183 12.42 -39.63 -27.93
N ASP P 184 11.77 -39.82 -26.79
CA ASP P 184 11.84 -41.10 -26.11
C ASP P 184 10.47 -41.73 -25.94
N ALA P 185 10.27 -42.87 -26.60
CA ALA P 185 9.06 -43.65 -26.42
C ALA P 185 8.92 -43.98 -24.95
N PRO P 186 7.68 -44.03 -24.45
CA PRO P 186 7.48 -44.38 -23.05
C PRO P 186 7.60 -45.87 -22.79
N LYS P 187 8.40 -46.25 -21.80
CA LYS P 187 8.41 -47.63 -21.35
C LYS P 187 7.10 -47.89 -20.61
N THR P 188 6.50 -49.04 -20.86
CA THR P 188 5.12 -49.25 -20.45
C THR P 188 4.92 -50.51 -19.62
N HIS P 189 4.15 -50.41 -18.54
CA HIS P 189 3.68 -51.57 -17.83
C HIS P 189 2.42 -51.33 -17.06
N MET P 190 1.87 -52.41 -16.55
CA MET P 190 0.55 -52.39 -15.93
C MET P 190 0.47 -53.29 -14.70
N THR P 191 0.07 -52.74 -13.55
CA THR P 191 0.01 -53.52 -12.32
C THR P 191 -1.42 -53.86 -11.88
N HIS P 192 -1.58 -55.03 -11.28
CA HIS P 192 -2.88 -55.43 -10.77
C HIS P 192 -2.92 -55.15 -9.28
N HIS P 193 -3.95 -54.40 -8.88
CA HIS P 193 -4.14 -54.04 -7.48
C HIS P 193 -5.40 -54.71 -6.98
N ALA P 194 -5.28 -55.40 -5.84
CA ALA P 194 -6.41 -56.13 -5.28
C ALA P 194 -6.97 -55.39 -4.08
N VAL P 195 -8.25 -55.05 -4.18
CA VAL P 195 -8.97 -54.33 -3.12
C VAL P 195 -10.01 -55.24 -2.48
N SER P 196 -10.49 -56.21 -3.24
CA SER P 196 -11.52 -57.14 -2.79
C SER P 196 -11.55 -58.33 -3.75
N ASP P 197 -12.61 -59.12 -3.66
CA ASP P 197 -12.82 -60.18 -4.63
C ASP P 197 -14.01 -59.81 -5.49
N HIS P 198 -14.70 -58.76 -5.05
CA HIS P 198 -15.73 -58.10 -5.84
C HIS P 198 -15.07 -57.31 -6.97
N GLU P 199 -14.29 -56.30 -6.58
CA GLU P 199 -13.68 -55.36 -7.52
C GLU P 199 -12.15 -55.45 -7.51
N ALA P 200 -11.54 -54.62 -8.35
CA ALA P 200 -10.10 -54.43 -8.34
C ALA P 200 -9.80 -53.10 -9.00
N THR P 201 -8.52 -52.74 -9.04
CA THR P 201 -8.10 -51.55 -9.75
C THR P 201 -6.91 -51.90 -10.63
N LEU P 202 -7.08 -51.70 -11.93
CA LEU P 202 -6.01 -51.95 -12.87
C LEU P 202 -5.21 -50.68 -13.09
N ARG P 203 -3.89 -50.78 -13.12
CA ARG P 203 -3.06 -49.60 -13.17
C ARG P 203 -2.16 -49.65 -14.38
N CYS P 204 -2.14 -48.57 -15.14
CA CYS P 204 -1.41 -48.52 -16.41
C CYS P 204 -0.24 -47.53 -16.37
N TRP P 205 0.99 -48.06 -16.36
CA TRP P 205 2.18 -47.25 -16.15
C TRP P 205 2.86 -46.79 -17.44
N ALA P 206 3.22 -45.51 -17.47
CA ALA P 206 4.06 -44.97 -18.54
C ALA P 206 5.21 -44.24 -17.89
N LEU P 207 6.40 -44.83 -18.00
CA LEU P 207 7.57 -44.32 -17.31
C LEU P 207 8.59 -43.79 -18.27
N SER P 208 9.33 -42.79 -17.79
CA SER P 208 10.54 -42.31 -18.43
C SER P 208 10.35 -41.96 -19.90
N PHE P 209 9.57 -40.91 -20.16
CA PHE P 209 9.37 -40.46 -21.54
C PHE P 209 9.60 -38.96 -21.70
N TYR P 210 10.03 -38.58 -22.90
CA TYR P 210 10.31 -37.19 -23.22
C TYR P 210 9.90 -36.93 -24.67
N PRO P 211 9.24 -35.81 -24.93
CA PRO P 211 8.89 -34.77 -23.97
C PRO P 211 7.70 -35.14 -23.09
N ALA P 212 7.26 -34.19 -22.28
CA ALA P 212 6.35 -34.49 -21.18
C ALA P 212 4.91 -34.69 -21.62
N GLU P 213 4.56 -34.21 -22.80
CA GLU P 213 3.18 -34.32 -23.24
C GLU P 213 2.88 -35.74 -23.68
N ILE P 214 2.16 -36.47 -22.84
CA ILE P 214 1.64 -37.78 -23.17
C ILE P 214 0.15 -37.79 -22.93
N THR P 215 -0.56 -38.68 -23.61
CA THR P 215 -1.98 -38.88 -23.33
C THR P 215 -2.24 -40.34 -23.12
N LEU P 216 -2.36 -40.77 -21.87
CA LEU P 216 -2.70 -42.17 -21.67
C LEU P 216 -4.12 -42.33 -21.16
N THR P 217 -4.84 -43.28 -21.75
CA THR P 217 -6.26 -43.42 -21.54
C THR P 217 -6.67 -44.87 -21.30
N TRP P 218 -7.90 -45.08 -20.84
CA TRP P 218 -8.36 -46.38 -20.36
C TRP P 218 -9.70 -46.75 -20.97
N GLN P 219 -9.83 -47.97 -21.51
CA GLN P 219 -11.07 -48.18 -22.19
C GLN P 219 -11.34 -49.69 -22.27
N ARG P 220 -12.57 -50.05 -21.90
CA ARG P 220 -13.03 -51.44 -21.91
C ARG P 220 -14.00 -51.64 -23.06
N ASP P 221 -13.85 -52.77 -23.75
CA ASP P 221 -14.70 -53.10 -24.89
C ASP P 221 -14.59 -52.08 -25.99
N GLY P 222 -13.49 -51.34 -25.99
CA GLY P 222 -13.31 -50.27 -26.95
C GLY P 222 -14.12 -49.06 -26.54
N GLU P 223 -14.79 -49.14 -25.40
CA GLU P 223 -15.47 -47.97 -24.88
C GLU P 223 -14.68 -47.36 -23.78
N ASP P 224 -14.60 -46.04 -23.85
CA ASP P 224 -13.80 -45.22 -22.94
C ASP P 224 -14.50 -45.12 -21.59
N GLN P 225 -13.75 -45.37 -20.54
CA GLN P 225 -14.23 -45.11 -19.19
C GLN P 225 -13.27 -44.16 -18.52
N THR P 226 -13.56 -42.87 -18.56
CA THR P 226 -12.86 -41.94 -17.69
C THR P 226 -13.33 -42.18 -16.29
N GLN P 227 -14.62 -42.32 -16.21
CA GLN P 227 -15.43 -41.80 -15.16
C GLN P 227 -14.90 -42.41 -13.90
N ASP P 228 -14.56 -43.68 -13.98
CA ASP P 228 -14.05 -44.35 -12.81
C ASP P 228 -12.54 -44.36 -12.83
N THR P 229 -11.94 -43.60 -13.72
CA THR P 229 -10.48 -43.65 -13.82
C THR P 229 -9.84 -42.49 -13.08
N GLU P 230 -8.60 -42.73 -12.64
CA GLU P 230 -7.90 -41.78 -11.79
C GLU P 230 -6.61 -41.32 -12.46
N LEU P 231 -6.63 -40.10 -12.96
CA LEU P 231 -5.49 -39.57 -13.73
C LEU P 231 -4.68 -38.58 -12.91
N VAL P 232 -3.39 -38.48 -13.23
CA VAL P 232 -2.46 -37.71 -12.42
C VAL P 232 -1.63 -36.76 -13.26
N GLU P 233 -1.27 -35.62 -12.68
CA GLU P 233 -0.55 -34.59 -13.39
C GLU P 233 0.72 -35.27 -13.65
N THR P 234 1.33 -35.04 -14.79
CA THR P 234 2.45 -35.84 -15.17
C THR P 234 3.51 -35.50 -14.19
N ARG P 235 4.03 -36.49 -13.51
CA ARG P 235 5.15 -36.36 -12.60
C ARG P 235 6.44 -36.31 -13.42
N PRO P 236 7.42 -35.58 -12.94
CA PRO P 236 8.70 -35.50 -13.62
C PRO P 236 9.62 -36.32 -12.82
N ALA P 237 10.29 -37.27 -13.43
CA ALA P 237 11.26 -38.03 -12.71
C ALA P 237 12.40 -37.12 -12.74
N GLY P 238 13.41 -37.38 -11.95
CA GLY P 238 14.54 -36.50 -11.90
C GLY P 238 15.27 -36.43 -13.21
N ASP P 239 15.32 -37.53 -13.90
CA ASP P 239 16.28 -37.77 -14.92
C ASP P 239 16.15 -36.68 -15.95
N GLY P 240 15.03 -36.00 -15.97
CA GLY P 240 14.75 -35.04 -17.02
C GLY P 240 13.69 -35.62 -17.91
N THR P 241 13.13 -36.68 -17.40
CA THR P 241 12.10 -37.50 -18.00
C THR P 241 10.86 -37.57 -17.10
N PHE P 242 9.75 -37.99 -17.67
CA PHE P 242 8.48 -37.87 -16.99
C PHE P 242 7.74 -39.19 -16.83
N GLN P 243 6.67 -39.16 -16.05
CA GLN P 243 5.88 -40.36 -15.79
C GLN P 243 4.40 -39.98 -15.67
N LYS P 244 3.52 -40.86 -16.13
CA LYS P 244 2.10 -40.71 -15.83
C LYS P 244 1.55 -42.09 -15.52
N TRP P 245 0.31 -42.10 -15.04
CA TRP P 245 -0.22 -43.23 -14.31
C TRP P 245 -1.74 -43.19 -14.34
N ALA P 246 -2.40 -44.22 -14.87
CA ALA P 246 -3.86 -44.25 -14.75
C ALA P 246 -4.34 -45.53 -14.09
N ALA P 247 -5.57 -45.47 -13.57
CA ALA P 247 -6.11 -46.57 -12.80
C ALA P 247 -7.63 -46.56 -12.80
N VAL P 248 -8.20 -47.73 -13.03
CA VAL P 248 -9.65 -47.89 -13.20
C VAL P 248 -10.25 -48.91 -12.24
N VAL P 249 -11.52 -48.71 -11.88
CA VAL P 249 -12.23 -49.67 -11.05
C VAL P 249 -12.74 -50.84 -11.90
N VAL P 250 -11.94 -51.90 -11.96
CA VAL P 250 -12.28 -53.06 -12.75
C VAL P 250 -12.85 -54.18 -11.88
N PRO P 251 -14.02 -54.71 -12.26
CA PRO P 251 -14.61 -55.88 -11.59
C PRO P 251 -13.73 -57.12 -11.74
N SER P 252 -13.56 -57.87 -10.65
CA SER P 252 -12.72 -59.05 -10.64
C SER P 252 -13.16 -60.06 -11.70
N GLY P 253 -12.20 -60.58 -12.46
CA GLY P 253 -12.50 -61.59 -13.46
C GLY P 253 -12.60 -61.02 -14.87
N GLN P 254 -13.19 -59.85 -14.99
CA GLN P 254 -13.39 -59.23 -16.30
C GLN P 254 -12.22 -58.33 -16.73
N GLU P 255 -11.04 -58.61 -16.20
CA GLU P 255 -9.88 -57.78 -16.47
C GLU P 255 -9.42 -57.82 -17.92
N GLN P 256 -9.62 -58.96 -18.58
CA GLN P 256 -9.21 -59.10 -19.98
C GLN P 256 -9.98 -58.13 -20.88
N ARG P 257 -11.15 -57.73 -20.43
CA ARG P 257 -12.01 -56.85 -21.19
C ARG P 257 -11.43 -55.45 -21.25
N TYR P 258 -10.58 -55.13 -20.28
CA TYR P 258 -10.06 -53.78 -20.15
C TYR P 258 -8.74 -53.57 -20.88
N THR P 259 -8.66 -52.47 -21.62
CA THR P 259 -7.44 -52.11 -22.33
C THR P 259 -6.90 -50.75 -21.88
N CYS P 260 -5.60 -50.57 -22.03
CA CYS P 260 -4.99 -49.27 -21.80
C CYS P 260 -4.35 -48.75 -23.07
N HIS P 261 -4.48 -47.45 -23.29
CA HIS P 261 -4.01 -46.85 -24.53
C HIS P 261 -3.10 -45.66 -24.29
N VAL P 262 -1.88 -45.78 -24.81
CA VAL P 262 -0.79 -44.87 -24.53
C VAL P 262 -0.28 -44.24 -25.83
N GLN P 263 -0.69 -43.03 -26.15
CA GLN P 263 -0.19 -42.39 -27.36
C GLN P 263 0.77 -41.25 -27.02
N HIS P 264 1.84 -41.14 -27.81
CA HIS P 264 2.92 -40.22 -27.53
C HIS P 264 3.85 -40.03 -28.73
N GLU P 265 4.45 -38.85 -28.81
CA GLU P 265 5.35 -38.45 -29.92
C GLU P 265 6.35 -39.53 -30.33
N GLY P 266 6.98 -40.17 -29.35
CA GLY P 266 8.00 -41.17 -29.60
C GLY P 266 7.41 -42.51 -29.94
N LEU P 267 6.09 -42.52 -30.11
CA LEU P 267 5.38 -43.70 -30.55
C LEU P 267 4.67 -43.40 -31.86
N PRO P 268 5.15 -43.97 -32.97
CA PRO P 268 4.43 -43.84 -34.24
C PRO P 268 3.07 -44.48 -34.10
N LYS P 269 3.09 -45.77 -33.77
CA LYS P 269 1.91 -46.52 -33.38
C LYS P 269 1.42 -46.06 -32.01
N PRO P 270 0.11 -45.81 -31.85
CA PRO P 270 -0.32 -45.77 -30.45
C PRO P 270 -0.10 -47.14 -29.81
N LEU P 271 -0.08 -47.20 -28.49
CA LEU P 271 0.26 -48.47 -27.85
C LEU P 271 -0.87 -49.01 -26.99
N THR P 272 -1.23 -50.26 -27.22
CA THR P 272 -2.26 -50.90 -26.41
C THR P 272 -1.60 -51.77 -25.36
N LEU P 273 -2.10 -51.68 -24.14
CA LEU P 273 -1.54 -52.45 -23.04
C LEU P 273 -2.59 -53.35 -22.43
N ARG P 274 -2.47 -54.65 -22.72
CA ARG P 274 -3.36 -55.65 -22.15
C ARG P 274 -2.73 -56.24 -20.91
N TRP P 275 -3.55 -56.52 -19.91
CA TRP P 275 -3.05 -57.12 -18.69
C TRP P 275 -2.91 -58.64 -18.86
N GLU P 276 -1.66 -59.09 -18.80
CA GLU P 276 -1.26 -60.48 -19.05
C GLU P 276 -1.80 -60.98 -20.38
N MET Q 1 -5.41 -12.05 -0.47
CA MET Q 1 -4.55 -13.22 -0.62
C MET Q 1 -5.21 -14.32 -1.46
N ILE Q 2 -4.51 -14.75 -2.51
CA ILE Q 2 -5.07 -15.70 -3.48
C ILE Q 2 -4.51 -17.11 -3.29
N GLN Q 3 -5.25 -17.92 -2.57
CA GLN Q 3 -4.66 -18.99 -1.79
C GLN Q 3 -5.13 -20.31 -2.46
N ARG Q 4 -4.21 -21.15 -2.92
CA ARG Q 4 -4.62 -22.39 -3.58
C ARG Q 4 -3.93 -23.60 -3.00
N THR Q 5 -4.72 -24.46 -2.36
CA THR Q 5 -4.26 -25.71 -1.77
C THR Q 5 -3.28 -26.46 -2.65
N PRO Q 6 -2.35 -27.21 -2.04
CA PRO Q 6 -1.36 -27.99 -2.78
C PRO Q 6 -1.74 -29.46 -2.98
N LYS Q 7 -1.48 -29.99 -4.18
CA LYS Q 7 -1.58 -31.42 -4.42
C LYS Q 7 -0.19 -32.02 -4.25
N ILE Q 8 -0.12 -33.28 -3.87
CA ILE Q 8 1.16 -33.87 -3.49
C ILE Q 8 1.29 -35.31 -3.98
N GLN Q 9 2.37 -35.58 -4.70
CA GLN Q 9 2.54 -36.87 -5.34
C GLN Q 9 3.90 -37.47 -5.06
N VAL Q 10 4.01 -38.23 -3.99
CA VAL Q 10 5.29 -38.86 -3.65
C VAL Q 10 5.52 -40.09 -4.52
N TYR Q 11 6.68 -40.15 -5.17
CA TYR Q 11 6.98 -41.28 -6.03
C TYR Q 11 8.44 -41.70 -6.05
N SER Q 12 8.67 -42.98 -6.26
CA SER Q 12 10.00 -43.50 -6.52
C SER Q 12 10.39 -43.20 -7.97
N ARG Q 13 11.60 -42.72 -8.19
CA ARG Q 13 12.02 -42.27 -9.52
C ARG Q 13 11.98 -43.40 -10.55
N HIS Q 14 12.91 -44.34 -10.42
CA HIS Q 14 12.81 -45.60 -11.14
C HIS Q 14 11.87 -46.50 -10.34
N PRO Q 15 11.37 -47.58 -10.96
CA PRO Q 15 10.55 -48.49 -10.16
C PRO Q 15 11.38 -49.22 -9.12
N ALA Q 16 10.88 -49.33 -7.90
CA ALA Q 16 11.65 -49.87 -6.79
C ALA Q 16 11.92 -51.36 -6.93
N GLU Q 17 13.19 -51.75 -6.90
CA GLU Q 17 13.58 -53.15 -6.75
C GLU Q 17 14.35 -53.30 -5.44
N ASN Q 18 13.87 -54.19 -4.57
CA ASN Q 18 14.45 -54.34 -3.23
C ASN Q 18 15.93 -54.65 -3.23
N GLY Q 19 16.71 -53.76 -2.60
CA GLY Q 19 18.14 -53.94 -2.47
C GLY Q 19 18.91 -53.27 -3.59
N LYS Q 20 18.17 -52.62 -4.48
CA LYS Q 20 18.79 -51.97 -5.63
C LYS Q 20 18.54 -50.47 -5.61
N SER Q 21 19.64 -49.72 -5.73
CA SER Q 21 19.68 -48.31 -5.50
C SER Q 21 18.76 -47.51 -6.37
N ASN Q 22 18.12 -46.52 -5.78
CA ASN Q 22 17.08 -45.73 -6.43
C ASN Q 22 16.94 -44.32 -5.85
N PHE Q 23 16.14 -43.50 -6.51
CA PHE Q 23 15.78 -42.17 -6.02
C PHE Q 23 14.34 -42.15 -5.56
N LEU Q 24 14.06 -41.40 -4.51
CA LEU Q 24 12.70 -41.23 -4.06
C LEU Q 24 12.33 -39.76 -4.17
N ASN Q 25 11.25 -39.47 -4.87
CA ASN Q 25 10.87 -38.08 -5.11
C ASN Q 25 9.56 -37.73 -4.43
N CYS Q 26 9.30 -36.42 -4.29
CA CYS Q 26 8.05 -35.94 -3.69
C CYS Q 26 7.54 -34.71 -4.42
N TYR Q 27 6.75 -34.88 -5.46
CA TYR Q 27 6.41 -33.78 -6.31
C TYR Q 27 5.15 -33.12 -5.81
N VAL Q 28 5.27 -31.93 -5.24
CA VAL Q 28 4.17 -31.13 -4.74
C VAL Q 28 3.84 -30.02 -5.72
N SER Q 29 2.56 -29.82 -5.98
CA SER Q 29 2.15 -28.99 -7.11
C SER Q 29 0.90 -28.14 -6.90
N GLY Q 30 0.68 -27.22 -7.83
CA GLY Q 30 -0.55 -26.45 -7.89
C GLY Q 30 -0.85 -25.56 -6.70
N PHE Q 31 0.20 -25.08 -6.03
CA PHE Q 31 -0.01 -24.30 -4.80
C PHE Q 31 0.27 -22.82 -4.97
N HIS Q 32 -0.24 -22.03 -4.04
CA HIS Q 32 0.16 -20.65 -3.87
C HIS Q 32 -0.46 -20.14 -2.59
N PRO Q 33 0.15 -19.22 -1.86
CA PRO Q 33 1.49 -18.72 -2.12
C PRO Q 33 2.57 -19.73 -1.89
N SER Q 34 3.71 -19.49 -2.49
CA SER Q 34 4.76 -20.44 -2.49
C SER Q 34 5.56 -20.31 -1.21
N ASP Q 35 4.86 -20.41 -0.10
CA ASP Q 35 5.54 -20.50 1.16
C ASP Q 35 5.33 -21.94 1.45
N ILE Q 36 6.40 -22.69 1.35
CA ILE Q 36 6.35 -24.14 1.43
C ILE Q 36 7.37 -24.75 2.39
N GLU Q 37 6.91 -25.58 3.31
CA GLU Q 37 7.82 -26.25 4.20
C GLU Q 37 7.67 -27.73 3.95
N VAL Q 38 8.77 -28.39 3.60
CA VAL Q 38 8.77 -29.80 3.19
C VAL Q 38 10.00 -30.56 3.70
N ASP Q 39 9.76 -31.75 4.27
CA ASP Q 39 10.86 -32.66 4.57
C ASP Q 39 10.58 -34.06 4.01
N LEU Q 40 11.65 -34.83 3.78
CA LEU Q 40 11.56 -36.21 3.33
C LEU Q 40 11.90 -37.17 4.45
N LEU Q 41 11.08 -38.22 4.60
CA LEU Q 41 11.10 -39.03 5.81
C LEU Q 41 11.42 -40.51 5.58
N LYS Q 42 12.17 -41.09 6.52
CA LYS Q 42 12.49 -42.51 6.52
C LYS Q 42 12.30 -43.05 7.94
N ASN Q 43 11.15 -43.71 8.17
CA ASN Q 43 10.66 -44.06 9.51
C ASN Q 43 10.29 -42.82 10.31
N GLY Q 44 10.54 -41.64 9.73
CA GLY Q 44 10.33 -40.39 10.43
C GLY Q 44 11.61 -39.57 10.41
N GLU Q 45 12.65 -40.13 9.82
CA GLU Q 45 13.93 -39.47 9.82
C GLU Q 45 13.89 -38.25 8.93
N ARG Q 46 14.20 -37.08 9.49
CA ARG Q 46 14.15 -35.84 8.75
C ARG Q 46 15.45 -35.67 8.05
N ILE Q 47 15.67 -36.48 7.04
CA ILE Q 47 16.90 -36.39 6.24
C ILE Q 47 17.05 -35.03 5.59
N GLU Q 48 18.22 -34.42 5.81
CA GLU Q 48 18.49 -33.13 5.24
C GLU Q 48 19.68 -33.16 4.29
N LYS Q 49 20.00 -34.33 3.75
CA LYS Q 49 20.83 -34.38 2.55
C LYS Q 49 19.91 -34.64 1.37
N VAL Q 50 18.86 -33.82 1.30
CA VAL Q 50 17.95 -33.81 0.17
C VAL Q 50 18.27 -32.62 -0.72
N GLU Q 51 17.98 -32.75 -2.01
CA GLU Q 51 18.08 -31.61 -2.90
C GLU Q 51 16.69 -31.26 -3.41
N HIS Q 52 16.59 -30.18 -4.16
CA HIS Q 52 15.29 -29.75 -4.66
C HIS Q 52 15.42 -28.87 -5.88
N SER Q 53 14.61 -29.18 -6.90
CA SER Q 53 14.51 -28.38 -8.11
C SER Q 53 14.24 -26.93 -7.78
N ASP Q 54 14.50 -26.04 -8.72
CA ASP Q 54 14.22 -24.64 -8.47
C ASP Q 54 12.84 -24.30 -8.97
N LEU Q 55 12.15 -23.49 -8.18
CA LEU Q 55 10.74 -23.27 -8.34
C LEU Q 55 10.34 -22.80 -9.74
N SER Q 56 9.29 -23.44 -10.25
CA SER Q 56 8.66 -23.05 -11.49
C SER Q 56 7.15 -23.03 -11.28
N PHE Q 57 6.47 -22.09 -11.92
CA PHE Q 57 5.02 -22.07 -11.89
C PHE Q 57 4.50 -22.61 -13.21
N SER Q 58 3.20 -22.43 -13.46
CA SER Q 58 2.59 -23.07 -14.61
C SER Q 58 1.50 -22.23 -15.26
N LYS Q 59 0.60 -22.92 -15.95
CA LYS Q 59 -0.50 -22.28 -16.67
C LYS Q 59 -1.38 -21.50 -15.71
N ASP Q 60 -1.39 -21.96 -14.46
CA ASP Q 60 -2.35 -21.51 -13.46
C ASP Q 60 -1.74 -20.54 -12.45
N TRP Q 61 -0.55 -20.04 -12.75
CA TRP Q 61 0.28 -19.30 -11.80
C TRP Q 61 0.40 -20.06 -10.50
N SER Q 62 0.71 -21.35 -10.58
CA SER Q 62 0.91 -22.13 -9.38
C SER Q 62 2.26 -22.82 -9.45
N PHE Q 63 3.06 -22.63 -8.42
CA PHE Q 63 4.45 -23.07 -8.45
C PHE Q 63 4.55 -24.59 -8.31
N TYR Q 64 5.67 -25.17 -8.70
CA TYR Q 64 5.87 -26.60 -8.45
C TYR Q 64 7.33 -26.98 -8.17
N LEU Q 65 7.52 -27.76 -7.11
CA LEU Q 65 8.85 -28.19 -6.67
C LEU Q 65 8.96 -29.71 -6.59
N LEU Q 66 10.16 -30.24 -6.81
CA LEU Q 66 10.42 -31.66 -6.61
C LEU Q 66 11.52 -31.82 -5.57
N TYR Q 67 11.44 -32.86 -4.76
CA TYR Q 67 12.49 -33.15 -3.81
C TYR Q 67 13.05 -34.56 -4.02
N TYR Q 68 14.31 -34.67 -4.43
CA TYR Q 68 14.89 -35.99 -4.58
C TYR Q 68 16.03 -36.29 -3.61
N THR Q 69 16.44 -37.56 -3.60
CA THR Q 69 17.49 -38.05 -2.71
C THR Q 69 17.95 -39.41 -3.25
N GLU Q 70 18.99 -39.99 -2.66
CA GLU Q 70 19.29 -41.38 -2.95
C GLU Q 70 18.74 -42.24 -1.82
N PHE Q 71 18.15 -43.38 -2.18
CA PHE Q 71 17.76 -44.38 -1.21
C PHE Q 71 17.90 -45.74 -1.85
N THR Q 72 18.37 -46.72 -1.08
CA THR Q 72 18.36 -48.09 -1.56
C THR Q 72 17.40 -48.89 -0.68
N PRO Q 73 16.26 -49.32 -1.26
CA PRO Q 73 15.07 -49.83 -0.56
C PRO Q 73 15.15 -51.25 -0.02
N THR Q 74 14.47 -51.46 1.10
CA THR Q 74 14.23 -52.79 1.65
C THR Q 74 12.75 -52.83 2.07
N GLU Q 75 12.24 -53.99 2.46
CA GLU Q 75 10.79 -54.16 2.61
C GLU Q 75 10.24 -53.77 3.97
N LYS Q 76 11.11 -53.46 4.92
CA LYS Q 76 10.66 -52.96 6.23
C LYS Q 76 10.69 -51.44 6.25
N ASP Q 77 11.73 -50.89 5.62
CA ASP Q 77 11.96 -49.45 5.55
C ASP Q 77 10.75 -48.64 5.11
N GLU Q 78 10.22 -47.80 6.00
CA GLU Q 78 9.04 -46.99 5.67
C GLU Q 78 9.46 -45.58 5.24
N TYR Q 79 8.92 -45.13 4.10
CA TYR Q 79 9.27 -43.82 3.56
C TYR Q 79 8.04 -42.95 3.39
N ALA Q 80 8.25 -41.64 3.34
CA ALA Q 80 7.17 -40.69 3.15
C ALA Q 80 7.68 -39.30 2.77
N CYS Q 81 6.84 -38.30 3.00
CA CYS Q 81 7.10 -36.92 2.59
C CYS Q 81 6.26 -35.89 3.35
N ARG Q 82 6.79 -35.32 4.45
CA ARG Q 82 6.05 -34.34 5.21
C ARG Q 82 6.06 -32.97 4.54
N VAL Q 83 4.88 -32.36 4.45
CA VAL Q 83 4.76 -31.01 3.91
C VAL Q 83 3.86 -30.14 4.78
N ASN Q 84 4.24 -28.89 4.97
CA ASN Q 84 3.34 -27.92 5.59
C ASN Q 84 3.18 -26.70 4.70
N HIS Q 85 1.97 -26.17 4.68
CA HIS Q 85 1.58 -25.08 3.81
C HIS Q 85 0.47 -24.29 4.49
N VAL Q 86 -0.05 -23.27 3.82
CA VAL Q 86 -0.96 -22.32 4.46
C VAL Q 86 -2.37 -22.85 4.69
N THR Q 87 -2.97 -23.51 3.69
CA THR Q 87 -4.39 -23.89 3.76
C THR Q 87 -4.62 -25.10 4.65
N LEU Q 88 -3.77 -26.12 4.54
CA LEU Q 88 -3.82 -27.20 5.50
C LEU Q 88 -3.43 -26.59 6.84
N SER Q 89 -4.22 -26.85 7.87
CA SER Q 89 -3.91 -26.30 9.19
C SER Q 89 -3.20 -27.34 10.03
N GLN Q 90 -2.83 -28.43 9.38
CA GLN Q 90 -1.91 -29.38 9.92
C GLN Q 90 -1.31 -29.98 8.68
N PRO Q 91 -0.04 -30.55 8.80
CA PRO Q 91 0.53 -30.95 7.52
C PRO Q 91 0.14 -32.34 7.09
N LYS Q 92 -0.50 -32.43 5.95
CA LYS Q 92 -0.89 -33.69 5.39
C LYS Q 92 0.39 -34.40 5.14
N ILE Q 93 0.37 -35.68 5.37
CA ILE Q 93 1.44 -36.59 5.03
C ILE Q 93 0.89 -37.92 4.54
N VAL Q 94 1.07 -38.16 3.25
CA VAL Q 94 0.71 -39.41 2.62
C VAL Q 94 1.99 -40.15 2.26
N LYS Q 95 2.12 -41.38 2.74
CA LYS Q 95 3.38 -42.13 2.63
C LYS Q 95 3.59 -42.71 1.23
N TRP Q 96 4.55 -43.62 1.13
CA TRP Q 96 4.97 -44.17 -0.15
C TRP Q 96 4.43 -45.57 -0.42
N ASP Q 97 3.42 -45.64 -1.27
CA ASP Q 97 2.88 -46.93 -1.73
C ASP Q 97 3.73 -47.40 -2.91
N ARG Q 98 4.15 -48.66 -2.87
CA ARG Q 98 5.05 -49.22 -3.86
C ARG Q 98 4.44 -49.23 -5.26
N ASP Q 99 3.20 -49.66 -5.36
CA ASP Q 99 2.59 -49.84 -6.67
C ASP Q 99 1.98 -48.54 -7.18
N MET Q 100 1.68 -47.63 -6.28
CA MET Q 100 1.04 -46.37 -6.64
C MET Q 100 2.09 -45.29 -6.92
N ASN R 4 32.57 -1.39 -22.51
CA ASN R 4 33.24 -0.16 -22.91
C ASN R 4 32.55 0.55 -24.07
N VAL R 5 32.44 1.87 -23.95
CA VAL R 5 31.87 2.68 -25.02
C VAL R 5 32.94 3.67 -25.47
N GLU R 6 33.08 3.86 -26.77
CA GLU R 6 34.16 4.67 -27.31
C GLU R 6 33.69 5.59 -28.44
N GLN R 7 33.18 6.77 -28.09
CA GLN R 7 32.82 7.74 -29.12
C GLN R 7 34.06 8.26 -29.84
N SER R 8 33.82 9.00 -30.92
CA SER R 8 34.89 9.59 -31.72
C SER R 8 34.29 10.52 -32.78
N PRO R 9 35.06 11.53 -33.20
CA PRO R 9 36.36 11.94 -32.69
C PRO R 9 36.21 12.71 -31.38
N GLN R 10 37.28 13.06 -30.69
CA GLN R 10 37.14 13.85 -29.46
C GLN R 10 36.78 15.31 -29.77
N SER R 11 37.47 15.90 -30.73
CA SER R 11 37.21 17.28 -31.07
C SER R 11 36.73 17.45 -32.50
N LEU R 12 35.91 18.46 -32.71
CA LEU R 12 35.50 18.85 -34.04
C LEU R 12 35.61 20.35 -34.23
N HIS R 13 36.31 20.76 -35.28
CA HIS R 13 36.23 22.15 -35.69
C HIS R 13 35.67 22.19 -37.10
N VAL R 14 34.46 22.70 -37.23
CA VAL R 14 33.76 22.76 -38.50
C VAL R 14 33.15 24.13 -38.69
N GLN R 15 33.18 24.66 -39.90
CA GLN R 15 32.63 26.00 -40.07
C GLN R 15 31.13 25.94 -40.27
N GLU R 16 30.48 27.11 -40.17
CA GLU R 16 29.04 27.21 -40.29
C GLU R 16 28.59 26.57 -41.59
N GLY R 17 27.48 25.84 -41.54
CA GLY R 17 26.86 25.32 -42.75
C GLY R 17 27.60 24.19 -43.43
N ASP R 18 28.70 23.74 -42.86
CA ASP R 18 29.32 22.51 -43.33
C ASP R 18 28.63 21.35 -42.61
N SER R 19 29.22 20.17 -42.63
CA SER R 19 28.53 19.01 -42.05
C SER R 19 29.46 18.02 -41.40
N THR R 20 28.93 17.26 -40.44
CA THR R 20 29.74 16.36 -39.64
C THR R 20 29.04 15.09 -39.17
N ASN R 21 29.81 14.21 -38.55
CA ASN R 21 29.27 13.01 -37.93
C ASN R 21 30.19 12.45 -36.84
N PHE R 22 29.62 11.95 -35.78
CA PHE R 22 30.41 11.30 -34.75
C PHE R 22 29.84 9.92 -34.58
N THR R 23 30.64 9.02 -34.07
CA THR R 23 30.22 7.64 -33.88
C THR R 23 30.26 7.29 -32.40
N CYS R 24 29.26 6.56 -31.94
CA CYS R 24 29.33 5.95 -30.61
C CYS R 24 29.44 4.44 -30.76
N SER R 25 30.52 3.86 -30.23
CA SER R 25 30.73 2.43 -30.38
C SER R 25 30.24 1.70 -29.14
N PHE R 26 29.50 0.61 -29.36
CA PHE R 26 28.95 -0.17 -28.26
C PHE R 26 29.03 -1.66 -28.58
N PRO R 27 29.00 -2.52 -27.55
CA PRO R 27 29.11 -3.95 -27.82
C PRO R 27 27.90 -4.48 -28.56
N SER R 28 28.13 -5.48 -29.39
CA SER R 28 27.07 -6.13 -30.14
C SER R 28 26.00 -6.71 -29.23
N SER R 29 26.38 -7.72 -28.48
CA SER R 29 25.44 -8.53 -27.72
C SER R 29 24.74 -7.79 -26.58
N ASN R 30 23.58 -8.31 -26.21
CA ASN R 30 22.80 -7.86 -25.07
C ASN R 30 22.46 -6.39 -25.07
N PHE R 31 22.42 -5.79 -26.25
CA PHE R 31 22.05 -4.39 -26.39
C PHE R 31 20.57 -4.15 -26.10
N TYR R 32 20.27 -3.00 -25.51
CA TYR R 32 18.89 -2.60 -25.27
C TYR R 32 18.43 -1.23 -25.73
N ALA R 33 19.08 -0.18 -25.29
CA ALA R 33 18.74 1.14 -25.75
C ALA R 33 19.94 2.04 -25.69
N LEU R 34 20.04 3.01 -26.58
CA LEU R 34 21.14 3.97 -26.62
C LEU R 34 20.66 5.42 -26.62
N HIS R 35 21.21 6.23 -25.71
CA HIS R 35 20.86 7.64 -25.64
C HIS R 35 21.83 8.51 -26.44
N TRP R 36 21.39 9.70 -26.80
CA TRP R 36 22.29 10.72 -27.34
C TRP R 36 22.11 12.03 -26.59
N TYR R 37 23.21 12.73 -26.33
CA TYR R 37 23.14 13.95 -25.55
C TYR R 37 23.88 15.14 -26.14
N ARG R 38 23.37 16.33 -25.81
CA ARG R 38 24.02 17.59 -26.14
C ARG R 38 24.22 18.37 -24.86
N TRP R 39 25.43 18.83 -24.60
CA TRP R 39 25.77 19.36 -23.29
C TRP R 39 26.34 20.74 -23.41
N GLU R 40 25.49 21.74 -23.65
CA GLU R 40 26.01 23.06 -23.94
C GLU R 40 26.77 23.50 -22.74
N THR R 41 27.79 24.33 -22.91
CA THR R 41 28.92 24.40 -22.02
C THR R 41 28.53 24.76 -20.60
N ALA R 42 27.37 25.36 -20.46
CA ALA R 42 26.90 25.85 -19.17
C ALA R 42 25.59 25.18 -18.77
N LYS R 43 24.79 24.85 -19.78
CA LYS R 43 23.40 24.44 -19.59
C LYS R 43 23.25 22.93 -19.31
N SER R 44 22.05 22.55 -18.90
CA SER R 44 21.59 21.17 -18.79
C SER R 44 21.87 20.31 -20.02
N PRO R 45 22.31 19.07 -19.80
CA PRO R 45 22.25 18.08 -20.88
C PRO R 45 20.80 17.79 -21.22
N GLU R 46 20.33 18.21 -22.39
CA GLU R 46 18.99 17.78 -22.80
C GLU R 46 19.15 16.67 -23.83
N ALA R 47 18.34 15.62 -23.67
CA ALA R 47 18.46 14.43 -24.50
C ALA R 47 18.10 14.73 -25.94
N LEU R 48 18.90 14.23 -26.86
CA LEU R 48 18.57 14.39 -28.26
C LEU R 48 17.70 13.24 -28.76
N PHE R 49 18.24 12.03 -28.72
CA PHE R 49 17.52 10.85 -29.18
C PHE R 49 17.53 9.73 -28.17
N VAL R 50 16.60 8.80 -28.31
CA VAL R 50 16.69 7.50 -27.64
C VAL R 50 16.59 6.39 -28.68
N MET R 51 17.68 5.65 -28.86
CA MET R 51 17.76 4.62 -29.88
C MET R 51 17.52 3.24 -29.31
N THR R 52 16.59 2.49 -29.90
CA THR R 52 16.17 1.22 -29.31
C THR R 52 16.17 0.02 -30.24
N LEU R 53 15.95 0.26 -31.53
CA LEU R 53 15.88 -0.85 -32.50
C LEU R 53 16.90 -0.77 -33.62
N ASN R 54 17.23 -1.94 -34.14
CA ASN R 54 18.06 -2.10 -35.32
C ASN R 54 17.15 -2.17 -36.53
N GLY R 55 17.34 -1.30 -37.52
CA GLY R 55 18.27 -0.20 -37.44
C GLY R 55 17.48 1.07 -37.60
N ASP R 56 17.17 1.68 -36.45
CA ASP R 56 16.33 2.86 -36.41
C ASP R 56 16.97 4.05 -37.12
N GLU R 57 16.13 4.94 -37.63
CA GLU R 57 16.61 6.24 -38.10
C GLU R 57 15.70 7.29 -37.49
N LYS R 58 16.30 8.28 -36.86
CA LYS R 58 15.54 9.37 -36.26
C LYS R 58 16.14 10.70 -36.66
N LYS R 59 15.32 11.54 -37.28
CA LYS R 59 15.75 12.86 -37.73
C LYS R 59 14.88 13.95 -37.13
N LYS R 60 15.46 14.74 -36.25
CA LYS R 60 14.82 15.94 -35.75
C LYS R 60 15.68 17.15 -36.14
N GLY R 61 15.06 18.15 -36.75
CA GLY R 61 15.78 19.34 -37.16
C GLY R 61 16.93 19.03 -38.11
N ARG R 62 18.10 19.58 -37.81
CA ARG R 62 19.27 19.39 -38.65
C ARG R 62 20.10 18.20 -38.16
N ILE R 63 19.52 17.45 -37.23
CA ILE R 63 20.26 16.39 -36.54
C ILE R 63 19.68 15.00 -36.79
N SER R 64 20.42 14.18 -37.52
CA SER R 64 19.99 12.83 -37.84
C SER R 64 20.82 11.82 -37.06
N ALA R 65 20.25 10.65 -36.80
CA ALA R 65 21.03 9.59 -36.15
C ALA R 65 20.53 8.19 -36.50
N THR R 66 21.46 7.35 -36.93
CA THR R 66 21.14 5.97 -37.27
C THR R 66 21.58 5.06 -36.13
N LEU R 67 21.05 3.83 -36.11
CA LEU R 67 21.53 2.80 -35.21
C LEU R 67 21.85 1.57 -36.03
N ASN R 68 22.84 0.81 -35.57
CA ASN R 68 23.03 -0.54 -36.05
C ASN R 68 23.38 -1.41 -34.86
N THR R 69 22.57 -2.41 -34.57
CA THR R 69 22.80 -3.19 -33.35
C THR R 69 23.76 -4.35 -33.59
N LYS R 70 23.48 -5.17 -34.59
CA LYS R 70 24.14 -6.46 -34.73
C LYS R 70 25.65 -6.31 -34.89
N GLU R 71 26.07 -5.26 -35.60
CA GLU R 71 27.43 -4.79 -35.48
C GLU R 71 27.36 -3.50 -34.69
N GLY R 72 28.44 -3.12 -34.01
CA GLY R 72 28.33 -2.09 -32.98
C GLY R 72 28.63 -0.66 -33.38
N TYR R 73 27.63 0.07 -33.87
CA TYR R 73 27.78 1.50 -34.10
C TYR R 73 26.47 2.25 -34.23
N SER R 74 26.55 3.56 -34.00
CA SER R 74 25.43 4.46 -34.17
C SER R 74 25.94 5.84 -34.57
N TYR R 75 25.74 6.21 -35.83
CA TYR R 75 26.19 7.52 -36.31
C TYR R 75 25.23 8.62 -35.84
N LEU R 76 25.72 9.85 -35.82
CA LEU R 76 24.87 11.01 -35.57
C LEU R 76 25.33 12.18 -36.45
N TYR R 77 24.44 12.68 -37.30
CA TYR R 77 24.82 13.67 -38.29
C TYR R 77 24.24 15.05 -38.01
N ILE R 78 24.97 16.09 -38.40
CA ILE R 78 24.44 17.43 -38.35
C ILE R 78 24.59 18.05 -39.73
N LYS R 79 23.53 18.66 -40.24
CA LYS R 79 23.62 19.30 -41.55
C LYS R 79 23.36 20.78 -41.44
N GLY R 80 24.19 21.56 -42.13
CA GLY R 80 24.06 23.01 -42.13
C GLY R 80 24.21 23.54 -40.72
N SER R 81 25.42 23.43 -40.20
CA SER R 81 25.72 23.82 -38.83
C SER R 81 25.38 25.27 -38.58
N GLN R 82 24.98 25.58 -37.35
CA GLN R 82 24.89 26.95 -36.91
C GLN R 82 25.71 27.04 -35.63
N PRO R 83 26.29 28.21 -35.35
CA PRO R 83 26.90 28.46 -34.05
C PRO R 83 26.08 28.03 -32.86
N GLU R 84 24.78 27.92 -32.97
CA GLU R 84 24.09 27.63 -31.74
C GLU R 84 23.47 26.27 -31.68
N ASP R 85 24.11 25.29 -31.04
CA ASP R 85 25.52 25.25 -30.67
C ASP R 85 25.94 23.87 -31.15
N SER R 86 27.22 23.60 -31.33
CA SER R 86 28.32 24.04 -30.51
C SER R 86 28.30 23.52 -29.08
N ALA R 87 28.40 22.21 -28.93
CA ALA R 87 28.38 21.60 -27.61
C ALA R 87 29.19 20.32 -27.55
N THR R 88 29.24 19.71 -26.36
CA THR R 88 29.81 18.38 -26.21
C THR R 88 28.69 17.38 -26.37
N TYR R 89 28.88 16.41 -27.24
CA TYR R 89 27.88 15.37 -27.42
C TYR R 89 28.33 14.07 -26.80
N LEU R 90 27.36 13.25 -26.44
CA LEU R 90 27.63 12.10 -25.62
C LEU R 90 26.55 11.01 -25.84
N CYS R 91 26.99 9.76 -25.91
CA CYS R 91 26.10 8.63 -26.14
C CYS R 91 26.14 7.62 -24.99
N ALA R 92 25.00 6.99 -24.70
CA ALA R 92 24.93 6.03 -23.60
C ALA R 92 24.48 4.65 -24.03
N PHE R 93 25.01 3.62 -23.38
CA PHE R 93 24.65 2.24 -23.66
C PHE R 93 24.01 1.61 -22.44
N ILE R 94 22.80 1.09 -22.58
CA ILE R 94 22.05 0.64 -21.41
C ILE R 94 21.73 -0.86 -21.42
N THR R 95 22.38 -1.60 -20.53
CA THR R 95 22.19 -3.05 -20.40
C THR R 95 22.14 -3.50 -18.96
N GLY R 96 21.02 -4.06 -18.55
CA GLY R 96 20.93 -4.61 -17.21
C GLY R 96 20.91 -3.54 -16.14
N ASN R 97 20.07 -2.53 -16.37
CA ASN R 97 19.76 -1.53 -15.37
C ASN R 97 20.96 -0.73 -14.90
N GLN R 98 22.00 -0.70 -15.73
CA GLN R 98 23.10 0.23 -15.48
C GLN R 98 23.43 0.97 -16.76
N PHE R 99 24.25 2.00 -16.63
CA PHE R 99 24.52 2.89 -17.76
C PHE R 99 25.98 2.83 -18.10
N TYR R 100 26.29 3.13 -19.36
CA TYR R 100 27.65 3.10 -19.86
C TYR R 100 27.84 4.28 -20.81
N PHE R 101 28.19 5.43 -20.26
CA PHE R 101 28.35 6.64 -21.06
C PHE R 101 29.66 6.59 -21.82
N GLY R 102 29.70 7.32 -22.92
CA GLY R 102 30.86 7.35 -23.76
C GLY R 102 31.66 8.60 -23.60
N THR R 103 32.94 8.55 -23.93
CA THR R 103 33.82 9.62 -23.60
C THR R 103 33.60 10.68 -24.63
N GLY R 104 32.70 11.57 -24.31
CA GLY R 104 31.93 12.29 -25.25
C GLY R 104 32.79 13.13 -26.13
N THR R 105 32.20 13.52 -27.24
CA THR R 105 32.89 14.26 -28.28
C THR R 105 32.46 15.71 -28.25
N SER R 106 33.42 16.63 -28.21
CA SER R 106 33.07 18.05 -28.25
C SER R 106 32.94 18.53 -29.68
N LEU R 107 31.88 19.30 -29.93
CA LEU R 107 31.69 19.94 -31.22
C LEU R 107 31.77 21.46 -31.06
N THR R 108 32.51 22.09 -31.96
CA THR R 108 32.58 23.55 -32.03
C THR R 108 32.52 23.99 -33.48
N VAL R 109 31.51 24.78 -33.81
CA VAL R 109 31.44 25.33 -35.15
C VAL R 109 32.23 26.63 -35.19
N ILE R 110 32.35 27.24 -36.37
CA ILE R 110 33.09 28.50 -36.52
C ILE R 110 32.32 29.49 -37.39
N PRO R 111 31.61 30.43 -36.74
CA PRO R 111 30.69 31.36 -37.40
C PRO R 111 31.36 32.26 -38.44
N ASN R 112 31.17 31.94 -39.71
CA ASN R 112 31.62 32.81 -40.79
C ASN R 112 31.10 34.21 -40.58
N ILE R 113 31.91 35.20 -40.88
CA ILE R 113 31.53 36.59 -40.72
C ILE R 113 31.66 37.29 -42.07
N GLN R 114 30.52 37.79 -42.55
CA GLN R 114 30.34 38.23 -43.93
C GLN R 114 31.35 39.30 -44.34
N ASN R 115 31.51 40.34 -43.54
CA ASN R 115 32.65 41.23 -43.75
C ASN R 115 33.22 41.85 -42.48
N PRO R 116 34.36 41.31 -42.04
CA PRO R 116 35.28 41.70 -40.95
C PRO R 116 35.89 43.08 -41.13
N ASP R 117 35.83 43.92 -40.09
CA ASP R 117 36.76 45.05 -40.02
C ASP R 117 37.42 45.03 -38.64
N PRO R 118 38.66 44.52 -38.59
CA PRO R 118 39.54 44.46 -37.42
C PRO R 118 39.66 45.82 -36.73
N ALA R 119 39.04 45.95 -35.56
CA ALA R 119 39.04 47.19 -34.80
C ALA R 119 39.41 46.92 -33.35
N VAL R 120 40.19 47.84 -32.76
CA VAL R 120 40.69 47.66 -31.40
C VAL R 120 40.39 48.89 -30.53
N TYR R 121 39.84 48.65 -29.34
CA TYR R 121 39.42 49.74 -28.46
C TYR R 121 40.05 49.65 -27.07
N GLN R 122 40.74 50.71 -26.66
CA GLN R 122 41.38 50.76 -25.35
C GLN R 122 40.55 51.44 -24.27
N LEU R 123 39.96 50.64 -23.38
CA LEU R 123 38.89 51.13 -22.51
C LEU R 123 39.17 51.07 -21.01
N ARG R 124 39.13 52.23 -20.37
CA ARG R 124 39.15 52.31 -18.91
C ARG R 124 38.01 53.20 -18.42
N ASP R 125 37.56 52.96 -17.19
CA ASP R 125 36.33 53.55 -16.68
C ASP R 125 36.22 53.04 -15.24
N SER R 126 35.60 53.78 -14.33
CA SER R 126 34.95 55.07 -14.60
C SER R 126 35.78 56.26 -14.18
N LYS R 127 36.78 56.00 -13.36
CA LYS R 127 37.50 57.09 -12.70
C LYS R 127 38.86 57.33 -13.35
N LYS R 131 41.89 48.41 -13.85
CA LYS R 131 42.95 49.22 -14.44
C LYS R 131 42.51 49.80 -15.79
N SER R 132 42.81 49.05 -16.86
CA SER R 132 42.31 49.37 -18.20
C SER R 132 42.38 48.18 -19.15
N VAL R 133 41.62 48.28 -20.24
CA VAL R 133 41.30 47.14 -21.09
C VAL R 133 41.43 47.45 -22.58
N CYS R 134 41.94 46.50 -23.35
CA CYS R 134 41.99 46.64 -24.80
C CYS R 134 41.11 45.62 -25.53
N LEU R 135 40.23 46.14 -26.39
CA LEU R 135 39.35 45.32 -27.20
C LEU R 135 40.10 44.63 -28.33
N PHE R 136 39.35 43.79 -29.04
CA PHE R 136 39.75 43.23 -30.32
C PHE R 136 38.48 42.61 -30.87
N THR R 137 38.07 43.00 -32.07
CA THR R 137 36.81 42.48 -32.56
C THR R 137 36.71 42.14 -34.04
N ASP R 138 35.70 41.35 -34.39
CA ASP R 138 35.42 41.09 -35.78
C ASP R 138 36.62 40.54 -36.51
N PHE R 139 37.05 39.32 -36.20
CA PHE R 139 38.23 38.75 -36.88
C PHE R 139 38.02 37.51 -37.75
N ASP R 140 38.48 37.56 -38.99
CA ASP R 140 38.24 36.43 -39.88
C ASP R 140 38.27 35.27 -38.91
N SER R 141 37.23 34.46 -38.98
CA SER R 141 36.79 33.63 -37.85
C SER R 141 37.87 32.76 -37.17
N GLN R 142 38.94 32.42 -37.90
CA GLN R 142 39.99 31.59 -37.33
C GLN R 142 41.30 32.35 -37.14
N THR R 143 41.28 33.39 -36.31
CA THR R 143 42.49 34.07 -35.85
C THR R 143 42.50 34.16 -34.34
N ASN R 144 42.92 33.06 -33.72
CA ASN R 144 42.83 32.89 -32.28
C ASN R 144 43.73 33.82 -31.48
N VAL R 145 43.17 34.35 -30.40
CA VAL R 145 43.90 35.19 -29.47
C VAL R 145 44.97 34.39 -28.75
N SER R 146 45.86 35.09 -28.06
CA SER R 146 47.09 34.48 -27.59
C SER R 146 47.28 34.54 -26.08
N GLN R 147 47.07 33.39 -25.43
CA GLN R 147 47.31 33.23 -24.00
C GLN R 147 48.73 33.64 -23.63
N SER R 148 48.87 34.57 -22.70
CA SER R 148 50.18 35.09 -22.30
C SER R 148 50.64 34.53 -20.97
N SER R 151 52.45 37.46 -14.73
CA SER R 151 51.07 37.02 -14.58
C SER R 151 50.14 38.19 -14.25
N ASP R 152 50.62 39.40 -14.55
CA ASP R 152 49.78 40.59 -14.57
C ASP R 152 49.63 40.96 -16.04
N VAL R 153 49.08 40.02 -16.81
CA VAL R 153 48.74 40.23 -18.22
C VAL R 153 47.51 39.37 -18.55
N TYR R 154 46.36 40.01 -18.75
CA TYR R 154 45.10 39.28 -18.80
C TYR R 154 44.38 39.36 -20.15
N ILE R 155 44.14 38.19 -20.74
CA ILE R 155 43.49 38.05 -22.04
C ILE R 155 42.33 37.05 -21.95
N THR R 156 41.37 37.14 -22.88
CA THR R 156 40.28 36.19 -22.89
C THR R 156 40.19 35.44 -24.22
N ASP R 157 39.65 34.23 -24.17
CA ASP R 157 39.19 33.60 -25.39
C ASP R 157 37.98 34.38 -25.87
N LYS R 158 37.51 34.01 -27.05
CA LYS R 158 36.49 34.77 -27.74
C LYS R 158 35.12 34.65 -27.09
N CYS R 159 34.34 35.72 -27.23
CA CYS R 159 32.92 35.66 -26.99
C CYS R 159 32.25 36.18 -28.25
N VAL R 160 31.37 35.36 -28.81
CA VAL R 160 30.70 35.74 -30.04
C VAL R 160 29.35 36.31 -29.70
N LEU R 161 29.05 37.48 -30.25
CA LEU R 161 27.79 38.12 -29.91
C LEU R 161 26.69 37.58 -30.79
N ASP R 162 25.52 37.38 -30.20
CA ASP R 162 24.48 36.57 -30.82
C ASP R 162 23.98 37.06 -32.19
N MET R 163 23.22 38.15 -32.18
CA MET R 163 22.04 38.29 -33.04
C MET R 163 21.36 39.57 -32.57
N ARG R 164 20.20 40.03 -33.10
CA ARG R 164 19.54 39.63 -34.33
C ARG R 164 20.17 40.48 -35.41
N PHE R 168 23.45 40.88 -36.93
CA PHE R 168 24.83 40.47 -37.18
C PHE R 168 25.39 39.66 -36.03
N LYS R 169 26.60 39.15 -36.16
CA LYS R 169 27.17 38.47 -35.01
C LYS R 169 28.68 38.68 -34.98
N SER R 170 29.18 39.45 -34.00
CA SER R 170 30.62 39.74 -33.94
C SER R 170 31.43 38.88 -32.97
N ASN R 171 32.73 38.97 -33.17
CA ASN R 171 33.71 37.98 -32.76
C ASN R 171 34.76 38.70 -31.94
N SER R 172 34.54 38.81 -30.63
CA SER R 172 35.32 39.77 -29.83
C SER R 172 35.88 39.27 -28.50
N ALA R 173 37.14 39.62 -28.23
CA ALA R 173 37.81 39.22 -26.99
C ALA R 173 38.50 40.41 -26.31
N VAL R 174 38.61 40.31 -24.97
CA VAL R 174 39.04 41.43 -24.13
C VAL R 174 40.44 41.23 -23.55
N ALA R 175 41.21 42.32 -23.49
CA ALA R 175 42.58 42.25 -23.00
C ALA R 175 42.89 43.34 -21.97
N TRP R 176 43.45 42.95 -20.83
CA TRP R 176 43.86 43.95 -19.85
C TRP R 176 45.15 43.62 -19.10
N SER R 177 45.97 44.65 -18.94
CA SER R 177 47.11 44.62 -18.03
C SER R 177 46.97 45.74 -17.01
N ASN R 178 47.88 45.79 -16.05
CA ASN R 178 47.82 46.81 -15.00
C ASN R 178 49.07 47.67 -14.93
N LYS R 179 50.26 47.05 -15.02
CA LYS R 179 51.52 47.80 -14.75
C LYS R 179 52.17 48.51 -15.96
N SER R 180 51.90 49.80 -16.11
CA SER R 180 52.69 50.62 -16.99
C SER R 180 52.45 50.25 -18.43
N ASP R 181 52.73 49.00 -18.73
CA ASP R 181 52.72 48.51 -20.09
C ASP R 181 51.31 48.12 -20.51
N PHE R 182 50.44 49.10 -20.76
CA PHE R 182 49.05 48.76 -21.01
C PHE R 182 49.02 47.87 -22.23
N ALA R 183 49.67 48.28 -23.31
CA ALA R 183 49.79 49.70 -23.67
C ALA R 183 48.66 49.94 -24.67
N CYS R 184 47.81 48.91 -24.73
CA CYS R 184 46.75 48.76 -25.72
C CYS R 184 47.27 48.88 -27.14
N ALA R 185 48.55 48.58 -27.30
CA ALA R 185 49.16 48.40 -28.61
C ALA R 185 49.80 47.04 -28.59
N ASN R 186 50.76 46.86 -27.70
CA ASN R 186 51.40 45.57 -27.50
C ASN R 186 50.52 44.63 -26.70
N ALA R 187 49.29 45.05 -26.46
CA ALA R 187 48.32 44.21 -25.76
C ALA R 187 47.98 42.96 -26.56
N PHE R 188 47.98 43.09 -27.89
CA PHE R 188 47.65 41.96 -28.74
C PHE R 188 48.79 40.98 -28.91
N ASN R 189 49.99 41.35 -28.47
CA ASN R 189 51.20 40.63 -28.88
C ASN R 189 51.64 39.40 -28.08
N ASN R 190 51.24 38.24 -28.58
CA ASN R 190 51.98 37.01 -28.41
C ASN R 190 51.96 36.34 -29.77
N SER R 191 50.98 36.73 -30.58
CA SER R 191 50.83 36.29 -31.95
C SER R 191 49.80 35.18 -32.14
N ILE R 192 49.13 35.13 -33.30
CA ILE R 192 49.30 36.08 -34.39
C ILE R 192 47.94 36.68 -34.76
N ILE R 193 47.92 37.96 -35.11
CA ILE R 193 46.69 38.75 -35.14
C ILE R 193 46.72 39.54 -36.49
N PRO R 194 45.59 40.18 -36.92
CA PRO R 194 45.61 40.55 -38.34
C PRO R 194 46.25 41.90 -38.63
N GLU R 195 46.72 42.09 -39.87
CA GLU R 195 47.49 43.27 -40.22
C GLU R 195 46.60 44.41 -40.75
N ASP R 196 45.37 44.12 -41.14
CA ASP R 196 44.49 45.22 -41.57
C ASP R 196 43.93 46.00 -40.39
N THR R 197 44.56 45.89 -39.22
CA THR R 197 43.91 46.25 -37.97
C THR R 197 44.08 47.71 -37.55
N PHE R 198 43.01 48.29 -37.03
CA PHE R 198 43.05 49.60 -36.39
C PHE R 198 44.07 49.60 -35.23
N ALA S 3 6.31 19.88 -14.00
CA ALA S 3 6.63 20.60 -12.78
C ALA S 3 8.08 20.37 -12.38
N GLY S 4 9.00 20.65 -13.30
CA GLY S 4 10.42 20.49 -13.05
C GLY S 4 11.25 20.96 -14.23
N VAL S 5 12.55 20.67 -14.20
CA VAL S 5 13.15 19.96 -13.08
C VAL S 5 13.85 20.95 -12.16
N SER S 6 13.17 21.31 -11.09
CA SER S 6 13.73 22.21 -10.09
C SER S 6 14.86 21.52 -9.36
N GLN S 7 15.93 22.25 -9.07
CA GLN S 7 17.00 21.68 -8.26
C GLN S 7 17.68 22.77 -7.41
N SER S 8 17.69 22.54 -6.10
CA SER S 8 18.15 23.54 -5.15
C SER S 8 19.12 22.93 -4.15
N PRO S 9 20.18 23.68 -3.78
CA PRO S 9 20.55 25.06 -4.13
C PRO S 9 20.93 25.23 -5.59
N SER S 10 21.25 26.46 -6.01
CA SER S 10 21.70 26.67 -7.38
C SER S 10 23.10 26.11 -7.51
N ASN S 11 23.89 26.36 -6.47
CA ASN S 11 25.19 25.72 -6.22
C ASN S 11 25.67 26.32 -4.91
N LYS S 12 26.56 25.66 -4.18
CA LYS S 12 26.97 26.24 -2.90
C LYS S 12 28.38 25.88 -2.47
N VAL S 13 29.01 26.83 -1.77
CA VAL S 13 30.40 26.75 -1.32
C VAL S 13 30.51 26.35 0.15
N THR S 14 31.47 25.48 0.45
CA THR S 14 31.64 24.93 1.80
C THR S 14 32.95 24.17 1.89
N GLU S 15 33.60 24.21 3.05
CA GLU S 15 34.90 23.57 3.23
C GLU S 15 34.82 22.31 4.09
N LYS S 16 35.92 21.56 4.10
CA LYS S 16 36.01 20.26 4.78
C LYS S 16 35.35 20.24 6.15
N GLY S 17 34.67 19.14 6.46
CA GLY S 17 34.10 18.94 7.78
C GLY S 17 32.59 19.14 7.87
N LYS S 18 31.99 19.69 6.81
CA LYS S 18 30.56 19.92 6.81
C LYS S 18 29.79 18.89 5.99
N ASP S 19 28.47 18.96 6.08
CA ASP S 19 27.61 18.05 5.36
C ASP S 19 26.50 18.83 4.68
N VAL S 20 26.22 18.50 3.43
CA VAL S 20 25.28 19.28 2.64
C VAL S 20 24.17 18.44 2.02
N GLU S 21 23.02 19.09 1.80
CA GLU S 21 21.85 18.44 1.26
C GLU S 21 21.57 18.87 -0.17
N LEU S 22 21.58 17.89 -1.08
CA LEU S 22 21.26 18.15 -2.47
C LEU S 22 19.90 17.55 -2.81
N ARG S 23 19.05 18.32 -3.48
CA ARG S 23 17.70 17.86 -3.80
C ARG S 23 17.35 18.00 -5.27
N CYS S 24 16.36 17.23 -5.70
CA CYS S 24 15.85 17.29 -7.07
C CYS S 24 14.37 16.98 -7.13
N ASP S 25 13.61 17.84 -7.79
CA ASP S 25 12.20 17.56 -8.01
C ASP S 25 11.98 17.20 -9.47
N PRO S 26 11.77 15.94 -9.69
CA PRO S 26 11.51 15.37 -11.00
C PRO S 26 10.19 15.87 -11.46
N ILE S 27 9.94 15.85 -12.74
CA ILE S 27 8.92 16.66 -13.33
C ILE S 27 7.56 16.31 -12.79
N SER S 28 7.48 15.21 -12.07
CA SER S 28 6.24 14.89 -11.37
C SER S 28 5.16 14.41 -12.29
N GLY S 29 5.56 13.93 -13.44
CA GLY S 29 4.90 12.86 -14.15
C GLY S 29 5.79 11.68 -13.80
N HIS S 30 7.03 12.03 -13.47
CA HIS S 30 8.12 11.06 -13.35
C HIS S 30 8.12 10.25 -12.08
N THR S 31 8.71 9.07 -12.17
CA THR S 31 8.91 8.19 -11.04
C THR S 31 10.35 7.67 -11.03
N ALA S 32 11.12 8.08 -12.05
CA ALA S 32 12.51 7.69 -12.14
C ALA S 32 13.45 8.85 -11.84
N LEU S 33 14.44 8.60 -11.00
CA LEU S 33 15.45 9.61 -10.72
C LEU S 33 16.83 9.01 -10.88
N TYR S 34 17.75 9.80 -11.44
CA TYR S 34 19.15 9.38 -11.57
C TYR S 34 20.04 10.41 -10.93
N TRP S 35 21.07 9.98 -10.21
CA TRP S 35 22.04 10.93 -9.70
C TRP S 35 23.34 10.77 -10.47
N TYR S 36 23.79 11.87 -11.07
CA TYR S 36 25.13 11.92 -11.67
C TYR S 36 25.98 12.98 -10.99
N ARG S 37 27.29 12.87 -11.16
CA ARG S 37 28.19 13.95 -10.80
C ARG S 37 29.33 13.95 -11.79
N GLN S 38 29.70 15.14 -12.23
CA GLN S 38 30.79 15.28 -13.20
C GLN S 38 31.83 16.24 -12.65
N ARG S 39 33.09 15.97 -12.99
CA ARG S 39 34.20 16.80 -12.55
C ARG S 39 35.15 17.20 -13.65
N LEU S 40 36.35 17.58 -13.25
CA LEU S 40 37.37 17.94 -14.19
C LEU S 40 38.49 16.93 -14.12
N GLY S 41 38.81 16.30 -15.23
CA GLY S 41 37.87 16.12 -16.32
C GLY S 41 37.69 14.63 -16.30
N GLN S 42 36.52 14.17 -15.91
CA GLN S 42 36.28 12.76 -15.86
C GLN S 42 34.97 12.46 -16.51
N GLY S 43 34.98 11.52 -17.42
CA GLY S 43 33.71 11.13 -18.00
C GLY S 43 32.67 10.96 -16.91
N LEU S 44 31.48 11.47 -17.17
CA LEU S 44 30.42 11.59 -16.17
C LEU S 44 30.25 10.34 -15.32
N GLU S 45 29.87 10.52 -14.06
CA GLU S 45 29.73 9.41 -13.14
C GLU S 45 28.28 9.01 -12.96
N PHE S 46 28.02 7.72 -12.94
CA PHE S 46 26.71 7.23 -12.57
C PHE S 46 26.71 6.92 -11.09
N LEU S 47 26.01 7.74 -10.33
CA LEU S 47 25.95 7.53 -8.90
C LEU S 47 24.88 6.49 -8.58
N ILE S 48 23.62 6.86 -8.72
CA ILE S 48 22.50 5.97 -8.46
C ILE S 48 21.32 6.37 -9.31
N TYR S 49 20.43 5.43 -9.56
CA TYR S 49 19.12 5.71 -10.15
C TYR S 49 18.07 5.17 -9.21
N PHE S 50 16.87 5.74 -9.29
CA PHE S 50 15.76 5.42 -8.41
C PHE S 50 14.49 5.09 -9.13
N GLN S 51 13.67 4.24 -8.56
CA GLN S 51 12.31 4.06 -9.04
C GLN S 51 11.35 3.83 -7.87
N GLY S 52 10.27 4.58 -7.85
CA GLY S 52 9.32 4.53 -6.76
C GLY S 52 9.99 5.12 -5.53
N ASN S 53 9.93 4.40 -4.41
CA ASN S 53 10.77 4.72 -3.28
C ASN S 53 11.87 3.68 -3.20
N SER S 54 11.89 2.81 -4.21
CA SER S 54 12.80 1.68 -4.22
C SER S 54 14.23 2.09 -4.59
N ALA S 55 15.17 1.48 -3.88
CA ALA S 55 16.59 1.79 -3.95
C ALA S 55 17.35 0.56 -4.37
N PRO S 56 17.22 0.18 -5.64
CA PRO S 56 17.49 -1.20 -6.05
C PRO S 56 18.97 -1.57 -5.97
N ASP S 57 19.82 -0.75 -6.57
CA ASP S 57 21.27 -0.87 -6.46
C ASP S 57 21.86 0.41 -5.87
N LYS S 58 22.86 0.24 -5.02
CA LYS S 58 23.55 1.35 -4.45
C LYS S 58 25.05 1.12 -4.48
N SER S 59 25.58 0.61 -5.56
CA SER S 59 26.99 0.43 -5.65
C SER S 59 27.58 1.58 -6.40
N GLY S 60 26.77 2.52 -6.86
CA GLY S 60 27.27 3.66 -7.58
C GLY S 60 28.18 4.37 -6.61
N LEU S 61 27.77 4.40 -5.37
CA LEU S 61 28.25 5.42 -4.43
C LEU S 61 29.73 5.26 -4.11
N PRO S 62 30.46 6.38 -4.08
CA PRO S 62 31.90 6.36 -3.82
C PRO S 62 32.23 5.71 -2.49
N SER S 63 31.70 6.26 -1.40
CA SER S 63 32.05 5.79 -0.08
C SER S 63 30.94 5.98 0.94
N ASP S 64 31.16 5.46 2.14
CA ASP S 64 30.17 5.45 3.22
C ASP S 64 29.39 6.75 3.43
N ARG S 65 29.99 7.89 3.09
CA ARG S 65 29.37 9.18 3.42
C ARG S 65 28.17 9.50 2.55
N PHE S 66 28.18 9.00 1.32
CA PHE S 66 27.06 9.21 0.41
C PHE S 66 25.91 8.25 0.75
N SER S 67 24.70 8.77 0.77
CA SER S 67 23.50 7.94 0.86
C SER S 67 22.31 8.74 0.35
N ALA S 68 21.67 8.24 -0.70
CA ALA S 68 20.52 8.91 -1.27
C ALA S 68 19.26 8.49 -0.55
N GLU S 69 18.47 9.47 -0.15
CA GLU S 69 17.20 9.19 0.48
C GLU S 69 16.08 9.55 -0.45
N ARG S 70 14.98 8.79 -0.37
CA ARG S 70 13.73 9.23 -0.95
C ARG S 70 12.53 8.59 -0.27
N THR S 71 11.91 9.33 0.62
CA THR S 71 10.48 9.22 0.77
C THR S 71 9.98 10.48 0.10
N GLY S 72 9.36 10.30 -1.05
CA GLY S 72 8.98 11.42 -1.87
C GLY S 72 8.07 11.03 -3.00
N GLU S 73 6.97 11.76 -3.14
CA GLU S 73 6.19 11.71 -4.36
C GLU S 73 7.18 11.96 -5.50
N SER S 74 8.06 12.92 -5.28
CA SER S 74 9.02 13.33 -6.28
C SER S 74 10.38 13.64 -5.67
N VAL S 75 10.42 14.73 -4.91
CA VAL S 75 11.66 15.24 -4.34
C VAL S 75 12.40 14.21 -3.50
N SER S 76 13.69 14.07 -3.79
CA SER S 76 14.56 13.20 -3.03
C SER S 76 15.90 13.86 -2.82
N THR S 77 16.55 13.55 -1.70
CA THR S 77 17.78 14.23 -1.36
C THR S 77 18.94 13.28 -1.22
N LEU S 78 20.11 13.76 -1.60
CA LEU S 78 21.36 13.03 -1.44
C LEU S 78 22.25 13.80 -0.46
N THR S 79 22.60 13.17 0.66
CA THR S 79 23.35 13.85 1.70
C THR S 79 24.77 13.30 1.81
N ILE S 80 25.74 14.20 1.93
CA ILE S 80 27.12 13.76 2.09
C ILE S 80 27.73 14.24 3.39
N GLN S 81 27.91 13.31 4.32
CA GLN S 81 28.64 13.62 5.53
C GLN S 81 30.03 14.10 5.23
N ARG S 82 30.43 15.12 5.97
CA ARG S 82 31.84 15.46 6.10
C ARG S 82 32.44 15.67 4.69
N THR S 83 32.12 16.82 4.12
CA THR S 83 32.52 17.17 2.76
C THR S 83 34.04 17.18 2.65
N GLN S 84 34.60 16.66 1.55
CA GLN S 84 36.06 16.59 1.39
C GLN S 84 36.59 16.41 -0.01
N GLN S 85 37.91 16.24 -0.05
CA GLN S 85 38.61 15.46 -1.07
C GLN S 85 38.09 15.95 -2.43
N GLU S 86 37.60 15.06 -3.28
CA GLU S 86 37.12 15.44 -4.59
C GLU S 86 35.60 15.43 -4.60
N ASP S 87 34.98 15.40 -3.42
CA ASP S 87 33.53 15.59 -3.29
C ASP S 87 33.14 16.88 -4.01
N SER S 88 34.12 17.76 -4.14
CA SER S 88 34.07 18.90 -5.03
C SER S 88 33.72 18.47 -6.45
N ALA S 89 32.49 18.80 -6.84
CA ALA S 89 31.97 18.40 -8.15
C ALA S 89 30.69 19.16 -8.43
N VAL S 90 30.27 19.20 -9.69
CA VAL S 90 28.92 19.64 -9.99
C VAL S 90 28.07 18.38 -10.10
N TYR S 91 26.90 18.42 -9.46
CA TYR S 91 26.07 17.23 -9.34
C TYR S 91 24.79 17.40 -10.14
N LEU S 92 24.41 16.33 -10.84
CA LEU S 92 23.22 16.38 -11.66
C LEU S 92 22.28 15.23 -11.35
N CYS S 93 21.01 15.57 -11.11
CA CYS S 93 20.00 14.54 -11.06
C CYS S 93 19.11 14.79 -12.24
N ALA S 94 18.39 13.75 -12.67
CA ALA S 94 17.54 13.85 -13.85
C ALA S 94 16.38 12.89 -13.73
N SER S 95 15.34 13.13 -14.51
CA SER S 95 14.13 12.33 -14.38
C SER S 95 13.52 11.88 -15.70
N SER S 96 12.91 10.70 -15.66
CA SER S 96 12.19 10.12 -16.77
C SER S 96 10.95 9.48 -16.22
N GLN S 97 9.95 9.18 -17.02
CA GLN S 97 8.80 8.52 -16.43
C GLN S 97 8.96 7.04 -16.39
N THR S 98 8.93 6.47 -15.20
CA THR S 98 8.94 5.04 -15.02
C THR S 98 10.24 4.38 -15.32
N GLN S 99 10.66 4.53 -16.56
CA GLN S 99 11.51 3.59 -17.22
C GLN S 99 12.90 4.09 -17.54
N LEU S 100 13.88 3.22 -17.38
CA LEU S 100 15.27 3.68 -17.43
C LEU S 100 15.67 4.12 -18.83
N TRP S 101 15.41 3.26 -19.82
CA TRP S 101 15.70 3.58 -21.21
C TRP S 101 14.89 4.78 -21.70
N GLU S 102 13.92 5.20 -20.89
CA GLU S 102 13.07 6.31 -21.28
C GLU S 102 13.78 7.65 -21.12
N THR S 103 13.33 8.63 -21.90
CA THR S 103 14.04 9.89 -22.11
C THR S 103 14.24 10.68 -20.82
N GLN S 104 15.47 11.16 -20.62
CA GLN S 104 15.85 11.82 -19.38
C GLN S 104 15.90 13.33 -19.48
N TYR S 105 15.48 14.00 -18.42
CA TYR S 105 15.46 15.46 -18.39
C TYR S 105 16.30 15.96 -17.22
N PHE S 106 17.26 16.82 -17.50
CA PHE S 106 18.30 17.19 -16.54
C PHE S 106 18.07 18.50 -15.80
N GLY S 107 18.42 18.51 -14.52
CA GLY S 107 18.28 19.69 -13.70
C GLY S 107 19.26 20.78 -14.06
N PRO S 108 19.19 21.91 -13.35
CA PRO S 108 20.09 23.05 -13.53
C PRO S 108 21.49 22.73 -13.00
N GLY S 109 21.56 21.80 -12.04
CA GLY S 109 22.83 21.39 -11.50
C GLY S 109 23.29 22.23 -10.33
N THR S 110 24.10 21.62 -9.46
CA THR S 110 24.58 22.27 -8.26
C THR S 110 26.08 22.04 -8.09
N ARG S 111 26.87 23.10 -8.28
CA ARG S 111 28.31 23.01 -8.11
C ARG S 111 28.71 23.07 -6.63
N LEU S 112 29.34 22.00 -6.16
CA LEU S 112 29.84 21.95 -4.78
C LEU S 112 31.35 22.06 -4.76
N LEU S 113 31.86 23.13 -4.20
CA LEU S 113 33.30 23.27 -4.03
C LEU S 113 33.72 23.00 -2.59
N VAL S 114 34.49 21.95 -2.39
CA VAL S 114 35.04 21.65 -1.07
C VAL S 114 36.35 22.42 -0.89
N LEU S 115 36.76 22.59 0.37
CA LEU S 115 37.92 23.40 0.70
C LEU S 115 38.37 23.13 2.14
N GLU S 116 39.19 24.04 2.67
CA GLU S 116 39.35 24.21 4.11
C GLU S 116 39.73 25.65 4.43
N LYS S 119 38.79 29.18 4.43
CA LYS S 119 38.12 29.77 3.28
C LYS S 119 38.72 31.11 2.88
N ASN S 120 38.86 31.33 1.58
CA ASN S 120 39.51 32.52 1.02
C ASN S 120 38.53 33.30 0.13
N VAL S 121 37.25 33.04 0.36
CA VAL S 121 36.17 33.67 -0.39
C VAL S 121 36.01 35.15 -0.05
N PHE S 122 35.98 35.99 -1.09
CA PHE S 122 35.51 37.39 -1.02
C PHE S 122 34.80 37.74 -2.34
N PRO S 123 33.77 38.62 -2.29
CA PRO S 123 32.99 39.03 -3.48
C PRO S 123 33.78 39.69 -4.63
N PRO S 124 33.19 39.72 -5.86
CA PRO S 124 33.75 40.41 -7.03
C PRO S 124 33.32 41.87 -7.17
N GLU S 125 34.25 42.74 -7.54
CA GLU S 125 33.87 44.12 -7.82
C GLU S 125 33.84 44.35 -9.32
N VAL S 126 32.79 45.00 -9.82
CA VAL S 126 32.63 45.16 -11.26
C VAL S 126 32.16 46.56 -11.63
N ALA S 127 32.75 47.18 -12.66
CA ALA S 127 32.11 48.32 -13.29
C ALA S 127 32.29 48.25 -14.79
N VAL S 128 31.27 48.67 -15.52
CA VAL S 128 31.33 48.73 -16.98
C VAL S 128 32.50 49.58 -17.42
N PHE S 129 33.32 49.10 -18.34
CA PHE S 129 34.35 49.94 -18.92
C PHE S 129 33.77 50.64 -20.14
N GLU S 130 34.19 51.88 -20.36
CA GLU S 130 33.57 52.72 -21.38
C GLU S 130 33.86 52.20 -22.77
N PRO S 131 32.95 52.47 -23.71
CA PRO S 131 33.34 52.34 -25.11
C PRO S 131 34.26 53.49 -25.49
N SER S 132 35.49 53.18 -25.90
CA SER S 132 36.46 54.19 -26.32
C SER S 132 35.93 54.87 -27.57
N GLU S 133 36.23 56.15 -27.77
CA GLU S 133 35.56 56.78 -28.89
C GLU S 133 36.34 56.51 -30.20
N ALA S 134 36.20 55.27 -30.70
CA ALA S 134 36.59 54.90 -32.06
C ALA S 134 35.56 53.98 -32.75
N GLU S 135 35.12 52.93 -32.08
CA GLU S 135 34.14 52.01 -32.65
C GLU S 135 32.82 52.75 -32.84
N ILE S 136 32.71 53.86 -32.14
CA ILE S 136 31.51 54.65 -31.98
C ILE S 136 31.02 55.21 -33.29
N SER S 137 31.97 55.43 -34.18
CA SER S 137 31.68 55.96 -35.50
C SER S 137 32.20 55.05 -36.59
N HIS S 138 33.22 54.27 -36.31
CA HIS S 138 33.75 53.40 -37.31
C HIS S 138 32.66 52.47 -37.82
N THR S 139 32.05 51.74 -36.90
CA THR S 139 31.17 50.66 -37.29
C THR S 139 29.69 51.09 -37.36
N GLN S 140 29.38 52.28 -36.82
CA GLN S 140 28.02 52.88 -36.78
C GLN S 140 27.24 52.45 -35.54
N LYS S 141 27.91 51.76 -34.61
CA LYS S 141 27.21 51.00 -33.59
C LYS S 141 28.17 50.75 -32.42
N ALA S 142 27.69 50.93 -31.20
CA ALA S 142 28.58 50.99 -30.05
C ALA S 142 28.71 49.71 -29.26
N THR S 143 29.86 49.54 -28.61
CA THR S 143 30.16 48.36 -27.83
C THR S 143 30.32 48.64 -26.32
N LEU S 144 29.53 47.97 -25.51
CA LEU S 144 29.69 48.04 -24.06
C LEU S 144 30.46 46.82 -23.57
N VAL S 145 31.31 47.04 -22.57
CA VAL S 145 32.12 45.95 -22.02
C VAL S 145 32.25 46.12 -20.51
N CYS S 146 32.16 45.02 -19.77
CA CYS S 146 32.35 45.10 -18.32
C CYS S 146 33.23 43.98 -17.81
N LEU S 147 33.98 44.25 -16.75
CA LEU S 147 34.93 43.27 -16.25
C LEU S 147 34.75 42.90 -14.79
N ALA S 148 34.54 41.61 -14.56
CA ALA S 148 34.26 41.12 -13.24
C ALA S 148 35.48 40.62 -12.52
N THR S 149 36.00 41.41 -11.59
CA THR S 149 37.04 40.87 -10.75
C THR S 149 36.75 41.00 -9.26
N GLY S 150 36.86 39.85 -8.63
CA GLY S 150 37.02 39.68 -7.22
C GLY S 150 38.20 38.77 -7.22
N PHE S 151 37.94 37.47 -7.29
CA PHE S 151 36.88 36.79 -6.58
C PHE S 151 37.13 35.30 -6.44
N TYR S 152 36.47 34.67 -5.49
CA TYR S 152 36.74 33.26 -5.24
C TYR S 152 35.55 32.71 -4.46
N PRO S 153 35.00 31.57 -4.90
CA PRO S 153 35.46 30.79 -6.04
C PRO S 153 34.74 31.14 -7.33
N ASP S 154 34.93 30.33 -8.37
CA ASP S 154 34.33 30.53 -9.69
C ASP S 154 32.81 30.79 -9.65
N HIS S 155 32.15 30.47 -8.54
CA HIS S 155 30.72 30.36 -8.63
C HIS S 155 30.11 31.74 -8.67
N VAL S 156 30.22 32.37 -9.82
CA VAL S 156 29.55 33.64 -10.07
C VAL S 156 28.66 33.52 -11.30
N GLU S 157 27.48 34.12 -11.22
CA GLU S 157 26.53 34.07 -12.32
C GLU S 157 26.24 35.47 -12.82
N LEU S 158 26.55 35.70 -14.08
CA LEU S 158 26.43 37.03 -14.63
C LEU S 158 25.11 37.22 -15.35
N SER S 159 24.54 38.42 -15.22
CA SER S 159 23.31 38.76 -15.91
C SER S 159 23.27 40.27 -16.16
N TRP S 160 23.12 40.64 -17.44
CA TRP S 160 22.91 42.03 -17.89
C TRP S 160 21.42 42.29 -18.02
N TRP S 161 20.88 43.25 -17.26
CA TRP S 161 19.53 43.74 -17.48
C TRP S 161 19.59 45.22 -17.79
N VAL S 162 18.84 45.63 -18.79
CA VAL S 162 18.86 47.02 -19.27
C VAL S 162 17.50 47.61 -19.03
N ASN S 163 17.45 48.77 -18.38
CA ASN S 163 16.18 49.41 -18.16
C ASN S 163 15.31 48.43 -17.41
N GLY S 164 15.96 47.62 -16.59
CA GLY S 164 15.26 46.73 -15.69
C GLY S 164 14.26 45.93 -16.47
N LYS S 165 14.65 45.45 -17.64
CA LYS S 165 13.69 44.78 -18.50
C LYS S 165 14.05 43.32 -18.70
N GLU S 166 14.88 43.09 -19.70
CA GLU S 166 15.35 41.76 -20.05
C GLU S 166 16.60 41.91 -20.91
N VAL S 167 17.42 40.85 -20.96
CA VAL S 167 18.54 40.83 -21.88
C VAL S 167 19.01 39.38 -22.14
N HIS S 168 19.08 39.03 -23.43
CA HIS S 168 19.74 37.82 -23.90
C HIS S 168 20.36 38.08 -25.27
N SER S 169 20.13 39.26 -25.82
CA SER S 169 20.47 39.54 -27.19
C SER S 169 21.73 40.33 -27.23
N GLY S 170 22.70 39.85 -27.97
CA GLY S 170 23.86 40.67 -28.25
C GLY S 170 24.73 40.77 -27.03
N VAL S 171 24.35 40.08 -25.98
CA VAL S 171 25.18 39.98 -24.83
C VAL S 171 26.14 38.89 -25.19
N CYS S 172 27.19 38.71 -24.41
CA CYS S 172 27.88 37.43 -24.34
C CYS S 172 28.84 37.46 -23.17
N THR S 173 29.17 36.27 -22.68
CA THR S 173 29.96 36.12 -21.48
C THR S 173 31.06 35.11 -21.76
N ASP S 174 32.27 35.40 -21.29
CA ASP S 174 33.36 34.45 -21.45
C ASP S 174 33.00 33.15 -20.78
N PRO S 175 33.25 32.03 -21.47
CA PRO S 175 32.91 30.69 -21.00
C PRO S 175 33.61 30.34 -19.69
N GLN S 176 34.92 30.56 -19.63
CA GLN S 176 35.68 30.19 -18.45
C GLN S 176 36.17 31.42 -17.69
N PRO S 177 36.17 31.34 -16.35
CA PRO S 177 36.82 32.36 -15.54
C PRO S 177 38.32 32.30 -15.79
N LEU S 178 39.00 33.43 -15.75
CA LEU S 178 40.44 33.44 -15.98
C LEU S 178 41.20 33.36 -14.66
N LYS S 179 42.14 32.41 -14.57
CA LYS S 179 42.94 32.26 -13.37
C LYS S 179 43.95 33.40 -13.27
N GLU S 180 44.11 33.95 -12.07
CA GLU S 180 44.83 35.21 -11.88
C GLU S 180 46.35 35.18 -12.09
N GLN S 181 47.12 34.37 -11.35
CA GLN S 181 46.65 33.32 -10.47
C GLN S 181 46.52 32.06 -11.30
N PRO S 182 46.59 30.90 -10.67
CA PRO S 182 46.69 29.67 -11.41
C PRO S 182 48.12 29.18 -11.33
N ALA S 183 49.08 30.08 -11.63
CA ALA S 183 50.43 29.83 -11.12
C ALA S 183 50.54 30.04 -9.61
N LEU S 184 49.40 30.21 -8.94
CA LEU S 184 49.30 29.91 -7.53
C LEU S 184 48.35 28.72 -7.48
N ASN S 185 48.53 27.83 -6.51
CA ASN S 185 47.64 26.68 -6.36
C ASN S 185 46.28 27.24 -5.99
N ASP S 186 46.23 28.26 -5.14
CA ASP S 186 44.98 28.99 -4.96
C ASP S 186 45.01 30.37 -5.64
N SER S 187 44.05 30.66 -6.50
CA SER S 187 44.00 31.97 -7.13
C SER S 187 42.59 32.44 -7.28
N ARG S 188 42.42 33.73 -7.56
CA ARG S 188 41.10 34.33 -7.67
C ARG S 188 40.80 34.58 -9.11
N TYR S 189 39.54 34.45 -9.48
CA TYR S 189 39.13 34.49 -10.87
C TYR S 189 38.61 35.84 -11.31
N ALA S 190 38.55 36.02 -12.63
CA ALA S 190 38.08 37.26 -13.22
C ALA S 190 37.41 36.99 -14.56
N LEU S 191 36.23 37.56 -14.75
CA LEU S 191 35.37 37.22 -15.89
C LEU S 191 34.93 38.48 -16.64
N SER S 192 34.64 38.35 -17.93
CA SER S 192 34.33 39.53 -18.76
C SER S 192 33.13 39.35 -19.68
N SER S 193 32.06 40.08 -19.41
CA SER S 193 30.88 40.08 -20.27
C SER S 193 30.85 41.28 -21.21
N ARG S 194 30.03 41.24 -22.27
CA ARG S 194 29.94 42.37 -23.26
C ARG S 194 28.52 42.50 -23.80
N LEU S 195 27.93 43.69 -23.88
CA LEU S 195 26.63 43.90 -24.55
C LEU S 195 26.86 45.06 -25.54
N ARG S 196 26.40 44.99 -26.78
CA ARG S 196 26.54 46.16 -27.69
C ARG S 196 25.19 46.50 -28.41
N VAL S 197 24.78 47.77 -28.45
CA VAL S 197 23.51 48.22 -29.02
C VAL S 197 23.61 49.60 -29.63
N SER S 198 22.44 50.15 -30.00
CA SER S 198 22.43 51.28 -30.91
C SER S 198 23.15 52.49 -30.34
N ALA S 199 24.10 52.95 -31.14
CA ALA S 199 24.91 54.14 -30.87
C ALA S 199 24.01 55.22 -30.31
N THR S 200 22.96 55.52 -31.06
CA THR S 200 21.93 56.44 -30.61
C THR S 200 21.13 55.92 -29.40
N PHE S 201 20.87 54.62 -29.33
CA PHE S 201 20.09 54.02 -28.22
C PHE S 201 20.68 54.29 -26.84
N TRP S 202 21.90 54.80 -26.82
CA TRP S 202 22.66 54.92 -25.58
C TRP S 202 23.10 56.37 -25.43
N GLN S 203 23.26 57.04 -26.56
CA GLN S 203 23.46 58.49 -26.59
C GLN S 203 22.39 59.37 -25.93
N ASN S 204 21.12 59.26 -26.31
CA ASN S 204 20.06 60.11 -25.74
C ASN S 204 19.16 59.33 -24.82
N PRO S 205 19.75 58.17 -24.33
CA PRO S 205 18.78 57.13 -23.90
C PRO S 205 17.75 57.26 -22.76
N ARG S 206 18.10 57.85 -21.64
CA ARG S 206 17.46 57.56 -20.36
C ARG S 206 17.13 56.08 -20.21
N ASN S 207 18.17 55.26 -20.34
CA ASN S 207 18.11 53.87 -19.97
C ASN S 207 19.32 53.55 -19.09
N HIS S 208 19.15 52.63 -18.14
CA HIS S 208 20.26 52.21 -17.30
C HIS S 208 20.62 50.75 -17.55
N PHE S 209 21.93 50.50 -17.62
CA PHE S 209 22.44 49.25 -18.15
C PHE S 209 23.19 48.47 -17.08
N ARG S 210 22.48 47.66 -16.31
CA ARG S 210 23.13 46.90 -15.24
C ARG S 210 23.94 45.74 -15.81
N CYS S 211 25.26 45.85 -15.72
CA CYS S 211 26.14 44.71 -15.95
C CYS S 211 26.21 43.95 -14.63
N GLN S 212 25.11 43.29 -14.29
CA GLN S 212 24.94 42.73 -12.96
C GLN S 212 25.59 41.36 -12.83
N VAL S 213 26.27 41.16 -11.72
CA VAL S 213 26.86 39.88 -11.40
C VAL S 213 26.13 39.35 -10.19
N GLN S 214 26.11 38.03 -10.03
CA GLN S 214 25.69 37.42 -8.78
C GLN S 214 26.90 36.65 -8.26
N PHE S 215 27.11 36.65 -6.95
CA PHE S 215 28.16 35.83 -6.38
C PHE S 215 27.59 34.86 -5.38
N TYR S 216 27.60 33.58 -5.75
CA TYR S 216 27.17 32.55 -4.81
C TYR S 216 28.21 32.49 -3.71
N GLY S 217 27.96 33.26 -2.67
CA GLY S 217 28.90 33.41 -1.58
C GLY S 217 28.63 32.46 -0.45
N LEU S 218 29.23 32.76 0.70
CA LEU S 218 29.15 31.96 1.89
C LEU S 218 27.78 32.01 2.50
N SER S 219 27.52 30.99 3.30
CA SER S 219 26.22 30.61 3.82
C SER S 219 25.60 31.58 4.80
N GLU S 220 24.28 31.69 4.82
CA GLU S 220 23.71 32.30 5.98
C GLU S 220 23.86 31.22 7.02
N ASN S 221 24.20 31.56 8.26
CA ASN S 221 24.31 30.58 9.34
C ASN S 221 25.60 29.81 9.45
N ASP S 222 26.57 30.11 8.60
CA ASP S 222 27.85 29.38 8.59
C ASP S 222 28.98 30.26 9.08
N GLU S 223 29.83 29.69 9.92
CA GLU S 223 30.81 30.46 10.68
C GLU S 223 31.89 30.99 9.80
N TRP S 224 32.57 32.03 10.27
CA TRP S 224 33.82 32.49 9.68
C TRP S 224 34.40 33.64 10.52
N THR S 225 35.72 33.59 10.68
CA THR S 225 36.40 34.40 11.68
C THR S 225 37.31 35.50 11.10
N GLN S 226 37.80 35.40 9.86
CA GLN S 226 38.80 36.39 9.41
C GLN S 226 38.25 37.81 9.41
N ASP S 227 39.18 38.74 9.60
CA ASP S 227 38.98 40.15 9.28
C ASP S 227 39.08 40.38 7.76
N ARG S 228 38.28 41.28 7.21
CA ARG S 228 37.06 41.82 7.81
C ARG S 228 36.03 41.74 6.68
N ALA S 229 34.91 42.43 6.81
CA ALA S 229 33.89 42.39 5.78
C ALA S 229 33.28 41.05 6.00
N LYS S 230 32.17 40.74 5.36
CA LYS S 230 31.64 39.41 5.45
C LYS S 230 31.40 38.83 4.08
N PRO S 231 32.10 37.65 3.78
CA PRO S 231 31.72 37.10 2.48
C PRO S 231 30.29 36.65 2.63
N VAL S 232 29.48 36.73 1.59
CA VAL S 232 28.09 36.28 1.69
C VAL S 232 27.59 36.20 0.26
N THR S 233 26.54 35.40 0.07
CA THR S 233 25.66 35.52 -1.07
C THR S 233 25.49 37.00 -1.40
N GLN S 234 25.88 37.41 -2.59
CA GLN S 234 25.87 38.82 -2.91
C GLN S 234 25.71 39.20 -4.36
N ILE S 235 25.41 40.47 -4.58
CA ILE S 235 25.19 41.02 -5.91
C ILE S 235 25.93 42.34 -6.05
N VAL S 236 26.91 42.38 -6.95
CA VAL S 236 27.63 43.63 -7.18
C VAL S 236 27.21 44.18 -8.55
N SER S 237 26.20 45.04 -8.53
CA SER S 237 25.68 45.64 -9.75
C SER S 237 26.69 46.60 -10.34
N ALA S 238 26.66 46.71 -11.67
CA ALA S 238 27.51 47.67 -12.36
C ALA S 238 26.68 48.35 -13.44
N GLU S 239 26.77 49.67 -13.48
CA GLU S 239 25.96 50.44 -14.42
C GLU S 239 26.66 51.70 -14.86
N ALA S 240 26.64 51.91 -16.17
CA ALA S 240 27.13 53.13 -16.76
C ALA S 240 26.03 53.72 -17.63
N TRP S 241 26.24 54.96 -18.05
CA TRP S 241 25.20 55.72 -18.74
C TRP S 241 25.92 56.68 -19.67
N GLY S 242 25.22 57.08 -20.73
CA GLY S 242 25.65 58.14 -21.64
C GLY S 242 27.05 58.70 -21.52
N ASN T 1 19.43 -17.03 -24.25
CA ASN T 1 19.74 -15.65 -23.92
C ASN T 1 18.53 -14.86 -23.46
N LEU T 2 18.62 -14.29 -22.27
CA LEU T 2 17.50 -13.54 -21.69
C LEU T 2 17.27 -12.26 -22.46
N VAL T 3 16.15 -11.60 -22.18
CA VAL T 3 16.03 -10.20 -22.58
C VAL T 3 16.99 -9.44 -21.69
N PRO T 4 17.81 -8.56 -22.28
CA PRO T 4 18.86 -7.86 -21.57
C PRO T 4 18.36 -6.98 -20.42
N MET T 5 17.09 -6.62 -20.42
CA MET T 5 16.53 -5.74 -19.39
C MET T 5 15.01 -5.64 -19.51
N VAL T 6 14.31 -5.68 -18.38
CA VAL T 6 12.86 -5.68 -18.41
C VAL T 6 12.26 -4.39 -17.89
N ALA T 7 10.94 -4.26 -18.07
CA ALA T 7 10.22 -3.09 -17.60
C ALA T 7 9.64 -3.34 -16.22
N THR T 8 9.37 -2.27 -15.47
CA THR T 8 8.66 -2.39 -14.21
C THR T 8 7.18 -2.13 -14.41
N VAL T 9 6.41 -2.42 -13.38
CA VAL T 9 4.99 -2.12 -13.37
C VAL T 9 4.80 -0.63 -13.08
#